data_3UGV
#
_entry.id   3UGV
#
_cell.length_a   152.711
_cell.length_b   152.984
_cell.length_c   173.535
_cell.angle_alpha   90.000
_cell.angle_beta   90.000
_cell.angle_gamma   90.000
#
_symmetry.space_group_name_H-M   'P 21 21 21'
#
loop_
_entity.id
_entity.type
_entity.pdbx_description
1 polymer Enolase
2 non-polymer 'MAGNESIUM ION'
3 non-polymer 'CHLORIDE ION'
4 non-polymer 'NICKEL (II) ION'
5 water water
#
_entity_poly.entity_id   1
_entity_poly.type   'polypeptide(L)'
_entity_poly.pdbx_seq_one_letter_code
;MHHHHHHSSGVDLGTENLYFQSMMAQTLTFRKLTARPVLLKLQRPVTARIATIPDWPLILIDIETEEGVPGRAYLEPYVP
KAMKYLVPALHDMSDMLAGQPLAPAEIYDKTRKSLHFVGYAGLSMIAASGVDMAVWDALARAANMPLCTLLGGTPGSVKA
YNSNGLWLKSPAEVAAEAVELKAEGQGTGFKGLKLRMGRDDPAVDIETAEAVWDAVGRDTALMVDFNQGLDMAEAMHRTR
QIDDLGLEWIEEPVVYDNFDGYAQLRHDLKTPLMIGENFYGPREMHQALQAGACDLVMPDFMRIGGVSGWMRAAGVAGAW
GIPMSTHLYPEVGAHVMRVTETAHWLEWQSWADPILQEPYALSDGDLIVPDKPGLGLDWDEDVVAANLVE
;
_entity_poly.pdbx_strand_id   A,B,C,D,E,F,G,H
#
# COMPACT_ATOMS: atom_id res chain seq x y z
N THR A 27 -48.83 0.26 -19.70
CA THR A 27 -48.31 1.06 -18.59
C THR A 27 -48.68 0.53 -17.20
N LEU A 28 -47.97 1.03 -16.17
CA LEU A 28 -48.13 0.55 -14.81
C LEU A 28 -47.91 1.70 -13.81
N THR A 29 -48.96 2.06 -13.08
CA THR A 29 -48.96 3.27 -12.25
C THR A 29 -49.19 2.98 -10.75
N PHE A 30 -48.32 3.50 -9.90
CA PHE A 30 -48.43 3.29 -8.45
C PHE A 30 -49.70 3.93 -7.90
N ARG A 31 -50.52 3.16 -7.19
CA ARG A 31 -51.74 3.69 -6.59
C ARG A 31 -51.61 3.95 -5.09
N LYS A 32 -51.38 2.90 -4.31
CA LYS A 32 -51.12 3.06 -2.89
C LYS A 32 -50.48 1.80 -2.33
N LEU A 33 -49.87 1.94 -1.16
CA LEU A 33 -49.25 0.83 -0.48
C LEU A 33 -49.85 0.71 0.93
N THR A 34 -50.25 -0.50 1.30
CA THR A 34 -50.78 -0.77 2.63
C THR A 34 -49.81 -1.64 3.40
N ALA A 35 -49.44 -1.21 4.60
CA ALA A 35 -48.52 -1.96 5.45
C ALA A 35 -49.16 -2.39 6.77
N ARG A 36 -49.30 -3.70 6.97
CA ARG A 36 -49.94 -4.26 8.17
C ARG A 36 -48.96 -5.04 9.04
N PRO A 37 -48.79 -4.61 10.31
CA PRO A 37 -47.89 -5.25 11.27
C PRO A 37 -48.51 -6.46 11.97
N VAL A 38 -47.79 -7.57 12.04
CA VAL A 38 -48.26 -8.74 12.75
C VAL A 38 -47.15 -9.25 13.64
N LEU A 39 -47.53 -9.97 14.70
CA LEU A 39 -46.55 -10.55 15.63
C LEU A 39 -46.79 -12.05 15.77
N LEU A 40 -45.77 -12.84 15.47
CA LEU A 40 -45.91 -14.28 15.39
C LEU A 40 -45.14 -14.99 16.51
N LYS A 41 -45.72 -16.09 17.01
CA LYS A 41 -45.06 -16.88 18.05
C LYS A 41 -44.18 -17.95 17.40
N LEU A 42 -42.87 -17.85 17.61
CA LEU A 42 -41.94 -18.80 17.01
C LEU A 42 -42.18 -20.23 17.51
N GLN A 43 -42.06 -21.18 16.59
CA GLN A 43 -42.10 -22.61 16.89
C GLN A 43 -40.96 -23.00 17.83
N ARG A 44 -39.78 -22.45 17.54
CA ARG A 44 -38.60 -22.62 18.38
C ARG A 44 -38.04 -21.24 18.72
N PRO A 45 -38.24 -20.78 19.96
CA PRO A 45 -37.80 -19.45 20.38
C PRO A 45 -36.28 -19.26 20.31
N VAL A 46 -35.86 -18.04 20.03
CA VAL A 46 -34.45 -17.67 20.04
C VAL A 46 -33.89 -17.73 21.46
N THR A 47 -33.00 -18.69 21.70
CA THR A 47 -32.34 -18.75 23.00
C THR A 47 -30.93 -18.20 22.89
N ALA A 48 -30.77 -16.91 23.15
CA ALA A 48 -29.47 -16.29 23.26
C ALA A 48 -29.01 -16.32 24.71
N ARG A 49 -27.82 -15.80 24.98
CA ARG A 49 -27.27 -15.81 26.33
C ARG A 49 -27.89 -14.70 27.17
N ILE A 50 -28.10 -13.55 26.53
CA ILE A 50 -28.66 -12.36 27.15
C ILE A 50 -30.13 -12.56 27.58
N ALA A 51 -30.93 -13.18 26.71
CA ALA A 51 -32.34 -13.43 26.97
C ALA A 51 -32.95 -14.40 25.98
N THR A 52 -34.19 -14.82 26.24
CA THR A 52 -34.94 -15.65 25.30
C THR A 52 -36.00 -14.79 24.59
N ILE A 53 -36.08 -14.93 23.27
CA ILE A 53 -37.02 -14.15 22.46
C ILE A 53 -38.06 -15.06 21.76
N PRO A 54 -39.32 -14.97 22.20
CA PRO A 54 -40.31 -15.89 21.63
C PRO A 54 -41.09 -15.32 20.44
N ASP A 55 -40.93 -14.02 20.15
CA ASP A 55 -41.79 -13.33 19.18
C ASP A 55 -41.09 -12.87 17.91
N TRP A 56 -41.81 -12.92 16.78
CA TRP A 56 -41.26 -12.60 15.48
C TRP A 56 -42.18 -11.66 14.71
N PRO A 57 -41.82 -10.37 14.64
CA PRO A 57 -42.63 -9.37 13.94
C PRO A 57 -42.47 -9.45 12.42
N LEU A 58 -43.53 -9.09 11.70
CA LEU A 58 -43.54 -9.07 10.25
C LEU A 58 -44.40 -7.90 9.79
N ILE A 59 -43.92 -7.13 8.82
CA ILE A 59 -44.78 -6.15 8.17
C ILE A 59 -45.22 -6.67 6.81
N LEU A 60 -46.52 -6.90 6.65
CA LEU A 60 -47.08 -7.34 5.39
C LEU A 60 -47.39 -6.13 4.50
N ILE A 61 -46.96 -6.19 3.25
CA ILE A 61 -47.01 -5.05 2.34
C ILE A 61 -47.78 -5.40 1.09
N ASP A 62 -48.85 -4.63 0.82
CA ASP A 62 -49.65 -4.79 -0.39
C ASP A 62 -49.62 -3.51 -1.20
N ILE A 63 -49.28 -3.64 -2.48
CA ILE A 63 -49.30 -2.51 -3.38
C ILE A 63 -50.47 -2.63 -4.34
N GLU A 64 -51.12 -1.50 -4.63
CA GLU A 64 -52.11 -1.44 -5.67
C GLU A 64 -51.58 -0.53 -6.77
N THR A 65 -51.91 -0.86 -8.02
CA THR A 65 -51.66 0.00 -9.17
C THR A 65 -53.00 0.42 -9.78
N GLU A 66 -53.00 1.54 -10.50
CA GLU A 66 -54.21 1.99 -11.17
C GLU A 66 -54.74 0.91 -12.12
N GLU A 67 -53.85 0.03 -12.56
CA GLU A 67 -54.23 -0.94 -13.58
C GLU A 67 -54.65 -2.27 -12.98
N GLY A 68 -54.71 -2.32 -11.65
CA GLY A 68 -55.23 -3.51 -10.99
C GLY A 68 -54.25 -4.67 -10.82
N VAL A 69 -52.96 -4.40 -10.95
CA VAL A 69 -51.96 -5.41 -10.66
C VAL A 69 -51.48 -5.25 -9.22
N PRO A 70 -51.60 -6.31 -8.41
CA PRO A 70 -51.17 -6.18 -7.01
C PRO A 70 -49.67 -6.42 -6.83
N GLY A 71 -49.15 -6.09 -5.66
CA GLY A 71 -47.76 -6.39 -5.32
C GLY A 71 -47.70 -6.83 -3.87
N ARG A 72 -47.03 -7.95 -3.60
CA ARG A 72 -47.01 -8.50 -2.24
C ARG A 72 -45.63 -8.96 -1.77
N ALA A 73 -45.19 -8.43 -0.63
CA ALA A 73 -43.95 -8.86 -0.01
C ALA A 73 -44.01 -8.53 1.48
N TYR A 74 -42.98 -8.93 2.23
CA TYR A 74 -42.97 -8.65 3.65
C TYR A 74 -41.60 -8.27 4.20
N LEU A 75 -41.61 -7.61 5.36
CA LEU A 75 -40.39 -7.25 6.07
C LEU A 75 -40.31 -8.05 7.36
N GLU A 76 -39.08 -8.32 7.80
CA GLU A 76 -38.83 -8.96 9.08
C GLU A 76 -37.89 -8.08 9.87
N PRO A 77 -38.45 -7.07 10.57
CA PRO A 77 -37.62 -6.04 11.19
C PRO A 77 -37.07 -6.41 12.57
N TYR A 78 -37.30 -7.65 13.03
CA TYR A 78 -36.74 -8.14 14.30
C TYR A 78 -37.39 -7.52 15.54
N VAL A 79 -37.38 -6.19 15.60
CA VAL A 79 -37.81 -5.43 16.78
C VAL A 79 -39.28 -5.03 16.63
N PRO A 80 -40.18 -5.67 17.39
CA PRO A 80 -41.61 -5.37 17.30
C PRO A 80 -41.91 -3.87 17.45
N LYS A 81 -41.30 -3.22 18.44
CA LYS A 81 -41.49 -1.79 18.63
C LYS A 81 -41.22 -0.95 17.36
N ALA A 82 -40.18 -1.30 16.62
CA ALA A 82 -39.81 -0.51 15.46
C ALA A 82 -40.88 -0.52 14.37
N MET A 83 -41.82 -1.47 14.42
CA MET A 83 -42.91 -1.45 13.45
C MET A 83 -43.71 -0.16 13.54
N LYS A 84 -43.65 0.47 14.70
CA LYS A 84 -44.36 1.72 14.95
C LYS A 84 -43.66 2.91 14.27
N TYR A 85 -42.42 2.72 13.85
CA TYR A 85 -41.74 3.77 13.11
C TYR A 85 -41.82 3.46 11.61
N LEU A 86 -41.84 2.17 11.27
CA LEU A 86 -41.73 1.73 9.87
C LEU A 86 -43.04 1.84 9.12
N VAL A 87 -44.14 1.43 9.75
CA VAL A 87 -45.45 1.53 9.11
C VAL A 87 -45.81 2.99 8.76
N PRO A 88 -45.60 3.93 9.69
CA PRO A 88 -45.77 5.33 9.30
C PRO A 88 -44.83 5.73 8.16
N ALA A 89 -43.57 5.31 8.20
CA ALA A 89 -42.62 5.66 7.15
C ALA A 89 -43.05 5.07 5.80
N LEU A 90 -43.74 3.93 5.83
CA LEU A 90 -44.19 3.29 4.62
C LEU A 90 -45.36 4.04 4.04
N HIS A 91 -46.31 4.39 4.89
CA HIS A 91 -47.46 5.15 4.42
C HIS A 91 -47.09 6.54 3.94
N ASP A 92 -46.00 7.11 4.46
CA ASP A 92 -45.48 8.38 3.94
C ASP A 92 -44.93 8.19 2.53
N MET A 93 -44.26 7.06 2.31
CA MET A 93 -43.73 6.75 0.99
C MET A 93 -44.88 6.53 0.00
N SER A 94 -45.93 5.85 0.46
CA SER A 94 -47.10 5.63 -0.38
C SER A 94 -47.72 6.96 -0.83
N ASP A 95 -47.84 7.91 0.09
CA ASP A 95 -48.41 9.22 -0.24
C ASP A 95 -47.52 9.92 -1.25
N MET A 96 -46.21 9.77 -1.07
CA MET A 96 -45.26 10.43 -1.94
C MET A 96 -45.29 9.88 -3.37
N LEU A 97 -45.51 8.58 -3.50
CA LEU A 97 -45.36 7.88 -4.77
C LEU A 97 -46.67 7.75 -5.54
N ALA A 98 -47.78 8.07 -4.90
CA ALA A 98 -49.08 7.97 -5.55
C ALA A 98 -49.15 8.65 -6.92
N GLY A 99 -49.59 7.90 -7.93
CA GLY A 99 -49.78 8.45 -9.26
C GLY A 99 -48.55 8.44 -10.15
N GLN A 100 -47.45 7.91 -9.65
CA GLN A 100 -46.22 7.86 -10.43
C GLN A 100 -45.97 6.45 -10.93
N PRO A 101 -45.15 6.32 -12.00
CA PRO A 101 -44.89 5.01 -12.61
C PRO A 101 -44.38 4.00 -11.60
N LEU A 102 -44.93 2.78 -11.66
CA LEU A 102 -44.44 1.72 -10.82
C LEU A 102 -43.19 1.14 -11.47
N ALA A 103 -42.06 1.78 -11.22
CA ALA A 103 -40.80 1.38 -11.80
C ALA A 103 -39.77 1.29 -10.68
N PRO A 104 -39.50 0.06 -10.24
CA PRO A 104 -38.62 -0.25 -9.10
C PRO A 104 -37.37 0.63 -8.99
N ALA A 105 -36.61 0.79 -10.07
CA ALA A 105 -35.37 1.59 -10.03
C ALA A 105 -35.62 3.07 -9.80
N GLU A 106 -36.64 3.63 -10.45
CA GLU A 106 -37.01 5.01 -10.22
C GLU A 106 -37.50 5.18 -8.78
N ILE A 107 -38.38 4.27 -8.36
CA ILE A 107 -38.95 4.36 -7.05
C ILE A 107 -37.86 4.22 -5.99
N TYR A 108 -36.93 3.29 -6.23
CA TYR A 108 -35.80 3.09 -5.33
C TYR A 108 -35.01 4.38 -5.11
N ASP A 109 -34.82 5.15 -6.18
CA ASP A 109 -34.12 6.44 -6.10
C ASP A 109 -34.91 7.51 -5.33
N LYS A 110 -36.21 7.61 -5.59
CA LYS A 110 -37.07 8.57 -4.87
C LYS A 110 -37.19 8.31 -3.36
N THR A 111 -37.38 7.05 -2.98
CA THR A 111 -37.56 6.71 -1.56
C THR A 111 -36.32 7.05 -0.74
N ARG A 112 -35.14 6.74 -1.29
CA ARG A 112 -33.88 7.03 -0.64
C ARG A 112 -33.61 8.53 -0.52
N LYS A 113 -33.79 9.27 -1.62
CA LYS A 113 -33.57 10.71 -1.60
C LYS A 113 -34.49 11.39 -0.60
N SER A 114 -35.75 10.97 -0.58
CA SER A 114 -36.73 11.52 0.35
C SER A 114 -36.22 11.52 1.79
N LEU A 115 -35.39 10.54 2.15
CA LEU A 115 -34.92 10.40 3.53
C LEU A 115 -33.39 10.55 3.70
N HIS A 116 -32.67 11.03 2.68
CA HIS A 116 -31.21 11.13 2.80
C HIS A 116 -30.76 11.91 4.05
N PHE A 117 -31.48 13.00 4.36
CA PHE A 117 -31.21 13.82 5.55
C PHE A 117 -31.19 13.06 6.89
N VAL A 118 -31.92 11.94 6.98
CA VAL A 118 -31.87 11.13 8.19
C VAL A 118 -31.17 9.78 7.94
N GLY A 119 -30.37 9.71 6.89
CA GLY A 119 -29.50 8.56 6.66
C GLY A 119 -29.94 7.63 5.55
N TYR A 120 -28.96 7.18 4.76
CA TYR A 120 -29.21 6.16 3.75
C TYR A 120 -29.23 4.75 4.39
N ALA A 121 -28.43 4.59 5.45
CA ALA A 121 -28.42 3.36 6.26
C ALA A 121 -29.54 3.37 7.30
N GLY A 122 -29.84 2.21 7.88
CA GLY A 122 -30.82 2.14 8.97
C GLY A 122 -32.28 2.04 8.59
N LEU A 123 -33.14 2.66 9.38
CA LEU A 123 -34.59 2.59 9.17
C LEU A 123 -35.03 3.14 7.81
N SER A 124 -34.35 4.18 7.32
CA SER A 124 -34.59 4.69 5.98
C SER A 124 -34.51 3.59 4.93
N MET A 125 -33.37 2.90 4.89
CA MET A 125 -33.18 1.79 3.97
C MET A 125 -34.24 0.70 4.17
N ILE A 126 -34.57 0.41 5.43
CA ILE A 126 -35.48 -0.70 5.71
C ILE A 126 -36.83 -0.47 5.09
N ALA A 127 -37.37 0.74 5.19
CA ALA A 127 -38.68 1.02 4.59
C ALA A 127 -38.62 1.02 3.06
N ALA A 128 -37.56 1.62 2.53
CA ALA A 128 -37.32 1.65 1.09
C ALA A 128 -37.20 0.26 0.47
N SER A 129 -36.65 -0.69 1.22
CA SER A 129 -36.44 -2.05 0.71
C SER A 129 -37.75 -2.80 0.64
N GLY A 130 -38.59 -2.56 1.64
CA GLY A 130 -39.91 -3.16 1.68
C GLY A 130 -40.71 -2.72 0.48
N VAL A 131 -40.66 -1.43 0.17
CA VAL A 131 -41.35 -0.90 -1.00
C VAL A 131 -40.79 -1.59 -2.24
N ASP A 132 -39.46 -1.71 -2.28
CA ASP A 132 -38.78 -2.24 -3.45
C ASP A 132 -39.19 -3.68 -3.77
N MET A 133 -39.19 -4.57 -2.78
CA MET A 133 -39.54 -5.96 -3.04
C MET A 133 -40.97 -6.08 -3.53
N ALA A 134 -41.87 -5.27 -2.98
CA ALA A 134 -43.28 -5.36 -3.32
C ALA A 134 -43.49 -4.80 -4.73
N VAL A 135 -42.73 -3.77 -5.07
CA VAL A 135 -42.81 -3.18 -6.39
C VAL A 135 -42.28 -4.13 -7.46
N TRP A 136 -41.15 -4.80 -7.19
CA TRP A 136 -40.61 -5.81 -8.11
C TRP A 136 -41.61 -6.96 -8.32
N ASP A 137 -42.25 -7.41 -7.24
CA ASP A 137 -43.28 -8.45 -7.30
C ASP A 137 -44.43 -8.04 -8.24
N ALA A 138 -44.91 -6.81 -8.09
CA ALA A 138 -45.94 -6.24 -8.98
C ALA A 138 -45.53 -6.12 -10.46
N LEU A 139 -44.30 -5.70 -10.72
CA LEU A 139 -43.85 -5.59 -12.10
C LEU A 139 -43.78 -6.98 -12.73
N ALA A 140 -43.27 -7.95 -11.98
CA ALA A 140 -43.23 -9.34 -12.43
C ALA A 140 -44.63 -9.91 -12.73
N ARG A 141 -45.61 -9.60 -11.88
CA ARG A 141 -46.98 -10.08 -12.09
C ARG A 141 -47.54 -9.39 -13.32
N ALA A 142 -47.18 -8.14 -13.50
CA ALA A 142 -47.65 -7.40 -14.65
C ALA A 142 -47.11 -8.01 -15.94
N ALA A 143 -45.91 -8.59 -15.88
CA ALA A 143 -45.33 -9.26 -17.03
C ALA A 143 -45.80 -10.70 -17.05
N ASN A 144 -46.61 -11.06 -16.07
CA ASN A 144 -47.04 -12.45 -15.93
C ASN A 144 -45.85 -13.40 -15.85
N MET A 145 -44.81 -13.01 -15.13
CA MET A 145 -43.60 -13.82 -15.01
C MET A 145 -43.25 -14.03 -13.55
N PRO A 146 -42.72 -15.22 -13.23
CA PRO A 146 -42.07 -15.34 -11.92
C PRO A 146 -40.98 -14.26 -11.84
N LEU A 147 -40.66 -13.77 -10.65
CA LEU A 147 -39.66 -12.72 -10.49
C LEU A 147 -38.31 -13.12 -11.15
N CYS A 148 -37.85 -14.33 -10.84
CA CYS A 148 -36.57 -14.80 -11.36
C CYS A 148 -36.56 -14.82 -12.91
N THR A 149 -37.72 -15.06 -13.51
CA THR A 149 -37.83 -15.04 -14.96
C THR A 149 -37.79 -13.59 -15.46
N LEU A 150 -38.41 -12.68 -14.73
CA LEU A 150 -38.33 -11.29 -15.12
C LEU A 150 -36.87 -10.83 -15.08
N LEU A 151 -36.10 -11.34 -14.13
CA LEU A 151 -34.72 -10.87 -13.94
C LEU A 151 -33.75 -11.62 -14.86
N GLY A 152 -34.29 -12.51 -15.68
CA GLY A 152 -33.51 -13.16 -16.71
C GLY A 152 -33.11 -14.61 -16.45
N GLY A 153 -33.67 -15.23 -15.42
CA GLY A 153 -33.44 -16.66 -15.20
C GLY A 153 -34.71 -17.47 -15.40
N THR A 154 -34.82 -18.60 -14.70
CA THR A 154 -36.02 -19.45 -14.71
C THR A 154 -36.25 -20.01 -13.30
N PRO A 155 -37.47 -20.52 -13.04
CA PRO A 155 -37.72 -21.23 -11.78
C PRO A 155 -36.93 -22.51 -11.71
N GLY A 156 -36.54 -22.88 -10.48
CA GLY A 156 -35.76 -24.08 -10.27
C GLY A 156 -35.36 -24.19 -8.81
N SER A 157 -34.47 -25.13 -8.53
CA SER A 157 -33.99 -25.42 -7.19
C SER A 157 -32.88 -24.48 -6.75
N VAL A 158 -32.77 -24.30 -5.43
CA VAL A 158 -31.68 -23.52 -4.85
C VAL A 158 -31.22 -24.20 -3.57
N LYS A 159 -29.96 -24.63 -3.52
CA LYS A 159 -29.45 -25.30 -2.33
C LYS A 159 -29.54 -24.42 -1.08
N ALA A 160 -30.02 -25.00 0.02
CA ALA A 160 -30.28 -24.21 1.22
C ALA A 160 -29.76 -24.84 2.52
N TYR A 161 -29.62 -24.03 3.56
CA TYR A 161 -29.29 -24.52 4.88
C TYR A 161 -30.37 -24.08 5.84
N ASN A 162 -30.52 -24.83 6.94
CA ASN A 162 -31.62 -24.62 7.88
C ASN A 162 -31.19 -23.77 9.04
N SER A 163 -31.75 -22.57 9.15
CA SER A 163 -31.44 -21.75 10.32
C SER A 163 -32.60 -21.64 11.29
N ASN A 164 -33.49 -22.63 11.28
CA ASN A 164 -34.64 -22.62 12.20
C ASN A 164 -34.31 -22.59 13.68
N GLY A 165 -33.13 -23.07 14.06
CA GLY A 165 -32.80 -23.12 15.48
C GLY A 165 -31.34 -23.37 15.84
N LEU A 166 -31.15 -24.34 16.71
CA LEU A 166 -29.83 -24.65 17.24
C LEU A 166 -29.27 -23.46 18.01
N TRP A 167 -30.14 -22.91 18.86
CA TRP A 167 -29.78 -21.82 19.77
C TRP A 167 -28.99 -22.34 20.96
N LEU A 168 -28.68 -21.46 21.91
CA LEU A 168 -27.73 -21.79 22.98
C LEU A 168 -28.34 -22.64 24.09
N LYS A 169 -28.91 -23.78 23.72
CA LYS A 169 -29.38 -24.77 24.68
C LYS A 169 -28.25 -25.74 24.98
N SER A 170 -28.55 -26.83 25.68
CA SER A 170 -27.53 -27.82 26.00
C SER A 170 -27.14 -28.63 24.76
N PRO A 171 -25.94 -29.23 24.79
CA PRO A 171 -25.46 -30.03 23.66
C PRO A 171 -26.43 -31.14 23.26
N ALA A 172 -26.99 -31.83 24.24
CA ALA A 172 -27.89 -32.94 23.93
C ALA A 172 -29.22 -32.45 23.34
N GLU A 173 -29.71 -31.30 23.82
CA GLU A 173 -30.90 -30.70 23.25
C GLU A 173 -30.66 -30.23 21.81
N VAL A 174 -29.58 -29.48 21.62
CA VAL A 174 -29.22 -28.99 20.28
C VAL A 174 -29.00 -30.14 19.30
N ALA A 175 -28.27 -31.17 19.73
CA ALA A 175 -28.09 -32.36 18.90
C ALA A 175 -29.41 -33.01 18.48
N ALA A 176 -30.38 -33.06 19.38
CA ALA A 176 -31.65 -33.70 19.06
C ALA A 176 -32.41 -32.82 18.08
N GLU A 177 -32.38 -31.52 18.32
CA GLU A 177 -33.01 -30.57 17.40
C GLU A 177 -32.38 -30.68 16.00
N ALA A 178 -31.06 -30.82 15.96
CA ALA A 178 -30.36 -30.95 14.69
C ALA A 178 -30.93 -32.07 13.79
N VAL A 179 -31.23 -33.22 14.38
CA VAL A 179 -31.88 -34.30 13.64
C VAL A 179 -33.22 -33.84 13.01
N GLU A 180 -34.03 -33.10 13.78
CA GLU A 180 -35.28 -32.59 13.25
C GLU A 180 -35.04 -31.59 12.12
N LEU A 181 -34.13 -30.65 12.35
CA LEU A 181 -33.87 -29.59 11.38
C LEU A 181 -33.40 -30.17 10.06
N LYS A 182 -32.52 -31.16 10.13
CA LYS A 182 -32.09 -31.84 8.91
C LYS A 182 -33.28 -32.36 8.13
N ALA A 183 -34.12 -33.15 8.79
CA ALA A 183 -35.24 -33.79 8.11
C ALA A 183 -36.24 -32.78 7.57
N GLU A 184 -36.25 -31.58 8.15
CA GLU A 184 -37.12 -30.54 7.63
C GLU A 184 -36.83 -30.29 6.14
N GLY A 185 -35.66 -30.72 5.69
CA GLY A 185 -35.26 -30.55 4.29
C GLY A 185 -35.93 -31.48 3.29
N GLN A 186 -36.54 -32.56 3.76
CA GLN A 186 -37.20 -33.53 2.88
C GLN A 186 -36.20 -34.42 2.16
N GLY A 187 -36.61 -35.63 1.81
CA GLY A 187 -35.72 -36.57 1.15
C GLY A 187 -34.43 -36.79 1.94
N THR A 188 -33.29 -36.56 1.29
CA THR A 188 -31.98 -36.75 1.94
C THR A 188 -31.66 -35.69 3.00
N GLY A 189 -32.50 -34.66 3.09
CA GLY A 189 -32.36 -33.63 4.11
C GLY A 189 -31.59 -32.39 3.70
N PHE A 190 -31.57 -31.38 4.58
CA PHE A 190 -30.68 -30.23 4.41
C PHE A 190 -29.20 -30.66 4.44
N LYS A 191 -28.37 -30.10 3.57
CA LYS A 191 -26.95 -30.44 3.57
C LYS A 191 -26.18 -29.54 4.54
N GLY A 192 -26.88 -28.59 5.15
CA GLY A 192 -26.27 -27.70 6.11
C GLY A 192 -27.23 -27.14 7.15
N LEU A 193 -26.68 -26.82 8.31
CA LEU A 193 -27.44 -26.31 9.42
C LEU A 193 -26.67 -25.14 10.00
N LYS A 194 -27.39 -24.13 10.43
CA LYS A 194 -26.77 -23.07 11.17
C LYS A 194 -26.78 -23.40 12.66
N LEU A 195 -25.59 -23.32 13.26
CA LEU A 195 -25.35 -23.59 14.67
C LEU A 195 -24.93 -22.30 15.39
N ARG A 196 -25.69 -21.87 16.38
CA ARG A 196 -25.31 -20.66 17.11
C ARG A 196 -24.28 -20.95 18.18
N MET A 197 -23.44 -19.96 18.46
CA MET A 197 -22.40 -20.10 19.47
C MET A 197 -22.24 -18.79 20.26
N GLY A 198 -21.50 -18.86 21.36
CA GLY A 198 -21.37 -17.73 22.26
C GLY A 198 -21.79 -18.05 23.68
N ARG A 199 -21.68 -19.32 24.05
CA ARG A 199 -21.96 -19.75 25.43
C ARG A 199 -20.91 -19.18 26.38
N ASP A 200 -21.31 -18.98 27.64
CA ASP A 200 -20.38 -18.48 28.65
C ASP A 200 -19.07 -19.25 28.60
N ASP A 201 -19.17 -20.55 28.36
CA ASP A 201 -18.00 -21.43 28.32
C ASP A 201 -17.75 -21.96 26.89
N PRO A 202 -16.61 -21.60 26.31
CA PRO A 202 -16.27 -21.98 24.92
C PRO A 202 -16.30 -23.48 24.68
N ALA A 203 -15.81 -24.26 25.64
CA ALA A 203 -15.77 -25.72 25.49
C ALA A 203 -17.15 -26.33 25.24
N VAL A 204 -18.21 -25.69 25.72
CA VAL A 204 -19.54 -26.23 25.47
C VAL A 204 -19.95 -26.00 24.00
N ASP A 205 -19.59 -24.83 23.46
CA ASP A 205 -19.80 -24.55 22.02
C ASP A 205 -19.19 -25.66 21.14
N ILE A 206 -17.91 -25.96 21.37
CA ILE A 206 -17.27 -27.07 20.68
C ILE A 206 -18.00 -28.40 20.94
N GLU A 207 -18.22 -28.69 22.22
CA GLU A 207 -18.98 -29.87 22.61
C GLU A 207 -20.30 -29.93 21.84
N THR A 208 -21.01 -28.81 21.77
CA THR A 208 -22.27 -28.78 21.04
C THR A 208 -22.06 -29.11 19.55
N ALA A 209 -21.00 -28.55 18.96
CA ALA A 209 -20.70 -28.82 17.56
C ALA A 209 -20.42 -30.30 17.37
N GLU A 210 -19.57 -30.85 18.23
CA GLU A 210 -19.22 -32.27 18.16
C GLU A 210 -20.44 -33.18 18.34
N ALA A 211 -21.33 -32.82 19.24
CA ALA A 211 -22.56 -33.57 19.46
C ALA A 211 -23.46 -33.56 18.23
N VAL A 212 -23.62 -32.40 17.61
CA VAL A 212 -24.47 -32.31 16.42
C VAL A 212 -23.99 -33.22 15.30
N TRP A 213 -22.68 -33.19 15.01
CA TRP A 213 -22.11 -34.06 13.97
C TRP A 213 -22.30 -35.55 14.29
N ASP A 214 -22.23 -35.90 15.57
CA ASP A 214 -22.47 -37.29 15.99
C ASP A 214 -23.90 -37.71 15.68
N ALA A 215 -24.85 -36.80 15.87
CA ALA A 215 -26.26 -37.11 15.60
C ALA A 215 -26.62 -37.13 14.11
N VAL A 216 -26.03 -36.25 13.31
CA VAL A 216 -26.46 -36.14 11.91
C VAL A 216 -25.42 -36.59 10.88
N GLY A 217 -24.20 -36.83 11.31
CA GLY A 217 -23.15 -37.25 10.39
C GLY A 217 -22.30 -36.08 9.93
N ARG A 218 -21.02 -36.36 9.68
CA ARG A 218 -20.03 -35.31 9.43
C ARG A 218 -20.09 -34.71 8.03
N ASP A 219 -20.83 -35.37 7.15
CA ASP A 219 -21.01 -34.83 5.81
C ASP A 219 -21.91 -33.58 5.84
N THR A 220 -22.52 -33.31 7.00
CA THR A 220 -23.42 -32.17 7.12
C THR A 220 -22.60 -30.91 7.36
N ALA A 221 -22.85 -29.87 6.57
CA ALA A 221 -22.20 -28.59 6.77
C ALA A 221 -22.77 -27.85 7.97
N LEU A 222 -21.88 -27.33 8.82
CA LEU A 222 -22.27 -26.49 9.95
C LEU A 222 -21.78 -25.06 9.76
N MET A 223 -22.73 -24.14 9.68
CA MET A 223 -22.43 -22.71 9.65
C MET A 223 -22.61 -22.19 11.06
N VAL A 224 -21.51 -21.73 11.66
CA VAL A 224 -21.56 -21.20 13.02
C VAL A 224 -21.77 -19.68 13.04
N ASP A 225 -22.62 -19.21 13.95
CA ASP A 225 -22.94 -17.80 14.03
C ASP A 225 -22.82 -17.27 15.46
N PHE A 226 -21.97 -16.26 15.66
CA PHE A 226 -21.74 -15.66 16.98
C PHE A 226 -22.62 -14.45 17.25
N ASN A 227 -23.33 -13.98 16.22
CA ASN A 227 -24.23 -12.83 16.35
C ASN A 227 -23.59 -11.61 17.02
N GLN A 228 -22.35 -11.31 16.67
CA GLN A 228 -21.69 -10.10 17.17
C GLN A 228 -21.48 -10.16 18.67
N GLY A 229 -21.60 -11.35 19.26
CA GLY A 229 -21.52 -11.46 20.70
C GLY A 229 -20.18 -11.20 21.36
N LEU A 230 -19.11 -11.21 20.57
CA LEU A 230 -17.77 -11.15 21.15
C LEU A 230 -17.11 -9.80 20.92
N ASP A 231 -16.22 -9.42 21.84
CA ASP A 231 -15.32 -8.29 21.59
C ASP A 231 -14.09 -8.88 20.91
N MET A 232 -13.18 -8.02 20.44
CA MET A 232 -12.09 -8.52 19.61
C MET A 232 -11.21 -9.56 20.29
N ALA A 233 -10.96 -9.38 21.58
CA ALA A 233 -10.11 -10.31 22.34
C ALA A 233 -10.74 -11.68 22.45
N GLU A 234 -12.01 -11.71 22.84
CA GLU A 234 -12.80 -12.93 22.86
C GLU A 234 -12.87 -13.56 21.46
N ALA A 235 -13.04 -12.74 20.44
CA ALA A 235 -13.13 -13.22 19.07
C ALA A 235 -11.86 -13.94 18.65
N MET A 236 -10.71 -13.39 19.03
CA MET A 236 -9.42 -13.98 18.66
C MET A 236 -9.20 -15.34 19.30
N HIS A 237 -9.41 -15.43 20.61
CA HIS A 237 -9.27 -16.70 21.33
C HIS A 237 -10.28 -17.73 20.84
N ARG A 238 -11.54 -17.33 20.75
CA ARG A 238 -12.61 -18.25 20.44
C ARG A 238 -12.68 -18.73 18.98
N THR A 239 -12.43 -17.84 18.01
CA THR A 239 -12.50 -18.29 16.64
C THR A 239 -11.28 -19.18 16.38
N ARG A 240 -10.19 -18.93 17.09
CA ARG A 240 -9.01 -19.75 16.90
C ARG A 240 -9.25 -21.16 17.39
N GLN A 241 -9.97 -21.31 18.50
CA GLN A 241 -10.29 -22.63 19.04
C GLN A 241 -11.09 -23.50 18.09
N ILE A 242 -11.90 -22.87 17.24
CA ILE A 242 -12.78 -23.65 16.35
C ILE A 242 -12.34 -23.66 14.89
N ASP A 243 -11.18 -23.06 14.61
CA ASP A 243 -10.68 -22.95 13.24
C ASP A 243 -10.33 -24.30 12.60
N ASP A 244 -10.03 -25.30 13.43
CA ASP A 244 -9.69 -26.63 12.91
C ASP A 244 -10.80 -27.67 13.08
N LEU A 245 -12.01 -27.22 13.41
CA LEU A 245 -13.16 -28.10 13.55
C LEU A 245 -13.76 -28.59 12.24
N GLY A 246 -13.54 -27.87 11.15
CA GLY A 246 -14.17 -28.19 9.87
C GLY A 246 -15.53 -27.52 9.64
N LEU A 247 -15.72 -26.32 10.18
CA LEU A 247 -16.97 -25.58 9.95
C LEU A 247 -17.06 -25.09 8.52
N GLU A 248 -18.29 -24.98 8.00
CA GLU A 248 -18.50 -24.41 6.68
C GLU A 248 -18.07 -22.94 6.70
N TRP A 249 -18.42 -22.23 7.77
CA TRP A 249 -17.93 -20.86 7.94
C TRP A 249 -18.17 -20.32 9.36
N ILE A 250 -17.49 -19.23 9.68
CA ILE A 250 -17.67 -18.55 10.94
C ILE A 250 -18.27 -17.15 10.68
N GLU A 251 -19.44 -16.91 11.25
CA GLU A 251 -20.23 -15.71 10.95
C GLU A 251 -20.24 -14.66 12.07
N GLU A 252 -20.11 -13.39 11.66
CA GLU A 252 -20.12 -12.18 12.53
C GLU A 252 -19.72 -12.37 13.97
N PRO A 253 -18.43 -12.64 14.23
CA PRO A 253 -18.07 -12.78 15.64
C PRO A 253 -18.07 -11.45 16.42
N VAL A 254 -17.83 -10.31 15.77
CA VAL A 254 -17.81 -9.03 16.48
C VAL A 254 -18.80 -8.04 15.89
N VAL A 255 -18.89 -6.86 16.50
CA VAL A 255 -19.85 -5.86 16.03
C VAL A 255 -19.67 -5.58 14.53
N TYR A 256 -20.79 -5.52 13.82
CA TYR A 256 -20.76 -5.60 12.36
C TYR A 256 -19.97 -4.52 11.62
N ASP A 257 -19.74 -3.36 12.24
CA ASP A 257 -19.02 -2.31 11.51
C ASP A 257 -17.52 -2.22 11.84
N ASN A 258 -16.99 -3.24 12.51
CA ASN A 258 -15.57 -3.27 12.87
C ASN A 258 -14.73 -3.89 11.77
N PHE A 259 -14.49 -3.15 10.69
CA PHE A 259 -13.81 -3.71 9.54
C PHE A 259 -12.33 -3.94 9.84
N ASP A 260 -11.76 -3.11 10.69
CA ASP A 260 -10.38 -3.31 11.12
C ASP A 260 -10.24 -4.68 11.78
N GLY A 261 -11.17 -5.02 12.66
CA GLY A 261 -11.15 -6.29 13.35
C GLY A 261 -11.41 -7.49 12.44
N TYR A 262 -12.42 -7.37 11.60
CA TYR A 262 -12.74 -8.42 10.64
C TYR A 262 -11.53 -8.77 9.77
N ALA A 263 -10.83 -7.75 9.27
CA ALA A 263 -9.67 -8.03 8.43
C ALA A 263 -8.64 -8.85 9.17
N GLN A 264 -8.32 -8.48 10.42
CA GLN A 264 -7.39 -9.29 11.22
C GLN A 264 -7.86 -10.73 11.38
N LEU A 265 -9.15 -10.92 11.64
CA LEU A 265 -9.68 -12.25 11.89
C LEU A 265 -9.64 -13.09 10.62
N ARG A 266 -10.15 -12.52 9.54
CA ARG A 266 -10.08 -13.13 8.22
C ARG A 266 -8.68 -13.68 7.91
N HIS A 267 -7.66 -12.87 8.23
CA HIS A 267 -6.28 -13.24 7.97
C HIS A 267 -5.80 -14.41 8.85
N ASP A 268 -6.02 -14.31 10.16
CA ASP A 268 -5.66 -15.38 11.11
C ASP A 268 -6.43 -16.66 10.88
N LEU A 269 -7.70 -16.55 10.53
CA LEU A 269 -8.54 -17.72 10.33
C LEU A 269 -8.30 -18.36 8.96
N LYS A 270 -8.29 -19.69 8.95
CA LYS A 270 -8.18 -20.46 7.71
C LYS A 270 -9.60 -20.68 7.20
N THR A 271 -10.50 -20.99 8.13
CA THR A 271 -11.91 -21.19 7.83
C THR A 271 -12.51 -19.92 7.25
N PRO A 272 -13.45 -20.05 6.31
CA PRO A 272 -14.05 -18.85 5.73
C PRO A 272 -14.75 -17.98 6.78
N LEU A 273 -14.47 -16.67 6.75
CA LEU A 273 -15.15 -15.69 7.61
C LEU A 273 -16.30 -15.05 6.83
N MET A 274 -17.50 -15.14 7.40
CA MET A 274 -18.73 -14.68 6.77
C MET A 274 -19.34 -13.43 7.44
N ILE A 275 -19.67 -12.42 6.64
CA ILE A 275 -20.42 -11.27 7.11
C ILE A 275 -21.38 -10.78 6.03
N GLY A 276 -22.11 -9.70 6.32
CA GLY A 276 -22.92 -9.06 5.30
C GLY A 276 -24.38 -8.80 5.65
N GLU A 277 -24.92 -9.54 6.61
CA GLU A 277 -26.33 -9.33 6.94
C GLU A 277 -26.58 -7.89 7.39
N ASN A 278 -25.54 -7.20 7.85
CA ASN A 278 -25.70 -5.81 8.23
C ASN A 278 -25.17 -4.77 7.21
N PHE A 279 -24.94 -5.20 5.97
CA PHE A 279 -24.56 -4.24 4.91
C PHE A 279 -25.76 -3.39 4.55
N TYR A 280 -25.61 -2.08 4.65
CA TYR A 280 -26.66 -1.19 4.16
C TYR A 280 -26.35 -0.67 2.76
N GLY A 281 -26.59 -1.52 1.76
CA GLY A 281 -26.41 -1.17 0.36
C GLY A 281 -25.14 -1.71 -0.27
N PRO A 282 -25.11 -1.79 -1.61
CA PRO A 282 -23.97 -2.30 -2.38
C PRO A 282 -22.65 -1.57 -2.07
N ARG A 283 -22.72 -0.26 -1.88
CA ARG A 283 -21.50 0.51 -1.59
C ARG A 283 -20.82 0.03 -0.30
N GLU A 284 -21.63 -0.29 0.70
CA GLU A 284 -21.09 -0.76 1.97
C GLU A 284 -20.44 -2.13 1.76
N MET A 285 -21.05 -2.97 0.93
CA MET A 285 -20.41 -4.23 0.56
C MET A 285 -19.05 -3.94 -0.08
N HIS A 286 -19.06 -3.07 -1.08
CA HIS A 286 -17.84 -2.68 -1.78
C HIS A 286 -16.77 -2.16 -0.80
N GLN A 287 -17.16 -1.34 0.18
CA GLN A 287 -16.20 -0.90 1.20
C GLN A 287 -15.67 -2.01 2.11
N ALA A 288 -16.53 -2.96 2.46
CA ALA A 288 -16.07 -4.12 3.25
C ALA A 288 -15.01 -4.92 2.48
N LEU A 289 -15.22 -5.13 1.18
CA LEU A 289 -14.31 -5.92 0.36
C LEU A 289 -12.96 -5.22 0.12
N GLN A 290 -12.99 -3.90 -0.06
CA GLN A 290 -11.76 -3.13 -0.20
C GLN A 290 -10.94 -3.22 1.08
N ALA A 291 -11.62 -3.35 2.20
CA ALA A 291 -10.97 -3.46 3.49
C ALA A 291 -10.50 -4.90 3.80
N GLY A 292 -10.82 -5.86 2.93
CA GLY A 292 -10.41 -7.22 3.13
C GLY A 292 -11.07 -7.83 4.36
N ALA A 293 -12.35 -7.53 4.56
CA ALA A 293 -13.02 -7.85 5.80
C ALA A 293 -13.66 -9.23 5.85
N CYS A 294 -13.74 -9.92 4.72
CA CYS A 294 -14.48 -11.18 4.68
C CYS A 294 -14.15 -12.05 3.47
N ASP A 295 -14.44 -13.34 3.62
CA ASP A 295 -14.28 -14.33 2.55
C ASP A 295 -15.60 -14.59 1.86
N LEU A 296 -16.71 -14.35 2.56
CA LEU A 296 -18.04 -14.65 2.05
C LEU A 296 -18.98 -13.53 2.46
N VAL A 297 -20.08 -13.38 1.75
CA VAL A 297 -21.04 -12.35 2.11
C VAL A 297 -22.44 -12.90 2.03
N MET A 298 -23.32 -12.36 2.88
CA MET A 298 -24.73 -12.73 2.84
C MET A 298 -25.61 -11.51 3.11
N PRO A 299 -25.91 -10.72 2.06
CA PRO A 299 -26.80 -9.56 2.26
C PRO A 299 -28.19 -9.92 2.79
N ASP A 300 -28.75 -9.00 3.57
CA ASP A 300 -30.11 -9.11 4.07
C ASP A 300 -30.95 -8.22 3.19
N PHE A 301 -32.12 -8.71 2.78
CA PHE A 301 -32.94 -7.97 1.80
C PHE A 301 -33.49 -6.61 2.24
N MET A 302 -33.75 -6.45 3.52
CA MET A 302 -34.29 -5.18 4.02
C MET A 302 -33.17 -4.18 4.27
N ARG A 303 -31.95 -4.66 4.46
CA ARG A 303 -30.84 -3.74 4.67
C ARG A 303 -30.09 -3.41 3.36
N ILE A 304 -29.99 -4.37 2.45
CA ILE A 304 -29.20 -4.22 1.22
C ILE A 304 -29.90 -3.35 0.19
N GLY A 305 -31.20 -3.14 0.35
CA GLY A 305 -31.96 -2.35 -0.61
C GLY A 305 -32.87 -3.22 -1.49
N GLY A 306 -33.40 -4.29 -0.92
CA GLY A 306 -34.36 -5.13 -1.62
C GLY A 306 -33.77 -5.88 -2.81
N VAL A 307 -34.62 -6.14 -3.80
CA VAL A 307 -34.18 -6.78 -5.02
C VAL A 307 -33.17 -5.89 -5.76
N SER A 308 -33.44 -4.59 -5.83
CA SER A 308 -32.56 -3.67 -6.57
C SER A 308 -31.17 -3.65 -5.97
N GLY A 309 -31.09 -3.52 -4.65
CA GLY A 309 -29.83 -3.50 -3.95
C GLY A 309 -29.11 -4.82 -4.14
N TRP A 310 -29.85 -5.91 -4.01
CA TRP A 310 -29.26 -7.22 -4.19
C TRP A 310 -28.60 -7.34 -5.56
N MET A 311 -29.35 -7.00 -6.61
CA MET A 311 -28.84 -7.16 -7.97
C MET A 311 -27.55 -6.35 -8.18
N ARG A 312 -27.49 -5.16 -7.59
CA ARG A 312 -26.29 -4.35 -7.72
C ARG A 312 -25.16 -4.98 -6.91
N ALA A 313 -25.50 -5.51 -5.75
CA ALA A 313 -24.54 -6.18 -4.89
C ALA A 313 -24.05 -7.48 -5.55
N ALA A 314 -24.93 -8.16 -6.28
CA ALA A 314 -24.51 -9.37 -6.99
C ALA A 314 -23.45 -9.01 -8.03
N GLY A 315 -23.58 -7.82 -8.62
CA GLY A 315 -22.62 -7.32 -9.59
C GLY A 315 -21.26 -7.10 -8.97
N VAL A 316 -21.24 -6.47 -7.79
CA VAL A 316 -20.01 -6.25 -7.08
C VAL A 316 -19.36 -7.57 -6.66
N ALA A 317 -20.14 -8.43 -6.02
CA ALA A 317 -19.67 -9.74 -5.57
C ALA A 317 -19.18 -10.53 -6.77
N GLY A 318 -19.94 -10.48 -7.86
CA GLY A 318 -19.56 -11.12 -9.11
C GLY A 318 -18.15 -10.76 -9.57
N ALA A 319 -17.84 -9.46 -9.57
CA ALA A 319 -16.56 -8.98 -10.04
C ALA A 319 -15.41 -9.43 -9.15
N TRP A 320 -15.60 -9.40 -7.84
CA TRP A 320 -14.60 -9.83 -6.87
C TRP A 320 -14.53 -11.36 -6.85
N GLY A 321 -15.59 -12.00 -7.32
CA GLY A 321 -15.64 -13.45 -7.32
C GLY A 321 -15.90 -14.05 -5.95
N ILE A 322 -16.57 -13.29 -5.10
CA ILE A 322 -16.82 -13.73 -3.75
C ILE A 322 -18.17 -14.43 -3.66
N PRO A 323 -18.20 -15.65 -3.10
CA PRO A 323 -19.45 -16.42 -3.02
C PRO A 323 -20.50 -15.69 -2.15
N MET A 324 -21.73 -15.66 -2.64
CA MET A 324 -22.75 -14.80 -2.07
C MET A 324 -23.93 -15.60 -1.58
N SER A 325 -24.28 -15.44 -0.32
CA SER A 325 -25.44 -16.13 0.22
C SER A 325 -26.53 -15.13 0.61
N THR A 326 -27.67 -15.67 1.08
CA THR A 326 -28.79 -14.85 1.52
C THR A 326 -28.94 -14.78 3.05
N HIS A 327 -29.79 -13.85 3.47
CA HIS A 327 -30.17 -13.77 4.87
C HIS A 327 -31.64 -13.38 4.99
N LEU A 328 -32.41 -14.25 5.64
CA LEU A 328 -33.86 -14.13 5.75
C LEU A 328 -34.55 -14.08 4.36
N TYR A 329 -35.87 -13.82 4.36
CA TYR A 329 -36.65 -13.69 3.13
C TYR A 329 -36.40 -14.82 2.12
N PRO A 330 -36.61 -16.09 2.53
CA PRO A 330 -36.34 -17.24 1.67
C PRO A 330 -37.02 -17.19 0.28
N GLU A 331 -38.18 -16.58 0.17
CA GLU A 331 -38.87 -16.57 -1.12
C GLU A 331 -38.19 -15.59 -2.10
N VAL A 332 -37.88 -14.39 -1.63
CA VAL A 332 -37.22 -13.41 -2.49
C VAL A 332 -35.82 -13.91 -2.78
N GLY A 333 -35.20 -14.51 -1.76
CA GLY A 333 -33.85 -14.99 -1.85
C GLY A 333 -33.72 -16.05 -2.93
N ALA A 334 -34.62 -17.02 -2.94
CA ALA A 334 -34.53 -18.11 -3.91
C ALA A 334 -34.66 -17.53 -5.32
N HIS A 335 -35.52 -16.52 -5.48
CA HIS A 335 -35.71 -15.90 -6.79
C HIS A 335 -34.45 -15.25 -7.30
N VAL A 336 -33.78 -14.46 -6.47
CA VAL A 336 -32.60 -13.76 -6.97
C VAL A 336 -31.39 -14.67 -7.06
N MET A 337 -31.31 -15.67 -6.17
CA MET A 337 -30.21 -16.63 -6.23
C MET A 337 -30.18 -17.37 -7.57
N ARG A 338 -31.34 -17.52 -8.19
CA ARG A 338 -31.44 -18.14 -9.51
C ARG A 338 -30.76 -17.27 -10.57
N VAL A 339 -30.53 -16.00 -10.30
CA VAL A 339 -29.80 -15.20 -11.29
C VAL A 339 -28.53 -14.55 -10.73
N THR A 340 -28.04 -15.07 -9.60
CA THR A 340 -26.86 -14.53 -8.94
C THR A 340 -25.62 -15.34 -9.32
N GLU A 341 -24.64 -14.66 -9.90
CA GLU A 341 -23.50 -15.31 -10.55
C GLU A 341 -22.75 -16.19 -9.57
N THR A 342 -22.52 -15.68 -8.37
CA THR A 342 -21.76 -16.38 -7.35
C THR A 342 -22.63 -16.96 -6.24
N ALA A 343 -23.93 -17.17 -6.52
CA ALA A 343 -24.79 -17.83 -5.54
C ALA A 343 -24.04 -18.95 -4.79
N HIS A 344 -24.12 -18.91 -3.46
CA HIS A 344 -23.44 -19.90 -2.63
C HIS A 344 -24.53 -20.69 -1.86
N TRP A 345 -25.00 -20.20 -0.71
CA TRP A 345 -26.11 -20.87 0.02
C TRP A 345 -27.33 -20.00 0.21
N LEU A 346 -28.51 -20.61 0.21
CA LEU A 346 -29.75 -19.93 0.58
C LEU A 346 -30.09 -20.25 2.03
N GLU A 347 -30.24 -19.23 2.85
CA GLU A 347 -30.57 -19.44 4.25
C GLU A 347 -32.05 -19.66 4.41
N TRP A 348 -32.42 -20.84 4.89
CA TRP A 348 -33.84 -21.17 5.02
C TRP A 348 -34.33 -21.21 6.46
N GLN A 349 -35.56 -20.75 6.65
CA GLN A 349 -36.20 -20.84 7.96
C GLN A 349 -37.70 -20.68 7.72
N SER A 350 -38.52 -21.22 8.63
CA SER A 350 -39.98 -21.17 8.44
C SER A 350 -40.71 -20.17 9.35
N TRP A 351 -39.97 -19.23 9.93
CA TRP A 351 -40.55 -18.25 10.85
C TRP A 351 -41.68 -17.44 10.24
N ALA A 352 -41.64 -17.21 8.93
CA ALA A 352 -42.68 -16.38 8.31
C ALA A 352 -43.79 -17.21 7.68
N ASP A 353 -43.59 -18.53 7.67
CA ASP A 353 -44.52 -19.46 7.01
C ASP A 353 -46.02 -19.31 7.32
N PRO A 354 -46.38 -19.04 8.59
CA PRO A 354 -47.81 -18.99 8.92
C PRO A 354 -48.60 -17.93 8.16
N ILE A 355 -47.99 -16.83 7.73
CA ILE A 355 -48.75 -15.80 7.02
C ILE A 355 -48.93 -16.09 5.53
N LEU A 356 -48.38 -17.23 5.09
CA LEU A 356 -48.46 -17.61 3.67
C LEU A 356 -49.37 -18.79 3.48
N GLN A 357 -50.21 -18.72 2.44
CA GLN A 357 -51.03 -19.87 2.08
C GLN A 357 -50.15 -21.04 1.69
N GLU A 358 -49.17 -20.80 0.81
CA GLU A 358 -48.22 -21.86 0.50
C GLU A 358 -46.74 -21.44 0.38
N PRO A 359 -45.95 -21.71 1.43
CA PRO A 359 -44.51 -21.54 1.37
C PRO A 359 -43.95 -22.40 0.26
N TYR A 360 -42.74 -22.08 -0.20
CA TYR A 360 -42.12 -22.82 -1.27
C TYR A 360 -41.82 -24.25 -0.79
N ALA A 361 -41.90 -25.22 -1.70
CA ALA A 361 -41.65 -26.62 -1.36
C ALA A 361 -40.16 -26.86 -1.15
N LEU A 362 -39.83 -27.85 -0.33
CA LEU A 362 -38.45 -28.30 -0.16
C LEU A 362 -38.24 -29.67 -0.80
N SER A 363 -37.08 -29.89 -1.38
CA SER A 363 -36.69 -31.19 -1.93
C SER A 363 -35.21 -31.46 -1.75
N ASP A 364 -34.89 -32.43 -0.89
CA ASP A 364 -33.51 -32.82 -0.64
C ASP A 364 -32.67 -31.62 -0.15
N GLY A 365 -33.32 -30.72 0.59
CA GLY A 365 -32.62 -29.57 1.14
C GLY A 365 -32.57 -28.40 0.17
N ASP A 366 -33.20 -28.55 -0.99
CA ASP A 366 -33.20 -27.49 -1.99
C ASP A 366 -34.54 -26.80 -1.95
N LEU A 367 -34.54 -25.47 -1.90
CA LEU A 367 -35.80 -24.72 -1.98
C LEU A 367 -36.18 -24.63 -3.43
N ILE A 368 -37.47 -24.83 -3.73
CA ILE A 368 -37.98 -24.83 -5.10
C ILE A 368 -38.72 -23.54 -5.45
N VAL A 369 -38.19 -22.75 -6.36
CA VAL A 369 -38.96 -21.61 -6.85
C VAL A 369 -40.13 -22.10 -7.71
N PRO A 370 -41.35 -21.80 -7.26
CA PRO A 370 -42.53 -22.24 -8.01
C PRO A 370 -42.78 -21.39 -9.24
N ASP A 371 -43.44 -21.99 -10.22
CA ASP A 371 -43.77 -21.33 -11.47
C ASP A 371 -45.04 -20.48 -11.33
N LYS A 372 -44.95 -19.44 -10.52
CA LYS A 372 -46.06 -18.49 -10.32
C LYS A 372 -45.51 -17.07 -10.53
N PRO A 373 -46.39 -16.13 -10.91
CA PRO A 373 -45.97 -14.75 -11.19
C PRO A 373 -45.45 -14.02 -9.96
N GLY A 374 -44.42 -13.18 -10.13
CA GLY A 374 -43.87 -12.44 -9.01
C GLY A 374 -43.25 -13.38 -8.00
N LEU A 375 -43.44 -13.09 -6.71
CA LEU A 375 -42.95 -13.95 -5.64
C LEU A 375 -43.92 -15.09 -5.36
N GLY A 376 -45.12 -14.99 -5.91
CA GLY A 376 -46.13 -16.03 -5.75
C GLY A 376 -46.64 -16.14 -4.33
N LEU A 377 -46.64 -15.03 -3.60
CA LEU A 377 -47.10 -15.03 -2.23
C LEU A 377 -48.60 -14.70 -2.16
N ASP A 378 -49.33 -15.45 -1.35
CA ASP A 378 -50.71 -15.08 -1.03
C ASP A 378 -50.92 -15.17 0.48
N TRP A 379 -51.44 -14.09 1.06
CA TRP A 379 -51.60 -13.99 2.52
C TRP A 379 -52.65 -14.98 3.06
N ASP A 380 -52.31 -15.68 4.14
CA ASP A 380 -53.29 -16.43 4.92
C ASP A 380 -53.98 -15.44 5.88
N GLU A 381 -55.11 -14.89 5.46
CA GLU A 381 -55.70 -13.77 6.19
C GLU A 381 -56.25 -14.14 7.57
N ASP A 382 -56.61 -15.41 7.76
CA ASP A 382 -57.01 -15.87 9.09
C ASP A 382 -55.88 -15.69 10.10
N VAL A 383 -54.70 -16.22 9.78
CA VAL A 383 -53.56 -16.10 10.68
C VAL A 383 -53.13 -14.64 10.85
N VAL A 384 -53.26 -13.86 9.78
CA VAL A 384 -52.98 -12.43 9.87
C VAL A 384 -53.87 -11.76 10.92
N ALA A 385 -55.18 -11.93 10.76
CA ALA A 385 -56.16 -11.34 11.67
C ALA A 385 -55.93 -11.82 13.10
N ALA A 386 -55.62 -13.11 13.23
CA ALA A 386 -55.40 -13.73 14.53
C ALA A 386 -54.11 -13.22 15.16
N ASN A 387 -53.36 -12.41 14.41
CA ASN A 387 -52.04 -12.02 14.89
C ASN A 387 -51.72 -10.55 14.66
N LEU A 388 -52.69 -9.78 14.20
CA LEU A 388 -52.48 -8.34 13.95
C LEU A 388 -52.18 -7.55 15.22
N VAL A 389 -51.54 -6.40 15.06
CA VAL A 389 -51.13 -5.57 16.18
C VAL A 389 -51.88 -4.25 16.19
N THR B 27 -17.87 28.74 40.53
CA THR B 27 -16.50 28.97 40.04
C THR B 27 -15.44 28.12 40.76
N LEU B 28 -14.37 27.79 40.05
CA LEU B 28 -13.31 26.96 40.60
C LEU B 28 -11.94 27.48 40.14
N THR B 29 -11.06 27.77 41.08
CA THR B 29 -9.78 28.40 40.78
C THR B 29 -8.60 27.67 41.38
N PHE B 30 -7.64 27.32 40.52
CA PHE B 30 -6.38 26.71 40.98
C PHE B 30 -5.62 27.65 41.89
N ARG B 31 -5.33 27.19 43.11
CA ARG B 31 -4.51 27.96 44.02
C ARG B 31 -3.07 27.46 44.06
N LYS B 32 -2.88 26.17 44.34
CA LYS B 32 -1.52 25.63 44.38
C LYS B 32 -1.46 24.11 44.43
N LEU B 33 -0.30 23.59 44.06
CA LEU B 33 -0.07 22.15 44.04
C LEU B 33 1.15 21.79 44.87
N THR B 34 1.00 20.80 45.74
CA THR B 34 2.11 20.31 46.54
C THR B 34 2.43 18.89 46.15
N ALA B 35 3.71 18.60 45.97
CA ALA B 35 4.16 17.27 45.55
C ALA B 35 5.14 16.65 46.55
N ARG B 36 4.70 15.61 47.26
CA ARG B 36 5.54 14.96 48.26
C ARG B 36 6.05 13.60 47.80
N PRO B 37 7.38 13.43 47.73
CA PRO B 37 7.97 12.14 47.36
C PRO B 37 7.96 11.15 48.51
N VAL B 38 7.73 9.89 48.18
CA VAL B 38 7.57 8.84 49.15
C VAL B 38 8.19 7.57 48.57
N LEU B 39 8.77 6.72 49.40
CA LEU B 39 9.38 5.50 48.92
C LEU B 39 8.93 4.30 49.77
N LEU B 40 8.34 3.31 49.13
CA LEU B 40 7.76 2.19 49.86
C LEU B 40 8.60 0.92 49.73
N LYS B 41 8.40 -0.01 50.66
CA LYS B 41 9.06 -1.30 50.62
C LYS B 41 8.05 -2.30 50.09
N LEU B 42 8.36 -2.89 48.94
CA LEU B 42 7.44 -3.84 48.30
C LEU B 42 7.26 -5.11 49.12
N GLN B 43 6.01 -5.48 49.35
CA GLN B 43 5.66 -6.74 49.98
C GLN B 43 6.27 -7.91 49.21
N ARG B 44 6.24 -7.82 47.88
CA ARG B 44 6.88 -8.81 47.01
C ARG B 44 7.86 -8.12 46.08
N PRO B 45 9.17 -8.27 46.34
CA PRO B 45 10.17 -7.52 45.59
C PRO B 45 10.16 -7.88 44.11
N VAL B 46 10.47 -6.92 43.25
CA VAL B 46 10.59 -7.16 41.82
C VAL B 46 11.82 -8.01 41.56
N THR B 47 11.60 -9.24 41.08
CA THR B 47 12.67 -10.18 40.79
C THR B 47 12.86 -10.32 39.27
N ALA B 48 13.71 -9.47 38.70
CA ALA B 48 13.98 -9.54 37.26
C ALA B 48 15.33 -10.18 37.00
N ARG B 49 15.60 -10.47 35.73
CA ARG B 49 16.82 -11.18 35.34
C ARG B 49 18.10 -10.48 35.80
N ILE B 50 18.13 -9.15 35.67
CA ILE B 50 19.26 -8.36 36.14
C ILE B 50 19.40 -8.43 37.66
N ALA B 51 18.68 -7.57 38.37
CA ALA B 51 18.74 -7.52 39.84
C ALA B 51 17.36 -7.51 40.47
N THR B 52 17.34 -7.45 41.81
CA THR B 52 16.10 -7.35 42.57
C THR B 52 15.82 -5.89 42.93
N ILE B 53 14.57 -5.46 42.76
CA ILE B 53 14.17 -4.11 43.14
C ILE B 53 13.09 -4.18 44.21
N PRO B 54 13.45 -3.94 45.48
CA PRO B 54 12.50 -4.03 46.59
C PRO B 54 11.75 -2.73 46.84
N ASP B 55 12.19 -1.63 46.22
CA ASP B 55 11.65 -0.30 46.50
C ASP B 55 10.72 0.21 45.42
N TRP B 56 9.74 1.02 45.83
CA TRP B 56 8.70 1.50 44.93
C TRP B 56 8.31 2.93 45.24
N PRO B 57 8.81 3.90 44.45
CA PRO B 57 8.57 5.33 44.71
C PRO B 57 7.18 5.81 44.28
N LEU B 58 6.59 6.71 45.08
CA LEU B 58 5.35 7.40 44.71
C LEU B 58 5.53 8.90 44.87
N ILE B 59 4.83 9.67 44.07
CA ILE B 59 4.68 11.10 44.34
C ILE B 59 3.23 11.37 44.69
N LEU B 60 3.01 11.93 45.88
CA LEU B 60 1.67 12.26 46.31
C LEU B 60 1.40 13.72 45.99
N ILE B 61 0.30 13.94 45.26
CA ILE B 61 -0.03 15.25 44.73
C ILE B 61 -1.30 15.78 45.39
N ASP B 62 -1.20 16.99 45.95
CA ASP B 62 -2.34 17.62 46.61
C ASP B 62 -2.59 18.97 45.97
N ILE B 63 -3.81 19.18 45.51
CA ILE B 63 -4.18 20.47 44.92
C ILE B 63 -5.15 21.25 45.81
N GLU B 64 -4.92 22.56 45.92
CA GLU B 64 -5.85 23.44 46.63
C GLU B 64 -6.47 24.44 45.65
N THR B 65 -7.76 24.69 45.80
CA THR B 65 -8.42 25.75 45.04
C THR B 65 -8.80 26.90 45.95
N GLU B 66 -8.97 28.09 45.37
CA GLU B 66 -9.37 29.27 46.14
C GLU B 66 -10.71 29.03 46.82
N GLU B 67 -11.52 28.14 46.24
CA GLU B 67 -12.86 27.87 46.74
C GLU B 67 -12.86 26.79 47.82
N GLY B 68 -11.68 26.26 48.13
CA GLY B 68 -11.56 25.28 49.19
C GLY B 68 -11.98 23.87 48.81
N VAL B 69 -11.86 23.54 47.53
CA VAL B 69 -12.04 22.17 47.09
C VAL B 69 -10.67 21.53 46.86
N PRO B 70 -10.43 20.37 47.49
CA PRO B 70 -9.12 19.71 47.45
C PRO B 70 -8.96 18.80 46.21
N GLY B 71 -7.72 18.48 45.88
CA GLY B 71 -7.45 17.57 44.78
C GLY B 71 -6.34 16.62 45.19
N ARG B 72 -6.59 15.33 44.98
CA ARG B 72 -5.64 14.30 45.40
C ARG B 72 -5.49 13.14 44.43
N ALA B 73 -4.28 12.97 43.92
CA ALA B 73 -3.93 11.84 43.07
C ALA B 73 -2.44 11.59 43.29
N TYR B 74 -1.94 10.47 42.80
CA TYR B 74 -0.51 10.16 42.91
C TYR B 74 0.13 9.66 41.62
N LEU B 75 1.42 9.92 41.47
CA LEU B 75 2.23 9.35 40.39
C LEU B 75 3.05 8.15 40.88
N GLU B 76 3.39 7.25 39.96
CA GLU B 76 4.26 6.11 40.26
C GLU B 76 5.40 6.02 39.23
N PRO B 77 6.47 6.79 39.43
CA PRO B 77 7.47 6.96 38.36
C PRO B 77 8.57 5.89 38.30
N TYR B 78 8.48 4.81 39.07
CA TYR B 78 9.43 3.70 38.95
C TYR B 78 10.83 4.02 39.48
N VAL B 79 11.46 5.06 38.92
CA VAL B 79 12.85 5.40 39.24
C VAL B 79 12.94 6.41 40.38
N PRO B 80 13.34 5.95 41.59
CA PRO B 80 13.29 6.81 42.77
C PRO B 80 13.98 8.14 42.54
N LYS B 81 15.20 8.10 41.99
CA LYS B 81 15.92 9.33 41.67
C LYS B 81 15.05 10.32 40.90
N ALA B 82 14.24 9.82 39.96
CA ALA B 82 13.50 10.69 39.05
C ALA B 82 12.62 11.69 39.80
N MET B 83 12.28 11.37 41.04
CA MET B 83 11.47 12.28 41.84
C MET B 83 12.17 13.62 42.08
N LYS B 84 13.48 13.64 41.89
CA LYS B 84 14.26 14.88 41.98
C LYS B 84 14.06 15.76 40.78
N TYR B 85 13.61 15.18 39.67
CA TYR B 85 13.35 15.96 38.48
C TYR B 85 11.87 16.33 38.46
N LEU B 86 11.03 15.42 38.94
CA LEU B 86 9.60 15.58 38.81
C LEU B 86 8.99 16.56 39.81
N VAL B 87 9.38 16.43 41.08
CA VAL B 87 8.83 17.30 42.11
C VAL B 87 9.07 18.78 41.79
N PRO B 88 10.33 19.15 41.50
CA PRO B 88 10.58 20.52 41.01
C PRO B 88 9.70 20.88 39.82
N ALA B 89 9.65 20.01 38.80
CA ALA B 89 8.83 20.30 37.62
C ALA B 89 7.37 20.51 37.97
N LEU B 90 6.87 19.69 38.88
CA LEU B 90 5.49 19.82 39.34
C LEU B 90 5.26 21.18 39.99
N HIS B 91 6.18 21.58 40.86
CA HIS B 91 6.01 22.84 41.59
C HIS B 91 6.02 24.05 40.66
N ASP B 92 6.85 23.99 39.62
CA ASP B 92 6.90 25.08 38.64
C ASP B 92 5.59 25.19 37.86
N MET B 93 4.92 24.05 37.65
CA MET B 93 3.60 24.06 37.02
C MET B 93 2.59 24.72 37.96
N SER B 94 2.76 24.49 39.27
CA SER B 94 1.92 25.14 40.27
C SER B 94 2.11 26.66 40.19
N ASP B 95 3.36 27.08 40.09
CA ASP B 95 3.66 28.50 39.98
C ASP B 95 3.04 29.08 38.72
N MET B 96 3.14 28.32 37.64
CA MET B 96 2.63 28.77 36.35
C MET B 96 1.11 28.87 36.38
N LEU B 97 0.46 27.98 37.12
CA LEU B 97 -0.99 27.84 37.08
C LEU B 97 -1.74 28.69 38.12
N ALA B 98 -1.01 29.23 39.08
CA ALA B 98 -1.64 29.98 40.17
C ALA B 98 -2.61 31.05 39.65
N GLY B 99 -3.83 31.03 40.17
CA GLY B 99 -4.81 32.05 39.85
C GLY B 99 -5.66 31.73 38.63
N GLN B 100 -5.35 30.63 37.95
CA GLN B 100 -6.08 30.25 36.74
C GLN B 100 -7.21 29.27 37.05
N PRO B 101 -8.25 29.27 36.20
CA PRO B 101 -9.41 28.39 36.38
C PRO B 101 -8.99 26.94 36.45
N LEU B 102 -9.55 26.19 37.38
CA LEU B 102 -9.21 24.79 37.50
C LEU B 102 -10.01 24.01 36.48
N ALA B 103 -9.51 23.98 35.26
CA ALA B 103 -10.17 23.32 34.13
C ALA B 103 -9.16 22.36 33.50
N PRO B 104 -9.32 21.05 33.75
CA PRO B 104 -8.34 20.04 33.34
C PRO B 104 -7.89 20.16 31.88
N ALA B 105 -8.84 20.33 30.96
CA ALA B 105 -8.51 20.40 29.54
C ALA B 105 -7.64 21.60 29.24
N GLU B 106 -8.06 22.77 29.70
CA GLU B 106 -7.27 24.00 29.61
C GLU B 106 -5.90 23.80 30.25
N ILE B 107 -5.88 23.28 31.48
CA ILE B 107 -4.62 23.05 32.18
C ILE B 107 -3.69 22.11 31.41
N TYR B 108 -4.23 20.99 30.94
CA TYR B 108 -3.47 20.01 30.19
C TYR B 108 -2.74 20.63 29.00
N ASP B 109 -3.42 21.56 28.31
CA ASP B 109 -2.80 22.30 27.22
C ASP B 109 -1.64 23.17 27.71
N LYS B 110 -1.87 23.95 28.76
CA LYS B 110 -0.83 24.85 29.27
C LYS B 110 0.39 24.12 29.83
N THR B 111 0.16 23.02 30.57
CA THR B 111 1.29 22.30 31.17
C THR B 111 2.19 21.67 30.11
N ARG B 112 1.58 21.22 29.01
CA ARG B 112 2.35 20.61 27.94
C ARG B 112 3.02 21.65 27.02
N LYS B 113 2.30 22.73 26.69
CA LYS B 113 2.90 23.83 25.93
C LYS B 113 4.14 24.35 26.65
N SER B 114 4.04 24.51 27.97
CA SER B 114 5.13 25.07 28.76
C SER B 114 6.45 24.30 28.61
N LEU B 115 6.37 22.99 28.40
CA LEU B 115 7.58 22.18 28.28
C LEU B 115 7.86 21.64 26.87
N HIS B 116 7.16 22.15 25.86
CA HIS B 116 7.29 21.57 24.52
C HIS B 116 8.72 21.57 23.96
N PHE B 117 9.54 22.51 24.41
CA PHE B 117 10.93 22.56 23.96
C PHE B 117 11.80 21.41 24.45
N VAL B 118 11.42 20.82 25.57
CA VAL B 118 12.13 19.66 26.09
C VAL B 118 11.24 18.39 25.99
N GLY B 119 10.37 18.40 24.98
CA GLY B 119 9.64 17.21 24.55
C GLY B 119 8.21 17.11 25.06
N TYR B 120 7.32 16.65 24.21
CA TYR B 120 5.98 16.25 24.67
C TYR B 120 6.05 14.88 25.36
N ALA B 121 6.89 13.99 24.82
CA ALA B 121 7.11 12.67 25.41
C ALA B 121 8.02 12.74 26.65
N GLY B 122 7.96 11.70 27.48
CA GLY B 122 8.88 11.60 28.61
C GLY B 122 8.49 12.35 29.87
N LEU B 123 9.50 12.84 30.59
CA LEU B 123 9.29 13.44 31.92
C LEU B 123 8.29 14.58 31.93
N SER B 124 8.25 15.33 30.83
CA SER B 124 7.31 16.43 30.68
C SER B 124 5.86 15.91 30.72
N MET B 125 5.62 14.84 29.98
CA MET B 125 4.31 14.20 29.98
C MET B 125 3.96 13.68 31.39
N ILE B 126 4.95 13.14 32.09
CA ILE B 126 4.72 12.52 33.39
C ILE B 126 4.29 13.56 34.42
N ALA B 127 4.84 14.76 34.30
CA ALA B 127 4.51 15.86 35.19
C ALA B 127 3.10 16.39 34.93
N ALA B 128 2.77 16.60 33.66
CA ALA B 128 1.44 17.07 33.30
C ALA B 128 0.32 16.05 33.60
N SER B 129 0.64 14.76 33.50
CA SER B 129 -0.34 13.73 33.84
C SER B 129 -0.66 13.75 35.33
N GLY B 130 0.38 13.86 36.14
CA GLY B 130 0.18 13.95 37.58
C GLY B 130 -0.74 15.10 37.91
N VAL B 131 -0.50 16.24 37.28
CA VAL B 131 -1.33 17.42 37.52
C VAL B 131 -2.76 17.14 37.02
N ASP B 132 -2.85 16.54 35.83
CA ASP B 132 -4.15 16.22 35.23
C ASP B 132 -5.00 15.36 36.14
N MET B 133 -4.44 14.25 36.61
CA MET B 133 -5.21 13.36 37.48
C MET B 133 -5.75 14.11 38.71
N ALA B 134 -4.88 14.85 39.40
CA ALA B 134 -5.32 15.58 40.59
C ALA B 134 -6.38 16.62 40.26
N VAL B 135 -6.20 17.30 39.13
CA VAL B 135 -7.12 18.36 38.74
C VAL B 135 -8.52 17.80 38.44
N TRP B 136 -8.58 16.63 37.81
CA TRP B 136 -9.83 15.96 37.51
C TRP B 136 -10.50 15.49 38.81
N ASP B 137 -9.70 15.01 39.75
CA ASP B 137 -10.21 14.69 41.08
C ASP B 137 -10.90 15.91 41.70
N ALA B 138 -10.18 17.02 41.78
CA ALA B 138 -10.74 18.27 42.28
C ALA B 138 -12.05 18.64 41.59
N LEU B 139 -12.11 18.53 40.26
CA LEU B 139 -13.32 18.94 39.55
C LEU B 139 -14.51 18.07 39.92
N ALA B 140 -14.27 16.77 40.01
CA ALA B 140 -15.36 15.86 40.36
C ALA B 140 -15.83 16.14 41.79
N ARG B 141 -14.89 16.42 42.69
CA ARG B 141 -15.23 16.80 44.05
C ARG B 141 -16.09 18.04 44.06
N ALA B 142 -15.70 19.03 43.26
CA ALA B 142 -16.48 20.26 43.18
C ALA B 142 -17.90 20.02 42.72
N ALA B 143 -18.12 18.93 41.98
CA ALA B 143 -19.45 18.57 41.51
C ALA B 143 -20.12 17.63 42.49
N ASN B 144 -19.38 17.28 43.54
CA ASN B 144 -19.81 16.27 44.47
C ASN B 144 -20.20 14.99 43.73
N MET B 145 -19.26 14.48 42.94
CA MET B 145 -19.46 13.27 42.14
C MET B 145 -18.22 12.37 42.15
N PRO B 146 -18.42 11.05 42.10
CA PRO B 146 -17.27 10.19 41.79
C PRO B 146 -16.77 10.58 40.40
N LEU B 147 -15.47 10.42 40.15
CA LEU B 147 -14.90 10.74 38.84
C LEU B 147 -15.73 10.11 37.73
N CYS B 148 -15.94 8.79 37.79
CA CYS B 148 -16.64 8.08 36.72
C CYS B 148 -18.01 8.68 36.45
N THR B 149 -18.65 9.17 37.52
CA THR B 149 -19.97 9.79 37.36
C THR B 149 -19.81 11.12 36.61
N LEU B 150 -18.78 11.88 36.96
CA LEU B 150 -18.45 13.11 36.24
C LEU B 150 -18.23 12.83 34.74
N LEU B 151 -17.58 11.72 34.43
CA LEU B 151 -17.26 11.38 33.04
C LEU B 151 -18.45 10.77 32.31
N GLY B 152 -19.59 10.62 33.00
CA GLY B 152 -20.80 10.12 32.37
C GLY B 152 -21.18 8.67 32.67
N GLY B 153 -20.42 8.00 33.54
CA GLY B 153 -20.76 6.65 33.98
C GLY B 153 -21.30 6.61 35.40
N THR B 154 -21.25 5.43 36.02
CA THR B 154 -21.65 5.23 37.42
C THR B 154 -20.66 4.32 38.10
N PRO B 155 -20.53 4.43 39.44
CA PRO B 155 -19.64 3.52 40.17
C PRO B 155 -20.13 2.09 40.06
N GLY B 156 -19.21 1.14 39.95
CA GLY B 156 -19.56 -0.26 39.85
C GLY B 156 -18.30 -1.10 39.83
N SER B 157 -18.42 -2.32 39.32
CA SER B 157 -17.32 -3.27 39.38
C SER B 157 -16.59 -3.38 38.04
N VAL B 158 -15.27 -3.57 38.10
CA VAL B 158 -14.41 -3.64 36.93
C VAL B 158 -13.53 -4.88 37.00
N LYS B 159 -13.67 -5.79 36.03
CA LYS B 159 -12.92 -7.04 36.05
C LYS B 159 -11.41 -6.81 36.02
N ALA B 160 -10.69 -7.45 36.92
CA ALA B 160 -9.27 -7.19 37.04
C ALA B 160 -8.44 -8.47 37.04
N TYR B 161 -7.13 -8.31 36.91
CA TYR B 161 -6.21 -9.42 37.05
C TYR B 161 -5.06 -8.96 37.96
N ASN B 162 -4.36 -9.91 38.56
CA ASN B 162 -3.40 -9.56 39.60
C ASN B 162 -1.98 -9.46 39.07
N SER B 163 -1.37 -8.28 39.16
CA SER B 163 0.02 -8.16 38.75
C SER B 163 0.98 -7.96 39.94
N ASN B 164 0.56 -8.41 41.12
CA ASN B 164 1.38 -8.25 42.32
C ASN B 164 2.74 -8.93 42.24
N GLY B 165 2.84 -10.03 41.51
CA GLY B 165 4.11 -10.74 41.39
C GLY B 165 4.24 -11.72 40.24
N LEU B 166 4.50 -12.98 40.58
CA LEU B 166 4.94 -14.00 39.63
C LEU B 166 6.18 -13.55 38.88
N TRP B 167 7.15 -13.02 39.62
CA TRP B 167 8.42 -12.58 39.06
C TRP B 167 9.32 -13.77 38.75
N LEU B 168 10.57 -13.52 38.37
CA LEU B 168 11.41 -14.58 37.81
C LEU B 168 12.05 -15.55 38.83
N LYS B 169 11.21 -16.20 39.62
CA LYS B 169 11.71 -17.19 40.57
C LYS B 169 11.40 -18.58 40.03
N SER B 170 12.00 -19.60 40.65
CA SER B 170 11.80 -20.99 40.23
C SER B 170 10.31 -21.32 40.06
N PRO B 171 10.01 -22.32 39.24
CA PRO B 171 8.63 -22.72 38.95
C PRO B 171 7.79 -23.05 40.20
N ALA B 172 8.31 -23.89 41.08
CA ALA B 172 7.56 -24.29 42.27
C ALA B 172 7.19 -23.08 43.12
N GLU B 173 8.14 -22.18 43.34
CA GLU B 173 7.86 -20.94 44.08
C GLU B 173 6.77 -20.08 43.41
N VAL B 174 6.88 -19.91 42.10
CA VAL B 174 5.91 -19.10 41.36
C VAL B 174 4.50 -19.70 41.47
N ALA B 175 4.43 -21.02 41.38
CA ALA B 175 3.17 -21.76 41.50
C ALA B 175 2.50 -21.50 42.84
N ALA B 176 3.27 -21.59 43.92
CA ALA B 176 2.73 -21.40 45.26
C ALA B 176 2.20 -19.99 45.40
N GLU B 177 2.98 -19.03 44.90
CA GLU B 177 2.62 -17.63 44.99
C GLU B 177 1.35 -17.32 44.18
N ALA B 178 1.19 -17.99 43.06
CA ALA B 178 -0.01 -17.83 42.23
C ALA B 178 -1.27 -18.11 43.05
N VAL B 179 -1.25 -19.19 43.83
CA VAL B 179 -2.38 -19.54 44.66
C VAL B 179 -2.80 -18.38 45.57
N GLU B 180 -1.81 -17.74 46.19
CA GLU B 180 -2.05 -16.57 47.03
C GLU B 180 -2.66 -15.44 46.18
N LEU B 181 -2.08 -15.22 45.00
CA LEU B 181 -2.52 -14.13 44.14
C LEU B 181 -3.97 -14.29 43.67
N LYS B 182 -4.34 -15.50 43.25
CA LYS B 182 -5.73 -15.71 42.89
C LYS B 182 -6.62 -15.30 44.07
N ALA B 183 -6.19 -15.68 45.27
CA ALA B 183 -6.98 -15.47 46.50
C ALA B 183 -7.15 -14.01 46.89
N GLU B 184 -6.14 -13.18 46.63
CA GLU B 184 -6.23 -11.75 46.92
C GLU B 184 -7.44 -11.11 46.26
N GLY B 185 -8.02 -11.80 45.28
CA GLY B 185 -9.15 -11.28 44.55
C GLY B 185 -10.49 -11.46 45.25
N GLN B 186 -10.46 -12.19 46.37
CA GLN B 186 -11.63 -12.43 47.23
C GLN B 186 -12.67 -13.29 46.54
N GLY B 187 -13.37 -14.12 47.31
CA GLY B 187 -14.45 -14.95 46.80
C GLY B 187 -13.98 -16.01 45.83
N THR B 188 -14.53 -16.01 44.61
CA THR B 188 -14.05 -16.93 43.57
C THR B 188 -12.65 -16.57 43.06
N GLY B 189 -12.14 -15.40 43.46
CA GLY B 189 -10.76 -15.03 43.18
C GLY B 189 -10.57 -14.23 41.91
N PHE B 190 -9.32 -13.87 41.62
CA PHE B 190 -8.98 -13.23 40.36
C PHE B 190 -9.15 -14.20 39.19
N LYS B 191 -9.71 -13.71 38.08
CA LYS B 191 -9.92 -14.55 36.90
C LYS B 191 -8.69 -14.51 35.98
N GLY B 192 -7.73 -13.67 36.32
CA GLY B 192 -6.48 -13.68 35.58
C GLY B 192 -5.32 -13.28 36.44
N LEU B 193 -4.11 -13.67 36.02
CA LEU B 193 -2.87 -13.35 36.73
C LEU B 193 -1.79 -12.93 35.73
N LYS B 194 -1.00 -11.90 36.04
CA LYS B 194 0.18 -11.60 35.22
C LYS B 194 1.43 -12.40 35.60
N LEU B 195 1.91 -13.21 34.68
CA LEU B 195 3.12 -14.00 34.85
C LEU B 195 4.26 -13.37 34.08
N ARG B 196 5.34 -13.00 34.77
CA ARG B 196 6.51 -12.44 34.08
C ARG B 196 7.39 -13.52 33.47
N MET B 197 8.01 -13.21 32.33
CA MET B 197 8.84 -14.20 31.63
C MET B 197 10.15 -13.59 31.17
N GLY B 198 11.07 -14.44 30.75
CA GLY B 198 12.37 -13.99 30.27
C GLY B 198 13.55 -14.53 31.07
N ARG B 199 13.44 -15.77 31.53
CA ARG B 199 14.56 -16.46 32.17
C ARG B 199 15.65 -16.78 31.15
N ASP B 200 16.84 -17.17 31.62
CA ASP B 200 17.94 -17.54 30.73
C ASP B 200 17.59 -18.73 29.86
N ASP B 201 16.81 -19.66 30.44
CA ASP B 201 16.37 -20.86 29.73
C ASP B 201 14.88 -20.73 29.46
N PRO B 202 14.53 -20.59 28.18
CA PRO B 202 13.12 -20.46 27.75
C PRO B 202 12.29 -21.65 28.25
N ALA B 203 12.89 -22.82 28.30
CA ALA B 203 12.20 -24.02 28.78
C ALA B 203 11.68 -23.83 30.19
N VAL B 204 12.42 -23.07 30.99
CA VAL B 204 11.99 -22.81 32.36
C VAL B 204 10.78 -21.88 32.39
N ASP B 205 10.73 -20.89 31.48
CA ASP B 205 9.56 -20.03 31.36
C ASP B 205 8.30 -20.88 31.13
N ILE B 206 8.41 -21.85 30.22
CA ILE B 206 7.29 -22.73 29.90
C ILE B 206 6.94 -23.58 31.14
N GLU B 207 7.96 -24.21 31.72
CA GLU B 207 7.82 -24.97 32.95
C GLU B 207 7.01 -24.20 34.01
N THR B 208 7.35 -22.93 34.21
CA THR B 208 6.67 -22.07 35.18
C THR B 208 5.19 -21.80 34.86
N ALA B 209 4.88 -21.63 33.58
CA ALA B 209 3.50 -21.40 33.18
C ALA B 209 2.68 -22.66 33.42
N GLU B 210 3.28 -23.81 33.13
CA GLU B 210 2.58 -25.06 33.31
C GLU B 210 2.40 -25.40 34.79
N ALA B 211 3.37 -25.01 35.62
CA ALA B 211 3.27 -25.25 37.06
C ALA B 211 2.23 -24.34 37.71
N VAL B 212 2.07 -23.13 37.19
CA VAL B 212 1.07 -22.19 37.67
C VAL B 212 -0.35 -22.67 37.39
N TRP B 213 -0.55 -23.21 36.20
CA TRP B 213 -1.85 -23.73 35.80
C TRP B 213 -2.20 -25.00 36.56
N ASP B 214 -1.20 -25.83 36.86
CA ASP B 214 -1.42 -27.02 37.68
C ASP B 214 -2.02 -26.60 39.03
N ALA B 215 -1.53 -25.50 39.55
CA ALA B 215 -1.83 -25.05 40.91
C ALA B 215 -3.15 -24.30 41.05
N VAL B 216 -3.42 -23.37 40.13
CA VAL B 216 -4.63 -22.55 40.21
C VAL B 216 -5.71 -23.01 39.24
N GLY B 217 -5.36 -23.92 38.34
CA GLY B 217 -6.31 -24.43 37.35
C GLY B 217 -6.31 -23.71 36.01
N ARG B 218 -6.64 -24.44 34.94
CA ARG B 218 -6.56 -23.95 33.57
C ARG B 218 -7.53 -22.82 33.27
N ASP B 219 -8.56 -22.67 34.10
CA ASP B 219 -9.56 -21.62 33.88
C ASP B 219 -9.00 -20.21 34.10
N THR B 220 -7.81 -20.14 34.70
CA THR B 220 -7.19 -18.86 35.02
C THR B 220 -6.41 -18.33 33.83
N ALA B 221 -6.69 -17.08 33.46
CA ALA B 221 -5.99 -16.43 32.36
C ALA B 221 -4.60 -15.99 32.81
N LEU B 222 -3.59 -16.29 32.01
CA LEU B 222 -2.23 -15.85 32.32
C LEU B 222 -1.80 -14.81 31.31
N MET B 223 -1.46 -13.62 31.79
CA MET B 223 -0.95 -12.57 30.92
C MET B 223 0.56 -12.57 31.05
N VAL B 224 1.27 -12.87 29.96
CA VAL B 224 2.73 -12.98 29.99
C VAL B 224 3.39 -11.67 29.63
N ASP B 225 4.39 -11.26 30.40
CA ASP B 225 5.06 -9.99 30.20
C ASP B 225 6.58 -10.20 30.16
N PHE B 226 7.22 -9.75 29.09
CA PHE B 226 8.67 -9.90 28.91
C PHE B 226 9.42 -8.61 29.23
N ASN B 227 8.68 -7.56 29.58
CA ASN B 227 9.27 -6.29 29.98
C ASN B 227 10.41 -5.84 29.06
N GLN B 228 10.18 -5.96 27.76
CA GLN B 228 11.11 -5.44 26.76
C GLN B 228 12.47 -6.11 26.81
N GLY B 229 12.53 -7.31 27.38
CA GLY B 229 13.81 -7.94 27.65
C GLY B 229 14.52 -8.58 26.48
N LEU B 230 13.84 -8.66 25.34
CA LEU B 230 14.37 -9.44 24.22
C LEU B 230 14.76 -8.58 23.04
N ASP B 231 15.78 -9.01 22.30
CA ASP B 231 16.01 -8.44 20.98
C ASP B 231 15.08 -9.19 20.01
N MET B 232 14.99 -8.73 18.77
CA MET B 232 14.05 -9.31 17.80
C MET B 232 14.22 -10.80 17.51
N ALA B 233 15.46 -11.25 17.40
CA ALA B 233 15.71 -12.67 17.14
C ALA B 233 15.27 -13.53 18.33
N GLU B 234 15.58 -13.08 19.54
CA GLU B 234 15.17 -13.84 20.71
C GLU B 234 13.66 -13.82 20.78
N ALA B 235 13.07 -12.66 20.49
CA ALA B 235 11.61 -12.51 20.53
C ALA B 235 10.95 -13.46 19.53
N MET B 236 11.47 -13.52 18.30
CA MET B 236 10.94 -14.46 17.31
C MET B 236 10.95 -15.89 17.81
N HIS B 237 12.08 -16.35 18.34
CA HIS B 237 12.18 -17.73 18.83
C HIS B 237 11.30 -17.98 20.05
N ARG B 238 11.40 -17.10 21.05
CA ARG B 238 10.70 -17.33 22.31
C ARG B 238 9.21 -17.13 22.24
N THR B 239 8.76 -16.13 21.47
CA THR B 239 7.32 -15.94 21.37
C THR B 239 6.73 -17.08 20.56
N ARG B 240 7.46 -17.56 19.57
CA ARG B 240 6.99 -18.72 18.83
C ARG B 240 6.82 -19.96 19.74
N GLN B 241 7.72 -20.12 20.70
CA GLN B 241 7.66 -21.26 21.62
C GLN B 241 6.40 -21.29 22.48
N ILE B 242 5.90 -20.13 22.85
CA ILE B 242 4.77 -20.04 23.77
C ILE B 242 3.47 -19.72 23.05
N ASP B 243 3.49 -19.76 21.72
CA ASP B 243 2.34 -19.30 20.94
C ASP B 243 1.14 -20.25 21.06
N ASP B 244 1.40 -21.49 21.48
CA ASP B 244 0.34 -22.47 21.61
C ASP B 244 0.03 -22.92 23.04
N LEU B 245 0.53 -22.18 24.02
CA LEU B 245 0.31 -22.49 25.43
C LEU B 245 -1.11 -22.19 25.86
N GLY B 246 -1.74 -21.24 25.17
CA GLY B 246 -3.05 -20.76 25.59
C GLY B 246 -2.98 -19.54 26.49
N LEU B 247 -1.98 -18.67 26.28
CA LEU B 247 -1.85 -17.43 27.06
C LEU B 247 -2.94 -16.44 26.71
N GLU B 248 -3.36 -15.62 27.67
CA GLU B 248 -4.33 -14.58 27.40
C GLU B 248 -3.70 -13.55 26.43
N TRP B 249 -2.48 -13.16 26.70
CA TRP B 249 -1.75 -12.35 25.75
C TRP B 249 -0.25 -12.43 25.99
N ILE B 250 0.51 -11.81 25.10
CA ILE B 250 1.96 -11.73 25.24
C ILE B 250 2.37 -10.26 25.18
N GLU B 251 3.02 -9.79 26.23
CA GLU B 251 3.20 -8.37 26.43
C GLU B 251 4.64 -7.94 26.19
N GLU B 252 4.80 -6.82 25.49
CA GLU B 252 6.10 -6.16 25.27
C GLU B 252 7.35 -7.07 25.23
N PRO B 253 7.47 -7.86 24.17
CA PRO B 253 8.68 -8.69 24.01
C PRO B 253 9.97 -7.91 23.71
N VAL B 254 9.90 -6.85 22.90
CA VAL B 254 11.10 -6.10 22.55
C VAL B 254 11.00 -4.64 23.01
N VAL B 255 12.05 -3.85 22.82
CA VAL B 255 12.03 -2.45 23.23
C VAL B 255 10.81 -1.73 22.66
N TYR B 256 10.23 -0.81 23.44
CA TYR B 256 8.87 -0.36 23.23
C TYR B 256 8.59 0.46 21.99
N ASP B 257 9.64 0.97 21.35
CA ASP B 257 9.44 1.87 20.22
C ASP B 257 9.82 1.22 18.89
N ASN B 258 10.11 -0.08 18.93
CA ASN B 258 10.41 -0.85 17.73
C ASN B 258 9.12 -1.32 17.06
N PHE B 259 8.39 -0.37 16.45
CA PHE B 259 7.13 -0.68 15.77
C PHE B 259 7.28 -1.64 14.59
N ASP B 260 8.37 -1.53 13.85
CA ASP B 260 8.61 -2.46 12.73
C ASP B 260 8.66 -3.89 13.22
N GLY B 261 9.25 -4.09 14.40
CA GLY B 261 9.39 -5.44 14.94
C GLY B 261 8.09 -5.94 15.50
N TYR B 262 7.39 -5.10 16.24
CA TYR B 262 6.10 -5.48 16.78
C TYR B 262 5.15 -5.90 15.68
N ALA B 263 5.22 -5.24 14.52
CA ALA B 263 4.32 -5.56 13.42
C ALA B 263 4.60 -6.99 12.94
N GLN B 264 5.87 -7.34 12.80
CA GLN B 264 6.28 -8.70 12.44
C GLN B 264 5.81 -9.74 13.43
N LEU B 265 6.03 -9.50 14.72
CA LEU B 265 5.67 -10.47 15.76
C LEU B 265 4.17 -10.67 15.80
N ARG B 266 3.44 -9.57 15.67
CA ARG B 266 2.00 -9.60 15.66
C ARG B 266 1.48 -10.51 14.53
N HIS B 267 2.11 -10.42 13.36
CA HIS B 267 1.68 -11.21 12.22
C HIS B 267 2.02 -12.69 12.41
N ASP B 268 3.19 -12.96 12.95
CA ASP B 268 3.63 -14.32 13.15
C ASP B 268 2.87 -15.01 14.28
N LEU B 269 2.49 -14.25 15.30
CA LEU B 269 1.83 -14.82 16.48
C LEU B 269 0.31 -14.92 16.31
N LYS B 270 -0.24 -16.05 16.76
CA LYS B 270 -1.68 -16.21 16.80
C LYS B 270 -2.25 -15.64 18.11
N THR B 271 -1.48 -15.78 19.19
CA THR B 271 -1.83 -15.21 20.50
C THR B 271 -1.76 -13.69 20.43
N PRO B 272 -2.72 -12.99 21.06
CA PRO B 272 -2.75 -11.52 20.96
C PRO B 272 -1.48 -10.89 21.49
N LEU B 273 -0.98 -9.85 20.82
CA LEU B 273 0.22 -9.14 21.23
C LEU B 273 -0.20 -7.86 21.91
N MET B 274 0.29 -7.67 23.13
CA MET B 274 -0.12 -6.52 23.92
C MET B 274 1.04 -5.53 24.06
N ILE B 275 0.77 -4.25 23.76
CA ILE B 275 1.69 -3.14 24.11
C ILE B 275 0.92 -1.94 24.61
N GLY B 276 1.60 -0.80 24.74
CA GLY B 276 0.92 0.44 25.04
C GLY B 276 1.29 1.12 26.34
N GLU B 277 1.83 0.37 27.30
CA GLU B 277 2.15 1.00 28.58
C GLU B 277 3.19 2.09 28.40
N ASN B 278 3.94 2.04 27.30
CA ASN B 278 4.86 3.13 27.00
C ASN B 278 4.41 4.14 25.94
N PHE B 279 3.12 4.19 25.63
CA PHE B 279 2.58 5.23 24.74
C PHE B 279 2.59 6.58 25.44
N TYR B 280 3.21 7.58 24.84
CA TYR B 280 3.19 8.93 25.42
C TYR B 280 2.15 9.78 24.69
N GLY B 281 0.89 9.63 25.09
CA GLY B 281 -0.20 10.33 24.47
C GLY B 281 -0.98 9.51 23.46
N PRO B 282 -2.24 9.90 23.21
CA PRO B 282 -3.18 9.32 22.25
C PRO B 282 -2.55 9.18 20.85
N ARG B 283 -1.89 10.24 20.38
CA ARG B 283 -1.32 10.24 19.04
C ARG B 283 -0.29 9.10 18.84
N GLU B 284 0.49 8.79 19.86
CA GLU B 284 1.44 7.69 19.76
C GLU B 284 0.68 6.39 19.63
N MET B 285 -0.46 6.27 20.29
CA MET B 285 -1.28 5.07 20.13
C MET B 285 -1.80 4.98 18.69
N HIS B 286 -2.22 6.12 18.14
CA HIS B 286 -2.79 6.17 16.81
C HIS B 286 -1.72 5.72 15.80
N GLN B 287 -0.47 6.10 16.07
CA GLN B 287 0.64 5.74 15.20
C GLN B 287 0.97 4.27 15.28
N ALA B 288 1.00 3.72 16.49
CA ALA B 288 1.27 2.30 16.66
C ALA B 288 0.25 1.48 15.90
N LEU B 289 -1.04 1.86 16.02
CA LEU B 289 -2.14 1.17 15.32
C LEU B 289 -2.04 1.27 13.79
N GLN B 290 -1.78 2.47 13.26
CA GLN B 290 -1.51 2.60 11.84
C GLN B 290 -0.38 1.67 11.40
N ALA B 291 0.57 1.42 12.29
CA ALA B 291 1.73 0.62 11.92
C ALA B 291 1.44 -0.87 12.02
N GLY B 292 0.27 -1.22 12.56
CA GLY B 292 -0.12 -2.61 12.75
C GLY B 292 0.74 -3.30 13.81
N ALA B 293 0.96 -2.63 14.94
CA ALA B 293 1.93 -3.12 15.94
C ALA B 293 1.39 -3.98 17.07
N CYS B 294 0.07 -4.06 17.23
CA CYS B 294 -0.49 -4.77 18.38
C CYS B 294 -1.94 -5.15 18.18
N ASP B 295 -2.39 -6.16 18.93
CA ASP B 295 -3.80 -6.57 18.93
C ASP B 295 -4.57 -5.97 20.13
N LEU B 296 -3.83 -5.59 21.17
CA LEU B 296 -4.43 -5.06 22.40
C LEU B 296 -3.57 -3.90 22.88
N VAL B 297 -4.16 -2.95 23.57
CA VAL B 297 -3.38 -1.84 24.15
C VAL B 297 -3.69 -1.67 25.63
N MET B 298 -2.74 -1.08 26.36
CA MET B 298 -2.90 -0.82 27.79
C MET B 298 -2.08 0.37 28.21
N PRO B 299 -2.61 1.57 27.99
CA PRO B 299 -1.95 2.82 28.39
C PRO B 299 -1.67 2.93 29.90
N ASP B 300 -0.55 3.58 30.22
CA ASP B 300 -0.19 3.94 31.58
C ASP B 300 -0.53 5.40 31.86
N PHE B 301 -1.27 5.66 32.94
CA PHE B 301 -1.81 6.99 33.20
C PHE B 301 -0.80 8.14 33.27
N MET B 302 0.45 7.86 33.62
CA MET B 302 1.43 8.94 33.64
C MET B 302 2.03 9.21 32.27
N ARG B 303 1.92 8.25 31.35
CA ARG B 303 2.52 8.43 30.03
C ARG B 303 1.47 8.81 28.99
N ILE B 304 0.23 8.37 29.20
CA ILE B 304 -0.85 8.61 28.24
C ILE B 304 -1.45 10.01 28.38
N GLY B 305 -1.13 10.70 29.48
CA GLY B 305 -1.64 12.04 29.69
C GLY B 305 -2.78 12.14 30.69
N GLY B 306 -2.73 11.33 31.74
CA GLY B 306 -3.72 11.37 32.80
C GLY B 306 -5.10 10.93 32.35
N VAL B 307 -6.12 11.49 32.98
CA VAL B 307 -7.50 11.18 32.63
C VAL B 307 -7.84 11.78 31.25
N SER B 308 -7.30 12.95 30.97
CA SER B 308 -7.53 13.63 29.68
C SER B 308 -7.00 12.82 28.50
N GLY B 309 -5.75 12.39 28.60
CA GLY B 309 -5.16 11.54 27.57
C GLY B 309 -5.95 10.26 27.44
N TRP B 310 -6.23 9.61 28.57
CA TRP B 310 -6.89 8.32 28.54
C TRP B 310 -8.22 8.45 27.81
N MET B 311 -8.97 9.51 28.11
CA MET B 311 -10.26 9.66 27.48
C MET B 311 -10.13 9.79 25.97
N ARG B 312 -9.11 10.53 25.53
CA ARG B 312 -8.85 10.68 24.09
C ARG B 312 -8.37 9.38 23.46
N ALA B 313 -7.45 8.68 24.13
CA ALA B 313 -6.99 7.37 23.66
C ALA B 313 -8.16 6.40 23.55
N ALA B 314 -9.07 6.47 24.51
CA ALA B 314 -10.25 5.63 24.50
C ALA B 314 -11.11 5.90 23.25
N GLY B 315 -11.10 7.14 22.77
CA GLY B 315 -11.81 7.46 21.53
C GLY B 315 -11.13 6.80 20.33
N VAL B 316 -9.80 6.84 20.32
CA VAL B 316 -9.01 6.26 19.25
C VAL B 316 -9.23 4.75 19.25
N ALA B 317 -9.09 4.14 20.42
CA ALA B 317 -9.21 2.69 20.53
C ALA B 317 -10.62 2.21 20.18
N GLY B 318 -11.62 2.97 20.62
CA GLY B 318 -13.01 2.65 20.34
C GLY B 318 -13.30 2.63 18.85
N ALA B 319 -12.62 3.52 18.10
CA ALA B 319 -12.85 3.63 16.67
C ALA B 319 -12.22 2.45 15.92
N TRP B 320 -11.04 2.02 16.37
CA TRP B 320 -10.37 0.84 15.84
C TRP B 320 -10.99 -0.46 16.36
N GLY B 321 -11.70 -0.39 17.48
CA GLY B 321 -12.24 -1.59 18.10
C GLY B 321 -11.22 -2.43 18.83
N ILE B 322 -10.14 -1.79 19.27
CA ILE B 322 -9.06 -2.46 20.01
C ILE B 322 -9.41 -2.54 21.50
N PRO B 323 -9.40 -3.75 22.07
CA PRO B 323 -9.64 -3.92 23.51
C PRO B 323 -8.62 -3.13 24.31
N MET B 324 -9.09 -2.33 25.26
CA MET B 324 -8.22 -1.40 25.96
C MET B 324 -8.13 -1.73 27.43
N SER B 325 -6.90 -1.97 27.90
CA SER B 325 -6.68 -2.28 29.31
C SER B 325 -5.91 -1.15 29.98
N THR B 326 -5.72 -1.24 31.30
CA THR B 326 -5.04 -0.19 32.07
C THR B 326 -3.65 -0.63 32.49
N HIS B 327 -2.87 0.32 32.97
CA HIS B 327 -1.59 -0.02 33.55
C HIS B 327 -1.32 0.84 34.78
N LEU B 328 -1.15 0.18 35.92
CA LEU B 328 -1.00 0.84 37.22
C LEU B 328 -2.22 1.69 37.58
N TYR B 329 -2.11 2.50 38.61
CA TYR B 329 -3.17 3.43 39.00
C TYR B 329 -4.58 2.80 39.04
N PRO B 330 -4.71 1.67 39.77
CA PRO B 330 -5.98 0.94 39.82
C PRO B 330 -7.17 1.84 40.14
N GLU B 331 -6.96 2.87 40.96
CA GLU B 331 -8.06 3.74 41.36
C GLU B 331 -8.54 4.63 40.22
N VAL B 332 -7.61 5.31 39.55
CA VAL B 332 -7.94 6.08 38.36
C VAL B 332 -8.46 5.14 37.27
N GLY B 333 -7.75 4.01 37.10
CA GLY B 333 -8.11 3.00 36.12
C GLY B 333 -9.54 2.50 36.21
N ALA B 334 -9.94 2.09 37.42
CA ALA B 334 -11.29 1.59 37.65
C ALA B 334 -12.33 2.63 37.22
N HIS B 335 -12.07 3.88 37.59
CA HIS B 335 -12.96 4.98 37.23
C HIS B 335 -13.15 5.20 35.72
N VAL B 336 -12.06 5.37 34.99
CA VAL B 336 -12.18 5.60 33.55
C VAL B 336 -12.65 4.35 32.80
N MET B 337 -12.29 3.17 33.30
CA MET B 337 -12.76 1.90 32.72
C MET B 337 -14.28 1.77 32.72
N ARG B 338 -14.92 2.35 33.73
CA ARG B 338 -16.38 2.36 33.80
C ARG B 338 -16.99 3.07 32.59
N VAL B 339 -16.24 3.99 31.98
CA VAL B 339 -16.73 4.72 30.81
C VAL B 339 -15.90 4.49 29.54
N THR B 340 -15.09 3.44 29.54
CA THR B 340 -14.33 3.09 28.35
C THR B 340 -15.05 2.05 27.49
N GLU B 341 -15.32 2.44 26.25
CA GLU B 341 -16.15 1.68 25.35
C GLU B 341 -15.60 0.27 25.08
N THR B 342 -14.28 0.17 24.86
CA THR B 342 -13.64 -1.13 24.61
C THR B 342 -12.95 -1.69 25.86
N ALA B 343 -13.34 -1.21 27.05
CA ALA B 343 -12.73 -1.69 28.28
C ALA B 343 -12.50 -3.19 28.23
N HIS B 344 -11.31 -3.63 28.62
CA HIS B 344 -10.96 -5.04 28.56
C HIS B 344 -10.62 -5.59 29.96
N TRP B 345 -9.35 -5.51 30.39
CA TRP B 345 -8.96 -5.87 31.77
C TRP B 345 -8.39 -4.68 32.53
N LEU B 346 -8.57 -4.68 33.84
CA LEU B 346 -7.91 -3.73 34.73
C LEU B 346 -6.74 -4.42 35.42
N GLU B 347 -5.56 -3.82 35.32
CA GLU B 347 -4.40 -4.38 35.99
C GLU B 347 -4.38 -3.96 37.45
N TRP B 348 -4.55 -4.92 38.34
CA TRP B 348 -4.57 -4.64 39.77
C TRP B 348 -3.27 -5.00 40.48
N GLN B 349 -2.88 -4.16 41.44
CA GLN B 349 -1.79 -4.46 42.37
C GLN B 349 -1.89 -3.57 43.62
N SER B 350 -1.38 -4.04 44.75
CA SER B 350 -1.55 -3.32 46.00
C SER B 350 -0.30 -2.54 46.39
N TRP B 351 0.61 -2.36 45.44
CA TRP B 351 1.88 -1.69 45.66
C TRP B 351 1.77 -0.27 46.22
N ALA B 352 0.60 0.35 46.08
CA ALA B 352 0.45 1.72 46.56
C ALA B 352 -0.56 1.79 47.70
N ASP B 353 -1.05 0.64 48.13
CA ASP B 353 -2.06 0.57 49.20
C ASP B 353 -1.66 1.23 50.53
N PRO B 354 -0.42 1.03 51.00
CA PRO B 354 0.05 1.62 52.26
C PRO B 354 -0.30 3.10 52.45
N ILE B 355 -0.06 3.94 51.44
CA ILE B 355 -0.32 5.37 51.57
C ILE B 355 -1.81 5.72 51.52
N LEU B 356 -2.65 4.73 51.24
CA LEU B 356 -4.10 4.95 51.16
C LEU B 356 -4.83 4.54 52.43
N GLN B 357 -5.75 5.40 52.88
CA GLN B 357 -6.57 5.05 54.04
C GLN B 357 -7.42 3.82 53.73
N GLU B 358 -8.28 3.93 52.72
CA GLU B 358 -9.00 2.76 52.25
C GLU B 358 -8.90 2.51 50.74
N PRO B 359 -8.07 1.54 50.37
CA PRO B 359 -7.93 1.03 49.00
C PRO B 359 -9.27 0.47 48.55
N TYR B 360 -9.49 0.35 47.25
CA TYR B 360 -10.79 -0.10 46.77
C TYR B 360 -11.01 -1.54 47.17
N ALA B 361 -12.27 -1.89 47.43
CA ALA B 361 -12.62 -3.26 47.79
C ALA B 361 -12.57 -4.18 46.57
N LEU B 362 -12.09 -5.41 46.78
CA LEU B 362 -12.14 -6.44 45.74
C LEU B 362 -13.30 -7.39 45.95
N SER B 363 -13.88 -7.88 44.86
CA SER B 363 -15.00 -8.81 44.95
C SER B 363 -15.06 -9.73 43.74
N ASP B 364 -14.69 -10.98 43.96
CA ASP B 364 -14.71 -12.01 42.91
C ASP B 364 -13.82 -11.63 41.73
N GLY B 365 -12.72 -10.93 42.01
CA GLY B 365 -11.79 -10.52 40.98
C GLY B 365 -12.05 -9.13 40.40
N ASP B 366 -13.22 -8.56 40.72
CA ASP B 366 -13.57 -7.22 40.26
C ASP B 366 -13.16 -6.17 41.29
N LEU B 367 -12.50 -5.11 40.83
CA LEU B 367 -12.25 -3.96 41.68
C LEU B 367 -13.55 -3.16 41.75
N ILE B 368 -13.88 -2.67 42.93
CA ILE B 368 -15.16 -2.01 43.13
C ILE B 368 -15.03 -0.50 43.31
N VAL B 369 -15.56 0.25 42.35
CA VAL B 369 -15.49 1.70 42.44
C VAL B 369 -16.41 2.18 43.54
N PRO B 370 -15.84 2.81 44.58
CA PRO B 370 -16.57 3.31 45.74
C PRO B 370 -17.36 4.55 45.39
N ASP B 371 -18.57 4.66 45.93
CA ASP B 371 -19.40 5.82 45.66
C ASP B 371 -18.98 7.01 46.53
N LYS B 372 -17.78 7.53 46.29
CA LYS B 372 -17.24 8.69 46.96
C LYS B 372 -16.75 9.71 45.93
N PRO B 373 -16.75 11.00 46.28
CA PRO B 373 -16.39 12.08 45.34
C PRO B 373 -14.95 12.00 44.87
N GLY B 374 -14.69 12.35 43.61
CA GLY B 374 -13.37 12.22 43.03
C GLY B 374 -12.94 10.76 42.89
N LEU B 375 -11.66 10.51 43.10
CA LEU B 375 -11.13 9.16 43.18
C LEU B 375 -11.32 8.57 44.56
N GLY B 376 -11.81 9.39 45.49
CA GLY B 376 -11.97 8.96 46.87
C GLY B 376 -10.67 8.53 47.55
N LEU B 377 -9.61 9.30 47.32
CA LEU B 377 -8.36 9.04 48.02
C LEU B 377 -8.21 9.94 49.23
N ASP B 378 -7.77 9.35 50.34
CA ASP B 378 -7.28 10.10 51.48
C ASP B 378 -5.97 9.46 51.93
N TRP B 379 -4.94 10.28 52.08
CA TRP B 379 -3.63 9.74 52.43
C TRP B 379 -3.64 9.23 53.87
N ASP B 380 -2.82 8.21 54.12
CA ASP B 380 -2.52 7.74 55.48
C ASP B 380 -1.25 8.46 55.92
N GLU B 381 -1.41 9.60 56.58
CA GLU B 381 -0.28 10.50 56.83
C GLU B 381 0.82 9.90 57.74
N ASP B 382 0.46 8.85 58.50
CA ASP B 382 1.42 8.11 59.33
C ASP B 382 2.44 7.32 58.51
N VAL B 383 1.94 6.56 57.54
CA VAL B 383 2.79 5.80 56.64
C VAL B 383 3.48 6.77 55.68
N VAL B 384 2.77 7.83 55.32
CA VAL B 384 3.38 8.88 54.50
C VAL B 384 4.62 9.39 55.21
N ALA B 385 4.48 9.71 56.49
CA ALA B 385 5.59 10.24 57.28
C ALA B 385 6.72 9.23 57.55
N ALA B 386 6.36 7.96 57.71
CA ALA B 386 7.34 6.90 57.96
C ALA B 386 8.23 6.64 56.75
N ASN B 387 7.78 7.13 55.58
CA ASN B 387 8.41 6.79 54.32
C ASN B 387 8.80 7.97 53.45
N LEU B 388 8.50 9.18 53.89
CA LEU B 388 8.81 10.37 53.11
C LEU B 388 10.33 10.47 52.85
N VAL B 389 10.70 10.90 51.65
CA VAL B 389 12.12 11.07 51.32
C VAL B 389 12.65 12.42 51.78
N THR C 27 48.56 15.60 12.38
CA THR C 27 48.14 15.39 10.99
C THR C 27 48.64 14.06 10.40
N LEU C 28 47.90 13.53 9.43
CA LEU C 28 48.14 12.18 8.90
C LEU C 28 48.01 12.13 7.38
N THR C 29 49.04 11.63 6.70
CA THR C 29 49.11 11.75 5.24
C THR C 29 49.38 10.44 4.50
N PHE C 30 48.48 10.10 3.57
CA PHE C 30 48.60 8.90 2.75
C PHE C 30 49.79 8.98 1.79
N ARG C 31 50.65 7.97 1.82
CA ARG C 31 51.79 7.92 0.89
C ARG C 31 51.55 6.95 -0.25
N LYS C 32 51.42 5.67 0.09
CA LYS C 32 51.14 4.63 -0.90
C LYS C 32 50.45 3.43 -0.27
N LEU C 33 49.91 2.57 -1.13
CA LEU C 33 49.27 1.33 -0.70
C LEU C 33 49.78 0.17 -1.53
N THR C 34 50.04 -0.95 -0.85
CA THR C 34 50.57 -2.14 -1.52
C THR C 34 49.64 -3.33 -1.30
N ALA C 35 49.30 -4.02 -2.38
CA ALA C 35 48.40 -5.16 -2.31
C ALA C 35 49.08 -6.45 -2.78
N ARG C 36 49.22 -7.41 -1.87
CA ARG C 36 49.91 -8.66 -2.16
C ARG C 36 48.97 -9.87 -2.23
N PRO C 37 48.82 -10.45 -3.42
CA PRO C 37 47.93 -11.59 -3.62
C PRO C 37 48.53 -12.86 -3.00
N VAL C 38 47.71 -13.61 -2.28
CA VAL C 38 48.16 -14.83 -1.61
C VAL C 38 47.11 -15.92 -1.73
N LEU C 39 47.54 -17.16 -1.97
CA LEU C 39 46.61 -18.28 -2.12
C LEU C 39 46.91 -19.39 -1.11
N LEU C 40 46.04 -19.55 -0.13
CA LEU C 40 46.21 -20.55 0.93
C LEU C 40 45.47 -21.84 0.61
N LYS C 41 45.83 -22.90 1.31
CA LYS C 41 45.13 -24.18 1.23
C LYS C 41 44.27 -24.33 2.49
N LEU C 42 42.97 -24.52 2.31
CA LEU C 42 42.05 -24.68 3.44
C LEU C 42 42.30 -25.99 4.17
N GLN C 43 42.28 -25.92 5.50
CA GLN C 43 42.45 -27.11 6.32
C GLN C 43 41.31 -28.09 6.02
N ARG C 44 40.09 -27.57 6.03
CA ARG C 44 38.90 -28.33 5.67
C ARG C 44 38.27 -27.74 4.42
N PRO C 45 38.43 -28.41 3.25
CA PRO C 45 38.05 -27.90 1.94
C PRO C 45 36.53 -27.76 1.77
N VAL C 46 36.12 -26.74 1.03
CA VAL C 46 34.71 -26.48 0.76
C VAL C 46 34.11 -27.58 -0.12
N THR C 47 33.38 -28.50 0.50
CA THR C 47 32.74 -29.58 -0.26
C THR C 47 31.31 -29.20 -0.63
N ALA C 48 31.12 -28.70 -1.85
CA ALA C 48 29.80 -28.30 -2.30
C ALA C 48 29.15 -29.37 -3.17
N ARG C 49 28.05 -29.02 -3.82
CA ARG C 49 27.34 -29.98 -4.67
C ARG C 49 28.03 -30.13 -6.02
N ILE C 50 28.44 -29.00 -6.60
CA ILE C 50 29.03 -28.97 -7.94
C ILE C 50 30.52 -29.35 -7.97
N ALA C 51 31.28 -28.85 -7.00
CA ALA C 51 32.70 -29.15 -6.92
C ALA C 51 33.27 -28.98 -5.51
N THR C 52 34.59 -28.99 -5.42
CA THR C 52 35.29 -28.90 -4.13
C THR C 52 36.44 -27.90 -4.21
N ILE C 53 36.34 -26.83 -3.44
CA ILE C 53 37.36 -25.77 -3.45
C ILE C 53 38.30 -25.84 -2.24
N PRO C 54 39.56 -26.26 -2.47
CA PRO C 54 40.50 -26.35 -1.36
C PRO C 54 41.25 -25.05 -1.12
N ASP C 55 41.24 -24.14 -2.09
CA ASP C 55 42.08 -22.94 -2.03
C ASP C 55 41.33 -21.67 -1.64
N TRP C 56 42.01 -20.79 -0.90
CA TRP C 56 41.38 -19.59 -0.36
C TRP C 56 42.25 -18.37 -0.62
N PRO C 57 41.82 -17.50 -1.54
CA PRO C 57 42.60 -16.32 -1.93
C PRO C 57 42.52 -15.19 -0.89
N LEU C 58 43.63 -14.49 -0.72
CA LEU C 58 43.69 -13.34 0.18
C LEU C 58 44.44 -12.22 -0.49
N ILE C 59 44.15 -10.99 -0.10
CA ILE C 59 44.91 -9.87 -0.57
C ILE C 59 45.34 -9.05 0.62
N LEU C 60 46.62 -9.15 0.99
CA LEU C 60 47.16 -8.37 2.09
C LEU C 60 47.39 -6.94 1.64
N ILE C 61 46.87 -5.99 2.41
CA ILE C 61 46.95 -4.58 2.07
C ILE C 61 47.80 -3.80 3.09
N ASP C 62 48.76 -3.03 2.60
CA ASP C 62 49.63 -2.26 3.45
C ASP C 62 49.61 -0.76 3.12
N ILE C 63 49.27 0.04 4.13
CA ILE C 63 49.27 1.49 3.99
C ILE C 63 50.57 2.09 4.56
N GLU C 64 51.15 3.04 3.83
CA GLU C 64 52.24 3.85 4.34
C GLU C 64 51.77 5.31 4.49
N THR C 65 52.19 5.95 5.57
CA THR C 65 51.89 7.36 5.76
C THR C 65 53.18 8.18 5.91
N GLU C 66 53.16 9.40 5.38
CA GLU C 66 54.31 10.31 5.48
C GLU C 66 54.76 10.49 6.94
N GLU C 67 53.88 10.16 7.87
CA GLU C 67 54.14 10.34 9.29
C GLU C 67 54.68 9.08 9.98
N GLY C 68 54.75 7.98 9.24
CA GLY C 68 55.37 6.76 9.74
C GLY C 68 54.41 5.80 10.42
N VAL C 69 53.11 6.00 10.20
CA VAL C 69 52.09 5.12 10.76
C VAL C 69 51.60 4.13 9.69
N PRO C 70 51.57 2.83 10.04
CA PRO C 70 51.10 1.83 9.08
C PRO C 70 49.61 1.54 9.23
N GLY C 71 49.04 0.97 8.17
CA GLY C 71 47.70 0.42 8.22
C GLY C 71 47.71 -0.93 7.56
N ARG C 72 47.13 -1.93 8.22
CA ARG C 72 47.13 -3.30 7.70
C ARG C 72 45.74 -3.93 7.77
N ALA C 73 45.24 -4.40 6.62
CA ALA C 73 43.98 -5.12 6.56
C ALA C 73 44.00 -6.08 5.37
N TYR C 74 43.03 -6.98 5.30
CA TYR C 74 42.98 -7.94 4.20
C TYR C 74 41.60 -8.13 3.56
N LEU C 75 41.61 -8.50 2.28
CA LEU C 75 40.43 -8.90 1.54
C LEU C 75 40.39 -10.41 1.34
N GLU C 76 39.17 -10.96 1.31
CA GLU C 76 38.94 -12.37 1.00
C GLU C 76 37.94 -12.45 -0.15
N PRO C 77 38.45 -12.31 -1.39
CA PRO C 77 37.67 -12.13 -2.62
C PRO C 77 37.19 -13.43 -3.28
N TYR C 78 37.40 -14.57 -2.62
CA TYR C 78 36.81 -15.85 -3.05
C TYR C 78 37.42 -16.50 -4.29
N VAL C 79 37.44 -15.75 -5.39
CA VAL C 79 37.90 -16.27 -6.67
C VAL C 79 39.33 -15.77 -6.98
N PRO C 80 40.31 -16.69 -6.91
CA PRO C 80 41.73 -16.37 -7.09
C PRO C 80 41.99 -15.51 -8.32
N LYS C 81 41.43 -15.92 -9.46
CA LYS C 81 41.62 -15.16 -10.69
C LYS C 81 41.20 -13.69 -10.58
N ALA C 82 40.32 -13.36 -9.63
CA ALA C 82 39.87 -11.97 -9.53
C ALA C 82 40.93 -11.05 -8.90
N MET C 83 41.92 -11.64 -8.25
CA MET C 83 43.01 -10.84 -7.71
C MET C 83 43.80 -10.14 -8.81
N LYS C 84 43.66 -10.65 -10.04
CA LYS C 84 44.28 -10.02 -11.19
C LYS C 84 43.59 -8.69 -11.48
N TYR C 85 42.30 -8.60 -11.16
CA TYR C 85 41.56 -7.38 -11.43
C TYR C 85 41.70 -6.41 -10.28
N LEU C 86 41.71 -6.94 -9.06
CA LEU C 86 41.71 -6.08 -7.87
C LEU C 86 43.05 -5.38 -7.60
N VAL C 87 44.16 -6.11 -7.75
CA VAL C 87 45.47 -5.53 -7.46
C VAL C 87 45.79 -4.32 -8.34
N PRO C 88 45.65 -4.45 -9.66
CA PRO C 88 45.70 -3.28 -10.56
C PRO C 88 44.76 -2.16 -10.11
N ALA C 89 43.54 -2.53 -9.69
CA ALA C 89 42.57 -1.56 -9.21
C ALA C 89 43.04 -0.91 -7.90
N LEU C 90 43.58 -1.73 -7.00
CA LEU C 90 44.06 -1.21 -5.72
C LEU C 90 45.22 -0.24 -5.93
N HIS C 91 46.17 -0.64 -6.75
CA HIS C 91 47.32 0.22 -7.00
C HIS C 91 46.94 1.50 -7.75
N ASP C 92 45.97 1.40 -8.66
CA ASP C 92 45.43 2.59 -9.33
C ASP C 92 44.86 3.59 -8.34
N MET C 93 44.41 3.10 -7.18
CA MET C 93 43.85 3.97 -6.15
C MET C 93 44.96 4.56 -5.29
N SER C 94 46.02 3.80 -5.09
CA SER C 94 47.21 4.32 -4.42
C SER C 94 47.71 5.58 -5.14
N ASP C 95 47.95 5.45 -6.45
CA ASP C 95 48.42 6.58 -7.26
C ASP C 95 47.54 7.80 -7.06
N MET C 96 46.24 7.56 -6.97
CA MET C 96 45.25 8.63 -6.94
C MET C 96 45.19 9.33 -5.59
N LEU C 97 45.43 8.57 -4.53
CA LEU C 97 45.29 9.06 -3.16
C LEU C 97 46.58 9.67 -2.63
N ALA C 98 47.67 9.40 -3.32
CA ALA C 98 49.02 9.77 -2.86
C ALA C 98 49.13 11.27 -2.55
N GLY C 99 49.54 11.59 -1.33
CA GLY C 99 49.72 12.97 -0.91
C GLY C 99 48.49 13.57 -0.24
N GLN C 100 47.40 12.81 -0.17
CA GLN C 100 46.16 13.32 0.39
C GLN C 100 45.96 12.88 1.84
N PRO C 101 45.13 13.63 2.58
CA PRO C 101 44.94 13.35 4.00
C PRO C 101 44.42 11.93 4.22
N LEU C 102 44.89 11.26 5.25
CA LEU C 102 44.41 9.92 5.55
C LEU C 102 43.17 10.02 6.41
N ALA C 103 42.04 10.28 5.76
CA ALA C 103 40.76 10.39 6.43
C ALA C 103 39.75 9.45 5.77
N PRO C 104 39.44 8.33 6.45
CA PRO C 104 38.64 7.22 5.91
C PRO C 104 37.38 7.67 5.16
N ALA C 105 36.61 8.57 5.76
CA ALA C 105 35.36 8.98 5.14
C ALA C 105 35.60 9.73 3.84
N GLU C 106 36.64 10.57 3.81
CA GLU C 106 36.93 11.33 2.60
C GLU C 106 37.42 10.40 1.48
N ILE C 107 38.28 9.46 1.85
CA ILE C 107 38.84 8.51 0.91
C ILE C 107 37.76 7.57 0.36
N TYR C 108 36.84 7.16 1.22
CA TYR C 108 35.68 6.38 0.80
C TYR C 108 34.92 7.09 -0.32
N ASP C 109 34.57 8.35 -0.09
CA ASP C 109 33.95 9.17 -1.13
C ASP C 109 34.75 9.17 -2.43
N LYS C 110 36.06 9.32 -2.34
CA LYS C 110 36.90 9.51 -3.53
C LYS C 110 37.19 8.21 -4.31
N THR C 111 37.26 7.09 -3.60
CA THR C 111 37.45 5.81 -4.28
C THR C 111 36.21 5.41 -5.06
N ARG C 112 35.04 5.54 -4.45
CA ARG C 112 33.81 5.17 -5.12
C ARG C 112 33.57 6.02 -6.36
N LYS C 113 33.72 7.34 -6.20
CA LYS C 113 33.45 8.26 -7.29
C LYS C 113 34.37 8.00 -8.49
N SER C 114 35.57 7.49 -8.23
CA SER C 114 36.54 7.28 -9.31
C SER C 114 36.18 6.12 -10.23
N LEU C 115 35.30 5.23 -9.76
CA LEU C 115 34.87 4.09 -10.59
C LEU C 115 33.35 4.03 -10.80
N HIS C 116 32.63 5.09 -10.43
CA HIS C 116 31.17 5.06 -10.49
C HIS C 116 30.69 4.72 -11.90
N PHE C 117 31.47 5.12 -12.90
CA PHE C 117 31.17 4.78 -14.28
C PHE C 117 31.24 3.28 -14.55
N VAL C 118 31.99 2.54 -13.74
CA VAL C 118 32.00 1.09 -13.89
C VAL C 118 31.29 0.39 -12.72
N GLY C 119 30.31 1.08 -12.13
CA GLY C 119 29.46 0.52 -11.10
C GLY C 119 29.89 0.87 -9.68
N TYR C 120 28.92 1.22 -8.83
CA TYR C 120 29.18 1.34 -7.40
C TYR C 120 29.25 -0.05 -6.75
N ALA C 121 28.48 -1.00 -7.24
CA ALA C 121 28.57 -2.36 -6.72
C ALA C 121 29.67 -3.13 -7.45
N GLY C 122 29.93 -4.34 -6.99
CA GLY C 122 30.87 -5.22 -7.67
C GLY C 122 32.33 -4.99 -7.32
N LEU C 123 33.20 -5.24 -8.28
CA LEU C 123 34.63 -5.20 -8.06
C LEU C 123 35.12 -3.84 -7.56
N SER C 124 34.50 -2.76 -8.03
CA SER C 124 34.91 -1.42 -7.59
C SER C 124 34.70 -1.19 -6.09
N MET C 125 33.53 -1.57 -5.59
CA MET C 125 33.25 -1.51 -4.16
C MET C 125 34.23 -2.36 -3.34
N ILE C 126 34.52 -3.55 -3.87
CA ILE C 126 35.45 -4.47 -3.23
C ILE C 126 36.83 -3.82 -3.04
N ALA C 127 37.33 -3.17 -4.08
CA ALA C 127 38.60 -2.47 -3.98
C ALA C 127 38.53 -1.36 -2.93
N ALA C 128 37.48 -0.54 -2.97
CA ALA C 128 37.30 0.58 -2.03
C ALA C 128 37.24 0.14 -0.55
N SER C 129 36.63 -1.02 -0.32
CA SER C 129 36.43 -1.55 1.02
C SER C 129 37.75 -2.01 1.63
N GLY C 130 38.57 -2.68 0.81
CA GLY C 130 39.89 -3.10 1.24
C GLY C 130 40.68 -1.89 1.70
N VAL C 131 40.72 -0.87 0.85
CA VAL C 131 41.33 0.40 1.22
C VAL C 131 40.72 0.96 2.50
N ASP C 132 39.40 1.00 2.56
CA ASP C 132 38.71 1.57 3.71
C ASP C 132 39.10 0.91 5.04
N MET C 133 39.30 -0.41 5.03
CA MET C 133 39.67 -1.12 6.24
C MET C 133 41.09 -0.81 6.70
N ALA C 134 42.03 -0.80 5.74
CA ALA C 134 43.42 -0.49 6.05
C ALA C 134 43.54 0.93 6.58
N VAL C 135 42.83 1.85 5.94
CA VAL C 135 42.83 3.25 6.32
C VAL C 135 42.23 3.50 7.71
N TRP C 136 41.16 2.79 8.04
CA TRP C 136 40.59 2.92 9.38
C TRP C 136 41.60 2.36 10.37
N ASP C 137 42.26 1.27 9.99
CA ASP C 137 43.29 0.70 10.86
C ASP C 137 44.42 1.71 11.11
N ALA C 138 44.89 2.37 10.05
CA ALA C 138 45.93 3.39 10.19
C ALA C 138 45.48 4.50 11.13
N LEU C 139 44.22 4.93 10.98
CA LEU C 139 43.73 6.04 11.81
C LEU C 139 43.69 5.67 13.28
N ALA C 140 43.42 4.41 13.58
CA ALA C 140 43.34 3.97 14.96
C ALA C 140 44.73 3.86 15.55
N ARG C 141 45.67 3.45 14.71
CA ARG C 141 47.06 3.37 15.15
C ARG C 141 47.56 4.77 15.49
N ALA C 142 47.34 5.71 14.58
CA ALA C 142 47.74 7.10 14.80
C ALA C 142 47.20 7.66 16.11
N ALA C 143 46.02 7.21 16.52
CA ALA C 143 45.42 7.67 17.75
C ALA C 143 45.87 6.80 18.93
N ASN C 144 46.65 5.77 18.62
CA ASN C 144 47.05 4.78 19.61
C ASN C 144 45.86 4.19 20.37
N MET C 145 44.84 3.75 19.62
CA MET C 145 43.67 3.10 20.21
C MET C 145 43.33 1.85 19.41
N PRO C 146 42.80 0.82 20.08
CA PRO C 146 42.20 -0.27 19.32
C PRO C 146 41.07 0.30 18.45
N LEU C 147 40.79 -0.30 17.30
CA LEU C 147 39.77 0.26 16.40
C LEU C 147 38.42 0.45 17.09
N CYS C 148 37.98 -0.54 17.85
CA CYS C 148 36.69 -0.42 18.54
C CYS C 148 36.68 0.77 19.51
N THR C 149 37.82 1.05 20.11
CA THR C 149 37.93 2.15 21.05
C THR C 149 37.77 3.50 20.34
N LEU C 150 38.44 3.62 19.20
CA LEU C 150 38.30 4.80 18.36
C LEU C 150 36.85 5.04 17.98
N LEU C 151 36.12 3.95 17.72
CA LEU C 151 34.73 4.03 17.28
C LEU C 151 33.77 4.27 18.44
N GLY C 152 34.30 4.30 19.66
CA GLY C 152 33.53 4.68 20.83
C GLY C 152 33.22 3.55 21.80
N GLY C 153 33.84 2.39 21.59
CA GLY C 153 33.64 1.24 22.45
C GLY C 153 34.89 0.88 23.22
N THR C 154 34.94 -0.35 23.72
CA THR C 154 36.15 -0.89 24.35
C THR C 154 36.33 -2.35 23.98
N PRO C 155 37.58 -2.83 23.99
CA PRO C 155 37.83 -4.25 23.72
C PRO C 155 36.96 -5.13 24.62
N GLY C 156 36.68 -6.34 24.16
CA GLY C 156 35.83 -7.24 24.94
C GLY C 156 35.45 -8.48 24.16
N SER C 157 34.50 -9.22 24.70
CA SER C 157 34.10 -10.47 24.09
C SER C 157 32.91 -10.23 23.18
N VAL C 158 32.88 -10.98 22.08
CA VAL C 158 31.81 -10.91 21.11
C VAL C 158 31.38 -12.34 20.79
N LYS C 159 30.14 -12.68 21.11
CA LYS C 159 29.67 -14.05 20.91
C LYS C 159 29.80 -14.43 19.43
N ALA C 160 30.32 -15.62 19.16
CA ALA C 160 30.56 -16.04 17.80
C ALA C 160 29.99 -17.43 17.50
N TYR C 161 29.85 -17.74 16.21
CA TYR C 161 29.55 -19.11 15.80
C TYR C 161 30.56 -19.59 14.76
N ASN C 162 30.72 -20.90 14.68
CA ASN C 162 31.81 -21.47 13.90
C ASN C 162 31.37 -21.84 12.49
N SER C 163 31.92 -21.16 11.48
CA SER C 163 31.57 -21.45 10.10
C SER C 163 32.69 -22.14 9.34
N ASN C 164 33.61 -22.75 10.10
CA ASN C 164 34.76 -23.46 9.53
C ASN C 164 34.45 -24.61 8.55
N GLY C 165 33.28 -25.22 8.69
CA GLY C 165 32.97 -26.37 7.85
C GLY C 165 31.54 -26.86 7.88
N LEU C 166 31.39 -28.14 8.22
CA LEU C 166 30.11 -28.83 8.06
C LEU C 166 29.59 -28.66 6.64
N TRP C 167 30.47 -28.91 5.66
CA TRP C 167 30.07 -28.88 4.26
C TRP C 167 29.28 -30.10 3.88
N LEU C 168 29.06 -30.31 2.58
CA LEU C 168 28.09 -31.31 2.10
C LEU C 168 28.61 -32.75 2.11
N LYS C 169 28.94 -33.24 3.29
CA LYS C 169 29.43 -34.60 3.43
C LYS C 169 28.41 -35.52 4.09
N SER C 170 28.78 -36.78 4.27
CA SER C 170 27.94 -37.77 4.94
C SER C 170 27.41 -37.23 6.27
N PRO C 171 26.16 -37.56 6.60
CA PRO C 171 25.61 -37.17 7.91
C PRO C 171 26.54 -37.50 9.08
N ALA C 172 27.16 -38.69 9.08
CA ALA C 172 28.05 -39.09 10.18
C ALA C 172 29.35 -38.30 10.17
N GLU C 173 29.92 -38.13 8.99
CA GLU C 173 31.12 -37.32 8.85
C GLU C 173 30.90 -35.90 9.39
N VAL C 174 29.74 -35.33 9.09
CA VAL C 174 29.42 -33.96 9.52
C VAL C 174 29.18 -33.90 11.03
N ALA C 175 28.51 -34.92 11.56
CA ALA C 175 28.28 -35.01 13.00
C ALA C 175 29.59 -35.01 13.78
N ALA C 176 30.54 -35.81 13.29
CA ALA C 176 31.84 -35.93 13.95
C ALA C 176 32.56 -34.60 13.90
N GLU C 177 32.60 -34.00 12.72
CA GLU C 177 33.25 -32.71 12.55
C GLU C 177 32.64 -31.67 13.50
N ALA C 178 31.34 -31.79 13.74
CA ALA C 178 30.65 -30.79 14.55
C ALA C 178 31.20 -30.75 15.98
N VAL C 179 31.66 -31.90 16.45
CA VAL C 179 32.23 -31.99 17.80
C VAL C 179 33.53 -31.19 17.85
N GLU C 180 34.39 -31.43 16.86
CA GLU C 180 35.65 -30.69 16.76
C GLU C 180 35.38 -29.19 16.67
N LEU C 181 34.34 -28.82 15.92
CA LEU C 181 34.02 -27.41 15.69
C LEU C 181 33.57 -26.71 16.96
N LYS C 182 32.72 -27.37 17.74
CA LYS C 182 32.29 -26.77 18.99
C LYS C 182 33.50 -26.49 19.89
N ALA C 183 34.44 -27.42 19.86
CA ALA C 183 35.60 -27.38 20.74
C ALA C 183 36.64 -26.32 20.36
N GLU C 184 36.64 -25.91 19.10
CA GLU C 184 37.53 -24.83 18.67
C GLU C 184 37.23 -23.53 19.42
N GLY C 185 35.99 -23.43 19.93
CA GLY C 185 35.58 -22.25 20.66
C GLY C 185 36.20 -22.13 22.03
N GLN C 186 36.81 -23.23 22.49
CA GLN C 186 37.44 -23.31 23.82
C GLN C 186 36.44 -23.31 24.95
N GLY C 187 36.83 -23.86 26.09
CA GLY C 187 35.97 -23.90 27.27
C GLY C 187 34.69 -24.66 27.03
N THR C 188 33.56 -24.04 27.39
CA THR C 188 32.24 -24.62 27.15
C THR C 188 31.89 -24.70 25.67
N GLY C 189 32.74 -24.11 24.83
CA GLY C 189 32.62 -24.24 23.38
C GLY C 189 31.74 -23.22 22.67
N PHE C 190 31.74 -23.30 21.33
CA PHE C 190 30.86 -22.47 20.51
C PHE C 190 29.39 -22.78 20.80
N LYS C 191 28.59 -21.74 20.98
CA LYS C 191 27.16 -21.91 21.24
C LYS C 191 26.39 -22.02 19.92
N GLY C 192 27.10 -21.95 18.80
CA GLY C 192 26.48 -22.04 17.50
C GLY C 192 27.40 -22.54 16.42
N LEU C 193 26.82 -23.22 15.44
CA LEU C 193 27.56 -23.77 14.31
C LEU C 193 26.85 -23.45 12.99
N LYS C 194 27.58 -23.03 11.97
CA LYS C 194 27.00 -23.01 10.63
C LYS C 194 26.98 -24.37 9.93
N LEU C 195 25.80 -24.78 9.51
CA LEU C 195 25.61 -26.05 8.81
C LEU C 195 25.19 -25.73 7.37
N ARG C 196 25.90 -26.30 6.39
CA ARG C 196 25.53 -26.06 4.98
C ARG C 196 24.53 -27.10 4.49
N MET C 197 23.47 -26.64 3.85
CA MET C 197 22.49 -27.54 3.26
C MET C 197 22.48 -27.38 1.75
N GLY C 198 21.65 -28.16 1.07
CA GLY C 198 21.65 -28.16 -0.38
C GLY C 198 22.06 -29.47 -1.04
N ARG C 199 21.92 -30.58 -0.32
CA ARG C 199 22.20 -31.91 -0.89
C ARG C 199 21.14 -32.26 -1.93
N ASP C 200 21.48 -33.17 -2.84
CA ASP C 200 20.54 -33.62 -3.86
C ASP C 200 19.23 -34.15 -3.23
N ASP C 201 19.37 -34.88 -2.14
CA ASP C 201 18.22 -35.42 -1.41
C ASP C 201 18.00 -34.60 -0.14
N PRO C 202 16.88 -33.86 -0.09
CA PRO C 202 16.62 -33.00 1.06
C PRO C 202 16.55 -33.78 2.37
N ALA C 203 16.11 -35.02 2.31
CA ALA C 203 16.02 -35.82 3.54
C ALA C 203 17.36 -35.96 4.24
N VAL C 204 18.43 -36.03 3.47
CA VAL C 204 19.78 -36.15 4.04
C VAL C 204 20.26 -34.83 4.66
N ASP C 205 19.77 -33.70 4.18
CA ASP C 205 20.03 -32.42 4.84
C ASP C 205 19.49 -32.50 6.28
N ILE C 206 18.28 -33.01 6.43
CA ILE C 206 17.61 -33.04 7.72
C ILE C 206 18.29 -34.04 8.64
N GLU C 207 18.56 -35.22 8.10
CA GLU C 207 19.34 -36.23 8.80
C GLU C 207 20.62 -35.62 9.38
N THR C 208 21.30 -34.82 8.57
CA THR C 208 22.53 -34.18 8.99
C THR C 208 22.29 -33.23 10.18
N ALA C 209 21.23 -32.44 10.10
CA ALA C 209 20.88 -31.58 11.23
C ALA C 209 20.65 -32.40 12.51
N GLU C 210 19.84 -33.46 12.40
CA GLU C 210 19.51 -34.29 13.55
C GLU C 210 20.77 -34.99 14.07
N ALA C 211 21.66 -35.40 13.18
CA ALA C 211 22.90 -36.07 13.59
C ALA C 211 23.90 -35.12 14.26
N VAL C 212 23.96 -33.89 13.77
CA VAL C 212 24.81 -32.88 14.39
C VAL C 212 24.31 -32.58 15.80
N TRP C 213 22.99 -32.52 15.96
CA TRP C 213 22.42 -32.24 17.28
C TRP C 213 22.60 -33.41 18.25
N ASP C 214 22.42 -34.63 17.76
CA ASP C 214 22.67 -35.82 18.57
C ASP C 214 24.05 -35.74 19.21
N ALA C 215 25.04 -35.33 18.41
CA ALA C 215 26.45 -35.28 18.79
C ALA C 215 26.85 -34.11 19.71
N VAL C 216 26.24 -32.94 19.55
CA VAL C 216 26.64 -31.77 20.35
C VAL C 216 25.60 -31.23 21.34
N GLY C 217 24.40 -31.79 21.32
CA GLY C 217 23.33 -31.35 22.21
C GLY C 217 22.44 -30.32 21.55
N ARG C 218 21.14 -30.40 21.84
CA ARG C 218 20.16 -29.49 21.23
C ARG C 218 20.34 -28.07 21.73
N ASP C 219 21.23 -27.90 22.69
CA ASP C 219 21.57 -26.58 23.21
C ASP C 219 22.21 -25.74 22.12
N THR C 220 22.83 -26.42 21.16
CA THR C 220 23.66 -25.76 20.15
C THR C 220 22.82 -25.17 19.03
N ALA C 221 23.02 -23.87 18.78
CA ALA C 221 22.34 -23.20 17.68
C ALA C 221 22.89 -23.69 16.33
N LEU C 222 21.99 -24.03 15.41
CA LEU C 222 22.40 -24.35 14.05
C LEU C 222 21.95 -23.25 13.10
N MET C 223 22.89 -22.67 12.37
CA MET C 223 22.57 -21.71 11.32
C MET C 223 22.75 -22.43 9.97
N VAL C 224 21.64 -22.69 9.29
CA VAL C 224 21.67 -23.36 7.99
C VAL C 224 21.93 -22.40 6.80
N ASP C 225 22.79 -22.82 5.87
CA ASP C 225 23.12 -21.98 4.73
C ASP C 225 23.04 -22.78 3.43
N PHE C 226 22.16 -22.36 2.52
CA PHE C 226 22.03 -22.97 1.19
C PHE C 226 22.92 -22.34 0.13
N ASN C 227 23.52 -21.20 0.44
CA ASN C 227 24.40 -20.52 -0.51
C ASN C 227 23.76 -20.22 -1.88
N GLN C 228 22.53 -19.72 -1.88
CA GLN C 228 21.80 -19.41 -3.13
C GLN C 228 21.73 -20.59 -4.08
N GLY C 229 21.79 -21.82 -3.58
CA GLY C 229 21.75 -23.00 -4.43
C GLY C 229 20.39 -23.43 -4.97
N LEU C 230 19.32 -22.72 -4.64
CA LEU C 230 17.99 -23.17 -5.07
C LEU C 230 17.25 -22.17 -5.94
N ASP C 231 16.39 -22.65 -6.82
CA ASP C 231 15.43 -21.77 -7.48
C ASP C 231 14.23 -21.62 -6.54
N MET C 232 13.27 -20.77 -6.90
CA MET C 232 12.19 -20.45 -5.97
C MET C 232 11.31 -21.65 -5.63
N ALA C 233 11.06 -22.51 -6.61
CA ALA C 233 10.26 -23.70 -6.37
C ALA C 233 10.96 -24.66 -5.40
N GLU C 234 12.24 -24.91 -5.62
CA GLU C 234 13.02 -25.72 -4.68
C GLU C 234 13.05 -25.08 -3.29
N ALA C 235 13.23 -23.77 -3.24
CA ALA C 235 13.34 -23.05 -1.98
C ALA C 235 12.05 -23.18 -1.17
N MET C 236 10.91 -23.10 -1.85
CA MET C 236 9.61 -23.19 -1.17
C MET C 236 9.43 -24.55 -0.52
N HIS C 237 9.64 -25.60 -1.29
CA HIS C 237 9.52 -26.96 -0.75
C HIS C 237 10.47 -27.25 0.39
N ARG C 238 11.74 -26.95 0.19
CA ARG C 238 12.78 -27.33 1.14
C ARG C 238 12.80 -26.51 2.43
N THR C 239 12.65 -25.19 2.32
CA THR C 239 12.63 -24.37 3.52
C THR C 239 11.42 -24.75 4.35
N ARG C 240 10.33 -25.13 3.70
CA ARG C 240 9.15 -25.58 4.42
C ARG C 240 9.41 -26.88 5.20
N GLN C 241 10.14 -27.81 4.60
CA GLN C 241 10.49 -29.06 5.28
C GLN C 241 11.30 -28.85 6.54
N ILE C 242 12.12 -27.81 6.58
CA ILE C 242 13.00 -27.59 7.72
C ILE C 242 12.48 -26.53 8.69
N ASP C 243 11.25 -26.07 8.49
CA ASP C 243 10.78 -24.90 9.25
C ASP C 243 10.47 -25.22 10.69
N ASP C 244 10.23 -26.49 11.01
CA ASP C 244 9.95 -26.87 12.40
C ASP C 244 11.10 -27.57 13.09
N LEU C 245 12.29 -27.52 12.50
CA LEU C 245 13.46 -28.22 13.07
C LEU C 245 14.10 -27.53 14.27
N GLY C 246 13.86 -26.24 14.42
CA GLY C 246 14.49 -25.47 15.49
C GLY C 246 15.81 -24.86 15.09
N LEU C 247 15.92 -24.43 13.83
CA LEU C 247 17.13 -23.77 13.36
C LEU C 247 17.23 -22.33 13.90
N GLU C 248 18.46 -21.84 14.05
CA GLU C 248 18.67 -20.46 14.46
C GLU C 248 18.24 -19.52 13.34
N TRP C 249 18.57 -19.91 12.11
CA TRP C 249 18.11 -19.19 10.93
C TRP C 249 18.33 -19.98 9.65
N ILE C 250 17.69 -19.55 8.57
CA ILE C 250 17.87 -20.11 7.23
C ILE C 250 18.45 -19.03 6.32
N GLU C 251 19.59 -19.33 5.71
CA GLU C 251 20.41 -18.30 5.05
C GLU C 251 20.45 -18.44 3.53
N GLU C 252 20.24 -17.33 2.83
CA GLU C 252 20.31 -17.26 1.35
C GLU C 252 19.93 -18.52 0.57
N PRO C 253 18.67 -18.94 0.66
CA PRO C 253 18.14 -20.05 -0.13
C PRO C 253 18.18 -19.84 -1.64
N VAL C 254 17.99 -18.61 -2.11
CA VAL C 254 17.96 -18.39 -3.55
C VAL C 254 18.93 -17.27 -3.95
N VAL C 255 19.06 -17.02 -5.25
CA VAL C 255 20.00 -16.01 -5.77
C VAL C 255 19.82 -14.65 -5.05
N TYR C 256 20.94 -14.03 -4.72
CA TYR C 256 20.93 -12.94 -3.74
C TYR C 256 20.12 -11.68 -4.06
N ASP C 257 19.83 -11.44 -5.35
CA ASP C 257 19.10 -10.20 -5.68
C ASP C 257 17.62 -10.43 -5.90
N ASN C 258 17.16 -11.65 -5.60
CA ASN C 258 15.75 -11.95 -5.81
C ASN C 258 14.91 -11.53 -4.60
N PHE C 259 14.70 -10.21 -4.47
CA PHE C 259 14.00 -9.65 -3.31
C PHE C 259 12.52 -10.05 -3.26
N ASP C 260 11.89 -10.16 -4.42
CA ASP C 260 10.53 -10.64 -4.48
C ASP C 260 10.38 -12.04 -3.87
N GLY C 261 11.27 -12.96 -4.23
CA GLY C 261 11.22 -14.31 -3.72
C GLY C 261 11.50 -14.36 -2.22
N TYR C 262 12.52 -13.62 -1.79
CA TYR C 262 12.85 -13.56 -0.36
C TYR C 262 11.66 -13.10 0.47
N ALA C 263 10.96 -12.06 0.01
CA ALA C 263 9.78 -11.56 0.71
C ALA C 263 8.71 -12.64 0.89
N GLN C 264 8.49 -13.45 -0.14
CA GLN C 264 7.58 -14.60 -0.05
C GLN C 264 8.04 -15.63 0.96
N LEU C 265 9.32 -15.96 0.93
CA LEU C 265 9.87 -16.99 1.82
C LEU C 265 9.81 -16.53 3.28
N ARG C 266 10.18 -15.28 3.50
CA ARG C 266 10.15 -14.69 4.83
C ARG C 266 8.75 -14.82 5.41
N HIS C 267 7.75 -14.51 4.59
CA HIS C 267 6.38 -14.54 5.06
C HIS C 267 5.90 -15.96 5.35
N ASP C 268 6.22 -16.89 4.45
CA ASP C 268 5.83 -18.29 4.62
C ASP C 268 6.57 -18.95 5.81
N LEU C 269 7.84 -18.60 6.03
CA LEU C 269 8.66 -19.26 7.05
C LEU C 269 8.54 -18.60 8.40
N LYS C 270 8.42 -19.42 9.44
CA LYS C 270 8.40 -18.89 10.80
C LYS C 270 9.81 -18.73 11.35
N THR C 271 10.70 -19.60 10.92
CA THR C 271 12.11 -19.51 11.25
C THR C 271 12.64 -18.25 10.57
N PRO C 272 13.52 -17.50 11.25
CA PRO C 272 14.06 -16.26 10.66
C PRO C 272 14.82 -16.51 9.35
N LEU C 273 14.68 -15.60 8.39
CA LEU C 273 15.38 -15.71 7.11
C LEU C 273 16.54 -14.73 7.13
N MET C 274 17.75 -15.22 6.90
CA MET C 274 18.97 -14.42 6.91
C MET C 274 19.55 -14.16 5.52
N ILE C 275 19.82 -12.89 5.23
CA ILE C 275 20.56 -12.52 4.02
C ILE C 275 21.53 -11.37 4.30
N GLY C 276 22.14 -10.84 3.24
CA GLY C 276 22.87 -9.59 3.37
C GLY C 276 24.35 -9.67 3.09
N GLU C 277 24.88 -10.89 3.01
CA GLU C 277 26.31 -11.02 2.75
C GLU C 277 26.67 -10.50 1.36
N ASN C 278 25.67 -10.30 0.52
CA ASN C 278 25.88 -9.78 -0.83
C ASN C 278 25.33 -8.38 -1.03
N PHE C 279 25.07 -7.68 0.07
CA PHE C 279 24.62 -6.31 0.00
C PHE C 279 25.82 -5.49 -0.39
N TYR C 280 25.72 -4.77 -1.50
CA TYR C 280 26.76 -3.82 -1.88
C TYR C 280 26.36 -2.43 -1.40
N GLY C 281 26.74 -2.12 -0.17
CA GLY C 281 26.47 -0.82 0.41
C GLY C 281 25.25 -0.79 1.30
N PRO C 282 25.20 0.21 2.19
CA PRO C 282 24.13 0.51 3.15
C PRO C 282 22.77 0.77 2.48
N ARG C 283 22.77 1.40 1.30
CA ARG C 283 21.52 1.68 0.59
C ARG C 283 20.84 0.39 0.14
N GLU C 284 21.64 -0.59 -0.22
CA GLU C 284 21.13 -1.87 -0.67
C GLU C 284 20.47 -2.60 0.50
N MET C 285 21.01 -2.41 1.71
CA MET C 285 20.39 -3.03 2.87
C MET C 285 19.05 -2.35 3.10
N HIS C 286 19.07 -1.03 2.97
CA HIS C 286 17.87 -0.21 3.10
C HIS C 286 16.78 -0.66 2.14
N GLN C 287 17.15 -0.91 0.89
CA GLN C 287 16.19 -1.41 -0.11
C GLN C 287 15.66 -2.81 0.25
N ALA C 288 16.54 -3.70 0.69
CA ALA C 288 16.11 -5.02 1.11
C ALA C 288 15.07 -4.95 2.22
N LEU C 289 15.33 -4.12 3.23
CA LEU C 289 14.40 -3.95 4.35
C LEU C 289 13.06 -3.33 3.93
N GLN C 290 13.10 -2.37 3.02
CA GLN C 290 11.86 -1.81 2.46
C GLN C 290 11.07 -2.88 1.69
N ALA C 291 11.78 -3.82 1.09
CA ALA C 291 11.12 -4.86 0.31
C ALA C 291 10.57 -5.99 1.20
N GLY C 292 10.90 -5.97 2.48
CA GLY C 292 10.51 -7.03 3.39
C GLY C 292 11.22 -8.36 3.10
N ALA C 293 12.46 -8.26 2.66
CA ALA C 293 13.23 -9.42 2.22
C ALA C 293 13.79 -10.34 3.31
N CYS C 294 13.90 -9.88 4.56
CA CYS C 294 14.57 -10.71 5.56
C CYS C 294 14.24 -10.34 7.01
N ASP C 295 14.59 -11.21 7.94
CA ASP C 295 14.43 -10.92 9.36
C ASP C 295 15.76 -10.56 10.03
N LEU C 296 16.87 -11.02 9.44
CA LEU C 296 18.21 -10.81 9.97
C LEU C 296 19.12 -10.38 8.82
N VAL C 297 20.19 -9.64 9.12
CA VAL C 297 21.14 -9.25 8.09
C VAL C 297 22.56 -9.54 8.53
N MET C 298 23.47 -9.78 7.57
CA MET C 298 24.87 -10.03 7.89
C MET C 298 25.81 -9.48 6.82
N PRO C 299 26.03 -8.16 6.84
CA PRO C 299 26.91 -7.52 5.86
C PRO C 299 28.29 -8.15 5.81
N ASP C 300 28.84 -8.21 4.60
CA ASP C 300 30.20 -8.70 4.37
C ASP C 300 31.07 -7.48 4.15
N PHE C 301 32.21 -7.44 4.81
CA PHE C 301 33.00 -6.21 4.88
C PHE C 301 33.59 -5.72 3.56
N MET C 302 33.80 -6.61 2.60
CA MET C 302 34.32 -6.16 1.31
C MET C 302 33.23 -5.69 0.38
N ARG C 303 31.98 -6.02 0.71
CA ARG C 303 30.86 -5.65 -0.16
C ARG C 303 30.09 -4.46 0.40
N ILE C 304 29.99 -4.41 1.72
CA ILE C 304 29.21 -3.38 2.38
C ILE C 304 29.97 -2.05 2.40
N GLY C 305 31.28 -2.10 2.17
CA GLY C 305 32.06 -0.88 2.10
C GLY C 305 32.97 -0.70 3.30
N GLY C 306 33.49 -1.81 3.80
CA GLY C 306 34.45 -1.76 4.89
C GLY C 306 33.83 -1.19 6.14
N VAL C 307 34.63 -0.52 6.93
CA VAL C 307 34.17 -0.02 8.21
C VAL C 307 33.22 1.13 8.02
N SER C 308 33.55 2.04 7.11
CA SER C 308 32.65 3.15 6.82
C SER C 308 31.26 2.62 6.49
N GLY C 309 31.19 1.71 5.53
CA GLY C 309 29.93 1.10 5.15
C GLY C 309 29.24 0.41 6.31
N TRP C 310 29.98 -0.37 7.09
CA TRP C 310 29.37 -1.10 8.22
C TRP C 310 28.68 -0.17 9.22
N MET C 311 29.40 0.85 9.69
CA MET C 311 28.83 1.79 10.66
C MET C 311 27.56 2.49 10.15
N ARG C 312 27.49 2.70 8.84
CA ARG C 312 26.29 3.30 8.25
C ARG C 312 25.16 2.29 8.17
N ALA C 313 25.52 1.07 7.76
CA ALA C 313 24.58 -0.04 7.73
C ALA C 313 24.01 -0.29 9.13
N ALA C 314 24.84 -0.12 10.14
CA ALA C 314 24.44 -0.34 11.52
C ALA C 314 23.44 0.72 11.99
N GLY C 315 23.53 1.92 11.40
CA GLY C 315 22.58 2.98 11.71
C GLY C 315 21.22 2.59 11.16
N VAL C 316 21.22 2.05 9.94
CA VAL C 316 19.99 1.56 9.30
C VAL C 316 19.35 0.42 10.06
N ALA C 317 20.12 -0.66 10.27
CA ALA C 317 19.63 -1.82 10.99
C ALA C 317 19.19 -1.43 12.41
N GLY C 318 19.89 -0.48 13.01
CA GLY C 318 19.56 0.00 14.33
C GLY C 318 18.20 0.70 14.37
N ALA C 319 17.90 1.47 13.34
CA ALA C 319 16.60 2.14 13.26
C ALA C 319 15.45 1.15 13.01
N TRP C 320 15.71 0.12 12.20
CA TRP C 320 14.71 -0.91 11.96
C TRP C 320 14.60 -1.87 13.15
N GLY C 321 15.67 -1.98 13.92
CA GLY C 321 15.68 -2.94 15.00
C GLY C 321 16.01 -4.35 14.51
N ILE C 322 16.59 -4.44 13.32
CA ILE C 322 17.03 -5.72 12.76
C ILE C 322 18.35 -6.16 13.36
N PRO C 323 18.39 -7.36 13.95
CA PRO C 323 19.64 -7.93 14.48
C PRO C 323 20.70 -8.10 13.40
N MET C 324 21.88 -7.55 13.63
CA MET C 324 22.93 -7.49 12.63
C MET C 324 24.10 -8.40 12.98
N SER C 325 24.42 -9.34 12.10
CA SER C 325 25.57 -10.23 12.30
C SER C 325 26.62 -9.94 11.23
N THR C 326 27.77 -10.62 11.30
CA THR C 326 28.86 -10.34 10.35
C THR C 326 29.10 -11.49 9.38
N HIS C 327 29.90 -11.24 8.37
CA HIS C 327 30.30 -12.28 7.43
C HIS C 327 31.80 -12.16 7.15
N LEU C 328 32.54 -13.24 7.39
CA LEU C 328 33.99 -13.23 7.26
C LEU C 328 34.64 -12.08 8.02
N TYR C 329 35.94 -11.91 7.84
CA TYR C 329 36.71 -10.87 8.51
C TYR C 329 36.47 -10.81 10.03
N PRO C 330 36.76 -11.91 10.74
CA PRO C 330 36.50 -11.96 12.18
C PRO C 330 37.13 -10.82 12.98
N GLU C 331 38.22 -10.23 12.50
CA GLU C 331 38.87 -9.20 13.30
C GLU C 331 38.18 -7.85 13.18
N VAL C 332 38.07 -7.33 11.97
CA VAL C 332 37.28 -6.13 11.76
C VAL C 332 35.92 -6.34 12.42
N GLY C 333 35.36 -7.53 12.21
CA GLY C 333 34.03 -7.86 12.70
C GLY C 333 33.86 -7.69 14.19
N ALA C 334 34.79 -8.22 14.96
CA ALA C 334 34.75 -8.14 16.42
C ALA C 334 34.84 -6.70 16.89
N HIS C 335 35.73 -5.93 16.26
CA HIS C 335 35.83 -4.51 16.57
C HIS C 335 34.50 -3.78 16.40
N VAL C 336 33.93 -3.83 15.20
CA VAL C 336 32.71 -3.05 14.96
C VAL C 336 31.51 -3.56 15.76
N MET C 337 31.44 -4.87 15.98
CA MET C 337 30.34 -5.47 16.75
C MET C 337 30.27 -4.92 18.17
N ARG C 338 31.43 -4.58 18.73
CA ARG C 338 31.50 -3.99 20.07
C ARG C 338 30.73 -2.68 20.10
N VAL C 339 30.60 -2.01 18.97
CA VAL C 339 29.88 -0.74 18.92
C VAL C 339 28.60 -0.81 18.07
N THR C 340 28.15 -2.02 17.75
CA THR C 340 26.94 -2.18 16.95
C THR C 340 25.70 -2.41 17.81
N GLU C 341 24.78 -1.46 17.72
CA GLU C 341 23.61 -1.43 18.58
C GLU C 341 22.80 -2.75 18.56
N THR C 342 22.63 -3.37 17.40
CA THR C 342 21.81 -4.56 17.33
C THR C 342 22.65 -5.81 17.05
N ALA C 343 23.94 -5.71 17.37
CA ALA C 343 24.85 -6.85 17.27
C ALA C 343 24.17 -8.15 17.62
N HIS C 344 24.34 -9.15 16.75
CA HIS C 344 23.69 -10.43 16.95
C HIS C 344 24.73 -11.52 17.12
N TRP C 345 25.13 -12.15 16.01
CA TRP C 345 26.21 -13.14 16.05
C TRP C 345 27.43 -12.68 15.24
N LEU C 346 28.62 -13.06 15.68
CA LEU C 346 29.82 -12.96 14.84
C LEU C 346 30.11 -14.29 14.10
N GLU C 347 30.43 -14.22 12.81
CA GLU C 347 30.79 -15.42 12.06
C GLU C 347 32.28 -15.69 12.19
N TRP C 348 32.66 -16.79 12.85
CA TRP C 348 34.08 -17.09 13.02
C TRP C 348 34.54 -18.21 12.09
N GLN C 349 35.72 -18.04 11.52
CA GLN C 349 36.39 -19.07 10.75
C GLN C 349 37.89 -18.76 10.84
N SER C 350 38.74 -19.72 10.49
CA SER C 350 40.17 -19.54 10.67
C SER C 350 40.95 -19.69 9.35
N TRP C 351 40.26 -19.51 8.25
CA TRP C 351 40.86 -19.60 6.93
C TRP C 351 41.97 -18.57 6.69
N ALA C 352 41.87 -17.43 7.37
CA ALA C 352 42.87 -16.38 7.24
C ALA C 352 43.95 -16.43 8.33
N ASP C 353 43.81 -17.35 9.27
CA ASP C 353 44.73 -17.45 10.42
C ASP C 353 46.20 -17.56 10.03
N PRO C 354 46.54 -18.51 9.14
CA PRO C 354 47.94 -18.73 8.76
C PRO C 354 48.73 -17.42 8.50
N ILE C 355 48.13 -16.42 7.86
CA ILE C 355 48.88 -15.19 7.55
C ILE C 355 48.94 -14.16 8.70
N LEU C 356 48.42 -14.53 9.85
CA LEU C 356 48.51 -13.65 11.02
C LEU C 356 49.43 -14.24 12.08
N GLN C 357 50.27 -13.40 12.66
CA GLN C 357 51.15 -13.83 13.73
C GLN C 357 50.31 -14.26 14.93
N GLU C 358 49.30 -13.46 15.23
CA GLU C 358 48.46 -13.68 16.41
C GLU C 358 46.97 -13.45 16.13
N PRO C 359 46.28 -14.51 15.70
CA PRO C 359 44.81 -14.51 15.63
C PRO C 359 44.22 -14.19 16.99
N TYR C 360 42.99 -13.69 17.02
CA TYR C 360 42.35 -13.31 18.27
C TYR C 360 42.03 -14.53 19.10
N ALA C 361 41.99 -14.35 20.42
CA ALA C 361 41.72 -15.44 21.34
C ALA C 361 40.24 -15.81 21.40
N LEU C 362 39.97 -17.09 21.65
CA LEU C 362 38.60 -17.55 21.84
C LEU C 362 38.40 -17.99 23.28
N SER C 363 37.23 -17.72 23.84
CA SER C 363 36.92 -18.15 25.20
C SER C 363 35.43 -18.44 25.40
N ASP C 364 35.08 -19.71 25.52
CA ASP C 364 33.68 -20.10 25.73
C ASP C 364 32.79 -19.63 24.57
N GLY C 365 33.35 -19.57 23.36
CA GLY C 365 32.59 -19.22 22.18
C GLY C 365 32.71 -17.78 21.74
N ASP C 366 33.10 -16.91 22.67
CA ASP C 366 33.23 -15.48 22.39
C ASP C 366 34.60 -15.19 21.82
N LEU C 367 34.66 -14.30 20.83
CA LEU C 367 35.93 -13.88 20.27
C LEU C 367 36.42 -12.67 21.05
N ILE C 368 37.70 -12.65 21.39
CA ILE C 368 38.23 -11.62 22.26
C ILE C 368 38.98 -10.54 21.49
N VAL C 369 38.40 -9.36 21.41
CA VAL C 369 39.11 -8.22 20.85
C VAL C 369 40.24 -7.89 21.83
N PRO C 370 41.49 -7.95 21.34
CA PRO C 370 42.67 -7.67 22.17
C PRO C 370 42.85 -6.18 22.43
N ASP C 371 43.73 -5.84 23.37
CA ASP C 371 44.00 -4.46 23.70
C ASP C 371 45.17 -3.91 22.87
N LYS C 372 45.16 -4.20 21.58
CA LYS C 372 46.19 -3.72 20.65
C LYS C 372 45.64 -2.57 19.82
N PRO C 373 46.54 -1.71 19.29
CA PRO C 373 46.07 -0.57 18.50
C PRO C 373 45.58 -1.03 17.12
N GLY C 374 44.72 -0.25 16.48
CA GLY C 374 44.15 -0.63 15.19
C GLY C 374 43.39 -1.95 15.27
N LEU C 375 43.63 -2.82 14.29
CA LEU C 375 43.06 -4.16 14.29
C LEU C 375 43.98 -5.14 15.00
N GLY C 376 45.24 -4.73 15.17
CA GLY C 376 46.23 -5.58 15.80
C GLY C 376 46.71 -6.69 14.88
N LEU C 377 46.68 -6.44 13.57
CA LEU C 377 47.19 -7.43 12.63
C LEU C 377 48.69 -7.24 12.36
N ASP C 378 49.42 -8.35 12.36
CA ASP C 378 50.80 -8.40 11.88
C ASP C 378 50.95 -9.62 10.98
N TRP C 379 51.56 -9.45 9.82
CA TRP C 379 51.70 -10.55 8.87
C TRP C 379 52.80 -11.53 9.29
N ASP C 380 52.55 -12.81 9.09
CA ASP C 380 53.58 -13.84 9.17
C ASP C 380 54.20 -13.96 7.78
N GLU C 381 55.26 -13.18 7.54
CA GLU C 381 55.84 -13.02 6.22
C GLU C 381 56.46 -14.31 5.65
N ASP C 382 56.67 -15.29 6.51
CA ASP C 382 57.14 -16.60 6.07
C ASP C 382 56.05 -17.30 5.27
N VAL C 383 54.86 -17.40 5.87
CA VAL C 383 53.72 -18.02 5.23
C VAL C 383 53.30 -17.23 3.98
N VAL C 384 53.32 -15.91 4.09
CA VAL C 384 53.09 -15.06 2.93
C VAL C 384 54.02 -15.46 1.76
N ALA C 385 55.33 -15.43 2.01
CA ALA C 385 56.31 -15.81 1.00
C ALA C 385 56.07 -17.23 0.48
N ALA C 386 55.74 -18.15 1.38
CA ALA C 386 55.41 -19.52 0.99
C ALA C 386 54.17 -19.62 0.09
N ASN C 387 53.22 -18.72 0.27
CA ASN C 387 51.97 -18.78 -0.50
C ASN C 387 51.69 -17.61 -1.45
N LEU C 388 52.70 -16.78 -1.72
CA LEU C 388 52.53 -15.62 -2.62
C LEU C 388 52.15 -16.10 -4.02
N VAL C 389 51.89 -15.17 -4.94
CA VAL C 389 51.48 -15.57 -6.30
C VAL C 389 52.50 -15.18 -7.38
N THR D 27 17.90 -12.63 -47.57
CA THR D 27 16.50 -12.20 -47.47
C THR D 27 15.51 -13.36 -47.43
N LEU D 28 14.33 -13.10 -46.84
CA LEU D 28 13.31 -14.13 -46.61
C LEU D 28 11.92 -13.51 -46.74
N THR D 29 11.10 -14.04 -47.64
CA THR D 29 9.83 -13.39 -47.98
C THR D 29 8.61 -14.32 -47.88
N PHE D 30 7.57 -13.83 -47.22
CA PHE D 30 6.35 -14.60 -46.99
C PHE D 30 5.52 -14.72 -48.28
N ARG D 31 5.20 -15.96 -48.66
CA ARG D 31 4.33 -16.19 -49.81
C ARG D 31 2.89 -16.52 -49.42
N LYS D 32 2.70 -17.60 -48.68
CA LYS D 32 1.37 -17.95 -48.20
C LYS D 32 1.41 -18.91 -47.02
N LEU D 33 0.25 -19.13 -46.44
CA LEU D 33 0.14 -19.98 -45.28
C LEU D 33 -1.07 -20.86 -45.48
N THR D 34 -0.92 -22.14 -45.18
CA THR D 34 -2.02 -23.08 -45.26
C THR D 34 -2.36 -23.58 -43.86
N ALA D 35 -3.65 -23.57 -43.54
CA ALA D 35 -4.13 -24.09 -42.26
C ALA D 35 -5.06 -25.24 -42.53
N ARG D 36 -4.69 -26.44 -42.09
CA ARG D 36 -5.52 -27.62 -42.26
C ARG D 36 -6.00 -28.22 -40.94
N PRO D 37 -7.33 -28.25 -40.75
CA PRO D 37 -7.98 -28.79 -39.55
C PRO D 37 -8.01 -30.31 -39.52
N VAL D 38 -7.57 -30.90 -38.41
CA VAL D 38 -7.71 -32.35 -38.20
C VAL D 38 -8.33 -32.65 -36.83
N LEU D 39 -8.87 -33.85 -36.68
CA LEU D 39 -9.46 -34.28 -35.42
C LEU D 39 -8.98 -35.67 -35.08
N LEU D 40 -8.23 -35.77 -33.99
CA LEU D 40 -7.63 -37.05 -33.58
C LEU D 40 -8.46 -37.76 -32.51
N LYS D 41 -8.43 -39.09 -32.55
CA LYS D 41 -9.00 -39.90 -31.47
C LYS D 41 -7.97 -40.07 -30.34
N LEU D 42 -8.24 -39.45 -29.19
CA LEU D 42 -7.33 -39.58 -28.05
C LEU D 42 -7.14 -41.05 -27.63
N GLN D 43 -5.90 -41.39 -27.27
CA GLN D 43 -5.58 -42.71 -26.74
C GLN D 43 -6.22 -42.94 -25.38
N ARG D 44 -6.21 -41.89 -24.55
CA ARG D 44 -6.84 -41.94 -23.25
C ARG D 44 -7.84 -40.79 -23.18
N PRO D 45 -9.14 -41.09 -23.26
CA PRO D 45 -10.13 -40.01 -23.29
C PRO D 45 -10.10 -39.15 -22.04
N VAL D 46 -10.29 -37.85 -22.24
CA VAL D 46 -10.44 -36.91 -21.15
C VAL D 46 -11.74 -37.18 -20.40
N THR D 47 -11.62 -37.73 -19.21
CA THR D 47 -12.76 -38.01 -18.36
C THR D 47 -12.90 -36.92 -17.32
N ALA D 48 -13.53 -35.81 -17.67
CA ALA D 48 -13.79 -34.75 -16.70
C ALA D 48 -15.08 -35.08 -15.95
N ARG D 49 -15.54 -34.15 -15.10
CA ARG D 49 -16.76 -34.38 -14.32
C ARG D 49 -18.03 -34.24 -15.18
N ILE D 50 -18.10 -33.19 -15.99
CA ILE D 50 -19.27 -32.94 -16.81
C ILE D 50 -19.46 -33.98 -17.93
N ALA D 51 -18.39 -34.32 -18.62
CA ALA D 51 -18.46 -35.29 -19.71
C ALA D 51 -17.11 -35.86 -20.10
N THR D 52 -17.14 -36.94 -20.87
CA THR D 52 -15.94 -37.56 -21.42
C THR D 52 -15.65 -37.01 -22.82
N ILE D 53 -14.44 -36.46 -23.00
CA ILE D 53 -14.04 -35.89 -24.28
C ILE D 53 -13.01 -36.78 -24.99
N PRO D 54 -13.41 -37.43 -26.10
CA PRO D 54 -12.57 -38.41 -26.79
C PRO D 54 -11.78 -37.84 -27.96
N ASP D 55 -12.14 -36.64 -28.42
CA ASP D 55 -11.53 -36.06 -29.61
C ASP D 55 -10.63 -34.84 -29.34
N TRP D 56 -9.55 -34.74 -30.10
CA TRP D 56 -8.55 -33.70 -29.91
C TRP D 56 -8.28 -32.99 -31.23
N PRO D 57 -8.67 -31.71 -31.33
CA PRO D 57 -8.49 -30.95 -32.57
C PRO D 57 -7.09 -30.36 -32.71
N LEU D 58 -6.61 -30.25 -33.95
CA LEU D 58 -5.30 -29.69 -34.28
C LEU D 58 -5.40 -28.92 -35.58
N ILE D 59 -4.78 -27.76 -35.64
CA ILE D 59 -4.68 -27.04 -36.91
C ILE D 59 -3.22 -27.04 -37.39
N LEU D 60 -2.97 -27.70 -38.52
CA LEU D 60 -1.62 -27.81 -39.04
C LEU D 60 -1.33 -26.59 -39.89
N ILE D 61 -0.18 -25.98 -39.65
CA ILE D 61 0.18 -24.76 -40.35
C ILE D 61 1.45 -24.96 -41.17
N ASP D 62 1.33 -24.73 -42.49
CA ASP D 62 2.46 -24.78 -43.40
C ASP D 62 2.66 -23.41 -44.05
N ILE D 63 3.84 -22.84 -43.85
CA ILE D 63 4.20 -21.57 -44.46
C ILE D 63 5.13 -21.79 -45.65
N GLU D 64 4.90 -21.03 -46.72
CA GLU D 64 5.78 -21.06 -47.89
C GLU D 64 6.46 -19.70 -48.02
N THR D 65 7.73 -19.69 -48.40
CA THR D 65 8.39 -18.44 -48.71
C THR D 65 8.74 -18.36 -50.19
N GLU D 66 9.01 -17.16 -50.70
CA GLU D 66 9.45 -16.99 -52.08
C GLU D 66 10.79 -17.66 -52.32
N GLU D 67 11.55 -17.87 -51.26
CA GLU D 67 12.88 -18.45 -51.37
C GLU D 67 12.88 -19.98 -51.19
N GLY D 68 11.69 -20.55 -51.04
CA GLY D 68 11.57 -22.00 -50.93
C GLY D 68 11.74 -22.57 -49.53
N VAL D 69 12.03 -21.72 -48.54
CA VAL D 69 12.17 -22.18 -47.15
C VAL D 69 10.80 -22.33 -46.52
N PRO D 70 10.49 -23.52 -45.99
CA PRO D 70 9.19 -23.85 -45.41
C PRO D 70 9.10 -23.55 -43.90
N GLY D 71 7.88 -23.42 -43.39
CA GLY D 71 7.61 -23.28 -41.97
C GLY D 71 6.49 -24.22 -41.55
N ARG D 72 6.67 -24.89 -40.41
CA ARG D 72 5.71 -25.87 -39.94
C ARG D 72 5.51 -25.81 -38.42
N ALA D 73 4.27 -25.57 -38.00
CA ALA D 73 3.90 -25.68 -36.59
C ALA D 73 2.42 -26.04 -36.51
N TYR D 74 1.92 -26.24 -35.29
CA TYR D 74 0.51 -26.59 -35.11
C TYR D 74 -0.14 -25.86 -33.94
N LEU D 75 -1.47 -25.79 -33.99
CA LEU D 75 -2.26 -25.22 -32.92
C LEU D 75 -3.08 -26.34 -32.31
N GLU D 76 -3.31 -26.25 -30.99
CA GLU D 76 -4.18 -27.19 -30.27
C GLU D 76 -5.31 -26.42 -29.58
N PRO D 77 -6.38 -26.12 -30.33
CA PRO D 77 -7.38 -25.15 -29.82
C PRO D 77 -8.50 -25.76 -28.97
N TYR D 78 -8.45 -27.04 -28.63
CA TYR D 78 -9.43 -27.66 -27.72
C TYR D 78 -10.83 -27.92 -28.29
N VAL D 79 -11.49 -26.84 -28.73
CA VAL D 79 -12.89 -26.86 -29.20
C VAL D 79 -12.98 -27.04 -30.72
N PRO D 80 -13.38 -28.23 -31.20
CA PRO D 80 -13.37 -28.48 -32.64
C PRO D 80 -14.17 -27.49 -33.47
N LYS D 81 -15.33 -27.03 -32.99
CA LYS D 81 -16.11 -26.03 -33.72
C LYS D 81 -15.32 -24.73 -33.97
N ALA D 82 -14.32 -24.48 -33.12
CA ALA D 82 -13.60 -23.23 -33.19
C ALA D 82 -12.69 -23.18 -34.41
N MET D 83 -12.29 -24.34 -34.93
CA MET D 83 -11.45 -24.36 -36.13
C MET D 83 -12.10 -23.62 -37.30
N LYS D 84 -13.43 -23.66 -37.35
CA LYS D 84 -14.14 -22.94 -38.40
C LYS D 84 -14.10 -21.41 -38.21
N TYR D 85 -13.60 -20.95 -37.06
CA TYR D 85 -13.39 -19.52 -36.90
C TYR D 85 -11.92 -19.19 -37.11
N LEU D 86 -11.05 -20.16 -36.75
CA LEU D 86 -9.60 -19.96 -36.79
C LEU D 86 -8.98 -20.13 -38.18
N VAL D 87 -9.42 -21.14 -38.92
CA VAL D 87 -8.90 -21.35 -40.28
C VAL D 87 -9.15 -20.12 -41.17
N PRO D 88 -10.41 -19.65 -41.23
CA PRO D 88 -10.66 -18.38 -41.93
C PRO D 88 -9.79 -17.23 -41.43
N ALA D 89 -9.51 -17.16 -40.13
CA ALA D 89 -8.74 -16.05 -39.57
C ALA D 89 -7.27 -16.13 -39.98
N LEU D 90 -6.75 -17.35 -40.04
CA LEU D 90 -5.39 -17.63 -40.48
C LEU D 90 -5.24 -17.27 -41.96
N HIS D 91 -6.21 -17.70 -42.78
CA HIS D 91 -6.13 -17.41 -44.21
C HIS D 91 -6.27 -15.92 -44.49
N ASP D 92 -7.02 -15.20 -43.67
CA ASP D 92 -7.05 -13.75 -43.78
C ASP D 92 -5.71 -13.12 -43.43
N MET D 93 -5.02 -13.70 -42.45
CA MET D 93 -3.68 -13.24 -42.12
C MET D 93 -2.70 -13.55 -43.26
N SER D 94 -2.85 -14.71 -43.86
CA SER D 94 -2.05 -15.08 -45.01
C SER D 94 -2.17 -14.00 -46.09
N ASP D 95 -3.41 -13.64 -46.45
CA ASP D 95 -3.63 -12.67 -47.50
C ASP D 95 -2.98 -11.34 -47.17
N MET D 96 -3.08 -10.97 -45.91
CA MET D 96 -2.60 -9.68 -45.44
C MET D 96 -1.06 -9.64 -45.40
N LEU D 97 -0.43 -10.80 -45.20
CA LEU D 97 1.01 -10.89 -45.04
C LEU D 97 1.76 -11.14 -46.35
N ALA D 98 1.03 -11.62 -47.36
CA ALA D 98 1.62 -11.97 -48.66
C ALA D 98 2.61 -10.93 -49.16
N GLY D 99 3.79 -11.38 -49.57
CA GLY D 99 4.81 -10.50 -50.12
C GLY D 99 5.68 -9.79 -49.11
N GLN D 100 5.29 -9.79 -47.84
CA GLN D 100 6.07 -9.10 -46.83
C GLN D 100 7.23 -9.94 -46.27
N PRO D 101 8.22 -9.27 -45.66
CA PRO D 101 9.36 -10.00 -45.08
C PRO D 101 8.88 -10.98 -44.02
N LEU D 102 9.46 -12.18 -44.04
CA LEU D 102 9.18 -13.22 -43.08
C LEU D 102 10.00 -12.93 -41.83
N ALA D 103 9.51 -12.00 -41.02
CA ALA D 103 10.19 -11.57 -39.81
C ALA D 103 9.18 -11.65 -38.66
N PRO D 104 9.35 -12.66 -37.78
CA PRO D 104 8.38 -12.95 -36.70
C PRO D 104 7.96 -11.73 -35.91
N ALA D 105 8.91 -10.91 -35.44
CA ALA D 105 8.55 -9.79 -34.58
C ALA D 105 7.72 -8.74 -35.33
N GLU D 106 8.01 -8.55 -36.62
CA GLU D 106 7.20 -7.61 -37.40
C GLU D 106 5.84 -8.20 -37.67
N ILE D 107 5.82 -9.49 -37.95
CA ILE D 107 4.56 -10.16 -38.22
C ILE D 107 3.66 -10.22 -36.97
N TYR D 108 4.26 -10.46 -35.82
CA TYR D 108 3.51 -10.49 -34.57
C TYR D 108 2.79 -9.17 -34.32
N ASP D 109 3.43 -8.08 -34.73
CA ASP D 109 2.83 -6.76 -34.63
C ASP D 109 1.67 -6.55 -35.61
N LYS D 110 1.89 -6.88 -36.88
CA LYS D 110 0.84 -6.69 -37.89
C LYS D 110 -0.40 -7.60 -37.67
N THR D 111 -0.18 -8.82 -37.22
CA THR D 111 -1.31 -9.73 -36.99
C THR D 111 -2.20 -9.28 -35.84
N ARG D 112 -1.58 -8.86 -34.74
CA ARG D 112 -2.31 -8.37 -33.58
C ARG D 112 -3.04 -7.07 -33.91
N LYS D 113 -2.33 -6.15 -34.56
CA LYS D 113 -2.92 -4.86 -34.87
C LYS D 113 -4.17 -5.05 -35.73
N SER D 114 -4.13 -6.01 -36.65
CA SER D 114 -5.25 -6.20 -37.59
C SER D 114 -6.57 -6.58 -36.89
N LEU D 115 -6.50 -7.24 -35.74
CA LEU D 115 -7.71 -7.59 -35.04
C LEU D 115 -7.93 -6.89 -33.68
N HIS D 116 -7.16 -5.83 -33.41
CA HIS D 116 -7.26 -5.19 -32.09
C HIS D 116 -8.72 -4.78 -31.76
N PHE D 117 -9.48 -4.37 -32.77
CA PHE D 117 -10.88 -4.05 -32.59
C PHE D 117 -11.76 -5.21 -32.10
N VAL D 118 -11.38 -6.44 -32.43
CA VAL D 118 -12.12 -7.55 -31.87
C VAL D 118 -11.28 -8.21 -30.75
N GLY D 119 -10.42 -7.42 -30.12
CA GLY D 119 -9.70 -7.87 -28.94
C GLY D 119 -8.31 -8.40 -29.19
N TYR D 120 -7.36 -8.05 -28.31
CA TYR D 120 -6.03 -8.63 -28.33
C TYR D 120 -6.05 -10.04 -27.75
N ALA D 121 -6.96 -10.28 -26.80
CA ALA D 121 -7.01 -11.57 -26.13
C ALA D 121 -8.03 -12.51 -26.81
N GLY D 122 -7.94 -13.81 -26.54
CA GLY D 122 -8.86 -14.78 -27.11
C GLY D 122 -8.54 -15.23 -28.53
N LEU D 123 -9.58 -15.48 -29.33
CA LEU D 123 -9.40 -16.01 -30.70
C LEU D 123 -8.38 -15.25 -31.57
N SER D 124 -8.38 -13.91 -31.47
CA SER D 124 -7.39 -13.08 -32.17
C SER D 124 -5.95 -13.54 -31.87
N MET D 125 -5.63 -13.56 -30.57
CA MET D 125 -4.31 -13.97 -30.12
C MET D 125 -3.97 -15.36 -30.62
N ILE D 126 -4.95 -16.26 -30.61
CA ILE D 126 -4.73 -17.64 -30.95
C ILE D 126 -4.30 -17.82 -32.40
N ALA D 127 -4.96 -17.12 -33.32
CA ALA D 127 -4.53 -17.11 -34.73
C ALA D 127 -3.12 -16.52 -34.90
N ALA D 128 -2.86 -15.40 -34.23
CA ALA D 128 -1.56 -14.73 -34.32
C ALA D 128 -0.43 -15.61 -33.78
N SER D 129 -0.74 -16.42 -32.78
CA SER D 129 0.23 -17.32 -32.15
C SER D 129 0.60 -18.50 -33.05
N GLY D 130 -0.35 -18.98 -33.84
CA GLY D 130 -0.07 -20.05 -34.79
C GLY D 130 0.80 -19.56 -35.92
N VAL D 131 0.52 -18.37 -36.44
CA VAL D 131 1.40 -17.74 -37.44
C VAL D 131 2.81 -17.62 -36.85
N ASP D 132 2.90 -17.07 -35.65
CA ASP D 132 4.19 -16.82 -35.01
C ASP D 132 5.10 -18.04 -34.88
N MET D 133 4.55 -19.15 -34.38
CA MET D 133 5.32 -20.37 -34.21
C MET D 133 5.86 -20.88 -35.55
N ALA D 134 5.02 -20.84 -36.58
CA ALA D 134 5.43 -21.31 -37.91
C ALA D 134 6.46 -20.39 -38.58
N VAL D 135 6.32 -19.07 -38.42
CA VAL D 135 7.33 -18.19 -39.01
C VAL D 135 8.69 -18.27 -38.28
N TRP D 136 8.69 -18.45 -36.96
CA TRP D 136 9.96 -18.72 -36.28
C TRP D 136 10.53 -20.05 -36.76
N ASP D 137 9.66 -20.99 -37.13
CA ASP D 137 10.16 -22.24 -37.65
C ASP D 137 10.91 -21.97 -38.95
N ALA D 138 10.26 -21.22 -39.85
CA ALA D 138 10.87 -20.86 -41.12
C ALA D 138 12.18 -20.09 -40.95
N LEU D 139 12.24 -19.18 -39.99
CA LEU D 139 13.45 -18.39 -39.79
C LEU D 139 14.61 -19.26 -39.35
N ALA D 140 14.35 -20.20 -38.45
CA ALA D 140 15.37 -21.11 -37.97
C ALA D 140 15.83 -22.05 -39.08
N ARG D 141 14.88 -22.55 -39.88
CA ARG D 141 15.25 -23.34 -41.05
C ARG D 141 16.14 -22.51 -41.98
N ALA D 142 15.76 -21.26 -42.21
CA ALA D 142 16.52 -20.41 -43.11
C ALA D 142 17.95 -20.24 -42.63
N ALA D 143 18.16 -20.32 -41.31
CA ALA D 143 19.49 -20.17 -40.76
C ALA D 143 20.15 -21.53 -40.68
N ASN D 144 19.45 -22.55 -41.16
CA ASN D 144 19.84 -23.93 -40.93
C ASN D 144 20.20 -24.22 -39.46
N MET D 145 19.40 -23.68 -38.55
CA MET D 145 19.59 -23.88 -37.11
C MET D 145 18.33 -24.45 -36.45
N PRO D 146 18.51 -25.34 -35.46
CA PRO D 146 17.40 -25.69 -34.59
C PRO D 146 16.87 -24.42 -33.92
N LEU D 147 15.57 -24.35 -33.60
CA LEU D 147 15.00 -23.13 -33.02
C LEU D 147 15.75 -22.69 -31.76
N CYS D 148 15.99 -23.61 -30.84
CA CYS D 148 16.66 -23.23 -29.59
C CYS D 148 18.00 -22.56 -29.89
N THR D 149 18.65 -23.00 -30.96
CA THR D 149 19.97 -22.48 -31.36
C THR D 149 19.89 -21.07 -31.94
N LEU D 150 18.94 -20.86 -32.84
CA LEU D 150 18.61 -19.52 -33.32
C LEU D 150 18.26 -18.57 -32.17
N LEU D 151 17.66 -19.10 -31.11
CA LEU D 151 17.28 -18.30 -29.94
C LEU D 151 18.43 -18.15 -28.95
N GLY D 152 19.58 -18.76 -29.24
CA GLY D 152 20.76 -18.52 -28.44
C GLY D 152 21.20 -19.65 -27.53
N GLY D 153 20.53 -20.79 -27.58
CA GLY D 153 20.94 -21.94 -26.78
C GLY D 153 21.48 -23.07 -27.65
N THR D 154 21.28 -24.30 -27.20
CA THR D 154 21.62 -25.47 -28.00
C THR D 154 20.63 -26.61 -27.72
N PRO D 155 20.54 -27.58 -28.66
CA PRO D 155 19.72 -28.77 -28.40
C PRO D 155 20.20 -29.46 -27.14
N GLY D 156 19.30 -30.18 -26.48
CA GLY D 156 19.61 -30.87 -25.24
C GLY D 156 18.34 -31.44 -24.64
N SER D 157 18.39 -31.75 -23.35
CA SER D 157 17.27 -32.41 -22.72
C SER D 157 16.57 -31.42 -21.81
N VAL D 158 15.27 -31.61 -21.65
CA VAL D 158 14.44 -30.77 -20.80
C VAL D 158 13.62 -31.66 -19.87
N LYS D 159 13.79 -31.48 -18.56
CA LYS D 159 13.04 -32.30 -17.60
C LYS D 159 11.54 -32.10 -17.79
N ALA D 160 10.81 -33.20 -17.89
CA ALA D 160 9.38 -33.15 -18.23
C ALA D 160 8.51 -33.91 -17.24
N TYR D 161 7.21 -33.66 -17.29
CA TYR D 161 6.25 -34.45 -16.51
C TYR D 161 5.14 -34.91 -17.43
N ASN D 162 4.43 -35.95 -17.04
CA ASN D 162 3.52 -36.60 -17.97
C ASN D 162 2.10 -36.20 -17.72
N SER D 163 1.46 -35.58 -18.70
CA SER D 163 0.08 -35.15 -18.50
C SER D 163 -0.89 -35.85 -19.42
N ASN D 164 -0.54 -37.06 -19.83
CA ASN D 164 -1.39 -37.84 -20.72
C ASN D 164 -2.73 -38.27 -20.13
N GLY D 165 -2.84 -38.36 -18.80
CA GLY D 165 -4.06 -38.87 -18.21
C GLY D 165 -4.24 -38.61 -16.73
N LEU D 166 -4.53 -39.67 -15.98
CA LEU D 166 -4.90 -39.53 -14.57
C LEU D 166 -6.12 -38.59 -14.44
N TRP D 167 -7.07 -38.75 -15.36
CA TRP D 167 -8.38 -38.13 -15.24
C TRP D 167 -9.25 -38.71 -14.13
N LEU D 168 -10.54 -38.36 -14.14
CA LEU D 168 -11.40 -38.55 -12.98
C LEU D 168 -12.01 -39.94 -12.86
N LYS D 169 -11.18 -40.98 -13.03
CA LYS D 169 -11.65 -42.35 -12.88
C LYS D 169 -11.50 -42.78 -11.42
N SER D 170 -11.75 -44.06 -11.13
CA SER D 170 -11.59 -44.55 -9.76
C SER D 170 -10.12 -44.54 -9.34
N PRO D 171 -9.87 -44.42 -8.03
CA PRO D 171 -8.50 -44.42 -7.47
C PRO D 171 -7.67 -45.62 -7.95
N ALA D 172 -8.24 -46.82 -7.92
CA ALA D 172 -7.47 -47.99 -8.33
C ALA D 172 -7.18 -47.95 -9.82
N GLU D 173 -8.10 -47.38 -10.59
CA GLU D 173 -7.88 -47.23 -12.02
C GLU D 173 -6.81 -46.17 -12.35
N VAL D 174 -6.78 -45.09 -11.58
CA VAL D 174 -5.79 -44.04 -11.81
C VAL D 174 -4.39 -44.52 -11.37
N ALA D 175 -4.33 -45.24 -10.25
CA ALA D 175 -3.07 -45.80 -9.78
C ALA D 175 -2.45 -46.73 -10.83
N ALA D 176 -3.25 -47.61 -11.43
CA ALA D 176 -2.73 -48.45 -12.53
C ALA D 176 -2.25 -47.63 -13.74
N GLU D 177 -3.09 -46.72 -14.22
CA GLU D 177 -2.70 -45.83 -15.31
C GLU D 177 -1.40 -45.06 -14.99
N ALA D 178 -1.25 -44.66 -13.73
CA ALA D 178 -0.03 -43.94 -13.33
C ALA D 178 1.23 -44.76 -13.57
N VAL D 179 1.18 -46.05 -13.23
CA VAL D 179 2.32 -46.94 -13.52
C VAL D 179 2.73 -46.85 -14.98
N GLU D 180 1.76 -46.97 -15.88
CA GLU D 180 2.03 -46.88 -17.32
C GLU D 180 2.62 -45.52 -17.70
N LEU D 181 2.05 -44.44 -17.16
CA LEU D 181 2.48 -43.10 -17.56
C LEU D 181 3.92 -42.83 -17.14
N LYS D 182 4.29 -43.28 -15.94
CA LYS D 182 5.64 -43.09 -15.50
C LYS D 182 6.56 -43.78 -16.48
N ALA D 183 6.18 -44.98 -16.88
CA ALA D 183 6.99 -45.79 -17.81
C ALA D 183 7.15 -45.18 -19.21
N GLU D 184 6.21 -44.34 -19.63
CA GLU D 184 6.31 -43.71 -20.96
C GLU D 184 7.56 -42.81 -21.01
N GLY D 185 8.05 -42.42 -19.83
CA GLY D 185 9.24 -41.60 -19.75
C GLY D 185 10.55 -42.29 -20.15
N GLN D 186 10.50 -43.62 -20.30
CA GLN D 186 11.66 -44.43 -20.69
C GLN D 186 12.70 -44.52 -19.58
N GLY D 187 13.52 -45.56 -19.61
CA GLY D 187 14.58 -45.70 -18.61
C GLY D 187 14.01 -45.67 -17.21
N THR D 188 14.50 -44.73 -16.39
CA THR D 188 14.01 -44.61 -15.03
C THR D 188 12.64 -43.92 -14.94
N GLY D 189 12.12 -43.47 -16.09
CA GLY D 189 10.78 -42.91 -16.20
C GLY D 189 10.59 -41.44 -15.80
N PHE D 190 9.37 -40.95 -15.95
CA PHE D 190 9.01 -39.58 -15.56
C PHE D 190 9.19 -39.34 -14.06
N LYS D 191 9.74 -38.19 -13.72
CA LYS D 191 9.87 -37.79 -12.32
C LYS D 191 8.63 -37.02 -11.85
N GLY D 192 7.66 -36.83 -12.75
CA GLY D 192 6.43 -36.17 -12.34
C GLY D 192 5.26 -36.54 -13.19
N LEU D 193 4.06 -36.53 -12.59
CA LEU D 193 2.83 -36.86 -13.31
C LEU D 193 1.78 -35.80 -12.99
N LYS D 194 0.99 -35.41 -13.98
CA LYS D 194 -0.16 -34.57 -13.66
C LYS D 194 -1.36 -35.41 -13.27
N LEU D 195 -1.94 -35.07 -12.14
CA LEU D 195 -3.11 -35.76 -11.61
C LEU D 195 -4.28 -34.78 -11.51
N ARG D 196 -5.37 -35.08 -12.19
CA ARG D 196 -6.54 -34.24 -12.15
C ARG D 196 -7.40 -34.48 -10.92
N MET D 197 -7.88 -33.41 -10.30
CA MET D 197 -8.81 -33.52 -9.19
C MET D 197 -10.11 -32.78 -9.45
N GLY D 198 -11.09 -32.98 -8.57
CA GLY D 198 -12.37 -32.33 -8.73
C GLY D 198 -13.59 -33.24 -8.63
N ARG D 199 -13.40 -34.46 -8.14
CA ARG D 199 -14.53 -35.38 -7.96
C ARG D 199 -15.60 -34.80 -7.03
N ASP D 200 -16.83 -35.26 -7.15
CA ASP D 200 -17.91 -34.78 -6.29
C ASP D 200 -17.56 -34.89 -4.82
N ASP D 201 -16.82 -35.95 -4.47
CA ASP D 201 -16.42 -36.18 -3.09
C ASP D 201 -14.91 -35.96 -2.96
N PRO D 202 -14.51 -34.86 -2.30
CA PRO D 202 -13.11 -34.48 -2.07
C PRO D 202 -12.24 -35.63 -1.51
N ALA D 203 -12.79 -36.43 -0.61
CA ALA D 203 -12.06 -37.59 -0.05
C ALA D 203 -11.59 -38.58 -1.11
N VAL D 204 -12.35 -38.73 -2.19
CA VAL D 204 -11.92 -39.59 -3.27
C VAL D 204 -10.74 -38.98 -4.07
N ASP D 205 -10.69 -37.66 -4.19
CA ASP D 205 -9.52 -37.01 -4.77
C ASP D 205 -8.26 -37.38 -3.98
N ILE D 206 -8.38 -37.34 -2.67
CA ILE D 206 -7.24 -37.58 -1.80
C ILE D 206 -6.86 -39.07 -1.85
N GLU D 207 -7.87 -39.92 -1.76
CA GLU D 207 -7.67 -41.35 -1.96
C GLU D 207 -6.92 -41.64 -3.26
N THR D 208 -7.21 -40.88 -4.31
CA THR D 208 -6.58 -41.11 -5.60
C THR D 208 -5.10 -40.74 -5.56
N ALA D 209 -4.79 -39.61 -4.94
CA ALA D 209 -3.40 -39.22 -4.80
C ALA D 209 -2.64 -40.29 -4.03
N GLU D 210 -3.22 -40.76 -2.92
CA GLU D 210 -2.56 -41.77 -2.10
C GLU D 210 -2.36 -43.08 -2.84
N ALA D 211 -3.32 -43.45 -3.69
CA ALA D 211 -3.20 -44.70 -4.46
C ALA D 211 -2.10 -44.59 -5.48
N VAL D 212 -2.06 -43.44 -6.16
CA VAL D 212 -1.06 -43.17 -7.18
C VAL D 212 0.35 -43.21 -6.59
N TRP D 213 0.56 -42.48 -5.50
CA TRP D 213 1.83 -42.49 -4.80
C TRP D 213 2.23 -43.87 -4.29
N ASP D 214 1.25 -44.66 -3.82
CA ASP D 214 1.55 -46.03 -3.40
C ASP D 214 2.09 -46.81 -4.59
N ALA D 215 1.36 -46.74 -5.70
CA ALA D 215 1.74 -47.45 -6.92
C ALA D 215 3.11 -47.09 -7.50
N VAL D 216 3.36 -45.80 -7.75
CA VAL D 216 4.58 -45.39 -8.45
C VAL D 216 5.69 -44.92 -7.52
N GLY D 217 5.37 -44.68 -6.26
CA GLY D 217 6.35 -44.26 -5.28
C GLY D 217 6.26 -42.78 -4.95
N ARG D 218 6.45 -42.44 -3.68
CA ARG D 218 6.28 -41.06 -3.25
C ARG D 218 7.39 -40.15 -3.73
N ASP D 219 8.44 -40.70 -4.30
CA ASP D 219 9.48 -39.85 -4.84
C ASP D 219 9.02 -39.19 -6.13
N THR D 220 7.91 -39.66 -6.68
CA THR D 220 7.38 -39.11 -7.91
C THR D 220 6.61 -37.84 -7.61
N ALA D 221 7.01 -36.72 -8.21
CA ALA D 221 6.26 -35.46 -8.06
C ALA D 221 4.85 -35.59 -8.64
N LEU D 222 3.86 -35.05 -7.93
CA LEU D 222 2.48 -34.99 -8.43
C LEU D 222 2.06 -33.53 -8.57
N MET D 223 1.68 -33.13 -9.77
CA MET D 223 1.12 -31.82 -10.00
C MET D 223 -0.39 -31.96 -10.09
N VAL D 224 -1.12 -31.34 -9.17
CA VAL D 224 -2.59 -31.45 -9.15
C VAL D 224 -3.29 -30.32 -9.91
N ASP D 225 -4.21 -30.68 -10.81
CA ASP D 225 -4.94 -29.70 -11.61
C ASP D 225 -6.47 -29.82 -11.42
N PHE D 226 -7.12 -28.73 -11.06
CA PHE D 226 -8.58 -28.69 -10.84
C PHE D 226 -9.30 -28.13 -12.06
N ASN D 227 -8.53 -27.65 -13.04
CA ASN D 227 -9.12 -27.12 -14.27
C ASN D 227 -10.28 -26.15 -14.01
N GLN D 228 -10.05 -25.20 -13.12
CA GLN D 228 -10.99 -24.10 -12.86
C GLN D 228 -12.37 -24.57 -12.40
N GLY D 229 -12.48 -25.82 -11.93
CA GLY D 229 -13.78 -26.39 -11.62
C GLY D 229 -14.43 -26.00 -10.30
N LEU D 230 -13.74 -25.19 -9.49
CA LEU D 230 -14.25 -24.85 -8.17
C LEU D 230 -14.63 -23.37 -8.06
N ASP D 231 -15.68 -23.06 -7.29
CA ASP D 231 -15.89 -21.67 -6.87
C ASP D 231 -14.99 -21.39 -5.65
N MET D 232 -14.84 -20.13 -5.27
CA MET D 232 -13.96 -19.75 -4.17
C MET D 232 -14.17 -20.51 -2.85
N ALA D 233 -15.41 -20.63 -2.40
CA ALA D 233 -15.67 -21.34 -1.14
C ALA D 233 -15.22 -22.81 -1.21
N GLU D 234 -15.55 -23.50 -2.30
CA GLU D 234 -15.08 -24.86 -2.54
C GLU D 234 -13.55 -24.90 -2.60
N ALA D 235 -12.93 -23.88 -3.19
CA ALA D 235 -11.48 -23.85 -3.31
C ALA D 235 -10.79 -23.72 -1.96
N MET D 236 -11.37 -22.88 -1.10
CA MET D 236 -10.80 -22.65 0.21
C MET D 236 -10.79 -23.96 1.00
N HIS D 237 -11.91 -24.66 0.98
CA HIS D 237 -11.99 -25.94 1.68
C HIS D 237 -11.10 -27.03 1.10
N ARG D 238 -11.17 -27.20 -0.21
CA ARG D 238 -10.52 -28.35 -0.85
C ARG D 238 -9.01 -28.18 -0.93
N THR D 239 -8.56 -26.98 -1.27
CA THR D 239 -7.12 -26.76 -1.37
C THR D 239 -6.51 -26.87 0.03
N ARG D 240 -7.25 -26.43 1.05
CA ARG D 240 -6.78 -26.55 2.42
C ARG D 240 -6.60 -28.04 2.76
N GLN D 241 -7.55 -28.88 2.35
CA GLN D 241 -7.50 -30.30 2.67
C GLN D 241 -6.26 -30.98 2.08
N ILE D 242 -5.76 -30.47 0.96
CA ILE D 242 -4.64 -31.13 0.32
C ILE D 242 -3.33 -30.40 0.53
N ASP D 243 -3.36 -29.31 1.30
CA ASP D 243 -2.17 -28.45 1.45
C ASP D 243 -0.99 -29.18 2.08
N ASP D 244 -1.26 -30.24 2.85
CA ASP D 244 -0.19 -30.97 3.53
C ASP D 244 0.12 -32.32 2.92
N LEU D 245 -0.36 -32.57 1.70
CA LEU D 245 -0.11 -33.86 1.06
C LEU D 245 1.29 -34.02 0.49
N GLY D 246 1.95 -32.90 0.19
CA GLY D 246 3.26 -32.93 -0.46
C GLY D 246 3.21 -32.82 -1.98
N LEU D 247 2.17 -32.16 -2.50
CA LEU D 247 2.03 -32.02 -3.95
C LEU D 247 3.12 -31.09 -4.50
N GLU D 248 3.54 -31.31 -5.75
CA GLU D 248 4.48 -30.40 -6.41
C GLU D 248 3.84 -29.00 -6.53
N TRP D 249 2.60 -28.95 -7.01
CA TRP D 249 1.84 -27.70 -6.99
C TRP D 249 0.35 -27.98 -7.12
N ILE D 250 -0.44 -26.93 -6.93
CA ILE D 250 -1.88 -26.96 -7.11
C ILE D 250 -2.26 -25.99 -8.24
N GLU D 251 -2.93 -26.51 -9.26
CA GLU D 251 -3.16 -25.73 -10.48
C GLU D 251 -4.61 -25.29 -10.72
N GLU D 252 -4.77 -24.01 -11.05
CA GLU D 252 -6.05 -23.33 -11.37
C GLU D 252 -7.31 -23.89 -10.72
N PRO D 253 -7.44 -23.72 -9.41
CA PRO D 253 -8.63 -24.13 -8.66
C PRO D 253 -9.86 -23.41 -9.15
N VAL D 254 -9.76 -22.10 -9.41
CA VAL D 254 -10.91 -21.28 -9.75
C VAL D 254 -10.85 -20.69 -11.16
N VAL D 255 -11.93 -20.10 -11.63
CA VAL D 255 -11.93 -19.45 -12.95
C VAL D 255 -10.70 -18.54 -13.14
N TYR D 256 -10.13 -18.59 -14.34
CA TYR D 256 -8.78 -18.10 -14.51
C TYR D 256 -8.52 -16.62 -14.31
N ASP D 257 -9.54 -15.79 -14.51
CA ASP D 257 -9.36 -14.34 -14.35
C ASP D 257 -9.72 -13.80 -12.95
N ASN D 258 -9.96 -14.70 -12.00
CA ASN D 258 -10.25 -14.27 -10.61
C ASN D 258 -8.99 -14.03 -9.79
N PHE D 259 -8.28 -12.94 -10.10
CA PHE D 259 -7.00 -12.65 -9.44
C PHE D 259 -7.16 -12.35 -7.95
N ASP D 260 -8.25 -11.69 -7.58
CA ASP D 260 -8.54 -11.45 -6.18
C ASP D 260 -8.59 -12.81 -5.42
N GLY D 261 -9.26 -13.79 -5.98
CA GLY D 261 -9.37 -15.11 -5.35
C GLY D 261 -8.02 -15.82 -5.32
N TYR D 262 -7.28 -15.75 -6.43
CA TYR D 262 -5.96 -16.38 -6.46
C TYR D 262 -5.03 -15.81 -5.41
N ALA D 263 -5.03 -14.49 -5.25
CA ALA D 263 -4.20 -13.85 -4.23
C ALA D 263 -4.51 -14.41 -2.86
N GLN D 264 -5.78 -14.62 -2.57
CA GLN D 264 -6.20 -15.22 -1.33
C GLN D 264 -5.71 -16.67 -1.18
N LEU D 265 -5.95 -17.50 -2.20
CA LEU D 265 -5.55 -18.90 -2.13
C LEU D 265 -4.04 -19.01 -1.89
N ARG D 266 -3.28 -18.25 -2.66
CA ARG D 266 -1.83 -18.30 -2.57
C ARG D 266 -1.29 -17.94 -1.19
N HIS D 267 -1.89 -16.95 -0.54
CA HIS D 267 -1.46 -16.56 0.80
C HIS D 267 -1.74 -17.68 1.82
N ASP D 268 -2.92 -18.29 1.70
CA ASP D 268 -3.33 -19.36 2.63
C ASP D 268 -2.62 -20.71 2.40
N LEU D 269 -2.33 -21.03 1.15
CA LEU D 269 -1.67 -22.29 0.81
C LEU D 269 -0.18 -22.14 0.94
N LYS D 270 0.44 -23.13 1.58
CA LYS D 270 1.89 -23.23 1.69
C LYS D 270 2.44 -23.90 0.43
N THR D 271 1.61 -24.75 -0.16
CA THR D 271 1.97 -25.46 -1.39
C THR D 271 1.90 -24.46 -2.52
N PRO D 272 2.86 -24.51 -3.44
CA PRO D 272 2.86 -23.53 -4.55
C PRO D 272 1.58 -23.57 -5.35
N LEU D 273 1.00 -22.39 -5.60
CA LEU D 273 -0.15 -22.23 -6.47
C LEU D 273 0.30 -21.90 -7.91
N MET D 274 -0.22 -22.65 -8.87
CA MET D 274 0.21 -22.56 -10.25
C MET D 274 -0.93 -22.09 -11.16
N ILE D 275 -0.66 -21.11 -12.00
CA ILE D 275 -1.60 -20.67 -13.05
C ILE D 275 -0.80 -20.27 -14.29
N GLY D 276 -1.49 -19.78 -15.30
CA GLY D 276 -0.80 -19.13 -16.41
C GLY D 276 -1.20 -19.65 -17.78
N GLU D 277 -1.81 -20.82 -17.83
CA GLU D 277 -2.13 -21.40 -19.12
C GLU D 277 -3.15 -20.57 -19.87
N ASN D 278 -3.87 -19.71 -19.15
CA ASN D 278 -4.85 -18.82 -19.77
C ASN D 278 -4.40 -17.35 -19.78
N PHE D 279 -3.10 -17.11 -19.62
CA PHE D 279 -2.57 -15.76 -19.76
C PHE D 279 -2.62 -15.42 -21.26
N TYR D 280 -3.33 -14.37 -21.64
CA TYR D 280 -3.23 -13.86 -23.02
C TYR D 280 -2.17 -12.76 -23.17
N GLY D 281 -0.91 -13.17 -23.29
CA GLY D 281 0.19 -12.22 -23.45
C GLY D 281 1.02 -11.93 -22.20
N PRO D 282 2.26 -11.50 -22.38
CA PRO D 282 3.14 -11.14 -21.27
C PRO D 282 2.52 -10.09 -20.33
N ARG D 283 1.82 -9.10 -20.89
CA ARG D 283 1.26 -8.06 -20.01
C ARG D 283 0.30 -8.67 -19.00
N GLU D 284 -0.45 -9.68 -19.41
CA GLU D 284 -1.40 -10.31 -18.50
C GLU D 284 -0.63 -11.04 -17.39
N MET D 285 0.48 -11.67 -17.75
CA MET D 285 1.34 -12.32 -16.78
C MET D 285 1.80 -11.28 -15.76
N HIS D 286 2.28 -10.15 -16.27
CA HIS D 286 2.78 -9.06 -15.43
C HIS D 286 1.69 -8.56 -14.47
N GLN D 287 0.46 -8.46 -14.94
CA GLN D 287 -0.62 -8.03 -14.07
C GLN D 287 -0.94 -9.07 -13.00
N ALA D 288 -0.91 -10.34 -13.37
CA ALA D 288 -1.10 -11.42 -12.40
C ALA D 288 -0.03 -11.41 -11.30
N LEU D 289 1.23 -11.16 -11.66
CA LEU D 289 2.32 -11.07 -10.71
C LEU D 289 2.21 -9.83 -9.81
N GLN D 290 1.83 -8.71 -10.39
CA GLN D 290 1.52 -7.51 -9.60
C GLN D 290 0.38 -7.78 -8.60
N ALA D 291 -0.60 -8.57 -9.02
CA ALA D 291 -1.74 -8.86 -8.14
C ALA D 291 -1.40 -9.94 -7.11
N GLY D 292 -0.18 -10.46 -7.16
CA GLY D 292 0.25 -11.54 -6.28
C GLY D 292 -0.58 -12.80 -6.42
N ALA D 293 -0.98 -13.14 -7.64
CA ALA D 293 -1.91 -14.24 -7.92
C ALA D 293 -1.32 -15.66 -7.85
N CYS D 294 -0.01 -15.79 -8.00
CA CYS D 294 0.58 -17.12 -8.14
C CYS D 294 2.05 -17.21 -7.71
N ASP D 295 2.48 -18.44 -7.43
CA ASP D 295 3.87 -18.74 -7.06
C ASP D 295 4.63 -19.22 -8.29
N LEU D 296 3.90 -19.81 -9.24
CA LEU D 296 4.49 -20.40 -10.44
C LEU D 296 3.61 -20.04 -11.65
N VAL D 297 4.19 -20.01 -12.84
CA VAL D 297 3.40 -19.75 -14.06
C VAL D 297 3.67 -20.80 -15.15
N MET D 298 2.65 -21.11 -15.95
CA MET D 298 2.87 -22.03 -17.06
C MET D 298 2.16 -21.56 -18.32
N PRO D 299 2.79 -20.62 -19.05
CA PRO D 299 2.12 -20.05 -20.23
C PRO D 299 1.79 -21.09 -21.30
N ASP D 300 0.68 -20.89 -22.01
CA ASP D 300 0.31 -21.72 -23.15
C ASP D 300 0.70 -21.03 -24.46
N PHE D 301 1.27 -21.78 -25.41
CA PHE D 301 1.88 -21.14 -26.61
C PHE D 301 0.92 -20.44 -27.56
N MET D 302 -0.31 -20.95 -27.65
CA MET D 302 -1.33 -20.31 -28.47
C MET D 302 -1.96 -19.10 -27.79
N ARG D 303 -1.86 -19.01 -26.47
CA ARG D 303 -2.43 -17.88 -25.74
C ARG D 303 -1.42 -16.80 -25.42
N ILE D 304 -0.18 -17.18 -25.18
CA ILE D 304 0.84 -16.23 -24.72
C ILE D 304 1.41 -15.40 -25.89
N GLY D 305 1.15 -15.82 -27.12
CA GLY D 305 1.67 -15.13 -28.30
C GLY D 305 2.80 -15.88 -29.00
N GLY D 306 2.72 -17.22 -28.97
CA GLY D 306 3.71 -18.08 -29.62
C GLY D 306 5.12 -17.99 -29.05
N VAL D 307 6.13 -18.19 -29.90
CA VAL D 307 7.51 -18.01 -29.49
C VAL D 307 7.81 -16.55 -29.06
N SER D 308 7.33 -15.55 -29.83
CA SER D 308 7.54 -14.13 -29.50
C SER D 308 6.99 -13.78 -28.11
N GLY D 309 5.73 -14.12 -27.88
CA GLY D 309 5.12 -13.96 -26.57
C GLY D 309 5.89 -14.70 -25.49
N TRP D 310 6.25 -15.95 -25.73
CA TRP D 310 6.94 -16.71 -24.70
C TRP D 310 8.25 -16.02 -24.31
N MET D 311 9.02 -15.58 -25.29
CA MET D 311 10.32 -15.01 -24.98
C MET D 311 10.14 -13.77 -24.14
N ARG D 312 9.09 -13.01 -24.40
CA ARG D 312 8.81 -11.81 -23.59
C ARG D 312 8.33 -12.12 -22.17
N ALA D 313 7.41 -13.08 -22.03
CA ALA D 313 6.97 -13.52 -20.71
C ALA D 313 8.14 -14.10 -19.92
N ALA D 314 9.09 -14.70 -20.62
CA ALA D 314 10.29 -15.22 -19.96
C ALA D 314 11.15 -14.09 -19.36
N GLY D 315 11.20 -12.93 -20.04
CA GLY D 315 11.83 -11.73 -19.50
C GLY D 315 11.16 -11.27 -18.23
N VAL D 316 9.84 -11.23 -18.25
CA VAL D 316 9.07 -10.87 -17.07
C VAL D 316 9.27 -11.84 -15.89
N ALA D 317 9.11 -13.13 -16.16
CA ALA D 317 9.30 -14.18 -15.17
C ALA D 317 10.71 -14.15 -14.61
N GLY D 318 11.69 -13.96 -15.50
CA GLY D 318 13.07 -13.87 -15.07
C GLY D 318 13.32 -12.74 -14.08
N ALA D 319 12.78 -11.55 -14.37
CA ALA D 319 12.93 -10.42 -13.46
C ALA D 319 12.31 -10.65 -12.08
N TRP D 320 11.13 -11.27 -12.04
CA TRP D 320 10.46 -11.60 -10.79
C TRP D 320 11.11 -12.80 -10.09
N GLY D 321 11.80 -13.64 -10.86
CA GLY D 321 12.37 -14.87 -10.31
C GLY D 321 11.36 -16.00 -10.19
N ILE D 322 10.25 -15.89 -10.90
CA ILE D 322 9.19 -16.89 -10.89
C ILE D 322 9.52 -18.08 -11.80
N PRO D 323 9.58 -19.30 -11.24
CA PRO D 323 9.78 -20.54 -12.02
C PRO D 323 8.73 -20.70 -13.12
N MET D 324 9.19 -20.94 -14.35
CA MET D 324 8.32 -20.91 -15.51
C MET D 324 8.25 -22.28 -16.18
N SER D 325 7.04 -22.80 -16.35
CA SER D 325 6.83 -24.11 -17.00
C SER D 325 5.99 -23.92 -18.26
N THR D 326 5.83 -24.98 -19.04
CA THR D 326 5.05 -24.90 -20.29
C THR D 326 3.68 -25.56 -20.18
N HIS D 327 2.85 -25.31 -21.18
CA HIS D 327 1.58 -25.96 -21.32
C HIS D 327 1.35 -26.34 -22.79
N LEU D 328 1.13 -27.64 -23.04
CA LEU D 328 0.98 -28.18 -24.40
C LEU D 328 2.20 -27.90 -25.29
N TYR D 329 2.10 -28.25 -26.57
CA TYR D 329 3.18 -27.95 -27.52
C TYR D 329 4.55 -28.35 -26.99
N PRO D 330 4.75 -29.65 -26.70
CA PRO D 330 6.01 -30.13 -26.13
C PRO D 330 7.23 -29.84 -27.02
N GLU D 331 7.06 -29.82 -28.33
CA GLU D 331 8.18 -29.52 -29.25
C GLU D 331 8.64 -28.07 -29.17
N VAL D 332 7.73 -27.13 -29.37
CA VAL D 332 8.08 -25.72 -29.23
C VAL D 332 8.55 -25.47 -27.80
N GLY D 333 7.88 -26.10 -26.84
CA GLY D 333 8.21 -25.96 -25.44
C GLY D 333 9.65 -26.36 -25.14
N ALA D 334 10.05 -27.54 -25.60
CA ALA D 334 11.42 -28.00 -25.33
C ALA D 334 12.47 -27.02 -25.90
N HIS D 335 12.22 -26.49 -27.08
CA HIS D 335 13.14 -25.52 -27.68
C HIS D 335 13.28 -24.24 -26.87
N VAL D 336 12.16 -23.61 -26.49
CA VAL D 336 12.26 -22.36 -25.74
C VAL D 336 12.69 -22.58 -24.31
N MET D 337 12.44 -23.76 -23.78
CA MET D 337 12.84 -24.02 -22.40
C MET D 337 14.35 -24.07 -22.29
N ARG D 338 15.00 -24.41 -23.40
CA ARG D 338 16.46 -24.44 -23.44
C ARG D 338 17.05 -23.04 -23.28
N VAL D 339 16.26 -21.98 -23.45
CA VAL D 339 16.79 -20.61 -23.29
C VAL D 339 15.99 -19.76 -22.31
N THR D 340 15.15 -20.40 -21.50
CA THR D 340 14.35 -19.72 -20.49
C THR D 340 15.08 -19.75 -19.13
N GLU D 341 15.40 -18.56 -18.64
N GLU D 341 15.42 -18.57 -18.62
CA GLU D 341 16.18 -18.39 -17.42
CA GLU D 341 16.23 -18.42 -17.41
C GLU D 341 15.63 -19.19 -16.23
C GLU D 341 15.64 -19.14 -16.16
N THR D 342 14.31 -19.11 -16.03
CA THR D 342 13.68 -19.74 -14.88
C THR D 342 12.94 -21.03 -15.26
N ALA D 343 13.35 -21.67 -16.35
CA ALA D 343 12.80 -22.95 -16.77
C ALA D 343 12.62 -23.90 -15.58
N HIS D 344 11.42 -24.45 -15.46
CA HIS D 344 11.07 -25.30 -14.33
C HIS D 344 10.75 -26.68 -14.88
N TRP D 345 9.50 -26.92 -15.28
CA TRP D 345 9.10 -28.23 -15.81
C TRP D 345 8.50 -28.08 -17.19
N LEU D 346 8.76 -29.05 -18.07
CA LEU D 346 8.04 -29.11 -19.34
C LEU D 346 6.83 -30.03 -19.21
N GLU D 347 5.67 -29.60 -19.73
CA GLU D 347 4.49 -30.47 -19.70
C GLU D 347 4.44 -31.35 -20.94
N TRP D 348 4.58 -32.66 -20.76
CA TRP D 348 4.60 -33.54 -21.92
C TRP D 348 3.32 -34.36 -22.00
N GLN D 349 2.82 -34.51 -23.23
CA GLN D 349 1.75 -35.45 -23.57
C GLN D 349 2.00 -35.82 -25.00
N SER D 350 1.37 -36.88 -25.48
CA SER D 350 1.59 -37.33 -26.86
C SER D 350 0.31 -37.28 -27.67
N TRP D 351 -0.58 -36.37 -27.29
CA TRP D 351 -1.86 -36.24 -27.97
C TRP D 351 -1.73 -35.84 -29.45
N ALA D 352 -0.65 -35.13 -29.80
CA ALA D 352 -0.43 -34.67 -31.16
C ALA D 352 0.55 -35.55 -31.95
N ASP D 353 1.25 -36.44 -31.26
CA ASP D 353 2.22 -37.36 -31.87
C ASP D 353 1.77 -37.99 -33.21
N PRO D 354 0.52 -38.46 -33.30
CA PRO D 354 0.12 -39.11 -34.54
C PRO D 354 0.34 -38.33 -35.85
N ILE D 355 0.34 -36.99 -35.83
CA ILE D 355 0.52 -36.25 -37.08
C ILE D 355 2.00 -35.95 -37.36
N LEU D 356 2.88 -36.47 -36.51
CA LEU D 356 4.31 -36.26 -36.68
C LEU D 356 4.99 -37.54 -37.12
N GLN D 357 5.94 -37.39 -38.05
CA GLN D 357 6.72 -38.54 -38.50
C GLN D 357 7.63 -39.04 -37.38
N GLU D 358 8.33 -38.13 -36.71
CA GLU D 358 9.06 -38.53 -35.52
C GLU D 358 9.00 -37.52 -34.36
N PRO D 359 8.23 -37.90 -33.33
CA PRO D 359 8.15 -37.14 -32.08
C PRO D 359 9.51 -37.16 -31.41
N TYR D 360 9.73 -36.25 -30.48
CA TYR D 360 11.02 -36.11 -29.84
C TYR D 360 11.24 -37.32 -28.93
N ALA D 361 12.47 -37.77 -28.80
CA ALA D 361 12.75 -38.92 -27.98
C ALA D 361 12.68 -38.55 -26.50
N LEU D 362 12.43 -39.56 -25.68
CA LEU D 362 12.41 -39.43 -24.23
C LEU D 362 13.53 -40.27 -23.63
N SER D 363 14.16 -39.75 -22.59
CA SER D 363 15.18 -40.49 -21.85
C SER D 363 15.10 -40.16 -20.35
N ASP D 364 14.71 -41.15 -19.56
CA ASP D 364 14.62 -40.97 -18.11
C ASP D 364 13.71 -39.79 -17.74
N GLY D 365 12.73 -39.50 -18.59
CA GLY D 365 11.80 -38.42 -18.31
C GLY D 365 12.22 -37.06 -18.81
N ASP D 366 13.31 -36.99 -19.55
CA ASP D 366 13.68 -35.76 -20.23
C ASP D 366 13.28 -35.88 -21.68
N LEU D 367 12.73 -34.80 -22.23
CA LEU D 367 12.43 -34.71 -23.65
C LEU D 367 13.70 -34.22 -24.33
N ILE D 368 14.11 -34.89 -25.39
CA ILE D 368 15.35 -34.56 -26.09
C ILE D 368 15.07 -33.70 -27.31
N VAL D 369 15.55 -32.46 -27.31
CA VAL D 369 15.47 -31.61 -28.49
C VAL D 369 16.45 -32.12 -29.54
N PRO D 370 15.93 -32.57 -30.69
CA PRO D 370 16.82 -33.12 -31.73
C PRO D 370 17.59 -32.02 -32.47
N ASP D 371 18.75 -32.40 -33.00
CA ASP D 371 19.58 -31.51 -33.78
C ASP D 371 19.00 -31.37 -35.20
N LYS D 372 17.87 -30.69 -35.32
CA LYS D 372 17.23 -30.50 -36.61
C LYS D 372 16.89 -29.03 -36.79
N PRO D 373 16.87 -28.56 -38.04
CA PRO D 373 16.54 -27.16 -38.29
C PRO D 373 15.13 -26.83 -37.80
N GLY D 374 14.92 -25.62 -37.29
CA GLY D 374 13.59 -25.21 -36.87
C GLY D 374 13.10 -26.08 -35.73
N LEU D 375 11.83 -26.48 -35.78
CA LEU D 375 11.26 -27.43 -34.81
C LEU D 375 11.43 -28.88 -35.25
N GLY D 376 11.80 -29.10 -36.51
CA GLY D 376 12.03 -30.44 -37.00
C GLY D 376 10.75 -31.25 -37.03
N LEU D 377 9.67 -30.61 -37.44
CA LEU D 377 8.41 -31.31 -37.64
C LEU D 377 8.26 -31.66 -39.12
N ASP D 378 7.84 -32.89 -39.38
CA ASP D 378 7.37 -33.29 -40.69
C ASP D 378 6.06 -34.02 -40.48
N TRP D 379 5.02 -33.61 -41.21
CA TRP D 379 3.72 -34.21 -41.02
C TRP D 379 3.68 -35.64 -41.54
N ASP D 380 2.97 -36.51 -40.83
CA ASP D 380 2.61 -37.80 -41.37
C ASP D 380 1.36 -37.60 -42.22
N GLU D 381 1.54 -37.53 -43.54
CA GLU D 381 0.41 -37.16 -44.41
C GLU D 381 -0.63 -38.27 -44.55
N ASP D 382 -0.28 -39.49 -44.15
CA ASP D 382 -1.25 -40.59 -44.08
C ASP D 382 -2.24 -40.39 -42.93
N VAL D 383 -1.72 -40.08 -41.74
CA VAL D 383 -2.57 -39.87 -40.58
C VAL D 383 -3.38 -38.58 -40.76
N VAL D 384 -2.78 -37.59 -41.42
CA VAL D 384 -3.49 -36.36 -41.71
C VAL D 384 -4.73 -36.61 -42.57
N ALA D 385 -4.54 -37.28 -43.71
CA ALA D 385 -5.65 -37.52 -44.63
C ALA D 385 -6.69 -38.42 -43.97
N ALA D 386 -6.22 -39.40 -43.21
CA ALA D 386 -7.10 -40.27 -42.44
C ALA D 386 -7.94 -39.50 -41.41
N ASN D 387 -7.53 -38.29 -41.04
CA ASN D 387 -8.23 -37.54 -39.98
C ASN D 387 -8.64 -36.11 -40.30
N LEU D 388 -8.52 -35.71 -41.57
CA LEU D 388 -8.82 -34.33 -41.96
C LEU D 388 -10.30 -34.03 -41.76
N VAL D 389 -10.60 -32.79 -41.40
CA VAL D 389 -11.99 -32.38 -41.14
C VAL D 389 -12.67 -31.77 -42.37
N THR E 27 44.55 3.85 28.05
CA THR E 27 43.36 3.70 28.89
C THR E 27 42.63 5.03 29.08
N LEU E 28 41.32 4.97 29.33
CA LEU E 28 40.53 6.19 29.55
C LEU E 28 39.28 5.93 30.41
N THR E 29 39.21 6.57 31.56
CA THR E 29 38.22 6.25 32.58
C THR E 29 37.46 7.49 33.06
N PHE E 30 36.15 7.34 33.25
CA PHE E 30 35.27 8.44 33.66
C PHE E 30 35.36 8.68 35.16
N ARG E 31 35.74 9.89 35.57
CA ARG E 31 35.74 10.23 37.01
C ARG E 31 34.48 10.97 37.44
N LYS E 32 34.31 12.19 36.93
CA LYS E 32 33.11 12.96 37.25
C LYS E 32 32.71 13.95 36.16
N LEU E 33 31.47 14.40 36.23
CA LEU E 33 30.96 15.42 35.32
C LEU E 33 30.32 16.55 36.11
N THR E 34 30.70 17.78 35.79
CA THR E 34 30.06 18.95 36.41
C THR E 34 29.16 19.64 35.40
N ALA E 35 27.97 20.02 35.84
CA ALA E 35 27.02 20.77 35.01
C ALA E 35 26.63 22.11 35.64
N ARG E 36 26.91 23.20 34.95
CA ARG E 36 26.69 24.55 35.49
C ARG E 36 25.69 25.36 34.66
N PRO E 37 24.56 25.71 35.28
CA PRO E 37 23.51 26.51 34.65
C PRO E 37 23.94 27.96 34.44
N VAL E 38 23.76 28.47 33.23
CA VAL E 38 24.05 29.88 32.97
C VAL E 38 22.93 30.50 32.13
N LEU E 39 22.70 31.80 32.33
CA LEU E 39 21.57 32.46 31.67
C LEU E 39 22.06 33.74 30.97
N LEU E 40 22.19 33.65 29.66
CA LEU E 40 22.69 34.76 28.84
C LEU E 40 21.56 35.66 28.36
N LYS E 41 21.92 36.83 27.87
CA LYS E 41 20.96 37.77 27.31
C LYS E 41 21.29 37.95 25.84
N LEU E 42 20.35 37.57 24.98
CA LEU E 42 20.54 37.58 23.53
C LEU E 42 20.76 38.99 23.00
N GLN E 43 21.65 39.11 22.03
CA GLN E 43 21.90 40.39 21.36
C GLN E 43 20.62 40.82 20.64
N ARG E 44 20.03 39.90 19.91
CA ARG E 44 18.73 40.12 19.28
C ARG E 44 17.69 39.23 19.94
N PRO E 45 16.72 39.84 20.64
CA PRO E 45 15.67 39.11 21.38
C PRO E 45 14.68 38.41 20.45
N VAL E 46 14.14 37.29 20.91
CA VAL E 46 13.21 36.50 20.12
C VAL E 46 11.85 37.19 20.10
N THR E 47 11.46 37.68 18.92
CA THR E 47 10.21 38.41 18.77
C THR E 47 9.14 37.56 18.07
N ALA E 48 8.45 36.71 18.85
CA ALA E 48 7.40 35.84 18.30
C ALA E 48 6.02 36.53 18.30
N ARG E 49 4.99 35.80 17.86
CA ARG E 49 3.62 36.33 17.86
C ARG E 49 3.09 36.52 19.29
N ILE E 50 3.37 35.53 20.15
CA ILE E 50 2.90 35.52 21.53
C ILE E 50 3.67 36.46 22.47
N ALA E 51 5.00 36.30 22.53
CA ALA E 51 5.82 37.13 23.41
C ALA E 51 7.25 37.33 22.92
N THR E 52 7.98 38.21 23.60
CA THR E 52 9.38 38.46 23.32
C THR E 52 10.26 37.72 24.34
N ILE E 53 11.29 37.01 23.86
CA ILE E 53 12.18 36.24 24.74
C ILE E 53 13.64 36.67 24.61
N PRO E 54 14.15 37.39 25.61
CA PRO E 54 15.52 37.91 25.56
C PRO E 54 16.54 37.03 26.28
N ASP E 55 16.08 35.95 26.92
CA ASP E 55 17.00 35.11 27.69
C ASP E 55 17.27 33.74 27.05
N TRP E 56 18.54 33.37 27.04
CA TRP E 56 18.99 32.11 26.45
C TRP E 56 19.80 31.31 27.48
N PRO E 57 19.20 30.22 27.98
CA PRO E 57 19.85 29.33 28.95
C PRO E 57 20.81 28.33 28.32
N LEU E 58 21.93 28.08 28.99
CA LEU E 58 22.91 27.08 28.57
C LEU E 58 23.29 26.26 29.78
N ILE E 59 23.54 24.96 29.56
CA ILE E 59 24.18 24.18 30.61
C ILE E 59 25.59 23.82 30.14
N LEU E 60 26.60 24.29 30.87
CA LEU E 60 27.99 23.98 30.53
C LEU E 60 28.36 22.65 31.16
N ILE E 61 29.03 21.78 30.40
CA ILE E 61 29.38 20.47 30.91
C ILE E 61 30.87 20.21 30.82
N ASP E 62 31.45 19.78 31.94
CA ASP E 62 32.85 19.45 32.04
C ASP E 62 33.01 18.03 32.54
N ILE E 63 33.90 17.28 31.88
CA ILE E 63 34.17 15.90 32.29
C ILE E 63 35.62 15.74 32.77
N GLU E 64 35.78 14.94 33.82
CA GLU E 64 37.10 14.59 34.32
C GLU E 64 37.35 13.09 34.17
N THR E 65 38.45 12.74 33.51
CA THR E 65 38.90 11.35 33.44
C THR E 65 40.00 11.09 34.47
N GLU E 66 40.12 9.85 34.92
CA GLU E 66 41.18 9.47 35.86
C GLU E 66 42.53 9.90 35.31
N GLU E 67 42.64 9.86 33.98
CA GLU E 67 43.90 10.12 33.29
C GLU E 67 44.08 11.60 32.97
N GLY E 68 43.23 12.43 33.54
CA GLY E 68 43.37 13.88 33.43
C GLY E 68 43.06 14.48 32.06
N VAL E 69 42.34 13.72 31.24
CA VAL E 69 41.88 14.26 29.94
C VAL E 69 40.51 14.90 30.13
N PRO E 70 40.35 16.13 29.63
CA PRO E 70 39.10 16.85 29.88
C PRO E 70 38.07 16.60 28.77
N GLY E 71 36.82 16.94 29.06
CA GLY E 71 35.76 16.95 28.06
C GLY E 71 34.86 18.14 28.30
N ARG E 72 34.57 18.89 27.23
CA ARG E 72 33.73 20.09 27.34
C ARG E 72 32.72 20.19 26.20
N ALA E 73 31.46 20.40 26.57
CA ALA E 73 30.39 20.65 25.62
C ALA E 73 29.23 21.31 26.36
N TYR E 74 28.25 21.84 25.63
CA TYR E 74 27.16 22.54 26.28
C TYR E 74 25.81 22.10 25.75
N LEU E 75 24.76 22.36 26.54
CA LEU E 75 23.38 22.18 26.07
C LEU E 75 22.67 23.51 25.97
N GLU E 76 21.69 23.57 25.08
CA GLU E 76 20.83 24.74 24.94
C GLU E 76 19.37 24.31 25.08
N PRO E 77 18.89 24.18 26.33
CA PRO E 77 17.56 23.62 26.62
C PRO E 77 16.37 24.57 26.43
N TYR E 78 16.60 25.81 25.98
CA TYR E 78 15.52 26.75 25.66
C TYR E 78 14.81 27.31 26.88
N VAL E 79 14.40 26.42 27.79
CA VAL E 79 13.59 26.78 28.95
C VAL E 79 14.45 26.87 30.20
N PRO E 80 14.70 28.08 30.70
CA PRO E 80 15.60 28.30 31.83
C PRO E 80 15.30 27.39 33.02
N LYS E 81 14.02 27.26 33.38
CA LYS E 81 13.65 26.50 34.57
C LYS E 81 13.89 25.00 34.38
N ALA E 82 14.02 24.58 33.13
CA ALA E 82 14.27 23.18 32.81
C ALA E 82 15.63 22.75 33.34
N MET E 83 16.54 23.71 33.45
CA MET E 83 17.90 23.44 33.91
C MET E 83 17.89 22.84 35.30
N LYS E 84 16.81 23.08 36.05
CA LYS E 84 16.68 22.54 37.40
C LYS E 84 16.28 21.06 37.37
N TYR E 85 15.72 20.60 36.26
CA TYR E 85 15.46 19.17 36.10
C TYR E 85 16.70 18.48 35.54
N LEU E 86 17.41 19.17 34.65
CA LEU E 86 18.53 18.55 33.94
C LEU E 86 19.82 18.46 34.76
N VAL E 87 20.16 19.51 35.49
CA VAL E 87 21.41 19.52 36.26
C VAL E 87 21.45 18.37 37.28
N PRO E 88 20.36 18.17 38.03
CA PRO E 88 20.28 17.00 38.92
C PRO E 88 20.31 15.68 38.15
N ALA E 89 19.74 15.65 36.95
CA ALA E 89 19.78 14.48 36.06
C ALA E 89 21.18 14.17 35.52
N LEU E 90 21.90 15.20 35.08
CA LEU E 90 23.28 15.03 34.64
C LEU E 90 24.13 14.54 35.81
N HIS E 91 23.99 15.21 36.96
CA HIS E 91 24.75 14.83 38.14
C HIS E 91 24.42 13.39 38.58
N ASP E 92 23.14 13.01 38.54
CA ASP E 92 22.78 11.63 38.86
C ASP E 92 23.46 10.65 37.90
N MET E 93 23.70 11.09 36.67
CA MET E 93 24.39 10.26 35.67
C MET E 93 25.88 10.17 36.00
N SER E 94 26.44 11.25 36.52
CA SER E 94 27.85 11.27 36.91
C SER E 94 28.10 10.18 37.95
N ASP E 95 27.23 10.11 38.94
CA ASP E 95 27.36 9.14 40.02
C ASP E 95 27.36 7.70 39.51
N MET E 96 26.45 7.40 38.57
CA MET E 96 26.33 6.04 38.05
C MET E 96 27.46 5.68 37.08
N LEU E 97 28.03 6.68 36.40
CA LEU E 97 29.09 6.42 35.44
C LEU E 97 30.49 6.40 36.07
N ALA E 98 30.58 6.82 37.34
CA ALA E 98 31.86 6.91 38.05
C ALA E 98 32.68 5.63 37.99
N GLY E 99 33.91 5.74 37.49
CA GLY E 99 34.84 4.63 37.43
C GLY E 99 34.78 3.74 36.19
N GLN E 100 33.72 3.88 35.39
CA GLN E 100 33.57 3.05 34.21
C GLN E 100 34.34 3.65 33.02
N PRO E 101 34.62 2.82 31.99
CA PRO E 101 35.43 3.25 30.85
C PRO E 101 34.76 4.39 30.09
N LEU E 102 35.52 5.40 29.71
CA LEU E 102 34.96 6.51 28.94
C LEU E 102 34.82 6.10 27.48
N ALA E 103 33.70 5.45 27.17
CA ALA E 103 33.39 4.97 25.83
C ALA E 103 32.00 5.42 25.44
N PRO E 104 31.92 6.47 24.60
CA PRO E 104 30.66 7.12 24.20
C PRO E 104 29.56 6.12 23.86
N ALA E 105 29.83 5.20 22.95
CA ALA E 105 28.84 4.21 22.56
C ALA E 105 28.29 3.48 23.78
N GLU E 106 29.19 2.97 24.62
CA GLU E 106 28.78 2.27 25.83
C GLU E 106 28.06 3.21 26.82
N ILE E 107 28.58 4.42 27.00
CA ILE E 107 27.96 5.40 27.86
C ILE E 107 26.55 5.78 27.36
N TYR E 108 26.42 5.97 26.03
CA TYR E 108 25.14 6.23 25.40
C TYR E 108 24.06 5.19 25.76
N ASP E 109 24.46 3.91 25.79
CA ASP E 109 23.51 2.86 26.16
C ASP E 109 23.13 2.86 27.65
N LYS E 110 24.07 3.13 28.54
CA LYS E 110 23.82 3.10 30.00
C LYS E 110 22.96 4.27 30.48
N THR E 111 23.26 5.47 29.98
CA THR E 111 22.47 6.64 30.32
C THR E 111 21.02 6.43 29.91
N ARG E 112 20.81 6.12 28.63
CA ARG E 112 19.46 5.92 28.10
C ARG E 112 18.70 4.81 28.85
N LYS E 113 19.39 3.71 29.12
CA LYS E 113 18.79 2.59 29.86
C LYS E 113 18.31 3.00 31.26
N SER E 114 19.11 3.80 31.96
CA SER E 114 18.80 4.15 33.35
C SER E 114 17.52 4.96 33.48
N LEU E 115 17.15 5.66 32.42
CA LEU E 115 15.97 6.51 32.44
C LEU E 115 14.83 6.00 31.53
N HIS E 116 14.92 4.74 31.10
CA HIS E 116 13.96 4.22 30.11
C HIS E 116 12.53 4.18 30.66
N PHE E 117 12.41 4.00 31.98
CA PHE E 117 11.12 4.00 32.64
C PHE E 117 10.43 5.37 32.59
N VAL E 118 11.22 6.43 32.48
CA VAL E 118 10.65 7.77 32.34
C VAL E 118 10.81 8.30 30.92
N GLY E 119 10.95 7.39 29.96
CA GLY E 119 10.91 7.74 28.56
C GLY E 119 12.27 7.83 27.90
N TYR E 120 12.33 7.41 26.64
CA TYR E 120 13.54 7.54 25.84
C TYR E 120 13.61 8.93 25.20
N ALA E 121 12.44 9.48 24.88
CA ALA E 121 12.36 10.82 24.32
C ALA E 121 12.29 11.84 25.45
N GLY E 122 12.52 13.11 25.13
CA GLY E 122 12.30 14.17 26.11
C GLY E 122 13.50 14.48 26.97
N LEU E 123 13.25 14.83 28.23
CA LEU E 123 14.31 15.23 29.16
C LEU E 123 15.42 14.18 29.34
N SER E 124 15.03 12.91 29.38
CA SER E 124 15.99 11.80 29.42
C SER E 124 17.06 11.94 28.33
N MET E 125 16.59 12.03 27.10
CA MET E 125 17.47 12.12 25.94
C MET E 125 18.37 13.35 26.04
N ILE E 126 17.78 14.47 26.44
CA ILE E 126 18.49 15.73 26.49
C ILE E 126 19.66 15.62 27.46
N ALA E 127 19.43 14.97 28.61
CA ALA E 127 20.51 14.79 29.56
C ALA E 127 21.60 13.92 28.94
N ALA E 128 21.19 12.77 28.40
CA ALA E 128 22.10 11.80 27.78
C ALA E 128 22.91 12.39 26.61
N SER E 129 22.30 13.31 25.85
CA SER E 129 22.98 13.91 24.72
C SER E 129 24.09 14.83 25.18
N GLY E 130 23.83 15.54 26.28
CA GLY E 130 24.82 16.43 26.86
C GLY E 130 26.06 15.65 27.27
N VAL E 131 25.84 14.54 27.97
CA VAL E 131 26.93 13.64 28.32
C VAL E 131 27.62 13.15 27.05
N ASP E 132 26.84 12.71 26.07
CA ASP E 132 27.43 12.13 24.87
C ASP E 132 28.38 13.10 24.15
N MET E 133 27.96 14.34 23.94
CA MET E 133 28.82 15.33 23.29
C MET E 133 30.09 15.61 24.10
N ALA E 134 29.94 15.78 25.40
CA ALA E 134 31.09 16.00 26.26
C ALA E 134 32.05 14.79 26.26
N VAL E 135 31.48 13.59 26.21
CA VAL E 135 32.30 12.39 26.24
C VAL E 135 33.08 12.19 24.93
N TRP E 136 32.44 12.46 23.79
CA TRP E 136 33.10 12.37 22.49
C TRP E 136 34.21 13.41 22.41
N ASP E 137 33.99 14.57 23.03
CA ASP E 137 35.02 15.60 23.09
C ASP E 137 36.25 15.05 23.80
N ALA E 138 36.05 14.46 24.98
CA ALA E 138 37.15 13.89 25.74
C ALA E 138 37.89 12.81 24.97
N LEU E 139 37.14 11.90 24.36
CA LEU E 139 37.74 10.82 23.58
C LEU E 139 38.62 11.37 22.46
N ALA E 140 38.15 12.46 21.82
CA ALA E 140 38.90 13.08 20.73
C ALA E 140 40.17 13.74 21.26
N ARG E 141 40.05 14.40 22.41
CA ARG E 141 41.20 15.00 23.07
C ARG E 141 42.24 13.94 23.42
N ALA E 142 41.78 12.86 24.04
CA ALA E 142 42.67 11.75 24.39
C ALA E 142 43.43 11.19 23.19
N ALA E 143 42.97 11.49 21.98
CA ALA E 143 43.64 10.99 20.78
C ALA E 143 44.36 12.11 20.06
N ASN E 144 44.34 13.29 20.67
CA ASN E 144 44.95 14.47 20.10
C ASN E 144 44.49 14.73 18.66
N MET E 145 43.18 14.72 18.48
CA MET E 145 42.56 14.93 17.17
C MET E 145 41.35 15.83 17.32
N PRO E 146 41.03 16.58 16.26
CA PRO E 146 39.71 17.23 16.25
C PRO E 146 38.63 16.14 16.16
N LEU E 147 37.43 16.41 16.67
CA LEU E 147 36.37 15.42 16.69
C LEU E 147 36.13 14.85 15.30
N CYS E 148 36.12 15.73 14.31
CA CYS E 148 35.89 15.35 12.93
C CYS E 148 37.00 14.44 12.38
N THR E 149 38.19 14.56 12.93
CA THR E 149 39.31 13.77 12.45
C THR E 149 39.17 12.36 13.00
N LEU E 150 38.78 12.29 14.27
CA LEU E 150 38.53 11.02 14.95
C LEU E 150 37.38 10.28 14.27
N LEU E 151 36.50 11.03 13.61
CA LEU E 151 35.31 10.46 12.99
C LEU E 151 35.55 10.07 11.53
N GLY E 152 36.77 10.27 11.07
CA GLY E 152 37.15 9.86 9.72
C GLY E 152 37.24 11.01 8.73
N GLY E 153 37.13 12.24 9.22
CA GLY E 153 37.17 13.40 8.36
C GLY E 153 38.44 14.22 8.58
N THR E 154 38.38 15.49 8.21
CA THR E 154 39.43 16.47 8.49
C THR E 154 38.82 17.82 8.81
N PRO E 155 39.58 18.70 9.47
CA PRO E 155 39.10 20.08 9.62
C PRO E 155 38.92 20.75 8.26
N GLY E 156 37.95 21.65 8.15
CA GLY E 156 37.61 22.29 6.90
C GLY E 156 36.40 23.21 7.04
N SER E 157 35.94 23.73 5.92
CA SER E 157 34.82 24.67 5.94
C SER E 157 33.50 23.97 5.69
N VAL E 158 32.43 24.54 6.22
CA VAL E 158 31.10 23.98 6.12
C VAL E 158 30.11 25.10 5.79
N LYS E 159 29.44 25.00 4.64
CA LYS E 159 28.50 26.04 4.24
C LYS E 159 27.43 26.29 5.33
N ALA E 160 27.29 27.54 5.76
CA ALA E 160 26.37 27.87 6.85
C ALA E 160 25.30 28.86 6.39
N TYR E 161 24.20 28.89 7.13
CA TYR E 161 23.23 29.97 6.98
C TYR E 161 22.98 30.60 8.35
N ASN E 162 22.55 31.85 8.36
CA ASN E 162 22.49 32.65 9.58
C ASN E 162 21.11 32.68 10.25
N SER E 163 20.97 32.09 11.43
CA SER E 163 19.67 32.13 12.11
C SER E 163 19.60 33.08 13.32
N ASN E 164 20.42 34.13 13.31
CA ASN E 164 20.49 35.06 14.43
C ASN E 164 19.25 35.93 14.67
N GLY E 165 18.50 36.23 13.62
CA GLY E 165 17.32 37.08 13.75
C GLY E 165 16.26 36.93 12.69
N LEU E 166 15.80 38.06 12.16
CA LEU E 166 14.71 38.09 11.19
C LEU E 166 13.42 37.56 11.84
N TRP E 167 13.20 38.01 13.08
CA TRP E 167 12.02 37.67 13.85
C TRP E 167 10.82 38.43 13.36
N LEU E 168 9.69 38.29 14.06
CA LEU E 168 8.41 38.81 13.55
C LEU E 168 8.23 40.33 13.69
N LYS E 169 9.20 41.10 13.22
CA LYS E 169 9.06 42.56 13.18
C LYS E 169 8.38 43.03 11.88
N SER E 170 8.42 44.33 11.61
CA SER E 170 7.87 44.85 10.36
C SER E 170 8.83 44.50 9.24
N PRO E 171 8.35 44.54 7.98
CA PRO E 171 9.19 44.19 6.82
C PRO E 171 10.46 45.02 6.70
N ALA E 172 10.34 46.35 6.67
CA ALA E 172 11.51 47.22 6.51
C ALA E 172 12.52 47.05 7.64
N GLU E 173 12.03 46.80 8.85
CA GLU E 173 12.91 46.51 9.98
C GLU E 173 13.67 45.20 9.72
N VAL E 174 12.94 44.19 9.27
CA VAL E 174 13.50 42.87 9.00
C VAL E 174 14.52 42.94 7.85
N ALA E 175 14.13 43.62 6.78
CA ALA E 175 15.04 43.80 5.64
C ALA E 175 16.36 44.48 6.07
N ALA E 176 16.25 45.46 6.95
CA ALA E 176 17.41 46.17 7.47
C ALA E 176 18.32 45.24 8.28
N GLU E 177 17.73 44.48 9.20
CA GLU E 177 18.47 43.48 9.97
C GLU E 177 19.10 42.44 9.03
N ALA E 178 18.50 42.23 7.87
CA ALA E 178 18.96 41.17 6.99
C ALA E 178 20.30 41.55 6.38
N VAL E 179 20.44 42.83 6.02
CA VAL E 179 21.69 43.29 5.45
C VAL E 179 22.81 43.05 6.44
N GLU E 180 22.53 43.36 7.71
CA GLU E 180 23.44 43.09 8.82
C GLU E 180 23.77 41.59 8.94
N LEU E 181 22.74 40.75 8.98
CA LEU E 181 22.94 39.32 9.18
C LEU E 181 23.80 38.71 8.09
N LYS E 182 23.59 39.13 6.85
CA LYS E 182 24.36 38.58 5.74
C LYS E 182 25.84 38.88 5.85
N ALA E 183 26.15 40.06 6.38
CA ALA E 183 27.54 40.51 6.53
C ALA E 183 28.29 39.79 7.65
N GLU E 184 27.55 39.27 8.64
CA GLU E 184 28.17 38.52 9.73
C GLU E 184 28.98 37.32 9.24
N GLY E 185 28.70 36.87 8.01
CA GLY E 185 29.36 35.70 7.46
C GLY E 185 30.76 35.99 6.95
N GLN E 186 31.13 37.27 6.97
CA GLN E 186 32.43 37.73 6.49
C GLN E 186 32.55 37.57 4.99
N GLY E 187 33.40 38.40 4.38
CA GLY E 187 33.67 38.36 2.96
C GLY E 187 32.45 38.56 2.10
N THR E 188 32.21 37.60 1.22
CA THR E 188 31.06 37.65 0.31
C THR E 188 29.74 37.39 1.03
N GLY E 189 29.85 37.04 2.32
CA GLY E 189 28.68 36.93 3.19
C GLY E 189 27.96 35.60 3.21
N PHE E 190 27.07 35.42 4.19
CA PHE E 190 26.20 34.23 4.24
C PHE E 190 25.39 34.03 2.96
N LYS E 191 25.42 32.84 2.40
CA LYS E 191 24.64 32.55 1.19
C LYS E 191 23.18 32.22 1.53
N GLY E 192 22.86 32.20 2.82
CA GLY E 192 21.52 31.87 3.28
C GLY E 192 21.14 32.47 4.61
N LEU E 193 19.86 32.82 4.73
CA LEU E 193 19.29 33.42 5.92
C LEU E 193 18.01 32.71 6.35
N LYS E 194 17.80 32.58 7.66
CA LYS E 194 16.53 32.07 8.17
C LYS E 194 15.54 33.20 8.49
N LEU E 195 14.41 33.18 7.81
CA LEU E 195 13.37 34.20 7.96
C LEU E 195 12.15 33.62 8.67
N ARG E 196 11.78 34.18 9.81
CA ARG E 196 10.67 33.63 10.56
C ARG E 196 9.35 34.16 10.02
N MET E 197 8.35 33.29 9.94
CA MET E 197 7.01 33.72 9.56
C MET E 197 5.97 33.33 10.61
N GLY E 198 4.73 33.77 10.40
CA GLY E 198 3.65 33.50 11.32
C GLY E 198 3.03 34.75 11.93
N ARG E 199 3.16 35.89 11.24
CA ARG E 199 2.45 37.10 11.65
C ARG E 199 0.94 36.90 11.58
N ASP E 200 0.19 37.63 12.40
CA ASP E 200 -1.27 37.54 12.41
C ASP E 200 -1.80 37.64 10.97
N ASP E 201 -1.05 38.39 10.15
CA ASP E 201 -1.41 38.68 8.76
C ASP E 201 -0.38 38.08 7.79
N PRO E 202 -0.77 36.97 7.12
CA PRO E 202 0.08 36.23 6.18
C PRO E 202 0.68 37.14 5.10
N ALA E 203 -0.11 38.06 4.59
CA ALA E 203 0.31 38.92 3.49
C ALA E 203 1.54 39.73 3.86
N VAL E 204 1.69 40.04 5.14
CA VAL E 204 2.86 40.78 5.58
C VAL E 204 4.10 39.88 5.65
N ASP E 205 3.91 38.61 6.02
CA ASP E 205 4.98 37.61 5.92
C ASP E 205 5.61 37.65 4.53
N ILE E 206 4.74 37.64 3.52
CA ILE E 206 5.16 37.63 2.13
C ILE E 206 5.92 38.89 1.78
N GLU E 207 5.37 40.04 2.15
CA GLU E 207 6.03 41.32 1.91
C GLU E 207 7.41 41.36 2.57
N THR E 208 7.53 40.76 3.74
CA THR E 208 8.80 40.67 4.44
C THR E 208 9.83 39.87 3.66
N ALA E 209 9.42 38.74 3.09
CA ALA E 209 10.36 37.97 2.28
C ALA E 209 10.90 38.84 1.14
N GLU E 210 10.01 39.48 0.40
CA GLU E 210 10.41 40.33 -0.73
C GLU E 210 11.31 41.47 -0.29
N ALA E 211 10.99 42.08 0.85
CA ALA E 211 11.77 43.22 1.32
C ALA E 211 13.20 42.80 1.61
N VAL E 212 13.35 41.61 2.19
CA VAL E 212 14.66 41.03 2.47
C VAL E 212 15.41 40.80 1.18
N TRP E 213 14.70 40.34 0.17
CA TRP E 213 15.31 40.04 -1.11
C TRP E 213 15.65 41.31 -1.86
N ASP E 214 14.81 42.33 -1.74
CA ASP E 214 15.06 43.64 -2.35
C ASP E 214 16.27 44.30 -1.77
N ALA E 215 16.69 43.85 -0.58
CA ALA E 215 17.80 44.49 0.12
C ALA E 215 19.13 43.73 0.01
N VAL E 216 19.09 42.40 -0.01
CA VAL E 216 20.32 41.60 -0.03
C VAL E 216 20.51 40.85 -1.35
N GLY E 217 19.51 40.95 -2.23
CA GLY E 217 19.59 40.30 -3.53
C GLY E 217 18.96 38.92 -3.58
N ARG E 218 18.30 38.63 -4.71
CA ARG E 218 17.59 37.37 -4.89
C ARG E 218 18.49 36.13 -4.94
N ASP E 219 19.79 36.33 -4.92
CA ASP E 219 20.77 35.23 -4.90
C ASP E 219 20.81 34.56 -3.55
N THR E 220 20.36 35.25 -2.51
CA THR E 220 20.43 34.75 -1.14
C THR E 220 19.28 33.80 -0.86
N ALA E 221 19.59 32.61 -0.34
CA ALA E 221 18.55 31.64 0.00
C ALA E 221 17.84 32.08 1.27
N LEU E 222 16.51 31.92 1.29
CA LEU E 222 15.72 32.18 2.48
C LEU E 222 15.09 30.89 2.99
N MET E 223 15.42 30.52 4.22
CA MET E 223 14.79 29.37 4.86
C MET E 223 13.72 29.90 5.79
N VAL E 224 12.49 29.50 5.54
CA VAL E 224 11.35 30.02 6.31
C VAL E 224 10.95 29.06 7.43
N ASP E 225 10.78 29.61 8.63
CA ASP E 225 10.42 28.80 9.79
C ASP E 225 9.19 29.34 10.51
N PHE E 226 8.16 28.49 10.65
CA PHE E 226 6.91 28.86 11.29
C PHE E 226 6.86 28.42 12.73
N ASN E 227 7.82 27.61 13.15
CA ASN E 227 7.92 27.18 14.54
C ASN E 227 6.68 26.53 15.11
N GLN E 228 6.11 25.60 14.35
CA GLN E 228 4.94 24.86 14.79
C GLN E 228 3.75 25.76 15.12
N GLY E 229 3.77 26.98 14.59
CA GLY E 229 2.78 27.96 14.99
C GLY E 229 1.40 27.87 14.37
N LEU E 230 1.22 26.98 13.39
CA LEU E 230 -0.07 26.85 12.73
C LEU E 230 -0.77 25.52 13.02
N ASP E 231 -2.10 25.52 12.97
CA ASP E 231 -2.85 24.27 12.86
C ASP E 231 -2.94 23.91 11.37
N MET E 232 -3.52 22.77 11.02
CA MET E 232 -3.43 22.27 9.65
C MET E 232 -4.16 23.15 8.63
N ALA E 233 -5.29 23.73 9.01
CA ALA E 233 -6.04 24.58 8.09
C ALA E 233 -5.22 25.84 7.72
N GLU E 234 -4.76 26.57 8.72
CA GLU E 234 -3.83 27.68 8.50
C GLU E 234 -2.58 27.22 7.73
N ALA E 235 -2.07 26.04 8.05
CA ALA E 235 -0.86 25.56 7.41
C ALA E 235 -1.09 25.31 5.92
N MET E 236 -2.21 24.67 5.59
CA MET E 236 -2.61 24.47 4.20
C MET E 236 -2.67 25.79 3.43
N HIS E 237 -3.41 26.74 3.96
CA HIS E 237 -3.60 28.03 3.30
C HIS E 237 -2.31 28.84 3.17
N ARG E 238 -1.56 28.93 4.23
CA ARG E 238 -0.37 29.78 4.24
C ARG E 238 0.87 29.24 3.55
N THR E 239 1.14 27.94 3.66
CA THR E 239 2.27 27.36 2.93
C THR E 239 1.98 27.41 1.43
N ARG E 240 0.72 27.24 1.06
CA ARG E 240 0.35 27.34 -0.34
C ARG E 240 0.62 28.75 -0.90
N GLN E 241 0.32 29.78 -0.11
CA GLN E 241 0.45 31.16 -0.58
C GLN E 241 1.90 31.52 -0.85
N ILE E 242 2.82 30.83 -0.17
CA ILE E 242 4.25 31.14 -0.29
C ILE E 242 5.02 30.11 -1.09
N ASP E 243 4.30 29.16 -1.70
CA ASP E 243 4.94 28.04 -2.37
C ASP E 243 5.62 28.44 -3.67
N ASP E 244 5.32 29.63 -4.16
CA ASP E 244 5.85 30.09 -5.45
C ASP E 244 6.84 31.23 -5.31
N LEU E 245 7.16 31.56 -4.07
CA LEU E 245 8.07 32.65 -3.76
C LEU E 245 9.53 32.35 -4.08
N GLY E 246 9.88 31.07 -4.16
CA GLY E 246 11.26 30.66 -4.37
C GLY E 246 12.09 30.46 -3.10
N LEU E 247 11.46 30.00 -2.03
CA LEU E 247 12.15 29.78 -0.77
C LEU E 247 13.05 28.54 -0.82
N GLU E 248 14.14 28.57 -0.07
CA GLU E 248 15.02 27.42 0.02
C GLU E 248 14.25 26.24 0.61
N TRP E 249 13.43 26.52 1.63
CA TRP E 249 12.59 25.50 2.23
C TRP E 249 11.55 26.09 3.18
N ILE E 250 10.59 25.27 3.57
CA ILE E 250 9.58 25.67 4.53
C ILE E 250 9.66 24.76 5.75
N GLU E 251 9.88 25.37 6.92
CA GLU E 251 10.19 24.61 8.12
C GLU E 251 9.07 24.54 9.17
N GLU E 252 8.76 23.32 9.59
CA GLU E 252 7.85 23.04 10.70
C GLU E 252 6.63 23.96 10.83
N PRO E 253 5.69 23.89 9.87
CA PRO E 253 4.49 24.72 9.98
C PRO E 253 3.55 24.29 11.09
N VAL E 254 3.46 22.99 11.35
CA VAL E 254 2.55 22.52 12.39
C VAL E 254 3.31 21.83 13.53
N VAL E 255 2.58 21.46 14.57
CA VAL E 255 3.15 20.76 15.71
C VAL E 255 3.97 19.53 15.26
N TYR E 256 5.12 19.34 15.88
CA TYR E 256 6.15 18.46 15.33
C TYR E 256 5.85 16.97 15.25
N ASP E 257 4.86 16.49 16.00
CA ASP E 257 4.54 15.06 15.96
C ASP E 257 3.35 14.73 15.04
N ASN E 258 2.86 15.72 14.30
CA ASN E 258 1.76 15.45 13.40
C ASN E 258 2.24 14.96 12.04
N PHE E 259 2.63 13.68 11.96
CA PHE E 259 3.18 13.12 10.73
C PHE E 259 2.17 12.99 9.59
N ASP E 260 0.93 12.67 9.94
CA ASP E 260 -0.15 12.67 8.98
C ASP E 260 -0.24 14.04 8.28
N GLY E 261 -0.24 15.12 9.06
CA GLY E 261 -0.33 16.44 8.46
C GLY E 261 0.87 16.79 7.59
N TYR E 262 2.06 16.53 8.09
CA TYR E 262 3.26 16.79 7.30
C TYR E 262 3.23 16.05 5.98
N ALA E 263 2.75 14.80 5.98
CA ALA E 263 2.72 14.02 4.75
C ALA E 263 1.87 14.73 3.70
N GLN E 264 0.72 15.25 4.12
CA GLN E 264 -0.15 16.02 3.24
C GLN E 264 0.51 17.29 2.72
N LEU E 265 1.08 18.07 3.63
CA LEU E 265 1.75 19.31 3.25
C LEU E 265 2.89 19.08 2.24
N ARG E 266 3.70 18.06 2.50
CA ARG E 266 4.85 17.76 1.66
C ARG E 266 4.39 17.38 0.27
N HIS E 267 3.25 16.70 0.20
CA HIS E 267 2.68 16.30 -1.06
C HIS E 267 2.20 17.49 -1.87
N ASP E 268 1.50 18.40 -1.21
CA ASP E 268 0.91 19.56 -1.86
C ASP E 268 1.94 20.62 -2.26
N LEU E 269 2.91 20.83 -1.38
CA LEU E 269 3.95 21.84 -1.60
C LEU E 269 5.01 21.34 -2.56
N LYS E 270 5.34 22.17 -3.53
CA LYS E 270 6.46 21.86 -4.42
C LYS E 270 7.79 22.27 -3.79
N THR E 271 7.78 23.35 -3.01
CA THR E 271 8.92 23.78 -2.21
C THR E 271 9.24 22.72 -1.15
N PRO E 272 10.53 22.44 -0.92
CA PRO E 272 10.90 21.41 0.05
C PRO E 272 10.36 21.69 1.44
N LEU E 273 9.88 20.66 2.12
CA LEU E 273 9.37 20.81 3.47
C LEU E 273 10.39 20.26 4.46
N MET E 274 10.79 21.10 5.40
CA MET E 274 11.83 20.76 6.36
C MET E 274 11.30 20.50 7.76
N ILE E 275 11.66 19.35 8.33
CA ILE E 275 11.45 19.07 9.74
C ILE E 275 12.69 18.39 10.33
N GLY E 276 12.61 17.97 11.59
CA GLY E 276 13.70 17.22 12.21
C GLY E 276 14.25 17.73 13.54
N GLU E 277 14.24 19.04 13.75
CA GLU E 277 14.83 19.58 14.98
C GLU E 277 14.23 18.95 16.23
N ASN E 278 13.05 18.36 16.09
CA ASN E 278 12.37 17.73 17.22
C ASN E 278 12.37 16.20 17.21
N PHE E 279 13.18 15.59 16.35
CA PHE E 279 13.32 14.13 16.33
C PHE E 279 14.04 13.73 17.58
N TYR E 280 13.46 12.86 18.39
CA TYR E 280 14.19 12.26 19.52
C TYR E 280 14.77 10.90 19.14
N GLY E 281 15.99 10.91 18.60
CA GLY E 281 16.66 9.70 18.19
C GLY E 281 16.46 9.37 16.72
N PRO E 282 17.39 8.61 16.15
CA PRO E 282 17.44 8.07 14.78
C PRO E 282 16.22 7.24 14.43
N ARG E 283 15.67 6.51 15.38
CA ARG E 283 14.49 5.71 15.08
C ARG E 283 13.30 6.63 14.75
N GLU E 284 13.22 7.77 15.42
CA GLU E 284 12.14 8.69 15.14
C GLU E 284 12.29 9.29 13.74
N MET E 285 13.53 9.51 13.29
CA MET E 285 13.77 10.00 11.93
C MET E 285 13.34 8.96 10.90
N HIS E 286 13.69 7.72 11.17
CA HIS E 286 13.31 6.58 10.35
C HIS E 286 11.79 6.50 10.20
N GLN E 287 11.07 6.66 11.30
CA GLN E 287 9.62 6.64 11.24
C GLN E 287 9.08 7.82 10.44
N ALA E 288 9.72 8.99 10.57
CA ALA E 288 9.24 10.16 9.86
C ALA E 288 9.38 9.95 8.35
N LEU E 289 10.52 9.43 7.93
CA LEU E 289 10.76 9.14 6.52
C LEU E 289 9.82 8.04 6.01
N GLN E 290 9.62 7.00 6.80
CA GLN E 290 8.69 5.93 6.44
C GLN E 290 7.33 6.52 6.21
N ALA E 291 6.98 7.53 7.01
CA ALA E 291 5.66 8.16 6.90
C ALA E 291 5.58 9.18 5.76
N GLY E 292 6.68 9.38 5.04
CA GLY E 292 6.67 10.38 3.98
C GLY E 292 6.50 11.81 4.49
N ALA E 293 6.99 12.08 5.70
CA ALA E 293 6.73 13.35 6.38
C ALA E 293 7.50 14.60 5.91
N CYS E 294 8.56 14.45 5.12
CA CYS E 294 9.43 15.59 4.82
C CYS E 294 10.39 15.36 3.66
N ASP E 295 10.91 16.44 3.09
CA ASP E 295 11.93 16.32 2.04
C ASP E 295 13.35 16.50 2.58
N LEU E 296 13.47 17.18 3.71
CA LEU E 296 14.77 17.48 4.31
C LEU E 296 14.67 17.27 5.81
N VAL E 297 15.80 16.98 6.45
CA VAL E 297 15.83 16.84 7.91
C VAL E 297 16.94 17.70 8.53
N MET E 298 16.72 18.12 9.78
CA MET E 298 17.69 18.91 10.49
C MET E 298 17.69 18.58 11.98
N PRO E 299 18.32 17.46 12.36
CA PRO E 299 18.37 17.05 13.76
C PRO E 299 19.08 18.05 14.68
N ASP E 300 18.64 18.05 15.94
CA ASP E 300 19.20 18.88 16.97
C ASP E 300 19.98 17.96 17.90
N PHE E 301 21.18 18.39 18.31
CA PHE E 301 22.09 17.49 19.01
C PHE E 301 21.69 17.07 20.42
N MET E 302 20.88 17.89 21.09
CA MET E 302 20.40 17.48 22.40
C MET E 302 19.24 16.50 22.29
N ARG E 303 18.57 16.48 21.14
CA ARG E 303 17.39 15.62 20.97
C ARG E 303 17.66 14.34 20.19
N ILE E 304 18.58 14.41 19.23
CA ILE E 304 18.87 13.30 18.36
C ILE E 304 19.76 12.26 19.07
N GLY E 305 20.47 12.69 20.11
CA GLY E 305 21.34 11.80 20.86
C GLY E 305 22.82 12.15 20.70
N GLY E 306 23.11 13.45 20.69
CA GLY E 306 24.47 13.92 20.57
C GLY E 306 25.17 13.45 19.32
N VAL E 307 26.48 13.22 19.43
CA VAL E 307 27.28 12.76 18.31
C VAL E 307 26.90 11.33 17.91
N SER E 308 26.64 10.50 18.91
CA SER E 308 26.28 9.11 18.66
C SER E 308 25.00 9.00 17.82
N GLY E 309 23.95 9.69 18.27
CA GLY E 309 22.68 9.71 17.56
C GLY E 309 22.78 10.36 16.20
N TRP E 310 23.52 11.47 16.10
CA TRP E 310 23.72 12.10 14.80
C TRP E 310 24.31 11.13 13.79
N MET E 311 25.42 10.51 14.15
CA MET E 311 26.12 9.59 13.25
C MET E 311 25.18 8.49 12.74
N ARG E 312 24.45 7.87 13.66
CA ARG E 312 23.43 6.89 13.28
C ARG E 312 22.37 7.49 12.37
N ALA E 313 21.88 8.68 12.69
CA ALA E 313 20.86 9.32 11.86
C ALA E 313 21.43 9.68 10.49
N ALA E 314 22.72 9.96 10.43
CA ALA E 314 23.34 10.26 9.16
C ALA E 314 23.38 9.01 8.26
N GLY E 315 23.54 7.84 8.87
CA GLY E 315 23.46 6.58 8.13
C GLY E 315 22.04 6.31 7.59
N VAL E 316 21.04 6.56 8.43
CA VAL E 316 19.65 6.50 7.99
C VAL E 316 19.43 7.47 6.82
N ALA E 317 19.70 8.76 7.06
CA ALA E 317 19.48 9.82 6.05
C ALA E 317 20.21 9.48 4.77
N GLY E 318 21.44 9.00 4.93
CA GLY E 318 22.29 8.63 3.79
C GLY E 318 21.70 7.52 2.93
N ALA E 319 21.05 6.55 3.57
CA ALA E 319 20.45 5.47 2.83
C ALA E 319 19.23 5.97 2.02
N TRP E 320 18.48 6.91 2.58
CA TRP E 320 17.31 7.46 1.90
C TRP E 320 17.71 8.48 0.85
N GLY E 321 18.88 9.10 1.03
CA GLY E 321 19.30 10.18 0.17
C GLY E 321 18.72 11.52 0.60
N ILE E 322 18.33 11.62 1.86
CA ILE E 322 17.76 12.85 2.42
C ILE E 322 18.86 13.84 2.83
N PRO E 323 18.89 15.03 2.19
CA PRO E 323 19.81 16.12 2.57
C PRO E 323 19.62 16.48 4.04
N MET E 324 20.71 16.43 4.79
CA MET E 324 20.64 16.55 6.22
C MET E 324 21.32 17.83 6.67
N SER E 325 20.64 18.60 7.51
CA SER E 325 21.18 19.86 8.04
C SER E 325 21.23 19.80 9.54
N THR E 326 21.80 20.83 10.18
CA THR E 326 21.91 20.83 11.63
C THR E 326 20.95 21.79 12.30
N HIS E 327 20.83 21.66 13.61
CA HIS E 327 20.09 22.63 14.40
C HIS E 327 20.81 22.96 15.70
N LEU E 328 21.11 24.25 15.88
CA LEU E 328 21.89 24.73 17.02
C LEU E 328 23.29 24.08 17.09
N TYR E 329 24.02 24.35 18.17
CA TYR E 329 25.32 23.72 18.40
C TYR E 329 26.24 23.78 17.19
N PRO E 330 26.47 25.00 16.66
CA PRO E 330 27.28 25.17 15.45
C PRO E 330 28.64 24.48 15.52
N GLU E 331 29.22 24.35 16.72
CA GLU E 331 30.54 23.76 16.83
C GLU E 331 30.51 22.25 16.61
N VAL E 332 29.76 21.53 17.43
CA VAL E 332 29.59 20.10 17.23
C VAL E 332 29.09 19.83 15.81
N GLY E 333 28.26 20.74 15.32
CA GLY E 333 27.62 20.57 14.02
C GLY E 333 28.64 20.56 12.91
N ALA E 334 29.52 21.56 12.93
CA ALA E 334 30.55 21.69 11.92
C ALA E 334 31.44 20.46 11.89
N HIS E 335 31.75 19.89 13.05
CA HIS E 335 32.53 18.66 13.09
C HIS E 335 31.83 17.51 12.36
N VAL E 336 30.58 17.23 12.74
CA VAL E 336 29.88 16.08 12.15
C VAL E 336 29.49 16.30 10.68
N MET E 337 29.19 17.54 10.32
CA MET E 337 28.86 17.87 8.93
C MET E 337 30.02 17.52 8.01
N ARG E 338 31.24 17.58 8.54
CA ARG E 338 32.43 17.21 7.78
C ARG E 338 32.46 15.71 7.43
N VAL E 339 31.72 14.89 8.18
CA VAL E 339 31.67 13.45 7.89
C VAL E 339 30.27 12.94 7.53
N THR E 340 29.32 13.85 7.34
CA THR E 340 27.94 13.51 6.96
C THR E 340 27.76 13.44 5.44
N GLU E 341 27.55 12.24 4.93
CA GLU E 341 27.43 11.99 3.50
C GLU E 341 26.42 12.91 2.78
N THR E 342 25.27 13.17 3.38
CA THR E 342 24.29 14.05 2.74
C THR E 342 24.22 15.43 3.41
N ALA E 343 25.33 15.87 3.99
CA ALA E 343 25.37 17.20 4.59
C ALA E 343 24.77 18.23 3.64
N HIS E 344 23.92 19.10 4.17
CA HIS E 344 23.22 20.10 3.37
C HIS E 344 23.59 21.52 3.82
N TRP E 345 22.89 22.06 4.83
CA TRP E 345 23.21 23.36 5.41
C TRP E 345 23.57 23.27 6.89
N LEU E 346 24.53 24.07 7.34
CA LEU E 346 24.76 24.22 8.78
C LEU E 346 23.98 25.45 9.29
N GLU E 347 23.26 25.29 10.39
CA GLU E 347 22.58 26.42 11.02
C GLU E 347 23.52 27.16 11.96
N TRP E 348 23.84 28.41 11.62
CA TRP E 348 24.77 29.20 12.46
C TRP E 348 24.05 30.32 13.21
N GLN E 349 24.35 30.43 14.50
CA GLN E 349 23.92 31.57 15.32
C GLN E 349 25.00 31.85 16.37
N SER E 350 25.04 33.08 16.88
CA SER E 350 26.07 33.45 17.85
C SER E 350 25.52 33.61 19.27
N TRP E 351 24.49 32.85 19.60
CA TRP E 351 23.85 32.97 20.91
C TRP E 351 24.71 32.44 22.05
N ALA E 352 25.53 31.43 21.78
CA ALA E 352 26.33 30.81 22.82
C ALA E 352 27.75 31.37 22.89
N ASP E 353 28.07 32.28 21.96
CA ASP E 353 29.41 32.85 21.82
C ASP E 353 30.03 33.46 23.09
N PRO E 354 29.25 34.28 23.81
CA PRO E 354 29.72 34.90 25.05
C PRO E 354 30.46 33.97 26.01
N ILE E 355 30.01 32.72 26.16
CA ILE E 355 30.66 31.79 27.08
C ILE E 355 31.82 31.02 26.45
N LEU E 356 32.20 31.39 25.23
CA LEU E 356 33.37 30.79 24.60
C LEU E 356 34.52 31.80 24.47
N GLN E 357 35.75 31.31 24.63
CA GLN E 357 36.92 32.15 24.46
C GLN E 357 37.20 32.40 23.00
N GLU E 358 37.12 31.34 22.19
CA GLU E 358 37.31 31.49 20.76
C GLU E 358 36.33 30.67 19.93
N PRO E 359 35.21 31.29 19.55
CA PRO E 359 34.21 30.70 18.66
C PRO E 359 34.81 30.47 17.28
N TYR E 360 34.15 29.71 16.43
CA TYR E 360 34.72 29.37 15.13
C TYR E 360 34.66 30.56 14.19
N ALA E 361 35.65 30.65 13.30
CA ALA E 361 35.74 31.73 12.34
C ALA E 361 34.80 31.50 11.19
N LEU E 362 34.40 32.60 10.55
CA LEU E 362 33.62 32.51 9.33
C LEU E 362 34.44 33.06 8.19
N SER E 363 34.30 32.45 7.02
CA SER E 363 34.84 32.99 5.80
C SER E 363 33.86 32.79 4.65
N ASP E 364 33.23 33.86 4.19
CA ASP E 364 32.31 33.77 3.06
C ASP E 364 31.10 32.87 3.36
N GLY E 365 30.60 32.90 4.58
CA GLY E 365 29.41 32.15 4.96
C GLY E 365 29.69 30.73 5.41
N ASP E 366 30.92 30.26 5.25
CA ASP E 366 31.31 28.91 5.67
C ASP E 366 31.94 28.93 7.05
N LEU E 367 31.39 28.14 7.97
CA LEU E 367 32.02 28.03 9.28
C LEU E 367 33.29 27.22 9.12
N ILE E 368 34.32 27.54 9.90
CA ILE E 368 35.61 26.85 9.79
C ILE E 368 35.90 26.00 11.00
N VAL E 369 36.05 24.71 10.81
CA VAL E 369 36.43 23.84 11.90
C VAL E 369 37.92 24.02 12.13
N PRO E 370 38.30 24.44 13.34
CA PRO E 370 39.70 24.76 13.59
C PRO E 370 40.50 23.49 13.87
N ASP E 371 41.80 23.53 13.64
CA ASP E 371 42.66 22.38 13.88
C ASP E 371 43.01 22.26 15.36
N LYS E 372 42.07 21.78 16.15
CA LYS E 372 42.19 21.68 17.59
C LYS E 372 41.51 20.40 18.08
N PRO E 373 42.04 19.80 19.15
CA PRO E 373 41.50 18.54 19.68
C PRO E 373 40.08 18.72 20.19
N GLY E 374 39.23 17.70 20.01
CA GLY E 374 37.85 17.77 20.44
C GLY E 374 37.09 18.87 19.71
N LEU E 375 36.21 19.54 20.43
CA LEU E 375 35.45 20.62 19.82
C LEU E 375 36.25 21.92 19.91
N GLY E 376 37.34 21.90 20.67
CA GLY E 376 38.16 23.07 20.84
C GLY E 376 37.42 24.15 21.64
N LEU E 377 36.58 23.71 22.57
CA LEU E 377 35.87 24.64 23.43
C LEU E 377 36.67 24.95 24.71
N ASP E 378 36.82 26.24 25.02
CA ASP E 378 37.35 26.68 26.30
C ASP E 378 36.45 27.76 26.89
N TRP E 379 36.01 27.57 28.12
CA TRP E 379 35.06 28.48 28.75
C TRP E 379 35.68 29.83 29.14
N ASP E 380 35.07 30.93 28.68
CA ASP E 380 35.43 32.25 29.16
C ASP E 380 34.80 32.43 30.55
N GLU E 381 35.58 32.10 31.58
CA GLU E 381 35.02 31.90 32.93
C GLU E 381 34.54 33.17 33.64
N ASP E 382 34.92 34.34 33.12
CA ASP E 382 34.42 35.59 33.67
C ASP E 382 32.97 35.84 33.23
N VAL E 383 32.69 35.60 31.96
CA VAL E 383 31.32 35.68 31.47
C VAL E 383 30.43 34.64 32.15
N VAL E 384 31.01 33.47 32.43
CA VAL E 384 30.29 32.42 33.14
C VAL E 384 29.95 32.84 34.57
N ALA E 385 30.96 33.25 35.32
CA ALA E 385 30.72 33.76 36.67
C ALA E 385 29.69 34.89 36.64
N ALA E 386 29.77 35.73 35.59
CA ALA E 386 28.87 36.87 35.45
C ALA E 386 27.41 36.50 35.18
N ASN E 387 27.20 35.34 34.57
CA ASN E 387 25.85 34.92 34.17
C ASN E 387 25.37 33.62 34.82
N LEU E 388 26.16 33.08 35.73
CA LEU E 388 25.78 31.87 36.47
C LEU E 388 24.37 31.99 37.06
N VAL E 389 23.77 30.85 37.39
CA VAL E 389 22.43 30.84 37.97
C VAL E 389 22.47 30.26 39.38
N THR F 27 -26.86 11.08 44.12
CA THR F 27 -27.38 10.21 43.06
C THR F 27 -28.36 10.92 42.11
N LEU F 28 -28.33 10.52 40.84
CA LEU F 28 -29.14 11.16 39.81
C LEU F 28 -29.86 10.08 39.01
N THR F 29 -31.18 10.21 38.89
CA THR F 29 -32.01 9.12 38.36
C THR F 29 -33.06 9.57 37.34
N PHE F 30 -33.09 8.86 36.22
CA PHE F 30 -33.98 9.15 35.10
C PHE F 30 -35.44 8.81 35.41
N ARG F 31 -36.33 9.79 35.33
CA ARG F 31 -37.77 9.52 35.44
C ARG F 31 -38.46 9.39 34.09
N LYS F 32 -38.41 10.45 33.29
CA LYS F 32 -39.02 10.42 31.95
C LYS F 32 -38.50 11.50 31.00
N LEU F 33 -38.78 11.30 29.71
CA LEU F 33 -38.36 12.25 28.68
C LEU F 33 -39.58 12.65 27.85
N THR F 34 -39.74 13.94 27.62
CA THR F 34 -40.83 14.42 26.78
C THR F 34 -40.30 15.08 25.52
N ALA F 35 -40.86 14.69 24.38
CA ALA F 35 -40.47 15.23 23.09
C ALA F 35 -41.65 15.92 22.41
N ARG F 36 -41.44 17.19 22.05
CA ARG F 36 -42.48 18.02 21.45
C ARG F 36 -42.04 18.54 20.09
N PRO F 37 -42.73 18.15 19.03
CA PRO F 37 -42.36 18.62 17.70
C PRO F 37 -42.89 20.03 17.43
N VAL F 38 -42.05 20.90 16.88
CA VAL F 38 -42.53 22.19 16.42
C VAL F 38 -42.02 22.47 15.02
N LEU F 39 -42.56 23.50 14.39
CA LEU F 39 -42.22 23.84 13.02
C LEU F 39 -42.19 25.34 12.91
N LEU F 40 -41.01 25.88 12.63
CA LEU F 40 -40.86 27.33 12.56
C LEU F 40 -40.79 27.78 11.11
N LYS F 41 -41.19 29.02 10.87
CA LYS F 41 -41.05 29.63 9.57
C LYS F 41 -39.72 30.37 9.53
N LEU F 42 -38.80 29.92 8.67
CA LEU F 42 -37.46 30.52 8.58
C LEU F 42 -37.49 31.98 8.11
N GLN F 43 -36.59 32.79 8.67
CA GLN F 43 -36.45 34.19 8.26
C GLN F 43 -36.02 34.26 6.79
N ARG F 44 -34.98 33.50 6.46
CA ARG F 44 -34.53 33.43 5.08
C ARG F 44 -34.72 31.99 4.58
N PRO F 45 -35.67 31.78 3.66
CA PRO F 45 -35.98 30.41 3.23
C PRO F 45 -34.82 29.72 2.51
N VAL F 46 -34.58 28.45 2.84
CA VAL F 46 -33.63 27.62 2.11
C VAL F 46 -33.99 27.63 0.62
N THR F 47 -33.10 28.12 -0.22
CA THR F 47 -33.35 28.17 -1.66
C THR F 47 -32.28 27.36 -2.42
N ALA F 48 -32.60 26.10 -2.69
CA ALA F 48 -31.75 25.26 -3.50
C ALA F 48 -32.16 25.36 -4.97
N ARG F 49 -31.59 24.50 -5.81
CA ARG F 49 -31.95 24.49 -7.23
C ARG F 49 -33.20 23.64 -7.45
N ILE F 50 -33.38 22.64 -6.59
CA ILE F 50 -34.52 21.72 -6.69
C ILE F 50 -35.81 22.27 -6.07
N ALA F 51 -35.70 22.95 -4.92
CA ALA F 51 -36.87 23.49 -4.25
C ALA F 51 -36.55 24.62 -3.28
N THR F 52 -37.58 25.11 -2.59
CA THR F 52 -37.44 26.19 -1.62
C THR F 52 -38.11 25.78 -0.29
N ILE F 53 -37.29 25.46 0.71
CA ILE F 53 -37.79 25.00 2.00
C ILE F 53 -37.92 26.16 2.99
N PRO F 54 -39.16 26.51 3.37
CA PRO F 54 -39.40 27.63 4.27
C PRO F 54 -39.55 27.18 5.73
N ASP F 55 -39.82 25.90 5.92
CA ASP F 55 -40.10 25.36 7.24
C ASP F 55 -38.87 24.71 7.88
N TRP F 56 -38.73 24.90 9.18
CA TRP F 56 -37.63 24.33 9.92
C TRP F 56 -38.17 23.59 11.13
N PRO F 57 -38.10 22.26 11.12
CA PRO F 57 -38.60 21.43 12.23
C PRO F 57 -37.61 21.30 13.39
N LEU F 58 -38.11 21.35 14.62
CA LEU F 58 -37.32 21.11 15.82
C LEU F 58 -38.08 20.15 16.76
N ILE F 59 -37.37 19.19 17.34
CA ILE F 59 -37.95 18.41 18.43
C ILE F 59 -37.36 18.90 19.75
N LEU F 60 -38.20 19.47 20.60
CA LEU F 60 -37.79 19.94 21.93
C LEU F 60 -37.85 18.78 22.92
N ILE F 61 -36.76 18.60 23.67
CA ILE F 61 -36.64 17.45 24.54
C ILE F 61 -36.43 17.88 25.99
N ASP F 62 -37.28 17.35 26.88
CA ASP F 62 -37.21 17.66 28.31
C ASP F 62 -37.08 16.38 29.14
N ILE F 63 -36.03 16.31 29.94
CA ILE F 63 -35.79 15.19 30.83
C ILE F 63 -36.23 15.58 32.23
N GLU F 64 -36.92 14.67 32.91
CA GLU F 64 -37.18 14.82 34.35
C GLU F 64 -36.35 13.79 35.10
N THR F 65 -35.75 14.19 36.22
CA THR F 65 -35.15 13.22 37.13
C THR F 65 -35.98 13.08 38.41
N GLU F 66 -35.82 11.96 39.10
CA GLU F 66 -36.43 11.77 40.41
C GLU F 66 -36.03 12.87 41.38
N GLU F 67 -34.81 13.37 41.23
CA GLU F 67 -34.25 14.37 42.12
C GLU F 67 -34.63 15.80 41.73
N GLY F 68 -35.47 15.93 40.70
CA GLY F 68 -35.98 17.23 40.30
C GLY F 68 -35.07 18.08 39.42
N VAL F 69 -33.98 17.49 38.92
CA VAL F 69 -33.07 18.18 38.01
C VAL F 69 -33.53 18.02 36.56
N PRO F 70 -33.73 19.15 35.87
CA PRO F 70 -34.22 19.07 34.48
C PRO F 70 -33.07 18.86 33.48
N GLY F 71 -33.43 18.51 32.25
CA GLY F 71 -32.49 18.43 31.16
C GLY F 71 -33.16 18.87 29.89
N ARG F 72 -32.54 19.80 29.17
CA ARG F 72 -33.15 20.36 27.98
C ARG F 72 -32.20 20.41 26.80
N ALA F 73 -32.62 19.83 25.68
CA ALA F 73 -31.90 20.00 24.42
C ALA F 73 -32.90 19.87 23.27
N TYR F 74 -32.42 20.04 22.05
CA TYR F 74 -33.32 19.94 20.91
C TYR F 74 -32.67 19.25 19.73
N LEU F 75 -33.50 18.72 18.84
CA LEU F 75 -33.03 18.09 17.63
C LEU F 75 -33.49 18.94 16.46
N GLU F 76 -32.69 18.95 15.40
CA GLU F 76 -33.06 19.61 14.15
C GLU F 76 -32.97 18.59 13.02
N PRO F 77 -34.07 17.85 12.81
CA PRO F 77 -34.10 16.70 11.91
C PRO F 77 -34.37 16.98 10.43
N TYR F 78 -34.50 18.25 10.03
CA TYR F 78 -34.59 18.61 8.61
C TYR F 78 -35.94 18.34 7.95
N VAL F 79 -36.40 17.10 7.99
CA VAL F 79 -37.64 16.71 7.33
C VAL F 79 -38.74 16.59 8.35
N PRO F 80 -39.75 17.48 8.27
CA PRO F 80 -40.86 17.57 9.21
C PRO F 80 -41.54 16.23 9.46
N LYS F 81 -41.87 15.51 8.39
CA LYS F 81 -42.55 14.23 8.51
C LYS F 81 -41.75 13.20 9.33
N ALA F 82 -40.44 13.37 9.42
CA ALA F 82 -39.64 12.45 10.21
C ALA F 82 -39.92 12.57 11.71
N MET F 83 -40.42 13.73 12.14
CA MET F 83 -40.81 13.88 13.55
C MET F 83 -41.80 12.81 13.98
N LYS F 84 -42.54 12.25 13.02
CA LYS F 84 -43.50 11.19 13.33
C LYS F 84 -42.85 9.81 13.52
N TYR F 85 -41.56 9.71 13.24
CA TYR F 85 -40.85 8.47 13.55
C TYR F 85 -40.02 8.68 14.81
N LEU F 86 -39.43 9.87 14.92
CA LEU F 86 -38.49 10.18 16.00
C LEU F 86 -39.17 10.39 17.35
N VAL F 87 -40.32 11.06 17.37
CA VAL F 87 -41.05 11.26 18.62
C VAL F 87 -41.43 9.92 19.29
N PRO F 88 -42.05 9.00 18.54
CA PRO F 88 -42.34 7.71 19.16
C PRO F 88 -41.05 7.01 19.59
N ALA F 89 -40.01 7.11 18.79
CA ALA F 89 -38.74 6.48 19.14
C ALA F 89 -38.21 7.03 20.45
N LEU F 90 -38.33 8.33 20.65
CA LEU F 90 -37.86 9.00 21.85
C LEU F 90 -38.66 8.56 23.07
N HIS F 91 -39.97 8.45 22.92
CA HIS F 91 -40.83 8.03 24.03
C HIS F 91 -40.61 6.57 24.37
N ASP F 92 -40.24 5.78 23.37
CA ASP F 92 -39.92 4.37 23.58
C ASP F 92 -38.62 4.22 24.38
N MET F 93 -37.69 5.15 24.18
CA MET F 93 -36.45 5.13 24.95
C MET F 93 -36.74 5.57 26.37
N SER F 94 -37.65 6.54 26.49
CA SER F 94 -38.08 7.00 27.80
C SER F 94 -38.64 5.83 28.63
N ASP F 95 -39.56 5.05 28.06
CA ASP F 95 -40.10 3.87 28.74
C ASP F 95 -38.99 2.93 29.18
N MET F 96 -38.06 2.69 28.26
CA MET F 96 -36.97 1.75 28.48
C MET F 96 -35.97 2.25 29.53
N LEU F 97 -35.92 3.56 29.74
CA LEU F 97 -34.91 4.17 30.60
C LEU F 97 -35.41 4.50 32.01
N ALA F 98 -36.72 4.55 32.19
CA ALA F 98 -37.31 4.87 33.49
C ALA F 98 -36.68 4.07 34.63
N GLY F 99 -36.30 4.77 35.69
CA GLY F 99 -35.78 4.12 36.88
C GLY F 99 -34.27 3.97 36.87
N GLN F 100 -33.67 4.22 35.73
CA GLN F 100 -32.24 3.97 35.56
C GLN F 100 -31.39 5.19 35.87
N PRO F 101 -30.12 4.95 36.22
CA PRO F 101 -29.25 6.08 36.55
C PRO F 101 -29.17 7.04 35.37
N LEU F 102 -29.17 8.34 35.66
CA LEU F 102 -29.03 9.36 34.63
C LEU F 102 -27.54 9.49 34.32
N ALA F 103 -27.01 8.53 33.57
CA ALA F 103 -25.59 8.47 33.24
C ALA F 103 -25.39 8.39 31.73
N PRO F 104 -24.92 9.49 31.12
CA PRO F 104 -24.84 9.65 29.66
C PRO F 104 -24.24 8.44 28.99
N ALA F 105 -23.05 8.06 29.41
CA ALA F 105 -22.30 7.00 28.77
C ALA F 105 -23.00 5.65 28.83
N GLU F 106 -23.59 5.33 29.97
CA GLU F 106 -24.31 4.07 30.10
C GLU F 106 -25.54 4.09 29.20
N ILE F 107 -26.18 5.25 29.13
CA ILE F 107 -27.39 5.41 28.37
C ILE F 107 -27.13 5.38 26.86
N TYR F 108 -26.04 6.00 26.44
CA TYR F 108 -25.67 6.01 25.02
C TYR F 108 -25.49 4.57 24.56
N ASP F 109 -24.84 3.74 25.38
CA ASP F 109 -24.70 2.33 25.03
C ASP F 109 -26.04 1.59 25.00
N LYS F 110 -26.87 1.77 26.03
CA LYS F 110 -28.18 1.11 26.12
C LYS F 110 -29.16 1.51 25.00
N THR F 111 -29.21 2.80 24.65
CA THR F 111 -30.08 3.25 23.57
C THR F 111 -29.66 2.70 22.20
N ARG F 112 -28.36 2.71 21.91
CA ARG F 112 -27.86 2.16 20.65
C ARG F 112 -28.02 0.65 20.54
N LYS F 113 -27.85 -0.07 21.65
CA LYS F 113 -28.08 -1.52 21.66
C LYS F 113 -29.54 -1.86 21.36
N SER F 114 -30.47 -1.06 21.91
CA SER F 114 -31.89 -1.38 21.76
C SER F 114 -32.35 -1.36 20.29
N LEU F 115 -31.64 -0.60 19.45
CA LEU F 115 -31.99 -0.47 18.04
C LEU F 115 -30.96 -1.02 17.04
N HIS F 116 -29.98 -1.80 17.52
CA HIS F 116 -28.90 -2.25 16.63
C HIS F 116 -29.37 -3.10 15.42
N PHE F 117 -30.49 -3.82 15.59
CA PHE F 117 -31.06 -4.64 14.51
C PHE F 117 -31.64 -3.80 13.39
N VAL F 118 -32.02 -2.55 13.69
CA VAL F 118 -32.43 -1.64 12.63
C VAL F 118 -31.34 -0.59 12.38
N GLY F 119 -30.10 -0.97 12.66
CA GLY F 119 -28.95 -0.20 12.23
C GLY F 119 -28.44 0.80 13.25
N TYR F 120 -27.12 0.97 13.28
CA TYR F 120 -26.49 1.94 14.18
C TYR F 120 -26.57 3.33 13.56
N ALA F 121 -26.58 3.41 12.24
CA ALA F 121 -26.62 4.70 11.58
C ALA F 121 -28.06 5.10 11.31
N GLY F 122 -28.28 6.35 10.89
CA GLY F 122 -29.61 6.79 10.51
C GLY F 122 -30.53 7.14 11.68
N LEU F 123 -31.81 6.87 11.51
CA LEU F 123 -32.83 7.26 12.50
C LEU F 123 -32.53 6.78 13.92
N SER F 124 -31.94 5.59 14.06
CA SER F 124 -31.58 5.05 15.38
C SER F 124 -30.62 5.99 16.12
N MET F 125 -29.53 6.34 15.43
CA MET F 125 -28.51 7.23 15.95
C MET F 125 -29.12 8.57 16.36
N ILE F 126 -30.04 9.07 15.54
CA ILE F 126 -30.67 10.38 15.78
C ILE F 126 -31.50 10.45 17.06
N ALA F 127 -32.25 9.39 17.36
CA ALA F 127 -33.04 9.38 18.58
C ALA F 127 -32.11 9.32 19.78
N ALA F 128 -31.11 8.44 19.70
CA ALA F 128 -30.12 8.32 20.78
C ALA F 128 -29.32 9.62 21.00
N SER F 129 -28.99 10.33 19.93
CA SER F 129 -28.21 11.57 20.04
C SER F 129 -28.99 12.65 20.77
N GLY F 130 -30.29 12.72 20.51
CA GLY F 130 -31.16 13.67 21.18
C GLY F 130 -31.27 13.42 22.67
N VAL F 131 -31.34 12.15 23.05
CA VAL F 131 -31.37 11.76 24.45
C VAL F 131 -30.04 12.15 25.05
N ASP F 132 -28.96 11.81 24.36
CA ASP F 132 -27.61 12.06 24.86
C ASP F 132 -27.41 13.54 25.24
N MET F 133 -27.78 14.45 24.35
CA MET F 133 -27.62 15.88 24.61
C MET F 133 -28.41 16.34 25.83
N ALA F 134 -29.69 15.95 25.89
CA ALA F 134 -30.52 16.27 27.04
C ALA F 134 -29.93 15.74 28.35
N VAL F 135 -29.49 14.49 28.32
CA VAL F 135 -28.97 13.84 29.52
C VAL F 135 -27.68 14.51 30.02
N TRP F 136 -26.85 14.94 29.08
CA TRP F 136 -25.63 15.61 29.48
C TRP F 136 -25.96 16.97 30.07
N ASP F 137 -26.99 17.61 29.53
CA ASP F 137 -27.42 18.90 30.06
C ASP F 137 -27.90 18.71 31.48
N ALA F 138 -28.69 17.65 31.71
CA ALA F 138 -29.17 17.34 33.06
C ALA F 138 -28.01 17.08 34.04
N LEU F 139 -27.03 16.27 33.64
CA LEU F 139 -25.87 15.97 34.48
C LEU F 139 -25.11 17.25 34.83
N ALA F 140 -24.95 18.13 33.85
CA ALA F 140 -24.29 19.41 34.08
C ALA F 140 -25.04 20.25 35.11
N ARG F 141 -26.36 20.35 34.96
CA ARG F 141 -27.18 21.08 35.92
C ARG F 141 -27.07 20.48 37.32
N ALA F 142 -27.11 19.16 37.39
CA ALA F 142 -26.93 18.45 38.64
C ALA F 142 -25.58 18.77 39.31
N ALA F 143 -24.58 19.16 38.53
CA ALA F 143 -23.29 19.54 39.11
C ALA F 143 -23.18 21.05 39.24
N ASN F 144 -24.27 21.75 38.95
CA ASN F 144 -24.29 23.21 38.91
C ASN F 144 -23.12 23.80 38.09
N MET F 145 -22.85 23.19 36.93
CA MET F 145 -21.76 23.64 36.05
C MET F 145 -22.27 23.84 34.64
N PRO F 146 -21.74 24.85 33.95
CA PRO F 146 -21.97 24.92 32.50
C PRO F 146 -21.45 23.62 31.88
N LEU F 147 -22.02 23.15 30.76
CA LEU F 147 -21.58 21.89 30.16
C LEU F 147 -20.08 21.88 29.84
N CYS F 148 -19.58 22.95 29.21
CA CYS F 148 -18.15 23.00 28.88
C CYS F 148 -17.30 22.83 30.13
N THR F 149 -17.82 23.30 31.27
CA THR F 149 -17.11 23.18 32.53
C THR F 149 -17.11 21.73 33.02
N LEU F 150 -18.27 21.09 33.01
CA LEU F 150 -18.35 19.67 33.33
C LEU F 150 -17.37 18.86 32.49
N LEU F 151 -17.16 19.28 31.24
CA LEU F 151 -16.30 18.57 30.31
C LEU F 151 -14.83 18.93 30.44
N GLY F 152 -14.50 19.82 31.36
CA GLY F 152 -13.11 20.09 31.65
C GLY F 152 -12.60 21.42 31.12
N GLY F 153 -13.51 22.25 30.61
CA GLY F 153 -13.12 23.54 30.09
C GLY F 153 -13.78 24.63 30.86
N THR F 154 -13.93 25.80 30.24
CA THR F 154 -14.65 26.94 30.82
C THR F 154 -15.38 27.74 29.73
N PRO F 155 -16.45 28.45 30.13
CA PRO F 155 -17.19 29.35 29.24
C PRO F 155 -16.28 30.41 28.61
N GLY F 156 -16.55 30.77 27.36
CA GLY F 156 -15.75 31.76 26.68
C GLY F 156 -16.16 31.92 25.22
N SER F 157 -15.28 32.51 24.43
CA SER F 157 -15.55 32.83 23.04
C SER F 157 -15.18 31.69 22.09
N VAL F 158 -15.99 31.52 21.05
CA VAL F 158 -15.71 30.54 20.01
C VAL F 158 -15.94 31.21 18.66
N LYS F 159 -14.90 31.25 17.83
CA LYS F 159 -14.97 31.89 16.53
C LYS F 159 -16.03 31.18 15.70
N ALA F 160 -16.92 31.95 15.06
CA ALA F 160 -17.98 31.32 14.28
C ALA F 160 -18.05 31.92 12.90
N TYR F 161 -18.80 31.27 12.02
CA TYR F 161 -19.09 31.81 10.71
C TYR F 161 -20.59 31.72 10.51
N ASN F 162 -21.12 32.59 9.67
CA ASN F 162 -22.55 32.74 9.57
C ASN F 162 -23.13 31.90 8.44
N SER F 163 -23.88 30.84 8.79
CA SER F 163 -24.54 30.06 7.74
C SER F 163 -26.04 30.34 7.56
N ASN F 164 -26.49 31.51 8.02
CA ASN F 164 -27.92 31.83 7.91
C ASN F 164 -28.49 31.82 6.48
N GLY F 165 -27.66 32.12 5.48
CA GLY F 165 -28.18 32.27 4.13
C GLY F 165 -27.20 32.13 2.98
N LEU F 166 -27.21 33.09 2.07
CA LEU F 166 -26.42 33.00 0.83
C LEU F 166 -26.80 31.73 0.07
N TRP F 167 -28.11 31.52 -0.07
CA TRP F 167 -28.64 30.39 -0.84
C TRP F 167 -28.56 30.71 -2.33
N LEU F 168 -29.19 29.89 -3.17
CA LEU F 168 -28.94 29.97 -4.62
C LEU F 168 -29.74 31.05 -5.36
N LYS F 169 -29.72 32.26 -4.82
CA LYS F 169 -30.35 33.42 -5.46
C LYS F 169 -29.35 34.10 -6.41
N SER F 170 -29.71 35.26 -6.93
CA SER F 170 -28.87 35.95 -7.91
C SER F 170 -27.64 36.55 -7.22
N PRO F 171 -26.57 36.76 -7.98
CA PRO F 171 -25.35 37.38 -7.44
C PRO F 171 -25.64 38.65 -6.62
N ALA F 172 -26.34 39.61 -7.21
CA ALA F 172 -26.56 40.90 -6.54
C ALA F 172 -27.35 40.72 -5.24
N GLU F 173 -28.32 39.82 -5.26
CA GLU F 173 -29.11 39.54 -4.07
C GLU F 173 -28.27 38.87 -3.00
N VAL F 174 -27.35 38.00 -3.42
CA VAL F 174 -26.54 37.26 -2.46
C VAL F 174 -25.50 38.19 -1.84
N ALA F 175 -24.97 39.10 -2.65
CA ALA F 175 -23.98 40.05 -2.13
C ALA F 175 -24.61 41.01 -1.12
N ALA F 176 -25.85 41.44 -1.37
CA ALA F 176 -26.51 42.35 -0.43
C ALA F 176 -26.77 41.65 0.89
N GLU F 177 -27.18 40.39 0.80
CA GLU F 177 -27.45 39.59 1.99
C GLU F 177 -26.17 39.31 2.76
N ALA F 178 -25.05 39.15 2.05
CA ALA F 178 -23.77 38.94 2.70
C ALA F 178 -23.41 40.11 3.65
N VAL F 179 -23.67 41.35 3.20
CA VAL F 179 -23.43 42.52 4.06
C VAL F 179 -24.23 42.40 5.36
N GLU F 180 -25.51 42.03 5.27
CA GLU F 180 -26.37 41.78 6.43
C GLU F 180 -25.79 40.68 7.32
N LEU F 181 -25.57 39.49 6.76
CA LEU F 181 -25.08 38.36 7.56
C LEU F 181 -23.77 38.69 8.28
N LYS F 182 -22.84 39.37 7.59
CA LYS F 182 -21.59 39.75 8.27
C LYS F 182 -21.89 40.55 9.51
N ALA F 183 -22.75 41.56 9.36
CA ALA F 183 -23.11 42.48 10.44
C ALA F 183 -23.83 41.80 11.60
N GLU F 184 -24.48 40.67 11.33
CA GLU F 184 -25.12 39.91 12.38
C GLU F 184 -24.10 39.46 13.42
N GLY F 185 -22.82 39.44 13.03
CA GLY F 185 -21.77 38.99 13.95
C GLY F 185 -21.51 39.94 15.12
N GLN F 186 -22.01 41.17 14.99
CA GLN F 186 -21.75 42.24 15.97
C GLN F 186 -20.32 42.76 15.90
N GLY F 187 -20.14 44.01 16.30
CA GLY F 187 -18.81 44.58 16.36
C GLY F 187 -18.18 44.63 14.99
N THR F 188 -17.02 43.99 14.85
CA THR F 188 -16.34 44.00 13.56
C THR F 188 -16.91 42.96 12.57
N GLY F 189 -17.90 42.19 13.02
CA GLY F 189 -18.63 41.29 12.15
C GLY F 189 -18.10 39.87 12.10
N PHE F 190 -18.89 38.94 11.56
CA PHE F 190 -18.40 37.59 11.33
C PHE F 190 -17.16 37.61 10.45
N LYS F 191 -16.22 36.71 10.71
CA LYS F 191 -15.01 36.63 9.90
C LYS F 191 -15.14 35.60 8.79
N GLY F 192 -16.30 34.93 8.74
CA GLY F 192 -16.54 33.95 7.69
C GLY F 192 -18.03 33.80 7.44
N LEU F 193 -18.38 33.45 6.20
CA LEU F 193 -19.76 33.31 5.78
C LEU F 193 -19.83 31.99 5.05
N LYS F 194 -20.90 31.22 5.21
CA LYS F 194 -21.12 30.08 4.33
C LYS F 194 -21.83 30.51 3.05
N LEU F 195 -21.24 30.16 1.92
CA LEU F 195 -21.80 30.49 0.62
C LEU F 195 -22.24 29.21 -0.10
N ARG F 196 -23.52 29.11 -0.48
CA ARG F 196 -23.99 27.92 -1.17
C ARG F 196 -23.73 28.02 -2.67
N MET F 197 -23.32 26.91 -3.26
CA MET F 197 -23.09 26.84 -4.70
C MET F 197 -23.83 25.66 -5.31
N GLY F 198 -23.91 25.65 -6.63
CA GLY F 198 -24.61 24.59 -7.34
C GLY F 198 -25.67 25.09 -8.30
N ARG F 199 -25.49 26.31 -8.81
CA ARG F 199 -26.39 26.82 -9.83
C ARG F 199 -26.28 25.99 -11.10
N ASP F 200 -27.26 26.11 -11.99
CA ASP F 200 -27.19 25.43 -13.28
C ASP F 200 -25.98 25.85 -14.08
N ASP F 201 -25.70 27.14 -14.09
CA ASP F 201 -24.52 27.69 -14.74
C ASP F 201 -23.44 27.97 -13.70
N PRO F 202 -22.37 27.16 -13.70
CA PRO F 202 -21.21 27.31 -12.82
C PRO F 202 -20.62 28.72 -12.83
N ALA F 203 -20.69 29.37 -13.99
CA ALA F 203 -20.13 30.71 -14.12
C ALA F 203 -20.84 31.64 -13.16
N VAL F 204 -22.11 31.36 -12.88
CA VAL F 204 -22.88 32.23 -12.01
C VAL F 204 -22.52 31.99 -10.53
N ASP F 205 -22.11 30.77 -10.19
CA ASP F 205 -21.62 30.49 -8.84
C ASP F 205 -20.40 31.37 -8.56
N ILE F 206 -19.49 31.40 -9.51
CA ILE F 206 -18.24 32.12 -9.37
C ILE F 206 -18.54 33.62 -9.32
N GLU F 207 -19.46 34.03 -10.18
CA GLU F 207 -19.93 35.41 -10.23
C GLU F 207 -20.44 35.82 -8.84
N THR F 208 -21.19 34.92 -8.21
CA THR F 208 -21.68 35.16 -6.86
C THR F 208 -20.57 35.34 -5.82
N ALA F 209 -19.57 34.44 -5.84
CA ALA F 209 -18.41 34.56 -4.96
C ALA F 209 -17.75 35.94 -5.13
N GLU F 210 -17.51 36.34 -6.38
CA GLU F 210 -16.85 37.61 -6.67
C GLU F 210 -17.69 38.78 -6.17
N ALA F 211 -19.00 38.69 -6.35
CA ALA F 211 -19.91 39.75 -5.89
C ALA F 211 -19.93 39.87 -4.36
N VAL F 212 -19.92 38.72 -3.68
CA VAL F 212 -19.89 38.72 -2.22
C VAL F 212 -18.61 39.38 -1.69
N TRP F 213 -17.48 39.00 -2.26
CA TRP F 213 -16.20 39.56 -1.85
C TRP F 213 -16.08 41.05 -2.20
N ASP F 214 -16.66 41.47 -3.34
CA ASP F 214 -16.66 42.89 -3.67
C ASP F 214 -17.43 43.65 -2.60
N ALA F 215 -18.41 42.98 -2.00
CA ALA F 215 -19.27 43.59 -0.99
C ALA F 215 -18.72 43.56 0.44
N VAL F 216 -17.99 42.50 0.82
CA VAL F 216 -17.56 42.36 2.22
C VAL F 216 -16.06 42.19 2.43
N GLY F 217 -15.31 42.11 1.34
CA GLY F 217 -13.86 42.02 1.41
C GLY F 217 -13.29 40.63 1.63
N ARG F 218 -12.09 40.38 1.11
CA ARG F 218 -11.45 39.08 1.25
C ARG F 218 -10.89 38.85 2.64
N ASP F 219 -10.98 39.87 3.49
CA ASP F 219 -10.76 39.66 4.91
C ASP F 219 -11.85 38.77 5.53
N THR F 220 -12.89 38.51 4.77
CA THR F 220 -13.98 37.62 5.17
C THR F 220 -13.78 36.29 4.47
N ALA F 221 -13.60 35.22 5.26
CA ALA F 221 -13.47 33.87 4.73
C ALA F 221 -14.80 33.45 4.14
N LEU F 222 -14.76 32.76 2.99
CA LEU F 222 -15.95 32.12 2.41
C LEU F 222 -15.84 30.61 2.42
N MET F 223 -16.83 29.96 3.04
CA MET F 223 -16.90 28.50 3.04
C MET F 223 -17.97 28.16 2.02
N VAL F 224 -17.63 27.28 1.10
CA VAL F 224 -18.59 26.96 0.05
C VAL F 224 -19.14 25.56 0.25
N ASP F 225 -20.47 25.44 0.16
CA ASP F 225 -21.14 24.17 0.35
C ASP F 225 -21.99 23.82 -0.86
N PHE F 226 -21.76 22.63 -1.43
CA PHE F 226 -22.52 22.18 -2.59
C PHE F 226 -23.69 21.31 -2.19
N ASN F 227 -23.74 20.93 -0.92
CA ASN F 227 -24.81 20.06 -0.43
C ASN F 227 -25.01 18.78 -1.24
N GLN F 228 -23.91 18.10 -1.58
CA GLN F 228 -23.99 16.81 -2.25
C GLN F 228 -24.65 16.90 -3.62
N GLY F 229 -24.72 18.09 -4.21
CA GLY F 229 -25.50 18.27 -5.43
C GLY F 229 -24.87 17.81 -6.74
N LEU F 230 -23.62 17.38 -6.69
CA LEU F 230 -22.91 17.07 -7.93
C LEU F 230 -22.60 15.59 -8.03
N ASP F 231 -22.49 15.10 -9.25
CA ASP F 231 -21.96 13.76 -9.47
C ASP F 231 -20.47 13.93 -9.67
N MET F 232 -19.73 12.84 -9.77
CA MET F 232 -18.28 12.95 -9.80
C MET F 232 -17.74 13.75 -10.98
N ALA F 233 -18.33 13.56 -12.16
CA ALA F 233 -17.89 14.31 -13.34
C ALA F 233 -18.09 15.80 -13.12
N GLU F 234 -19.31 16.18 -12.76
CA GLU F 234 -19.59 17.58 -12.48
C GLU F 234 -18.68 18.10 -11.37
N ALA F 235 -18.37 17.25 -10.39
CA ALA F 235 -17.59 17.75 -9.27
C ALA F 235 -16.14 18.00 -9.66
N MET F 236 -15.61 17.17 -10.55
CA MET F 236 -14.22 17.35 -10.96
C MET F 236 -14.12 18.67 -11.70
N HIS F 237 -15.04 18.90 -12.63
CA HIS F 237 -15.07 20.13 -13.39
C HIS F 237 -15.30 21.36 -12.53
N ARG F 238 -16.28 21.29 -11.64
CA ARG F 238 -16.67 22.50 -10.93
C ARG F 238 -15.75 22.85 -9.78
N THR F 239 -15.28 21.86 -9.03
CA THR F 239 -14.35 22.17 -7.95
C THR F 239 -13.02 22.68 -8.54
N ARG F 240 -12.61 22.12 -9.66
CA ARG F 240 -11.38 22.59 -10.27
C ARG F 240 -11.52 24.09 -10.64
N GLN F 241 -12.70 24.49 -11.10
CA GLN F 241 -12.91 25.86 -11.54
C GLN F 241 -12.76 26.83 -10.40
N ILE F 242 -13.07 26.40 -9.18
CA ILE F 242 -13.01 27.30 -8.04
C ILE F 242 -11.80 27.10 -7.13
N ASP F 243 -10.92 26.17 -7.50
CA ASP F 243 -9.81 25.81 -6.63
C ASP F 243 -8.82 26.97 -6.44
N ASP F 244 -8.85 27.95 -7.33
CA ASP F 244 -7.94 29.10 -7.19
C ASP F 244 -8.61 30.40 -6.74
N LEU F 245 -9.89 30.33 -6.37
CA LEU F 245 -10.61 31.50 -5.87
C LEU F 245 -10.11 31.98 -4.51
N GLY F 246 -9.45 31.12 -3.75
CA GLY F 246 -9.07 31.48 -2.39
C GLY F 246 -10.15 31.20 -1.35
N LEU F 247 -11.00 30.20 -1.59
CA LEU F 247 -12.04 29.82 -0.63
C LEU F 247 -11.43 29.22 0.64
N GLU F 248 -12.16 29.35 1.75
CA GLU F 248 -11.71 28.79 3.03
C GLU F 248 -11.81 27.25 2.96
N TRP F 249 -12.91 26.76 2.41
CA TRP F 249 -13.00 25.34 2.10
C TRP F 249 -14.12 25.06 1.13
N ILE F 250 -14.11 23.85 0.56
CA ILE F 250 -15.19 23.36 -0.28
C ILE F 250 -15.86 22.15 0.39
N GLU F 251 -17.19 22.22 0.53
CA GLU F 251 -17.90 21.27 1.35
C GLU F 251 -18.81 20.36 0.55
N GLU F 252 -18.69 19.05 0.81
CA GLU F 252 -19.56 17.98 0.26
C GLU F 252 -20.01 18.15 -1.17
N PRO F 253 -19.07 18.08 -2.12
CA PRO F 253 -19.53 18.27 -3.50
C PRO F 253 -20.38 17.10 -4.01
N VAL F 254 -20.16 15.89 -3.50
CA VAL F 254 -20.86 14.70 -4.00
C VAL F 254 -21.52 13.96 -2.85
N VAL F 255 -22.25 12.90 -3.17
CA VAL F 255 -23.03 12.17 -2.17
C VAL F 255 -22.12 11.61 -1.06
N TYR F 256 -22.58 11.74 0.18
CA TYR F 256 -21.69 11.68 1.34
C TYR F 256 -20.95 10.39 1.59
N ASP F 257 -21.45 9.27 1.08
CA ASP F 257 -20.76 7.99 1.31
C ASP F 257 -19.83 7.56 0.17
N ASN F 258 -19.62 8.44 -0.80
CA ASN F 258 -18.70 8.16 -1.89
C ASN F 258 -17.27 8.52 -1.52
N PHE F 259 -16.61 7.66 -0.73
CA PHE F 259 -15.26 7.92 -0.26
C PHE F 259 -14.19 7.78 -1.34
N ASP F 260 -14.41 6.87 -2.29
CA ASP F 260 -13.47 6.76 -3.40
C ASP F 260 -13.42 8.09 -4.16
N GLY F 261 -14.57 8.71 -4.39
CA GLY F 261 -14.64 9.99 -5.08
C GLY F 261 -14.05 11.12 -4.26
N TYR F 262 -14.35 11.13 -2.96
CA TYR F 262 -13.81 12.15 -2.08
C TYR F 262 -12.29 12.12 -2.04
N ALA F 263 -11.69 10.93 -1.91
CA ALA F 263 -10.24 10.80 -1.95
C ALA F 263 -9.64 11.38 -3.24
N GLN F 264 -10.31 11.17 -4.39
CA GLN F 264 -9.82 11.71 -5.66
C GLN F 264 -9.84 13.23 -5.69
N LEU F 265 -10.96 13.79 -5.23
CA LEU F 265 -11.17 15.24 -5.18
C LEU F 265 -10.18 15.90 -4.23
N ARG F 266 -9.94 15.26 -3.09
CA ARG F 266 -9.06 15.83 -2.07
C ARG F 266 -7.65 15.90 -2.64
N HIS F 267 -7.27 14.89 -3.40
CA HIS F 267 -5.97 14.85 -4.02
C HIS F 267 -5.81 15.94 -5.06
N ASP F 268 -6.79 16.07 -5.95
CA ASP F 268 -6.73 17.04 -7.03
C ASP F 268 -6.85 18.50 -6.55
N LEU F 269 -7.58 18.74 -5.47
CA LEU F 269 -7.84 20.11 -5.05
C LEU F 269 -6.78 20.56 -4.06
N LYS F 270 -6.26 21.77 -4.26
CA LYS F 270 -5.37 22.37 -3.28
C LYS F 270 -6.16 22.94 -2.10
N THR F 271 -7.36 23.44 -2.38
CA THR F 271 -8.25 23.99 -1.34
C THR F 271 -8.70 22.86 -0.41
N PRO F 272 -8.77 23.12 0.90
CA PRO F 272 -9.23 22.04 1.79
C PRO F 272 -10.62 21.53 1.41
N LEU F 273 -10.80 20.21 1.51
CA LEU F 273 -12.07 19.58 1.22
C LEU F 273 -12.73 19.20 2.55
N MET F 274 -13.98 19.64 2.73
CA MET F 274 -14.67 19.51 4.00
C MET F 274 -15.82 18.52 3.88
N ILE F 275 -15.93 17.60 4.84
CA ILE F 275 -17.10 16.73 4.94
C ILE F 275 -17.31 16.40 6.40
N GLY F 276 -18.32 15.61 6.70
CA GLY F 276 -18.50 15.17 8.07
C GLY F 276 -19.88 15.34 8.63
N GLU F 277 -20.67 16.28 8.12
CA GLU F 277 -21.97 16.50 8.73
C GLU F 277 -22.83 15.24 8.64
N ASN F 278 -22.44 14.28 7.81
CA ASN F 278 -23.20 13.03 7.65
C ASN F 278 -22.52 11.79 8.22
N PHE F 279 -21.44 12.00 8.99
CA PHE F 279 -20.79 10.91 9.72
C PHE F 279 -21.74 10.37 10.80
N TYR F 280 -22.11 9.11 10.70
CA TYR F 280 -22.89 8.48 11.77
C TYR F 280 -21.96 7.76 12.76
N GLY F 281 -21.43 8.51 13.72
CA GLY F 281 -20.54 7.94 14.72
C GLY F 281 -19.05 8.11 14.43
N PRO F 282 -18.22 8.01 15.48
CA PRO F 282 -16.77 8.23 15.35
C PRO F 282 -16.07 7.16 14.52
N ARG F 283 -16.58 5.94 14.55
CA ARG F 283 -15.96 4.91 13.72
C ARG F 283 -16.08 5.32 12.25
N GLU F 284 -17.19 5.96 11.89
CA GLU F 284 -17.38 6.39 10.51
C GLU F 284 -16.35 7.47 10.12
N MET F 285 -16.11 8.41 11.02
CA MET F 285 -15.06 9.42 10.82
C MET F 285 -13.69 8.75 10.62
N HIS F 286 -13.41 7.78 11.46
CA HIS F 286 -12.13 7.07 11.43
C HIS F 286 -11.93 6.38 10.06
N GLN F 287 -13.02 5.81 9.52
CA GLN F 287 -12.96 5.15 8.21
C GLN F 287 -12.75 6.15 7.08
N ALA F 288 -13.40 7.31 7.18
CA ALA F 288 -13.22 8.37 6.22
C ALA F 288 -11.78 8.85 6.18
N LEU F 289 -11.15 8.95 7.35
CA LEU F 289 -9.76 9.42 7.45
C LEU F 289 -8.79 8.38 6.89
N GLN F 290 -9.00 7.12 7.23
CA GLN F 290 -8.20 6.04 6.64
C GLN F 290 -8.31 6.05 5.13
N ALA F 291 -9.48 6.42 4.61
CA ALA F 291 -9.69 6.46 3.16
C ALA F 291 -9.04 7.70 2.54
N GLY F 292 -8.54 8.59 3.37
CA GLY F 292 -8.01 9.86 2.88
C GLY F 292 -9.08 10.68 2.18
N ALA F 293 -10.26 10.74 2.79
CA ALA F 293 -11.44 11.35 2.14
C ALA F 293 -11.63 12.87 2.32
N CYS F 294 -10.90 13.47 3.26
CA CYS F 294 -11.10 14.89 3.51
C CYS F 294 -9.90 15.51 4.19
N ASP F 295 -9.81 16.85 4.11
CA ASP F 295 -8.82 17.62 4.86
C ASP F 295 -9.40 18.14 6.19
N LEU F 296 -10.71 18.34 6.23
CA LEU F 296 -11.35 18.91 7.41
C LEU F 296 -12.64 18.12 7.70
N VAL F 297 -13.08 18.05 8.95
CA VAL F 297 -14.35 17.39 9.26
C VAL F 297 -15.30 18.31 10.05
N MET F 298 -16.61 18.12 9.92
CA MET F 298 -17.56 18.86 10.75
C MET F 298 -18.77 18.01 11.12
N PRO F 299 -18.66 17.26 12.23
CA PRO F 299 -19.78 16.38 12.63
C PRO F 299 -21.03 17.16 13.06
N ASP F 300 -22.17 16.57 12.76
CA ASP F 300 -23.47 17.07 13.16
C ASP F 300 -23.89 16.29 14.41
N PHE F 301 -24.42 16.99 15.42
CA PHE F 301 -24.70 16.36 16.74
C PHE F 301 -25.79 15.29 16.78
N MET F 302 -26.78 15.39 15.90
CA MET F 302 -27.77 14.33 15.87
C MET F 302 -27.24 13.06 15.19
N ARG F 303 -26.17 13.20 14.40
CA ARG F 303 -25.66 12.07 13.63
C ARG F 303 -24.39 11.46 14.25
N ILE F 304 -23.54 12.30 14.84
CA ILE F 304 -22.30 11.79 15.40
C ILE F 304 -22.50 11.05 16.72
N GLY F 305 -23.65 11.26 17.37
CA GLY F 305 -23.94 10.63 18.65
C GLY F 305 -23.93 11.60 19.82
N GLY F 306 -24.43 12.82 19.57
CA GLY F 306 -24.58 13.83 20.60
C GLY F 306 -23.26 14.28 21.21
N VAL F 307 -23.29 14.62 22.49
CA VAL F 307 -22.08 15.01 23.20
C VAL F 307 -21.10 13.85 23.29
N SER F 308 -21.61 12.65 23.60
CA SER F 308 -20.77 11.46 23.74
C SER F 308 -19.99 11.16 22.48
N GLY F 309 -20.70 11.07 21.35
CA GLY F 309 -20.06 10.84 20.07
C GLY F 309 -19.09 11.93 19.65
N TRP F 310 -19.43 13.19 19.93
CA TRP F 310 -18.52 14.28 19.57
C TRP F 310 -17.18 14.14 20.29
N MET F 311 -17.21 13.83 21.58
CA MET F 311 -15.99 13.77 22.36
C MET F 311 -15.08 12.65 21.86
N ARG F 312 -15.69 11.52 21.50
CA ARG F 312 -14.94 10.41 20.95
C ARG F 312 -14.32 10.78 19.60
N ALA F 313 -15.09 11.51 18.80
CA ALA F 313 -14.65 11.93 17.48
C ALA F 313 -13.57 12.98 17.61
N ALA F 314 -13.69 13.82 18.63
CA ALA F 314 -12.66 14.82 18.93
C ALA F 314 -11.33 14.12 19.21
N GLY F 315 -11.43 12.98 19.89
CA GLY F 315 -10.29 12.12 20.15
C GLY F 315 -9.68 11.54 18.89
N VAL F 316 -10.49 11.05 17.96
CA VAL F 316 -9.98 10.62 16.66
C VAL F 316 -9.35 11.79 15.91
N ALA F 317 -10.08 12.90 15.81
CA ALA F 317 -9.62 14.06 15.07
C ALA F 317 -8.31 14.53 15.64
N GLY F 318 -8.24 14.63 16.96
CA GLY F 318 -7.02 15.07 17.62
C GLY F 318 -5.83 14.20 17.23
N ALA F 319 -5.99 12.89 17.29
CA ALA F 319 -4.88 11.98 16.99
C ALA F 319 -4.36 12.19 15.56
N TRP F 320 -5.27 12.35 14.61
CA TRP F 320 -4.94 12.60 13.22
C TRP F 320 -4.45 14.03 13.00
N GLY F 321 -4.84 14.95 13.88
CA GLY F 321 -4.50 16.34 13.68
C GLY F 321 -5.42 17.08 12.72
N ILE F 322 -6.63 16.55 12.49
CA ILE F 322 -7.57 17.14 11.54
C ILE F 322 -8.36 18.24 12.21
N PRO F 323 -8.40 19.44 11.62
CA PRO F 323 -9.19 20.49 12.27
C PRO F 323 -10.68 20.15 12.22
N MET F 324 -11.38 20.38 13.34
CA MET F 324 -12.73 19.91 13.51
C MET F 324 -13.64 21.11 13.75
N SER F 325 -14.72 21.19 12.97
CA SER F 325 -15.70 22.27 13.10
C SER F 325 -17.04 21.65 13.45
N THR F 326 -18.06 22.48 13.68
CA THR F 326 -19.37 21.96 14.04
C THR F 326 -20.37 22.05 12.91
N HIS F 327 -21.49 21.37 13.08
CA HIS F 327 -22.61 21.53 12.17
C HIS F 327 -23.91 21.58 12.96
N LEU F 328 -24.65 22.68 12.78
CA LEU F 328 -25.86 22.97 13.53
C LEU F 328 -25.62 23.00 15.06
N TYR F 329 -26.69 23.12 15.82
CA TYR F 329 -26.65 23.08 17.29
C TYR F 329 -25.58 23.99 17.87
N PRO F 330 -25.70 25.30 17.63
CA PRO F 330 -24.66 26.26 18.01
C PRO F 330 -24.41 26.25 19.51
N GLU F 331 -25.46 26.00 20.31
CA GLU F 331 -25.27 25.99 21.76
C GLU F 331 -24.42 24.81 22.26
N VAL F 332 -24.85 23.57 22.00
CA VAL F 332 -24.03 22.42 22.34
C VAL F 332 -22.70 22.58 21.62
N GLY F 333 -22.78 23.03 20.38
CA GLY F 333 -21.58 23.30 19.60
C GLY F 333 -20.55 24.15 20.33
N ALA F 334 -20.97 25.33 20.78
CA ALA F 334 -20.02 26.22 21.46
C ALA F 334 -19.45 25.57 22.73
N HIS F 335 -20.27 24.82 23.45
CA HIS F 335 -19.80 24.14 24.67
C HIS F 335 -18.67 23.15 24.37
N VAL F 336 -18.89 22.21 23.46
CA VAL F 336 -17.88 21.17 23.19
C VAL F 336 -16.67 21.74 22.47
N MET F 337 -16.86 22.79 21.69
CA MET F 337 -15.72 23.42 20.99
C MET F 337 -14.73 24.01 21.97
N ARG F 338 -15.23 24.37 23.16
CA ARG F 338 -14.38 24.89 24.23
C ARG F 338 -13.41 23.84 24.76
N VAL F 339 -13.72 22.56 24.57
CA VAL F 339 -12.81 21.51 25.01
C VAL F 339 -12.37 20.62 23.86
N THR F 340 -12.57 21.08 22.63
CA THR F 340 -12.17 20.29 21.47
C THR F 340 -10.77 20.68 21.00
N GLU F 341 -9.88 19.71 21.05
CA GLU F 341 -8.44 19.94 20.85
C GLU F 341 -8.12 20.57 19.50
N THR F 342 -8.76 20.11 18.42
CA THR F 342 -8.49 20.69 17.12
C THR F 342 -9.63 21.60 16.65
N ALA F 343 -10.32 22.21 17.60
CA ALA F 343 -11.42 23.12 17.28
C ALA F 343 -11.04 24.08 16.17
N HIS F 344 -11.93 24.28 15.23
CA HIS F 344 -11.62 25.09 14.07
C HIS F 344 -12.65 26.21 13.94
N TRP F 345 -13.80 25.91 13.32
CA TRP F 345 -14.88 26.91 13.21
C TRP F 345 -16.18 26.38 13.79
N LEU F 346 -16.97 27.29 14.33
CA LEU F 346 -18.32 26.98 14.78
C LEU F 346 -19.33 27.45 13.74
N GLU F 347 -20.19 26.56 13.26
CA GLU F 347 -21.21 26.99 12.32
C GLU F 347 -22.33 27.67 13.08
N TRP F 348 -22.66 28.91 12.72
CA TRP F 348 -23.72 29.63 13.40
C TRP F 348 -24.90 29.92 12.50
N GLN F 349 -26.10 29.71 13.05
CA GLN F 349 -27.34 30.11 12.38
C GLN F 349 -28.35 30.41 13.48
N SER F 350 -29.37 31.19 13.17
CA SER F 350 -30.38 31.54 14.18
C SER F 350 -31.75 30.92 13.91
N TRP F 351 -31.74 29.83 13.16
CA TRP F 351 -32.96 29.13 12.79
C TRP F 351 -33.76 28.65 14.00
N ALA F 352 -33.06 28.32 15.08
CA ALA F 352 -33.71 27.83 16.30
C ALA F 352 -33.88 28.89 17.42
N ASP F 353 -33.40 30.11 17.20
CA ASP F 353 -33.53 31.19 18.18
C ASP F 353 -34.95 31.46 18.70
N PRO F 354 -35.96 31.33 17.82
CA PRO F 354 -37.31 31.67 18.30
C PRO F 354 -37.78 30.85 19.50
N ILE F 355 -37.35 29.61 19.64
CA ILE F 355 -37.80 28.78 20.76
C ILE F 355 -36.92 28.91 22.01
N LEU F 356 -35.90 29.76 21.95
CA LEU F 356 -35.07 30.04 23.11
C LEU F 356 -35.44 31.40 23.69
N GLN F 357 -35.38 31.49 25.02
CA GLN F 357 -35.55 32.77 25.70
C GLN F 357 -34.36 33.65 25.47
N GLU F 358 -33.18 33.05 25.57
CA GLU F 358 -31.93 33.79 25.49
C GLU F 358 -30.89 33.03 24.67
N PRO F 359 -30.96 33.17 23.34
CA PRO F 359 -29.88 32.63 22.49
C PRO F 359 -28.55 33.27 22.87
N TYR F 360 -27.45 32.54 22.68
CA TYR F 360 -26.12 33.01 23.08
C TYR F 360 -25.76 34.36 22.44
N ALA F 361 -24.95 35.17 23.11
CA ALA F 361 -24.59 36.47 22.57
C ALA F 361 -23.41 36.37 21.60
N LEU F 362 -23.34 37.34 20.68
CA LEU F 362 -22.29 37.40 19.68
C LEU F 362 -21.41 38.62 19.87
N SER F 363 -20.09 38.42 19.82
CA SER F 363 -19.15 39.53 19.86
C SER F 363 -18.03 39.43 18.82
N ASP F 364 -18.03 40.34 17.85
CA ASP F 364 -17.04 40.33 16.77
C ASP F 364 -16.94 38.99 16.06
N GLY F 365 -18.10 38.35 15.86
CA GLY F 365 -18.14 37.07 15.18
C GLY F 365 -17.79 35.86 16.03
N ASP F 366 -17.58 36.05 17.33
CA ASP F 366 -17.44 34.92 18.24
C ASP F 366 -18.74 34.72 18.98
N LEU F 367 -19.15 33.46 19.13
CA LEU F 367 -20.32 33.12 19.94
C LEU F 367 -19.87 32.95 21.40
N ILE F 368 -20.54 33.68 22.31
CA ILE F 368 -20.17 33.69 23.72
C ILE F 368 -20.90 32.61 24.50
N VAL F 369 -20.17 31.68 25.10
CA VAL F 369 -20.80 30.64 25.93
C VAL F 369 -21.07 31.27 27.28
N PRO F 370 -22.35 31.26 27.71
CA PRO F 370 -22.77 31.96 28.94
C PRO F 370 -22.44 31.13 30.18
N ASP F 371 -22.17 31.80 31.30
CA ASP F 371 -21.92 31.10 32.54
C ASP F 371 -23.25 30.68 33.18
N LYS F 372 -23.95 29.74 32.54
CA LYS F 372 -25.16 29.16 33.10
C LYS F 372 -24.99 27.65 33.17
N PRO F 373 -25.74 26.98 34.04
CA PRO F 373 -25.55 25.54 34.22
C PRO F 373 -26.02 24.80 32.98
N GLY F 374 -25.41 23.66 32.66
CA GLY F 374 -25.74 22.90 31.47
C GLY F 374 -25.56 23.69 30.17
N LEU F 375 -26.54 23.59 29.29
CA LEU F 375 -26.55 24.32 28.03
C LEU F 375 -27.21 25.68 28.18
N GLY F 376 -27.75 25.94 29.37
CA GLY F 376 -28.47 27.16 29.64
C GLY F 376 -29.63 27.44 28.72
N LEU F 377 -30.37 26.41 28.35
CA LEU F 377 -31.53 26.59 27.47
C LEU F 377 -32.80 26.74 28.30
N ASP F 378 -33.61 27.73 27.95
CA ASP F 378 -34.95 27.86 28.52
C ASP F 378 -35.94 28.17 27.41
N TRP F 379 -36.97 27.33 27.28
CA TRP F 379 -37.87 27.44 26.15
C TRP F 379 -38.72 28.70 26.24
N ASP F 380 -38.98 29.32 25.09
CA ASP F 380 -39.96 30.38 24.99
C ASP F 380 -41.33 29.76 24.72
N GLU F 381 -42.03 29.41 25.80
CA GLU F 381 -43.25 28.61 25.72
C GLU F 381 -44.40 29.25 24.92
N ASP F 382 -44.39 30.56 24.77
CA ASP F 382 -45.35 31.23 23.88
C ASP F 382 -45.09 30.87 22.42
N VAL F 383 -43.87 31.17 21.97
CA VAL F 383 -43.44 30.80 20.64
C VAL F 383 -43.62 29.30 20.41
N VAL F 384 -43.32 28.50 21.43
CA VAL F 384 -43.51 27.05 21.32
C VAL F 384 -44.97 26.70 21.04
N ALA F 385 -45.89 27.31 21.79
CA ALA F 385 -47.31 27.01 21.62
C ALA F 385 -47.80 27.41 20.22
N ALA F 386 -47.40 28.60 19.79
CA ALA F 386 -47.77 29.11 18.48
C ALA F 386 -47.23 28.26 17.31
N ASN F 387 -46.34 27.31 17.60
CA ASN F 387 -45.70 26.54 16.55
C ASN F 387 -45.70 25.02 16.74
N LEU F 388 -46.29 24.57 17.84
CA LEU F 388 -46.37 23.15 18.14
C LEU F 388 -47.11 22.43 17.01
N VAL F 389 -46.72 21.19 16.75
CA VAL F 389 -47.35 20.40 15.72
C VAL F 389 -48.29 19.38 16.36
N GLU F 390 -49.58 19.52 16.07
CA GLU F 390 -50.58 18.64 16.66
C GLU F 390 -51.70 18.34 15.65
N THR G 27 -44.20 -19.64 -20.44
CA THR G 27 -43.23 -20.37 -21.27
C THR G 27 -42.59 -19.56 -22.41
N LEU G 28 -41.26 -19.48 -22.40
CA LEU G 28 -40.50 -18.86 -23.49
C LEU G 28 -39.30 -19.75 -23.82
N THR G 29 -39.24 -20.21 -25.06
CA THR G 29 -38.30 -21.27 -25.44
C THR G 29 -37.50 -20.93 -26.71
N PHE G 30 -36.18 -21.07 -26.63
CA PHE G 30 -35.31 -20.71 -27.75
C PHE G 30 -35.49 -21.70 -28.90
N ARG G 31 -35.75 -21.18 -30.10
CA ARG G 31 -35.83 -22.04 -31.29
C ARG G 31 -34.59 -21.97 -32.19
N LYS G 32 -34.33 -20.79 -32.75
CA LYS G 32 -33.13 -20.60 -33.56
C LYS G 32 -32.73 -19.13 -33.64
N LEU G 33 -31.50 -18.89 -34.03
CA LEU G 33 -30.96 -17.54 -34.17
C LEU G 33 -30.43 -17.37 -35.58
N THR G 34 -30.76 -16.25 -36.23
CA THR G 34 -30.22 -15.97 -37.55
C THR G 34 -29.30 -14.75 -37.51
N ALA G 35 -28.13 -14.87 -38.16
CA ALA G 35 -27.17 -13.77 -38.20
C ALA G 35 -26.86 -13.37 -39.63
N ARG G 36 -27.15 -12.11 -39.94
CA ARG G 36 -26.97 -11.59 -41.30
C ARG G 36 -26.01 -10.43 -41.33
N PRO G 37 -24.91 -10.56 -42.09
CA PRO G 37 -23.87 -9.54 -42.25
C PRO G 37 -24.24 -8.46 -43.27
N VAL G 38 -24.21 -7.20 -42.87
CA VAL G 38 -24.37 -6.12 -43.84
C VAL G 38 -23.18 -5.14 -43.79
N LEU G 39 -22.98 -4.41 -44.87
CA LEU G 39 -21.88 -3.46 -44.95
C LEU G 39 -22.41 -2.14 -45.50
N LEU G 40 -22.35 -1.09 -44.68
CA LEU G 40 -22.91 0.22 -45.05
C LEU G 40 -21.81 1.19 -45.37
N LYS G 41 -22.09 2.11 -46.28
CA LYS G 41 -21.19 3.20 -46.62
C LYS G 41 -21.45 4.38 -45.69
N LEU G 42 -20.47 4.75 -44.87
CA LEU G 42 -20.63 5.85 -43.93
C LEU G 42 -20.92 7.17 -44.67
N GLN G 43 -21.85 7.95 -44.10
CA GLN G 43 -22.13 9.29 -44.58
C GLN G 43 -20.86 10.14 -44.51
N ARG G 44 -20.12 9.98 -43.42
CA ARG G 44 -18.84 10.66 -43.21
C ARG G 44 -17.77 9.61 -42.94
N PRO G 45 -16.86 9.42 -43.90
CA PRO G 45 -15.85 8.37 -43.75
C PRO G 45 -14.91 8.64 -42.57
N VAL G 46 -14.45 7.56 -41.95
CA VAL G 46 -13.49 7.68 -40.87
C VAL G 46 -12.12 8.12 -41.39
N THR G 47 -11.82 9.40 -41.18
CA THR G 47 -10.54 9.95 -41.58
C THR G 47 -9.53 9.84 -40.45
N ALA G 48 -8.75 8.77 -40.47
CA ALA G 48 -7.70 8.57 -39.48
C ALA G 48 -6.35 9.02 -40.04
N ARG G 49 -5.31 8.98 -39.20
CA ARG G 49 -3.96 9.29 -39.67
C ARG G 49 -3.53 8.27 -40.72
N ILE G 50 -3.56 6.99 -40.34
CA ILE G 50 -3.18 5.90 -41.24
C ILE G 50 -3.98 5.91 -42.56
N ALA G 51 -5.21 5.40 -42.51
CA ALA G 51 -6.05 5.31 -43.71
C ALA G 51 -7.45 5.90 -43.50
N THR G 52 -8.23 5.92 -44.58
CA THR G 52 -9.63 6.34 -44.49
C THR G 52 -10.54 5.12 -44.61
N ILE G 53 -11.44 4.97 -43.64
CA ILE G 53 -12.36 3.84 -43.55
C ILE G 53 -13.78 4.30 -43.91
N PRO G 54 -14.25 3.91 -45.11
CA PRO G 54 -15.56 4.39 -45.56
C PRO G 54 -16.70 3.42 -45.20
N ASP G 55 -16.36 2.18 -44.85
CA ASP G 55 -17.36 1.13 -44.65
C ASP G 55 -17.57 0.72 -43.19
N TRP G 56 -18.82 0.37 -42.87
CA TRP G 56 -19.20 0.08 -41.51
C TRP G 56 -20.02 -1.19 -41.47
N PRO G 57 -19.43 -2.29 -40.97
CA PRO G 57 -20.13 -3.59 -40.90
C PRO G 57 -21.14 -3.67 -39.75
N LEU G 58 -22.21 -4.42 -39.97
CA LEU G 58 -23.22 -4.69 -38.96
C LEU G 58 -23.65 -6.13 -39.08
N ILE G 59 -23.90 -6.81 -37.96
CA ILE G 59 -24.48 -8.13 -38.00
C ILE G 59 -25.86 -8.03 -37.41
N LEU G 60 -26.87 -8.35 -38.20
CA LEU G 60 -28.24 -8.31 -37.74
C LEU G 60 -28.64 -9.66 -37.18
N ILE G 61 -29.12 -9.66 -35.95
CA ILE G 61 -29.44 -10.90 -35.25
C ILE G 61 -30.95 -10.99 -35.03
N ASP G 62 -31.54 -12.08 -35.50
CA ASP G 62 -32.97 -12.34 -35.33
C ASP G 62 -33.16 -13.64 -34.58
N ILE G 63 -33.91 -13.58 -33.49
CA ILE G 63 -34.20 -14.77 -32.71
C ILE G 63 -35.67 -15.13 -32.84
N GLU G 64 -35.92 -16.42 -33.03
CA GLU G 64 -37.28 -16.97 -32.99
C GLU G 64 -37.43 -17.84 -31.74
N THR G 65 -38.62 -17.79 -31.14
CA THR G 65 -38.96 -18.68 -30.04
C THR G 65 -40.09 -19.62 -30.47
N GLU G 66 -40.32 -20.69 -29.72
CA GLU G 66 -41.40 -21.62 -30.03
C GLU G 66 -42.75 -20.91 -29.96
N GLU G 67 -42.83 -19.92 -29.08
CA GLU G 67 -44.07 -19.23 -28.80
C GLU G 67 -44.36 -18.09 -29.78
N GLY G 68 -43.45 -17.88 -30.74
CA GLY G 68 -43.67 -16.84 -31.73
C GLY G 68 -43.23 -15.44 -31.31
N VAL G 69 -42.62 -15.33 -30.14
CA VAL G 69 -42.01 -14.06 -29.73
C VAL G 69 -40.61 -13.89 -30.36
N PRO G 70 -40.41 -12.78 -31.08
CA PRO G 70 -39.12 -12.54 -31.74
C PRO G 70 -38.17 -11.75 -30.85
N GLY G 71 -36.89 -11.72 -31.24
CA GLY G 71 -35.88 -10.86 -30.64
C GLY G 71 -35.00 -10.29 -31.74
N ARG G 72 -34.74 -8.98 -31.68
CA ARG G 72 -33.91 -8.29 -32.67
C ARG G 72 -32.87 -7.38 -32.03
N ALA G 73 -31.61 -7.56 -32.42
CA ALA G 73 -30.52 -6.64 -32.05
C ALA G 73 -29.41 -6.69 -33.10
N TYR G 74 -28.39 -5.90 -32.93
CA TYR G 74 -27.30 -5.90 -33.90
C TYR G 74 -25.95 -5.75 -33.25
N LEU G 75 -24.92 -6.27 -33.91
CA LEU G 75 -23.53 -6.11 -33.52
C LEU G 75 -22.85 -5.13 -34.48
N GLU G 76 -21.86 -4.41 -33.98
CA GLU G 76 -21.05 -3.53 -34.80
C GLU G 76 -19.58 -3.89 -34.62
N PRO G 77 -19.11 -4.92 -35.32
CA PRO G 77 -17.78 -5.45 -34.99
C PRO G 77 -16.59 -4.72 -35.67
N TYR G 78 -16.81 -3.61 -36.36
CA TYR G 78 -15.70 -2.79 -36.88
C TYR G 78 -14.99 -3.35 -38.13
N VAL G 79 -14.57 -4.60 -38.04
CA VAL G 79 -13.77 -5.24 -39.07
C VAL G 79 -14.64 -6.14 -39.92
N PRO G 80 -14.91 -5.72 -41.18
CA PRO G 80 -15.78 -6.48 -42.10
C PRO G 80 -15.41 -7.96 -42.18
N LYS G 81 -14.13 -8.24 -42.38
CA LYS G 81 -13.68 -9.62 -42.46
C LYS G 81 -14.04 -10.45 -41.22
N ALA G 82 -14.07 -9.81 -40.05
CA ALA G 82 -14.35 -10.53 -38.80
C ALA G 82 -15.76 -11.09 -38.81
N MET G 83 -16.62 -10.55 -39.66
CA MET G 83 -17.97 -11.10 -39.78
C MET G 83 -17.97 -12.56 -40.22
N LYS G 84 -16.90 -13.01 -40.89
CA LYS G 84 -16.81 -14.41 -41.29
C LYS G 84 -16.45 -15.33 -40.12
N TYR G 85 -15.98 -14.76 -39.02
CA TYR G 85 -15.70 -15.58 -37.83
C TYR G 85 -16.89 -15.54 -36.90
N LEU G 86 -17.55 -14.38 -36.84
CA LEU G 86 -18.67 -14.15 -35.94
C LEU G 86 -19.97 -14.82 -36.37
N VAL G 87 -20.29 -14.75 -37.64
CA VAL G 87 -21.55 -15.33 -38.11
C VAL G 87 -21.60 -16.85 -37.88
N PRO G 88 -20.51 -17.56 -38.21
CA PRO G 88 -20.54 -18.99 -37.91
C PRO G 88 -20.58 -19.24 -36.41
N ALA G 89 -19.88 -18.42 -35.64
CA ALA G 89 -19.88 -18.58 -34.18
C ALA G 89 -21.27 -18.35 -33.61
N LEU G 90 -22.05 -17.47 -34.26
CA LEU G 90 -23.40 -17.18 -33.82
C LEU G 90 -24.33 -18.35 -34.12
N HIS G 91 -24.15 -18.97 -35.28
CA HIS G 91 -24.98 -20.12 -35.65
C HIS G 91 -24.60 -21.35 -34.84
N ASP G 92 -23.35 -21.49 -34.46
CA ASP G 92 -22.99 -22.55 -33.51
C ASP G 92 -23.67 -22.34 -32.15
N MET G 93 -23.79 -21.09 -31.72
CA MET G 93 -24.49 -20.83 -30.45
C MET G 93 -25.97 -21.14 -30.61
N SER G 94 -26.51 -20.81 -31.78
CA SER G 94 -27.90 -21.11 -32.07
C SER G 94 -28.16 -22.63 -31.91
N ASP G 95 -27.36 -23.43 -32.60
CA ASP G 95 -27.51 -24.89 -32.58
C ASP G 95 -27.40 -25.45 -31.17
N MET G 96 -26.51 -24.87 -30.37
CA MET G 96 -26.32 -25.29 -28.98
C MET G 96 -27.52 -24.90 -28.09
N LEU G 97 -28.18 -23.81 -28.40
CA LEU G 97 -29.23 -23.26 -27.53
C LEU G 97 -30.63 -23.76 -27.83
N ALA G 98 -30.82 -24.40 -28.99
CA ALA G 98 -32.12 -24.90 -29.40
C ALA G 98 -32.85 -25.71 -28.33
N GLY G 99 -34.11 -25.34 -28.09
CA GLY G 99 -34.99 -26.09 -27.21
C GLY G 99 -34.90 -25.65 -25.77
N GLN G 100 -33.89 -24.84 -25.47
CA GLN G 100 -33.70 -24.38 -24.09
C GLN G 100 -34.47 -23.11 -23.77
N PRO G 101 -34.75 -22.88 -22.48
CA PRO G 101 -35.52 -21.71 -22.10
C PRO G 101 -34.86 -20.42 -22.59
N LEU G 102 -35.65 -19.49 -23.06
CA LEU G 102 -35.13 -18.20 -23.50
C LEU G 102 -34.94 -17.35 -22.27
N ALA G 103 -33.85 -17.60 -21.55
CA ALA G 103 -33.55 -16.89 -20.32
C ALA G 103 -32.14 -16.27 -20.38
N PRO G 104 -32.06 -14.95 -20.57
CA PRO G 104 -30.81 -14.20 -20.78
C PRO G 104 -29.65 -14.58 -19.85
N ALA G 105 -29.87 -14.58 -18.55
CA ALA G 105 -28.79 -14.90 -17.63
C ALA G 105 -28.28 -16.31 -17.82
N GLU G 106 -29.18 -17.25 -18.12
CA GLU G 106 -28.73 -18.64 -18.26
C GLU G 106 -27.99 -18.79 -19.56
N ILE G 107 -28.51 -18.17 -20.62
CA ILE G 107 -27.88 -18.21 -21.93
C ILE G 107 -26.51 -17.54 -21.85
N TYR G 108 -26.43 -16.45 -21.09
CA TYR G 108 -25.17 -15.76 -20.89
C TYR G 108 -24.13 -16.68 -20.28
N ASP G 109 -24.52 -17.46 -19.27
CA ASP G 109 -23.59 -18.43 -18.72
C ASP G 109 -23.23 -19.55 -19.71
N LYS G 110 -24.20 -20.05 -20.45
CA LYS G 110 -23.96 -21.12 -21.44
C LYS G 110 -23.02 -20.73 -22.59
N THR G 111 -23.29 -19.59 -23.22
CA THR G 111 -22.50 -19.15 -24.36
C THR G 111 -21.05 -18.87 -23.96
N ARG G 112 -20.86 -18.17 -22.84
CA ARG G 112 -19.52 -17.92 -22.32
C ARG G 112 -18.75 -19.22 -22.06
N LYS G 113 -19.38 -20.12 -21.32
CA LYS G 113 -18.75 -21.39 -20.99
C LYS G 113 -18.29 -22.19 -22.22
N SER G 114 -19.09 -22.16 -23.29
CA SER G 114 -18.79 -23.00 -24.46
C SER G 114 -17.53 -22.59 -25.22
N LEU G 115 -17.15 -21.32 -25.12
CA LEU G 115 -15.92 -20.84 -25.77
C LEU G 115 -14.81 -20.48 -24.78
N HIS G 116 -14.97 -20.88 -23.52
CA HIS G 116 -13.99 -20.52 -22.49
C HIS G 116 -12.56 -20.96 -22.83
N PHE G 117 -12.42 -22.11 -23.50
CA PHE G 117 -11.10 -22.58 -23.89
C PHE G 117 -10.40 -21.64 -24.88
N VAL G 118 -11.18 -20.98 -25.73
CA VAL G 118 -10.61 -20.00 -26.65
C VAL G 118 -10.84 -18.56 -26.14
N GLY G 119 -10.91 -18.41 -24.81
CA GLY G 119 -10.94 -17.10 -24.17
C GLY G 119 -12.30 -16.52 -23.78
N TYR G 120 -12.35 -15.84 -22.63
CA TYR G 120 -13.52 -15.07 -22.21
C TYR G 120 -13.56 -13.69 -22.86
N ALA G 121 -12.41 -13.13 -23.16
CA ALA G 121 -12.31 -11.82 -23.80
C ALA G 121 -12.29 -12.00 -25.30
N GLY G 122 -12.53 -10.90 -26.04
CA GLY G 122 -12.36 -10.90 -27.48
C GLY G 122 -13.53 -11.45 -28.28
N LEU G 123 -13.23 -12.18 -29.35
CA LEU G 123 -14.27 -12.65 -30.27
C LEU G 123 -15.37 -13.48 -29.59
N SER G 124 -14.99 -14.29 -28.62
CA SER G 124 -15.95 -15.11 -27.86
C SER G 124 -17.03 -14.25 -27.20
N MET G 125 -16.57 -13.22 -26.48
CA MET G 125 -17.46 -12.28 -25.82
C MET G 125 -18.35 -11.53 -26.82
N ILE G 126 -17.78 -11.17 -27.97
CA ILE G 126 -18.53 -10.46 -28.99
C ILE G 126 -19.76 -11.23 -29.47
N ALA G 127 -19.59 -12.51 -29.74
CA ALA G 127 -20.72 -13.36 -30.13
C ALA G 127 -21.73 -13.52 -28.99
N ALA G 128 -21.25 -13.78 -27.78
CA ALA G 128 -22.15 -13.98 -26.66
C ALA G 128 -22.97 -12.71 -26.37
N SER G 129 -22.34 -11.56 -26.56
CA SER G 129 -23.02 -10.27 -26.35
C SER G 129 -24.14 -10.04 -27.34
N GLY G 130 -23.94 -10.44 -28.59
CA GLY G 130 -24.98 -10.30 -29.59
C GLY G 130 -26.22 -11.11 -29.23
N VAL G 131 -26.01 -12.38 -28.88
CA VAL G 131 -27.09 -13.24 -28.44
C VAL G 131 -27.80 -12.59 -27.26
N ASP G 132 -27.01 -12.13 -26.29
CA ASP G 132 -27.54 -11.55 -25.07
C ASP G 132 -28.47 -10.36 -25.34
N MET G 133 -28.01 -9.42 -26.15
CA MET G 133 -28.88 -8.30 -26.51
C MET G 133 -30.19 -8.74 -27.16
N ALA G 134 -30.11 -9.70 -28.08
CA ALA G 134 -31.32 -10.13 -28.78
C ALA G 134 -32.26 -10.95 -27.87
N VAL G 135 -31.73 -11.72 -26.92
CA VAL G 135 -32.62 -12.45 -26.01
C VAL G 135 -33.28 -11.56 -24.96
N TRP G 136 -32.59 -10.51 -24.52
CA TRP G 136 -33.21 -9.54 -23.62
C TRP G 136 -34.34 -8.84 -24.36
N ASP G 137 -34.13 -8.59 -25.65
CA ASP G 137 -35.16 -7.98 -26.45
C ASP G 137 -36.40 -8.87 -26.48
N ALA G 138 -36.20 -10.17 -26.75
CA ALA G 138 -37.31 -11.12 -26.83
C ALA G 138 -38.06 -11.22 -25.51
N LEU G 139 -37.29 -11.28 -24.42
CA LEU G 139 -37.88 -11.40 -23.10
C LEU G 139 -38.74 -10.18 -22.83
N ALA G 140 -38.24 -9.00 -23.14
CA ALA G 140 -39.01 -7.78 -22.97
C ALA G 140 -40.24 -7.75 -23.87
N ARG G 141 -40.10 -8.21 -25.11
CA ARG G 141 -41.28 -8.29 -25.99
C ARG G 141 -42.33 -9.22 -25.40
N ALA G 142 -41.87 -10.33 -24.81
CA ALA G 142 -42.76 -11.32 -24.20
C ALA G 142 -43.54 -10.75 -23.04
N ALA G 143 -42.92 -9.82 -22.31
CA ALA G 143 -43.62 -9.15 -21.22
C ALA G 143 -44.39 -7.95 -21.75
N ASN G 144 -44.35 -7.77 -23.07
CA ASN G 144 -44.95 -6.59 -23.69
C ASN G 144 -44.45 -5.32 -23.01
N MET G 145 -43.15 -5.25 -22.75
CA MET G 145 -42.56 -4.08 -22.11
C MET G 145 -41.35 -3.56 -22.88
N PRO G 146 -41.17 -2.23 -22.88
CA PRO G 146 -39.92 -1.65 -23.37
C PRO G 146 -38.80 -2.25 -22.54
N LEU G 147 -37.61 -2.44 -23.11
CA LEU G 147 -36.50 -3.03 -22.34
C LEU G 147 -36.26 -2.29 -21.01
N CYS G 148 -36.23 -0.96 -21.02
CA CYS G 148 -35.95 -0.24 -19.78
C CYS G 148 -37.03 -0.49 -18.72
N THR G 149 -38.26 -0.73 -19.14
CA THR G 149 -39.33 -0.99 -18.18
C THR G 149 -39.10 -2.37 -17.58
N LEU G 150 -38.76 -3.34 -18.42
CA LEU G 150 -38.44 -4.68 -17.93
C LEU G 150 -37.32 -4.64 -16.90
N LEU G 151 -36.38 -3.72 -17.10
CA LEU G 151 -35.26 -3.61 -16.17
C LEU G 151 -35.53 -2.70 -14.97
N GLY G 152 -36.76 -2.21 -14.84
CA GLY G 152 -37.13 -1.46 -13.65
C GLY G 152 -37.29 0.04 -13.79
N GLY G 153 -37.15 0.56 -15.01
CA GLY G 153 -37.29 1.99 -15.23
C GLY G 153 -38.50 2.30 -16.10
N THR G 154 -38.45 3.42 -16.82
CA THR G 154 -39.47 3.78 -17.80
C THR G 154 -38.82 4.47 -18.99
N PRO G 155 -39.50 4.44 -20.15
CA PRO G 155 -39.07 5.23 -21.31
C PRO G 155 -38.96 6.72 -20.95
N GLY G 156 -38.06 7.42 -21.63
CA GLY G 156 -37.77 8.80 -21.35
C GLY G 156 -36.53 9.21 -22.10
N SER G 157 -35.96 10.36 -21.74
CA SER G 157 -34.89 10.95 -22.53
C SER G 157 -33.54 10.80 -21.84
N VAL G 158 -32.49 10.67 -22.65
CA VAL G 158 -31.15 10.41 -22.13
C VAL G 158 -30.23 11.41 -22.80
N LYS G 159 -29.58 12.26 -22.01
CA LYS G 159 -28.67 13.25 -22.57
C LYS G 159 -27.54 12.60 -23.40
N ALA G 160 -27.37 13.03 -24.65
CA ALA G 160 -26.35 12.44 -25.52
C ALA G 160 -25.32 13.45 -26.07
N TYR G 161 -24.16 12.96 -26.51
CA TYR G 161 -23.27 13.74 -27.36
C TYR G 161 -23.11 13.09 -28.74
N ASN G 162 -22.66 13.88 -29.71
CA ASN G 162 -22.56 13.44 -31.12
C ASN G 162 -21.15 12.99 -31.50
N SER G 163 -21.01 11.71 -31.86
CA SER G 163 -19.71 11.16 -32.25
C SER G 163 -19.68 10.76 -33.74
N ASN G 164 -20.55 11.37 -34.51
CA ASN G 164 -20.67 11.10 -35.93
C ASN G 164 -19.42 11.40 -36.75
N GLY G 165 -18.63 12.37 -36.33
CA GLY G 165 -17.51 12.80 -37.14
C GLY G 165 -16.42 13.55 -36.41
N LEU G 166 -16.06 14.71 -36.95
CA LEU G 166 -14.94 15.47 -36.42
C LEU G 166 -13.68 14.60 -36.42
N TRP G 167 -13.45 13.93 -37.54
CA TRP G 167 -12.20 13.20 -37.75
C TRP G 167 -11.04 14.13 -38.08
N LEU G 168 -9.91 13.56 -38.48
CA LEU G 168 -8.65 14.31 -38.60
C LEU G 168 -8.50 15.10 -39.89
N LYS G 169 -9.51 15.89 -40.21
CA LYS G 169 -9.46 16.78 -41.35
C LYS G 169 -8.88 18.12 -40.90
N SER G 170 -8.97 19.12 -41.77
CA SER G 170 -8.38 20.42 -41.51
C SER G 170 -9.22 21.18 -40.49
N PRO G 171 -8.61 22.08 -39.71
CA PRO G 171 -9.39 22.76 -38.67
C PRO G 171 -10.64 23.46 -39.21
N ALA G 172 -10.54 24.12 -40.36
CA ALA G 172 -11.69 24.80 -40.94
C ALA G 172 -12.79 23.80 -41.32
N GLU G 173 -12.37 22.68 -41.89
CA GLU G 173 -13.29 21.62 -42.26
C GLU G 173 -13.98 21.01 -41.05
N VAL G 174 -13.22 20.74 -40.00
CA VAL G 174 -13.78 20.18 -38.77
C VAL G 174 -14.77 21.17 -38.13
N ALA G 175 -14.39 22.43 -38.11
CA ALA G 175 -15.25 23.44 -37.48
C ALA G 175 -16.59 23.53 -38.19
N ALA G 176 -16.57 23.54 -39.51
CA ALA G 176 -17.82 23.58 -40.27
C ALA G 176 -18.64 22.33 -39.99
N GLU G 177 -17.98 21.17 -40.00
CA GLU G 177 -18.68 19.93 -39.70
C GLU G 177 -19.35 19.99 -38.32
N ALA G 178 -18.65 20.59 -37.34
CA ALA G 178 -19.16 20.67 -35.98
C ALA G 178 -20.51 21.39 -35.88
N VAL G 179 -20.69 22.43 -36.69
CA VAL G 179 -21.95 23.15 -36.71
C VAL G 179 -23.13 22.24 -37.09
N GLU G 180 -22.95 21.46 -38.16
CA GLU G 180 -23.94 20.47 -38.58
C GLU G 180 -24.12 19.41 -37.50
N LEU G 181 -23.02 18.97 -36.88
CA LEU G 181 -23.12 17.93 -35.86
C LEU G 181 -23.97 18.43 -34.70
N LYS G 182 -23.76 19.67 -34.28
CA LYS G 182 -24.56 20.21 -33.19
C LYS G 182 -26.03 20.17 -33.56
N ALA G 183 -26.34 20.61 -34.78
CA ALA G 183 -27.74 20.73 -35.23
C ALA G 183 -28.47 19.39 -35.36
N GLU G 184 -27.76 18.31 -35.67
CA GLU G 184 -28.39 16.98 -35.71
C GLU G 184 -29.12 16.66 -34.39
N GLY G 185 -28.78 17.37 -33.31
CA GLY G 185 -29.39 17.12 -32.02
C GLY G 185 -30.84 17.61 -31.88
N GLN G 186 -31.24 18.49 -32.80
CA GLN G 186 -32.59 19.03 -32.83
C GLN G 186 -32.78 20.12 -31.78
N GLY G 187 -33.55 21.15 -32.14
CA GLY G 187 -33.77 22.29 -31.26
C GLY G 187 -32.47 22.98 -30.90
N THR G 188 -32.22 23.10 -29.59
CA THR G 188 -31.01 23.73 -29.09
C THR G 188 -29.76 22.91 -29.43
N GLY G 189 -29.97 21.69 -29.92
CA GLY G 189 -28.88 20.86 -30.40
C GLY G 189 -28.16 20.02 -29.36
N PHE G 190 -27.10 19.35 -29.78
CA PHE G 190 -26.31 18.53 -28.87
C PHE G 190 -25.54 19.41 -27.92
N LYS G 191 -25.40 18.97 -26.68
CA LYS G 191 -24.60 19.73 -25.72
C LYS G 191 -23.15 19.27 -25.72
N GLY G 192 -22.85 18.21 -26.47
CA GLY G 192 -21.51 17.69 -26.53
C GLY G 192 -21.15 17.08 -27.87
N LEU G 193 -19.88 17.15 -28.25
CA LEU G 193 -19.42 16.58 -29.51
C LEU G 193 -18.12 15.83 -29.27
N LYS G 194 -17.96 14.68 -29.92
CA LYS G 194 -16.69 13.98 -29.82
C LYS G 194 -15.76 14.52 -30.88
N LEU G 195 -14.57 14.94 -30.45
CA LEU G 195 -13.54 15.45 -31.34
C LEU G 195 -12.34 14.51 -31.33
N ARG G 196 -11.95 14.01 -32.49
CA ARG G 196 -10.78 13.16 -32.59
C ARG G 196 -9.50 13.97 -32.71
N MET G 197 -8.45 13.47 -32.12
CA MET G 197 -7.16 14.13 -32.17
C MET G 197 -6.11 13.08 -32.43
N GLY G 198 -4.89 13.54 -32.65
CA GLY G 198 -3.77 12.65 -32.98
C GLY G 198 -3.19 12.96 -34.34
N ARG G 199 -3.19 14.23 -34.74
CA ARG G 199 -2.51 14.67 -35.95
C ARG G 199 -1.01 14.60 -35.75
N ASP G 200 -0.28 14.40 -36.83
CA ASP G 200 1.18 14.48 -36.79
C ASP G 200 1.61 15.71 -35.97
N ASP G 201 1.02 16.85 -36.27
CA ASP G 201 1.34 18.09 -35.57
C ASP G 201 0.33 18.37 -34.45
N PRO G 202 0.78 18.34 -33.19
CA PRO G 202 -0.14 18.47 -32.05
C PRO G 202 -0.81 19.84 -31.98
N ALA G 203 -0.13 20.88 -32.47
CA ALA G 203 -0.66 22.24 -32.43
C ALA G 203 -1.88 22.40 -33.33
N VAL G 204 -2.00 21.54 -34.33
CA VAL G 204 -3.19 21.53 -35.17
C VAL G 204 -4.38 20.86 -34.46
N ASP G 205 -4.11 19.87 -33.60
CA ASP G 205 -5.17 19.34 -32.73
C ASP G 205 -5.77 20.47 -31.89
N ILE G 206 -4.90 21.29 -31.32
CA ILE G 206 -5.33 22.42 -30.49
C ILE G 206 -6.05 23.50 -31.32
N GLU G 207 -5.48 23.85 -32.47
CA GLU G 207 -6.13 24.73 -33.43
C GLU G 207 -7.55 24.25 -33.72
N THR G 208 -7.66 22.99 -34.10
CA THR G 208 -8.95 22.38 -34.42
C THR G 208 -9.98 22.57 -33.31
N ALA G 209 -9.55 22.40 -32.06
CA ALA G 209 -10.48 22.50 -30.92
C ALA G 209 -10.92 23.93 -30.72
N GLU G 210 -9.97 24.86 -30.83
CA GLU G 210 -10.28 26.27 -30.66
C GLU G 210 -11.22 26.74 -31.77
N ALA G 211 -11.02 26.22 -32.98
CA ALA G 211 -11.87 26.55 -34.10
C ALA G 211 -13.27 25.96 -33.97
N VAL G 212 -13.38 24.76 -33.42
CA VAL G 212 -14.68 24.14 -33.19
C VAL G 212 -15.51 24.98 -32.23
N TRP G 213 -14.89 25.38 -31.13
CA TRP G 213 -15.50 26.26 -30.13
C TRP G 213 -15.81 27.66 -30.67
N ASP G 214 -14.99 28.17 -31.58
CA ASP G 214 -15.29 29.45 -32.21
C ASP G 214 -16.56 29.34 -33.05
N ALA G 215 -16.83 28.15 -33.56
CA ALA G 215 -17.97 27.95 -34.44
C ALA G 215 -19.27 27.59 -33.73
N VAL G 216 -19.22 26.72 -32.71
CA VAL G 216 -20.46 26.31 -32.04
C VAL G 216 -20.66 26.91 -30.64
N GLY G 217 -19.64 27.57 -30.11
CA GLY G 217 -19.75 28.19 -28.80
C GLY G 217 -19.10 27.42 -27.65
N ARG G 218 -18.55 28.15 -26.69
CA ARG G 218 -17.79 27.57 -25.59
C ARG G 218 -18.65 26.75 -24.63
N ASP G 219 -19.97 26.81 -24.80
CA ASP G 219 -20.90 26.07 -23.95
C ASP G 219 -20.94 24.60 -24.34
N THR G 220 -20.47 24.28 -25.54
CA THR G 220 -20.50 22.91 -26.04
C THR G 220 -19.35 22.10 -25.42
N ALA G 221 -19.67 20.98 -24.81
CA ALA G 221 -18.65 20.06 -24.30
C ALA G 221 -17.93 19.36 -25.44
N LEU G 222 -16.61 19.32 -25.37
CA LEU G 222 -15.83 18.58 -26.35
C LEU G 222 -15.20 17.38 -25.67
N MET G 223 -15.57 16.18 -26.11
CA MET G 223 -14.91 14.98 -25.63
C MET G 223 -13.85 14.64 -26.65
N VAL G 224 -12.60 14.60 -26.22
CA VAL G 224 -11.51 14.29 -27.13
C VAL G 224 -11.12 12.81 -27.10
N ASP G 225 -10.97 12.22 -28.27
CA ASP G 225 -10.61 10.81 -28.36
C ASP G 225 -9.35 10.61 -29.19
N PHE G 226 -8.38 9.87 -28.62
CA PHE G 226 -7.11 9.63 -29.31
C PHE G 226 -7.06 8.26 -29.97
N ASN G 227 -8.02 7.41 -29.64
CA ASN G 227 -8.07 6.09 -30.26
C ASN G 227 -6.80 5.25 -30.10
N GLN G 228 -6.22 5.30 -28.91
CA GLN G 228 -5.05 4.49 -28.60
C GLN G 228 -3.85 4.79 -29.50
N GLY G 229 -3.86 5.97 -30.14
CA GLY G 229 -2.84 6.28 -31.13
C GLY G 229 -1.44 6.67 -30.64
N LEU G 230 -1.25 6.77 -29.33
CA LEU G 230 0.00 7.31 -28.82
C LEU G 230 0.71 6.31 -27.94
N ASP G 231 2.04 6.33 -27.92
CA ASP G 231 2.77 5.62 -26.89
C ASP G 231 2.82 6.49 -25.64
N MET G 232 3.36 5.97 -24.54
CA MET G 232 3.31 6.68 -23.27
C MET G 232 4.00 8.03 -23.30
N ALA G 233 5.13 8.13 -24.00
CA ALA G 233 5.85 9.40 -24.06
C ALA G 233 5.03 10.46 -24.80
N GLU G 234 4.56 10.14 -26.01
CA GLU G 234 3.63 11.00 -26.75
C GLU G 234 2.42 11.38 -25.89
N ALA G 235 1.84 10.42 -25.18
CA ALA G 235 0.68 10.68 -24.33
C ALA G 235 0.99 11.69 -23.24
N MET G 236 2.13 11.53 -22.60
CA MET G 236 2.56 12.49 -21.59
C MET G 236 2.67 13.91 -22.12
N HIS G 237 3.24 14.08 -23.31
CA HIS G 237 3.44 15.43 -23.84
C HIS G 237 2.13 16.02 -24.35
N ARG G 238 1.44 15.25 -25.18
CA ARG G 238 0.21 15.74 -25.79
C ARG G 238 -0.98 15.92 -24.84
N THR G 239 -1.20 15.00 -23.90
CA THR G 239 -2.34 15.17 -23.02
C THR G 239 -2.05 16.36 -22.11
N ARG G 240 -0.80 16.52 -21.71
CA ARG G 240 -0.42 17.69 -20.90
C ARG G 240 -0.72 19.02 -21.61
N GLN G 241 -0.50 19.08 -22.93
CA GLN G 241 -0.70 20.31 -23.70
C GLN G 241 -2.15 20.72 -23.74
N ILE G 242 -3.06 19.76 -23.64
CA ILE G 242 -4.49 20.07 -23.75
C ILE G 242 -5.20 20.01 -22.42
N ASP G 243 -4.47 19.72 -21.36
CA ASP G 243 -5.09 19.57 -20.03
C ASP G 243 -5.74 20.87 -19.53
N ASP G 244 -5.37 22.01 -20.10
CA ASP G 244 -5.97 23.27 -19.66
C ASP G 244 -6.93 23.89 -20.68
N LEU G 245 -7.28 23.14 -21.71
CA LEU G 245 -8.18 23.62 -22.75
C LEU G 245 -9.64 23.74 -22.30
N GLY G 246 -10.04 22.97 -21.29
CA GLY G 246 -11.43 22.94 -20.88
C GLY G 246 -12.22 21.78 -21.49
N LEU G 247 -11.54 20.67 -21.81
CA LEU G 247 -12.21 19.53 -22.43
C LEU G 247 -13.13 18.83 -21.44
N GLU G 248 -14.24 18.28 -21.94
CA GLU G 248 -15.11 17.43 -21.10
C GLU G 248 -14.33 16.21 -20.62
N TRP G 249 -13.55 15.59 -21.51
CA TRP G 249 -12.66 14.49 -21.09
C TRP G 249 -11.63 14.15 -22.16
N ILE G 250 -10.59 13.44 -21.76
CA ILE G 250 -9.61 12.89 -22.69
C ILE G 250 -9.77 11.34 -22.69
N GLU G 251 -9.97 10.78 -23.89
CA GLU G 251 -10.31 9.36 -24.05
C GLU G 251 -9.20 8.49 -24.68
N GLU G 252 -8.95 7.32 -24.10
CA GLU G 252 -7.98 6.32 -24.57
C GLU G 252 -6.78 6.88 -25.34
N PRO G 253 -5.90 7.61 -24.67
CA PRO G 253 -4.68 8.07 -25.33
C PRO G 253 -3.71 6.94 -25.70
N VAL G 254 -3.58 5.88 -24.89
CA VAL G 254 -2.63 4.80 -25.20
C VAL G 254 -3.35 3.46 -25.40
N VAL G 255 -2.58 2.41 -25.69
CA VAL G 255 -3.15 1.09 -25.95
C VAL G 255 -3.99 0.61 -24.76
N TYR G 256 -5.19 0.09 -25.05
CA TYR G 256 -6.23 -0.07 -24.04
C TYR G 256 -5.89 -0.86 -22.79
N ASP G 257 -4.89 -1.74 -22.84
CA ASP G 257 -4.63 -2.57 -21.66
C ASP G 257 -3.40 -2.10 -20.89
N ASN G 258 -2.88 -0.93 -21.25
CA ASN G 258 -1.78 -0.38 -20.48
C ASN G 258 -2.30 0.31 -19.20
N PHE G 259 -2.60 -0.48 -18.17
CA PHE G 259 -3.20 0.07 -16.94
C PHE G 259 -2.20 0.88 -16.08
N ASP G 260 -0.93 0.48 -16.11
CA ASP G 260 0.15 1.23 -15.48
C ASP G 260 0.27 2.64 -16.09
N GLY G 261 0.17 2.73 -17.42
CA GLY G 261 0.26 4.00 -18.10
C GLY G 261 -0.94 4.86 -17.76
N TYR G 262 -2.10 4.25 -17.79
CA TYR G 262 -3.34 4.97 -17.56
C TYR G 262 -3.36 5.58 -16.16
N ALA G 263 -2.96 4.79 -15.17
CA ALA G 263 -2.83 5.29 -13.79
C ALA G 263 -1.96 6.53 -13.69
N GLN G 264 -0.74 6.50 -14.27
CA GLN G 264 0.13 7.68 -14.35
C GLN G 264 -0.51 8.90 -15.04
N LEU G 265 -1.18 8.65 -16.17
CA LEU G 265 -1.84 9.72 -16.91
C LEU G 265 -2.95 10.34 -16.09
N ARG G 266 -3.73 9.49 -15.45
CA ARG G 266 -4.85 9.93 -14.65
C ARG G 266 -4.37 10.82 -13.51
N HIS G 267 -3.25 10.46 -12.91
CA HIS G 267 -2.72 11.23 -11.79
C HIS G 267 -2.24 12.62 -12.24
N ASP G 268 -1.50 12.64 -13.36
CA ASP G 268 -0.93 13.86 -13.92
C ASP G 268 -1.98 14.83 -14.48
N LEU G 269 -2.96 14.29 -15.17
CA LEU G 269 -3.98 15.10 -15.79
C LEU G 269 -5.02 15.52 -14.77
N LYS G 270 -5.42 16.79 -14.86
CA LYS G 270 -6.52 17.33 -14.06
C LYS G 270 -7.83 17.01 -14.78
N THR G 271 -7.82 17.15 -16.10
CA THR G 271 -8.98 16.80 -16.94
C THR G 271 -9.32 15.32 -16.78
N PRO G 272 -10.62 14.99 -16.71
CA PRO G 272 -11.00 13.59 -16.47
C PRO G 272 -10.45 12.67 -17.56
N LEU G 273 -9.96 11.48 -17.19
CA LEU G 273 -9.45 10.48 -18.13
C LEU G 273 -10.50 9.38 -18.34
N MET G 274 -10.85 9.15 -19.60
CA MET G 274 -11.93 8.24 -19.99
C MET G 274 -11.39 6.97 -20.68
N ILE G 275 -11.81 5.80 -20.19
CA ILE G 275 -11.58 4.54 -20.88
C ILE G 275 -12.81 3.64 -20.73
N GLY G 276 -12.69 2.41 -21.22
CA GLY G 276 -13.69 1.39 -20.97
C GLY G 276 -14.31 0.76 -22.21
N GLU G 277 -14.18 1.39 -23.38
CA GLU G 277 -14.84 0.81 -24.53
C GLU G 277 -14.23 -0.55 -24.88
N ASN G 278 -13.04 -0.81 -24.35
CA ASN G 278 -12.41 -2.10 -24.59
C ASN G 278 -12.42 -3.06 -23.39
N PHE G 279 -13.22 -2.77 -22.36
CA PHE G 279 -13.34 -3.70 -21.23
C PHE G 279 -14.05 -4.95 -21.74
N TYR G 280 -13.46 -6.12 -21.52
CA TYR G 280 -14.17 -7.37 -21.77
C TYR G 280 -14.81 -7.94 -20.49
N GLY G 281 -15.99 -7.44 -20.17
CA GLY G 281 -16.74 -7.87 -19.00
C GLY G 281 -16.54 -7.03 -17.74
N PRO G 282 -17.49 -7.14 -16.80
CA PRO G 282 -17.45 -6.34 -15.58
C PRO G 282 -16.20 -6.58 -14.73
N ARG G 283 -15.63 -7.78 -14.78
CA ARG G 283 -14.43 -8.02 -13.98
C ARG G 283 -13.26 -7.14 -14.43
N GLU G 284 -13.10 -6.99 -15.74
CA GLU G 284 -12.06 -6.11 -16.28
C GLU G 284 -12.25 -4.65 -15.80
N MET G 285 -13.48 -4.15 -15.78
CA MET G 285 -13.74 -2.82 -15.26
C MET G 285 -13.28 -2.74 -13.79
N HIS G 286 -13.67 -3.74 -13.01
CA HIS G 286 -13.30 -3.82 -11.61
C HIS G 286 -11.79 -3.72 -11.45
N GLN G 287 -11.04 -4.49 -12.24
CA GLN G 287 -9.57 -4.44 -12.23
C GLN G 287 -9.00 -3.07 -12.67
N ALA G 288 -9.56 -2.48 -13.73
CA ALA G 288 -9.11 -1.15 -14.13
C ALA G 288 -9.34 -0.13 -13.01
N LEU G 289 -10.48 -0.27 -12.30
CA LEU G 289 -10.82 0.62 -11.17
C LEU G 289 -9.89 0.41 -9.98
N GLN G 290 -9.54 -0.84 -9.70
CA GLN G 290 -8.57 -1.15 -8.65
C GLN G 290 -7.18 -0.66 -9.04
N ALA G 291 -6.85 -0.67 -10.32
CA ALA G 291 -5.56 -0.12 -10.75
C ALA G 291 -5.54 1.41 -10.74
N GLY G 292 -6.69 2.03 -10.50
CA GLY G 292 -6.78 3.48 -10.53
C GLY G 292 -6.52 4.03 -11.93
N ALA G 293 -7.01 3.29 -12.93
CA ALA G 293 -6.70 3.57 -14.33
C ALA G 293 -7.50 4.70 -14.98
N CYS G 294 -8.60 5.13 -14.36
CA CYS G 294 -9.46 6.11 -15.04
C CYS G 294 -10.37 6.87 -14.07
N ASP G 295 -10.89 8.02 -14.53
CA ASP G 295 -11.92 8.78 -13.83
C ASP G 295 -13.33 8.49 -14.34
N LEU G 296 -13.45 8.00 -15.58
CA LEU G 296 -14.75 7.79 -16.20
C LEU G 296 -14.72 6.48 -16.98
N VAL G 297 -15.87 5.85 -17.15
CA VAL G 297 -15.93 4.63 -17.95
C VAL G 297 -17.01 4.68 -19.02
N MET G 298 -16.77 3.99 -20.14
CA MET G 298 -17.79 3.88 -21.19
C MET G 298 -17.72 2.51 -21.85
N PRO G 299 -18.39 1.52 -21.24
CA PRO G 299 -18.41 0.19 -21.84
C PRO G 299 -19.13 0.13 -23.18
N ASP G 300 -18.58 -0.73 -24.03
CA ASP G 300 -19.17 -1.05 -25.31
C ASP G 300 -19.99 -2.34 -25.16
N PHE G 301 -21.21 -2.35 -25.68
CA PHE G 301 -22.12 -3.48 -25.45
C PHE G 301 -21.69 -4.83 -26.02
N MET G 302 -20.87 -4.83 -27.07
CA MET G 302 -20.40 -6.12 -27.56
C MET G 302 -19.21 -6.64 -26.76
N ARG G 303 -18.51 -5.76 -26.03
CA ARG G 303 -17.34 -6.22 -25.28
C ARG G 303 -17.67 -6.44 -23.81
N ILE G 304 -18.59 -5.64 -23.27
CA ILE G 304 -18.94 -5.73 -21.86
C ILE G 304 -19.84 -6.93 -21.52
N GLY G 305 -20.44 -7.54 -22.54
CA GLY G 305 -21.28 -8.71 -22.32
C GLY G 305 -22.76 -8.36 -22.45
N GLY G 306 -23.08 -7.51 -23.42
CA GLY G 306 -24.46 -7.18 -23.71
C GLY G 306 -25.16 -6.48 -22.56
N VAL G 307 -26.47 -6.66 -22.47
CA VAL G 307 -27.25 -6.06 -21.40
C VAL G 307 -26.86 -6.70 -20.07
N SER G 308 -26.66 -8.01 -20.07
CA SER G 308 -26.31 -8.71 -18.83
C SER G 308 -25.02 -8.17 -18.21
N GLY G 309 -24.00 -8.01 -19.04
CA GLY G 309 -22.72 -7.47 -18.60
C GLY G 309 -22.83 -5.99 -18.25
N TRP G 310 -23.62 -5.23 -19.01
CA TRP G 310 -23.77 -3.82 -18.70
C TRP G 310 -24.37 -3.66 -17.33
N MET G 311 -25.44 -4.41 -17.05
CA MET G 311 -26.08 -4.30 -15.73
C MET G 311 -25.12 -4.64 -14.57
N ARG G 312 -24.33 -5.69 -14.75
CA ARG G 312 -23.32 -6.03 -13.74
C ARG G 312 -22.25 -4.95 -13.59
N ALA G 313 -21.78 -4.40 -14.71
CA ALA G 313 -20.82 -3.31 -14.70
C ALA G 313 -21.44 -2.05 -14.06
N ALA G 314 -22.74 -1.83 -14.27
CA ALA G 314 -23.42 -0.71 -13.62
C ALA G 314 -23.37 -0.84 -12.10
N GLY G 315 -23.44 -2.08 -11.61
CA GLY G 315 -23.37 -2.35 -10.18
C GLY G 315 -21.99 -1.97 -9.66
N VAL G 316 -20.95 -2.48 -10.33
CA VAL G 316 -19.58 -2.10 -10.02
C VAL G 316 -19.32 -0.57 -10.06
N ALA G 317 -19.66 0.09 -11.16
CA ALA G 317 -19.44 1.53 -11.26
C ALA G 317 -20.26 2.27 -10.21
N GLY G 318 -21.49 1.83 -10.00
CA GLY G 318 -22.33 2.42 -8.97
C GLY G 318 -21.67 2.41 -7.59
N ALA G 319 -21.09 1.28 -7.22
CA ALA G 319 -20.45 1.17 -5.92
C ALA G 319 -19.27 2.13 -5.82
N TRP G 320 -18.47 2.22 -6.88
CA TRP G 320 -17.32 3.09 -6.86
C TRP G 320 -17.72 4.56 -7.02
N GLY G 321 -18.93 4.82 -7.48
CA GLY G 321 -19.36 6.18 -7.79
C GLY G 321 -18.80 6.78 -9.08
N ILE G 322 -18.27 5.93 -9.97
CA ILE G 322 -17.70 6.33 -11.26
C ILE G 322 -18.79 6.62 -12.30
N PRO G 323 -18.79 7.83 -12.87
CA PRO G 323 -19.79 8.14 -13.90
C PRO G 323 -19.62 7.25 -15.15
N MET G 324 -20.73 6.68 -15.61
CA MET G 324 -20.68 5.63 -16.63
C MET G 324 -21.40 6.07 -17.91
N SER G 325 -20.69 6.06 -19.03
CA SER G 325 -21.29 6.43 -20.31
C SER G 325 -21.26 5.24 -21.25
N THR G 326 -21.88 5.38 -22.41
CA THR G 326 -21.99 4.28 -23.37
C THR G 326 -20.99 4.38 -24.53
N HIS G 327 -20.85 3.30 -25.26
CA HIS G 327 -20.11 3.31 -26.52
C HIS G 327 -20.90 2.53 -27.59
N LEU G 328 -21.23 3.22 -28.68
CA LEU G 328 -21.99 2.65 -29.80
C LEU G 328 -23.36 2.16 -29.34
N TYR G 329 -24.11 1.48 -30.19
CA TYR G 329 -25.42 0.94 -29.82
C TYR G 329 -26.34 1.93 -29.08
N PRO G 330 -26.67 3.06 -29.72
CA PRO G 330 -27.49 4.09 -29.07
C PRO G 330 -28.84 3.56 -28.55
N GLU G 331 -29.44 2.59 -29.23
CA GLU G 331 -30.75 2.12 -28.81
C GLU G 331 -30.66 1.30 -27.53
N VAL G 332 -29.80 0.27 -27.51
CA VAL G 332 -29.60 -0.49 -26.28
C VAL G 332 -29.08 0.43 -25.18
N GLY G 333 -28.20 1.34 -25.55
CA GLY G 333 -27.57 2.24 -24.59
C GLY G 333 -28.59 3.12 -23.91
N ALA G 334 -29.51 3.66 -24.69
CA ALA G 334 -30.51 4.56 -24.12
C ALA G 334 -31.40 3.82 -23.11
N HIS G 335 -31.83 2.61 -23.47
CA HIS G 335 -32.63 1.79 -22.55
C HIS G 335 -31.94 1.48 -21.22
N VAL G 336 -30.69 1.02 -21.25
CA VAL G 336 -30.01 0.70 -19.99
C VAL G 336 -29.56 1.93 -19.22
N MET G 337 -29.31 3.03 -19.92
CA MET G 337 -28.95 4.28 -19.26
C MET G 337 -30.12 4.83 -18.43
N ARG G 338 -31.34 4.48 -18.79
CA ARG G 338 -32.50 4.83 -17.99
C ARG G 338 -32.48 4.16 -16.61
N VAL G 339 -31.75 3.06 -16.47
CA VAL G 339 -31.71 2.39 -15.17
C VAL G 339 -30.29 2.26 -14.60
N THR G 340 -29.37 3.07 -15.11
CA THR G 340 -27.98 3.05 -14.64
C THR G 340 -27.77 4.20 -13.63
N GLU G 341 -27.38 3.87 -12.40
CA GLU G 341 -27.32 4.88 -11.35
C GLU G 341 -26.28 5.98 -11.58
N THR G 342 -25.10 5.65 -12.09
CA THR G 342 -24.10 6.68 -12.39
C THR G 342 -24.10 7.12 -13.86
N ALA G 343 -25.22 6.92 -14.56
CA ALA G 343 -25.41 7.39 -15.93
C ALA G 343 -24.81 8.79 -16.16
N HIS G 344 -23.95 8.90 -17.16
CA HIS G 344 -23.27 10.14 -17.45
C HIS G 344 -23.71 10.64 -18.84
N TRP G 345 -23.05 10.16 -19.89
CA TRP G 345 -23.39 10.54 -21.27
C TRP G 345 -23.71 9.35 -22.13
N LEU G 346 -24.64 9.53 -23.06
CA LEU G 346 -24.90 8.53 -24.09
C LEU G 346 -24.16 8.97 -25.33
N GLU G 347 -23.37 8.05 -25.90
CA GLU G 347 -22.67 8.33 -27.15
C GLU G 347 -23.58 8.06 -28.33
N TRP G 348 -23.88 9.10 -29.11
CA TRP G 348 -24.76 8.96 -30.27
C TRP G 348 -24.07 9.07 -31.62
N GLN G 349 -24.52 8.24 -32.55
CA GLN G 349 -24.14 8.36 -33.94
C GLN G 349 -25.24 7.71 -34.76
N SER G 350 -25.27 7.99 -36.06
CA SER G 350 -26.28 7.41 -36.94
C SER G 350 -25.71 6.40 -37.93
N TRP G 351 -24.56 5.83 -37.60
CA TRP G 351 -23.90 4.88 -38.49
C TRP G 351 -24.77 3.65 -38.75
N ALA G 352 -25.61 3.28 -37.79
CA ALA G 352 -26.46 2.11 -38.00
C ALA G 352 -27.90 2.47 -38.38
N ASP G 353 -28.23 3.77 -38.36
CA ASP G 353 -29.59 4.23 -38.65
C ASP G 353 -30.23 3.59 -39.89
N PRO G 354 -29.47 3.45 -40.99
CA PRO G 354 -30.05 2.95 -42.24
C PRO G 354 -30.73 1.60 -42.11
N ILE G 355 -30.25 0.70 -41.25
CA ILE G 355 -30.90 -0.62 -41.19
C ILE G 355 -32.15 -0.62 -40.33
N LEU G 356 -32.50 0.53 -39.78
CA LEU G 356 -33.67 0.63 -38.92
C LEU G 356 -34.79 1.37 -39.62
N GLN G 357 -36.01 0.90 -39.47
CA GLN G 357 -37.18 1.64 -39.96
C GLN G 357 -37.39 2.96 -39.22
N GLU G 358 -37.16 2.96 -37.91
CA GLU G 358 -37.45 4.12 -37.07
C GLU G 358 -36.38 4.32 -35.97
N PRO G 359 -35.28 5.03 -36.31
CA PRO G 359 -34.30 5.35 -35.27
C PRO G 359 -34.95 6.17 -34.17
N TYR G 360 -34.34 6.19 -32.98
CA TYR G 360 -34.93 6.92 -31.87
C TYR G 360 -34.95 8.41 -32.19
N ALA G 361 -35.92 9.13 -31.66
CA ALA G 361 -35.99 10.57 -31.94
C ALA G 361 -35.03 11.33 -31.04
N LEU G 362 -34.56 12.47 -31.55
CA LEU G 362 -33.76 13.40 -30.76
C LEU G 362 -34.58 14.63 -30.40
N SER G 363 -34.34 15.16 -29.20
CA SER G 363 -34.95 16.41 -28.75
C SER G 363 -33.96 17.19 -27.86
N ASP G 364 -33.52 18.34 -28.36
CA ASP G 364 -32.54 19.17 -27.68
C ASP G 364 -31.29 18.39 -27.24
N GLY G 365 -30.81 17.50 -28.09
CA GLY G 365 -29.62 16.71 -27.77
C GLY G 365 -29.83 15.51 -26.87
N ASP G 366 -31.07 15.22 -26.50
CA ASP G 366 -31.40 14.02 -25.72
C ASP G 366 -31.95 12.97 -26.67
N LEU G 367 -31.57 11.71 -26.48
CA LEU G 367 -32.19 10.61 -27.22
C LEU G 367 -33.44 10.16 -26.49
N ILE G 368 -34.53 9.91 -27.23
CA ILE G 368 -35.80 9.53 -26.64
C ILE G 368 -36.10 8.05 -26.77
N VAL G 369 -36.10 7.33 -25.67
CA VAL G 369 -36.49 5.93 -25.68
C VAL G 369 -38.00 5.85 -25.90
N PRO G 370 -38.42 5.26 -27.03
CA PRO G 370 -39.85 5.16 -27.37
C PRO G 370 -40.61 4.16 -26.48
N ASP G 371 -41.91 4.34 -26.39
CA ASP G 371 -42.75 3.40 -25.66
C ASP G 371 -43.12 2.24 -26.56
N LYS G 372 -42.17 1.33 -26.76
CA LYS G 372 -42.32 0.19 -27.65
C LYS G 372 -41.66 -1.01 -26.99
N PRO G 373 -42.25 -2.20 -27.14
CA PRO G 373 -41.74 -3.37 -26.43
C PRO G 373 -40.31 -3.64 -26.85
N GLY G 374 -39.49 -4.14 -25.94
CA GLY G 374 -38.12 -4.49 -26.30
C GLY G 374 -37.30 -3.26 -26.64
N LEU G 375 -36.46 -3.38 -27.66
CA LEU G 375 -35.64 -2.27 -28.12
C LEU G 375 -36.41 -1.47 -29.17
N GLY G 376 -37.59 -1.96 -29.52
CA GLY G 376 -38.38 -1.34 -30.57
C GLY G 376 -37.75 -1.27 -31.96
N LEU G 377 -36.85 -2.20 -32.27
CA LEU G 377 -36.20 -2.21 -33.58
C LEU G 377 -36.99 -3.02 -34.61
N ASP G 378 -37.06 -2.49 -35.83
CA ASP G 378 -37.60 -3.24 -36.97
C ASP G 378 -36.72 -2.94 -38.16
N TRP G 379 -36.23 -4.00 -38.79
CA TRP G 379 -35.26 -3.85 -39.87
C TRP G 379 -35.90 -3.22 -41.11
N ASP G 380 -35.16 -2.35 -41.77
CA ASP G 380 -35.51 -1.89 -43.12
C ASP G 380 -34.91 -2.90 -44.09
N GLU G 381 -35.72 -3.85 -44.52
CA GLU G 381 -35.22 -4.96 -45.32
C GLU G 381 -34.77 -4.55 -46.73
N ASP G 382 -35.32 -3.47 -47.25
CA ASP G 382 -34.78 -2.87 -48.48
C ASP G 382 -33.29 -2.49 -48.35
N VAL G 383 -32.97 -1.70 -47.32
CA VAL G 383 -31.58 -1.40 -47.03
C VAL G 383 -30.74 -2.65 -46.70
N VAL G 384 -31.30 -3.58 -45.92
CA VAL G 384 -30.60 -4.84 -45.68
C VAL G 384 -30.21 -5.51 -47.00
N ALA G 385 -31.17 -5.66 -47.91
CA ALA G 385 -30.94 -6.34 -49.19
C ALA G 385 -29.86 -5.61 -50.00
N ALA G 386 -29.98 -4.28 -50.08
CA ALA G 386 -29.01 -3.45 -50.77
C ALA G 386 -27.58 -3.58 -50.21
N ASN G 387 -27.45 -3.88 -48.91
CA ASN G 387 -26.11 -3.92 -48.34
C ASN G 387 -25.68 -5.26 -47.81
N LEU G 388 -26.48 -6.29 -48.06
CA LEU G 388 -26.17 -7.64 -47.59
C LEU G 388 -24.84 -8.13 -48.16
N VAL G 389 -24.02 -8.77 -47.33
CA VAL G 389 -22.73 -9.32 -47.81
C VAL G 389 -22.88 -10.79 -48.23
N THR H 27 27.28 -26.93 -36.75
CA THR H 27 27.74 -26.58 -35.40
C THR H 27 28.45 -25.21 -35.34
N LEU H 28 28.81 -24.79 -34.13
CA LEU H 28 29.47 -23.51 -33.93
C LEU H 28 30.13 -23.54 -32.55
N THR H 29 31.46 -23.41 -32.53
CA THR H 29 32.24 -23.68 -31.33
C THR H 29 33.20 -22.55 -31.00
N PHE H 30 33.22 -22.16 -29.73
CA PHE H 30 34.06 -21.07 -29.26
C PHE H 30 35.51 -21.52 -29.20
N ARG H 31 36.39 -20.80 -29.92
CA ARG H 31 37.81 -21.08 -29.85
C ARG H 31 38.52 -20.09 -28.94
N LYS H 32 38.59 -18.83 -29.35
CA LYS H 32 39.19 -17.82 -28.47
C LYS H 32 38.60 -16.43 -28.63
N LEU H 33 38.94 -15.55 -27.69
CA LEU H 33 38.51 -14.16 -27.73
C LEU H 33 39.69 -13.25 -27.42
N THR H 34 39.83 -12.20 -28.20
CA THR H 34 40.89 -11.22 -28.00
C THR H 34 40.31 -9.86 -27.69
N ALA H 35 40.87 -9.18 -26.69
CA ALA H 35 40.45 -7.84 -26.34
C ALA H 35 41.58 -6.81 -26.49
N ARG H 36 41.40 -5.86 -27.40
CA ARG H 36 42.41 -4.83 -27.62
C ARG H 36 41.91 -3.47 -27.11
N PRO H 37 42.67 -2.84 -26.22
CA PRO H 37 42.26 -1.55 -25.69
C PRO H 37 42.76 -0.41 -26.59
N VAL H 38 41.88 0.54 -26.91
CA VAL H 38 42.29 1.72 -27.64
C VAL H 38 41.75 2.95 -26.96
N LEU H 39 42.33 4.10 -27.28
CA LEU H 39 42.02 5.36 -26.62
C LEU H 39 41.96 6.46 -27.67
N LEU H 40 40.83 7.13 -27.76
CA LEU H 40 40.58 8.08 -28.83
C LEU H 40 40.44 9.50 -28.32
N LYS H 41 40.99 10.47 -29.05
CA LYS H 41 40.73 11.87 -28.76
C LYS H 41 39.31 12.20 -29.23
N LEU H 42 38.47 12.69 -28.33
CA LEU H 42 37.12 13.10 -28.72
C LEU H 42 37.19 14.36 -29.59
N GLN H 43 36.39 14.36 -30.66
CA GLN H 43 36.23 15.53 -31.52
C GLN H 43 35.69 16.73 -30.74
N ARG H 44 34.71 16.47 -29.88
CA ARG H 44 34.17 17.49 -28.99
C ARG H 44 34.33 16.99 -27.56
N PRO H 45 35.32 17.53 -26.84
CA PRO H 45 35.66 17.06 -25.50
C PRO H 45 34.53 17.25 -24.49
N VAL H 46 34.46 16.33 -23.53
CA VAL H 46 33.48 16.42 -22.45
C VAL H 46 33.83 17.56 -21.50
N THR H 47 33.09 18.65 -21.59
CA THR H 47 33.27 19.76 -20.66
C THR H 47 32.18 19.72 -19.58
N ALA H 48 32.53 19.14 -18.42
CA ALA H 48 31.64 19.17 -17.25
C ALA H 48 32.05 20.32 -16.33
N ARG H 49 31.63 20.25 -15.06
CA ARG H 49 31.96 21.31 -14.10
C ARG H 49 33.27 21.01 -13.36
N ILE H 50 33.44 19.73 -13.01
CA ILE H 50 34.62 19.27 -12.30
C ILE H 50 35.88 19.37 -13.16
N ALA H 51 35.76 19.08 -14.45
CA ALA H 51 36.92 19.08 -15.36
C ALA H 51 36.55 19.00 -16.83
N THR H 52 37.50 18.54 -17.64
CA THR H 52 37.30 18.34 -19.08
C THR H 52 37.93 17.01 -19.50
N ILE H 53 37.09 16.03 -19.84
CA ILE H 53 37.56 14.71 -20.25
C ILE H 53 37.72 14.64 -21.77
N PRO H 54 38.97 14.55 -22.25
CA PRO H 54 39.24 14.64 -23.69
C PRO H 54 39.44 13.29 -24.39
N ASP H 55 39.59 12.20 -23.64
CA ASP H 55 39.86 10.90 -24.25
C ASP H 55 38.74 9.85 -24.02
N TRP H 56 38.49 9.04 -25.05
CA TRP H 56 37.42 8.05 -25.03
C TRP H 56 37.97 6.63 -25.23
N PRO H 57 37.90 5.79 -24.19
CA PRO H 57 38.46 4.43 -24.31
C PRO H 57 37.47 3.45 -24.94
N LEU H 58 37.99 2.49 -25.71
CA LEU H 58 37.18 1.41 -26.27
C LEU H 58 37.96 0.14 -26.12
N ILE H 59 37.25 -0.96 -25.90
CA ILE H 59 37.87 -2.26 -26.01
C ILE H 59 37.27 -2.94 -27.23
N LEU H 60 38.13 -3.32 -28.18
CA LEU H 60 37.69 -4.01 -29.39
C LEU H 60 37.79 -5.50 -29.15
N ILE H 61 36.67 -6.18 -29.37
CA ILE H 61 36.58 -7.62 -29.08
C ILE H 61 36.43 -8.41 -30.36
N ASP H 62 37.29 -9.41 -30.51
CA ASP H 62 37.25 -10.31 -31.65
C ASP H 62 37.12 -11.75 -31.19
N ILE H 63 36.11 -12.43 -31.70
CA ILE H 63 35.88 -13.82 -31.37
C ILE H 63 36.20 -14.71 -32.56
N GLU H 64 36.89 -15.82 -32.30
CA GLU H 64 37.13 -16.84 -33.31
C GLU H 64 36.41 -18.12 -32.90
N THR H 65 35.85 -18.82 -33.88
CA THR H 65 35.20 -20.12 -33.68
C THR H 65 36.00 -21.19 -34.43
N GLU H 66 35.82 -22.45 -34.05
CA GLU H 66 36.52 -23.56 -34.72
C GLU H 66 36.12 -23.63 -36.18
N GLU H 67 34.97 -23.04 -36.52
CA GLU H 67 34.44 -23.15 -37.88
C GLU H 67 34.73 -21.91 -38.73
N GLY H 68 35.53 -20.99 -38.20
CA GLY H 68 35.95 -19.84 -38.97
C GLY H 68 34.99 -18.67 -39.01
N VAL H 69 33.92 -18.73 -38.23
CA VAL H 69 33.02 -17.59 -38.15
C VAL H 69 33.55 -16.63 -37.10
N PRO H 70 33.73 -15.37 -37.48
CA PRO H 70 34.22 -14.37 -36.52
C PRO H 70 33.04 -13.68 -35.83
N GLY H 71 33.30 -13.06 -34.69
CA GLY H 71 32.36 -12.13 -34.09
C GLY H 71 33.12 -10.88 -33.71
N ARG H 72 32.53 -9.71 -33.98
CA ARG H 72 33.13 -8.44 -33.58
C ARG H 72 32.15 -7.52 -32.86
N ALA H 73 32.62 -6.91 -31.76
CA ALA H 73 31.86 -5.94 -31.00
C ALA H 73 32.83 -5.11 -30.16
N TYR H 74 32.35 -4.03 -29.53
CA TYR H 74 33.23 -3.21 -28.68
C TYR H 74 32.57 -2.77 -27.37
N LEU H 75 33.38 -2.44 -26.36
CA LEU H 75 32.93 -1.85 -25.11
C LEU H 75 33.36 -0.40 -25.02
N GLU H 76 32.54 0.44 -24.38
CA GLU H 76 32.92 1.83 -24.10
C GLU H 76 32.86 2.08 -22.60
N PRO H 77 33.91 1.65 -21.88
CA PRO H 77 33.95 1.60 -20.41
C PRO H 77 34.26 2.93 -19.72
N TYR H 78 34.36 4.03 -20.45
CA TYR H 78 34.49 5.38 -19.85
C TYR H 78 35.84 5.66 -19.21
N VAL H 79 36.29 4.76 -18.33
CA VAL H 79 37.49 5.00 -17.53
C VAL H 79 38.67 4.26 -18.14
N PRO H 80 39.60 5.00 -18.77
CA PRO H 80 40.72 4.36 -19.46
C PRO H 80 41.40 3.31 -18.60
N LYS H 81 41.75 3.66 -17.37
CA LYS H 81 42.50 2.75 -16.51
C LYS H 81 41.73 1.45 -16.23
N ALA H 82 40.41 1.52 -16.30
CA ALA H 82 39.56 0.36 -16.04
C ALA H 82 39.80 -0.72 -17.09
N MET H 83 40.39 -0.34 -18.22
CA MET H 83 40.69 -1.33 -19.27
C MET H 83 41.73 -2.35 -18.78
N LYS H 84 42.50 -1.98 -17.76
CA LYS H 84 43.46 -2.90 -17.17
C LYS H 84 42.78 -3.95 -16.30
N TYR H 85 41.52 -3.71 -15.95
CA TYR H 85 40.78 -4.70 -15.18
C TYR H 85 39.97 -5.58 -16.12
N LEU H 86 39.51 -5.00 -17.22
CA LEU H 86 38.58 -5.68 -18.13
C LEU H 86 39.25 -6.59 -19.15
N VAL H 87 40.36 -6.13 -19.73
CA VAL H 87 41.07 -6.95 -20.70
C VAL H 87 41.48 -8.29 -20.09
N PRO H 88 42.07 -8.26 -18.88
CA PRO H 88 42.39 -9.52 -18.20
C PRO H 88 41.12 -10.32 -17.92
N ALA H 89 40.09 -9.66 -17.42
CA ALA H 89 38.82 -10.33 -17.17
C ALA H 89 38.30 -11.01 -18.43
N LEU H 90 38.43 -10.34 -19.58
CA LEU H 90 37.89 -10.87 -20.84
C LEU H 90 38.70 -12.06 -21.32
N HIS H 91 40.02 -11.98 -21.18
N HIS H 91 40.02 -11.98 -21.19
CA HIS H 91 40.90 -13.08 -21.55
CA HIS H 91 40.89 -13.10 -21.53
C HIS H 91 40.68 -14.30 -20.63
C HIS H 91 40.54 -14.30 -20.65
N ASP H 92 40.38 -14.06 -19.35
CA ASP H 92 40.04 -15.13 -18.43
C ASP H 92 38.77 -15.86 -18.87
N MET H 93 37.79 -15.10 -19.36
CA MET H 93 36.55 -15.69 -19.84
C MET H 93 36.77 -16.48 -21.12
N SER H 94 37.65 -15.97 -21.97
CA SER H 94 38.04 -16.68 -23.18
C SER H 94 38.62 -18.06 -22.86
N ASP H 95 39.45 -18.12 -21.81
CA ASP H 95 40.03 -19.40 -21.39
C ASP H 95 38.96 -20.37 -20.88
N MET H 96 38.00 -19.84 -20.13
CA MET H 96 36.91 -20.66 -19.57
C MET H 96 35.97 -21.20 -20.66
N LEU H 97 35.68 -20.37 -21.65
CA LEU H 97 34.74 -20.72 -22.71
C LEU H 97 35.36 -21.61 -23.77
N ALA H 98 36.68 -21.59 -23.86
CA ALA H 98 37.42 -22.38 -24.87
C ALA H 98 36.82 -23.77 -25.09
N GLY H 99 36.43 -24.02 -26.33
CA GLY H 99 35.99 -25.35 -26.76
C GLY H 99 34.53 -25.65 -26.47
N GLN H 100 33.81 -24.66 -25.95
CA GLN H 100 32.39 -24.83 -25.67
C GLN H 100 31.55 -24.27 -26.81
N PRO H 101 30.27 -24.65 -26.87
CA PRO H 101 29.40 -24.18 -27.96
C PRO H 101 29.24 -22.66 -27.92
N LEU H 102 29.23 -22.05 -29.10
CA LEU H 102 29.01 -20.62 -29.17
C LEU H 102 27.50 -20.38 -29.12
N ALA H 103 26.95 -20.48 -27.91
CA ALA H 103 25.52 -20.24 -27.63
C ALA H 103 25.37 -19.10 -26.61
N PRO H 104 25.04 -17.91 -27.11
CA PRO H 104 24.96 -16.67 -26.32
C PRO H 104 24.22 -16.83 -24.99
N ALA H 105 23.01 -17.37 -25.01
CA ALA H 105 22.26 -17.54 -23.76
C ALA H 105 23.04 -18.37 -22.74
N GLU H 106 23.61 -19.49 -23.18
CA GLU H 106 24.39 -20.33 -22.28
C GLU H 106 25.65 -19.62 -21.79
N ILE H 107 26.32 -18.95 -22.71
CA ILE H 107 27.55 -18.24 -22.37
C ILE H 107 27.28 -17.15 -21.34
N TYR H 108 26.13 -16.48 -21.47
CA TYR H 108 25.73 -15.40 -20.57
C TYR H 108 25.52 -15.96 -19.17
N ASP H 109 24.95 -17.15 -19.11
CA ASP H 109 24.83 -17.85 -17.83
C ASP H 109 26.23 -18.14 -17.25
N LYS H 110 27.07 -18.80 -18.04
CA LYS H 110 28.43 -19.18 -17.60
C LYS H 110 29.31 -18.01 -17.16
N THR H 111 29.33 -16.94 -17.96
CA THR H 111 30.21 -15.81 -17.64
C THR H 111 29.74 -15.07 -16.39
N ARG H 112 28.45 -14.85 -16.26
CA ARG H 112 27.94 -14.14 -15.09
C ARG H 112 28.13 -15.00 -13.84
N LYS H 113 27.96 -16.31 -14.01
CA LYS H 113 28.10 -17.25 -12.89
C LYS H 113 29.54 -17.34 -12.35
N SER H 114 30.52 -17.23 -13.24
CA SER H 114 31.92 -17.35 -12.84
C SER H 114 32.41 -16.17 -11.98
N LEU H 115 31.71 -15.05 -12.04
CA LEU H 115 32.09 -13.87 -11.27
C LEU H 115 31.09 -13.47 -10.17
N HIS H 116 30.16 -14.34 -9.81
CA HIS H 116 29.09 -13.96 -8.87
C HIS H 116 29.56 -13.61 -7.44
N PHE H 117 30.67 -14.19 -6.97
CA PHE H 117 31.23 -13.79 -5.69
C PHE H 117 31.77 -12.36 -5.71
N VAL H 118 32.23 -11.88 -6.86
CA VAL H 118 32.65 -10.49 -6.91
C VAL H 118 31.58 -9.57 -7.52
N GLY H 119 30.36 -10.09 -7.64
CA GLY H 119 29.20 -9.28 -7.99
C GLY H 119 28.61 -9.53 -9.36
N TYR H 120 27.28 -9.58 -9.44
CA TYR H 120 26.57 -9.60 -10.73
C TYR H 120 26.57 -8.19 -11.37
N ALA H 121 26.57 -7.17 -10.53
CA ALA H 121 26.59 -5.79 -10.98
C ALA H 121 28.04 -5.32 -11.14
N GLY H 122 28.21 -4.25 -11.90
CA GLY H 122 29.50 -3.59 -11.99
C GLY H 122 30.45 -4.16 -13.03
N LEU H 123 31.74 -4.17 -12.72
CA LEU H 123 32.75 -4.63 -13.66
C LEU H 123 32.52 -6.06 -14.17
N SER H 124 31.97 -6.94 -13.33
CA SER H 124 31.67 -8.31 -13.76
C SER H 124 30.74 -8.29 -14.97
N MET H 125 29.61 -7.62 -14.79
CA MET H 125 28.62 -7.48 -15.84
C MET H 125 29.19 -6.85 -17.11
N ILE H 126 30.10 -5.90 -16.95
CA ILE H 126 30.69 -5.24 -18.11
C ILE H 126 31.47 -6.25 -18.98
N ALA H 127 32.23 -7.13 -18.34
CA ALA H 127 32.96 -8.15 -19.09
C ALA H 127 32.01 -9.08 -19.83
N ALA H 128 31.05 -9.65 -19.10
CA ALA H 128 30.03 -10.53 -19.68
C ALA H 128 29.29 -9.89 -20.84
N SER H 129 29.00 -8.61 -20.69
CA SER H 129 28.31 -7.86 -21.74
C SER H 129 29.12 -7.80 -23.03
N GLY H 130 30.41 -7.54 -22.91
CA GLY H 130 31.27 -7.50 -24.09
C GLY H 130 31.26 -8.83 -24.81
N VAL H 131 31.43 -9.92 -24.06
CA VAL H 131 31.43 -11.25 -24.66
C VAL H 131 30.09 -11.50 -25.33
N ASP H 132 29.00 -11.15 -24.64
CA ASP H 132 27.65 -11.37 -25.15
C ASP H 132 27.43 -10.72 -26.52
N MET H 133 27.73 -9.43 -26.63
CA MET H 133 27.49 -8.73 -27.91
C MET H 133 28.27 -9.39 -29.05
N ALA H 134 29.53 -9.71 -28.79
CA ALA H 134 30.36 -10.34 -29.81
C ALA H 134 29.85 -11.74 -30.16
N VAL H 135 29.44 -12.50 -29.16
CA VAL H 135 28.93 -13.84 -29.43
C VAL H 135 27.66 -13.79 -30.28
N TRP H 136 26.75 -12.88 -29.95
CA TRP H 136 25.55 -12.68 -30.77
C TRP H 136 25.91 -12.30 -32.21
N ASP H 137 26.94 -11.47 -32.37
CA ASP H 137 27.39 -11.06 -33.69
C ASP H 137 27.85 -12.29 -34.48
N ALA H 138 28.64 -13.15 -33.83
CA ALA H 138 29.11 -14.39 -34.46
C ALA H 138 27.96 -15.32 -34.86
N LEU H 139 27.03 -15.54 -33.95
CA LEU H 139 25.86 -16.37 -34.22
C LEU H 139 25.10 -15.87 -35.45
N ALA H 140 24.85 -14.57 -35.51
CA ALA H 140 24.16 -13.97 -36.66
C ALA H 140 24.94 -14.14 -37.95
N ARG H 141 26.24 -13.86 -37.90
CA ARG H 141 27.13 -14.18 -39.03
C ARG H 141 26.99 -15.64 -39.43
N ALA H 142 27.07 -16.54 -38.46
CA ALA H 142 26.91 -17.98 -38.75
C ALA H 142 25.62 -18.23 -39.51
N ALA H 143 24.60 -17.42 -39.26
CA ALA H 143 23.31 -17.64 -39.91
C ALA H 143 23.20 -16.86 -41.20
N ASN H 144 24.25 -16.11 -41.52
CA ASN H 144 24.25 -15.21 -42.66
C ASN H 144 23.12 -14.19 -42.59
N MET H 145 22.86 -13.70 -41.39
CA MET H 145 21.80 -12.72 -41.16
C MET H 145 22.33 -11.51 -40.39
N PRO H 146 21.79 -10.32 -40.70
CA PRO H 146 22.03 -9.17 -39.82
C PRO H 146 21.48 -9.50 -38.44
N LEU H 147 22.10 -9.02 -37.36
CA LEU H 147 21.62 -9.35 -36.02
C LEU H 147 20.09 -9.15 -35.87
N CYS H 148 19.58 -8.00 -36.32
CA CYS H 148 18.17 -7.70 -36.13
C CYS H 148 17.27 -8.73 -36.82
N THR H 149 17.74 -9.28 -37.93
CA THR H 149 16.99 -10.30 -38.63
C THR H 149 16.98 -11.62 -37.84
N LEU H 150 18.12 -11.93 -37.25
CA LEU H 150 18.24 -13.10 -36.41
C LEU H 150 17.31 -13.00 -35.20
N LEU H 151 17.11 -11.78 -34.72
CA LEU H 151 16.26 -11.54 -33.56
C LEU H 151 14.79 -11.44 -33.96
N GLY H 152 14.48 -11.62 -35.24
CA GLY H 152 13.10 -11.61 -35.71
C GLY H 152 12.60 -10.37 -36.43
N GLY H 153 13.46 -9.36 -36.62
CA GLY H 153 13.08 -8.16 -37.35
C GLY H 153 13.71 -8.04 -38.73
N THR H 154 13.86 -6.81 -39.21
CA THR H 154 14.54 -6.51 -40.48
C THR H 154 15.37 -5.23 -40.39
N PRO H 155 16.41 -5.11 -41.25
CA PRO H 155 17.15 -3.84 -41.36
C PRO H 155 16.21 -2.71 -41.76
N GLY H 156 16.51 -1.49 -41.33
CA GLY H 156 15.63 -0.37 -41.57
C GLY H 156 16.10 0.80 -40.76
N SER H 157 15.28 1.84 -40.70
CA SER H 157 15.68 3.07 -40.03
C SER H 157 15.16 3.13 -38.60
N VAL H 158 15.89 3.83 -37.75
CA VAL H 158 15.60 3.95 -36.34
C VAL H 158 15.79 5.43 -35.96
N LYS H 159 14.72 6.09 -35.51
CA LYS H 159 14.79 7.50 -35.15
C LYS H 159 15.82 7.75 -34.04
N ALA H 160 16.74 8.69 -34.28
CA ALA H 160 17.81 8.95 -33.32
C ALA H 160 17.86 10.40 -32.87
N TYR H 161 18.66 10.66 -31.85
CA TYR H 161 18.94 12.02 -31.41
C TYR H 161 20.44 12.12 -31.17
N ASN H 162 20.98 13.34 -31.26
CA ASN H 162 22.42 13.49 -31.27
C ASN H 162 22.96 13.80 -29.89
N SER H 163 23.85 12.97 -29.36
CA SER H 163 24.44 13.33 -28.07
C SER H 163 25.94 13.64 -28.15
N ASN H 164 26.41 14.02 -29.32
CA ASN H 164 27.85 14.30 -29.49
C ASN H 164 28.42 15.39 -28.55
N GLY H 165 27.59 16.36 -28.17
CA GLY H 165 28.09 17.48 -27.37
C GLY H 165 27.04 18.28 -26.60
N LEU H 166 27.09 19.60 -26.75
CA LEU H 166 26.24 20.51 -25.97
C LEU H 166 26.60 20.40 -24.49
N TRP H 167 27.91 20.31 -24.24
CA TRP H 167 28.46 20.25 -22.90
C TRP H 167 28.40 21.62 -22.25
N LEU H 168 28.98 21.76 -21.06
CA LEU H 168 28.73 22.95 -20.24
C LEU H 168 29.56 24.18 -20.64
N LYS H 169 29.32 24.68 -21.85
CA LYS H 169 29.96 25.88 -22.33
C LYS H 169 28.98 27.05 -22.24
N SER H 170 29.27 28.15 -22.90
CA SER H 170 28.43 29.33 -22.81
C SER H 170 27.25 29.20 -23.76
N PRO H 171 26.14 29.89 -23.47
CA PRO H 171 24.97 29.81 -24.33
C PRO H 171 25.32 30.01 -25.80
N ALA H 172 26.06 31.08 -26.09
CA ALA H 172 26.48 31.38 -27.46
C ALA H 172 27.12 30.18 -28.16
N GLU H 173 28.10 29.56 -27.50
CA GLU H 173 28.85 28.44 -28.06
C GLU H 173 27.98 27.21 -28.26
N VAL H 174 27.20 26.87 -27.23
CA VAL H 174 26.31 25.72 -27.28
C VAL H 174 25.31 25.83 -28.42
N ALA H 175 24.73 27.01 -28.58
CA ALA H 175 23.79 27.28 -29.67
C ALA H 175 24.40 27.07 -31.06
N ALA H 176 25.60 27.58 -31.27
CA ALA H 176 26.25 27.47 -32.56
C ALA H 176 26.61 26.00 -32.82
N GLU H 177 27.03 25.31 -31.76
CA GLU H 177 27.34 23.88 -31.89
C GLU H 177 26.07 23.08 -32.17
N ALA H 178 24.96 23.52 -31.60
CA ALA H 178 23.67 22.87 -31.83
C ALA H 178 23.29 22.86 -33.31
N VAL H 179 23.58 23.95 -34.02
CA VAL H 179 23.35 24.00 -35.47
C VAL H 179 24.13 22.89 -36.20
N GLU H 180 25.42 22.76 -35.89
CA GLU H 180 26.22 21.69 -36.50
C GLU H 180 25.64 20.31 -36.15
N LEU H 181 25.29 20.11 -34.88
CA LEU H 181 24.78 18.81 -34.41
C LEU H 181 23.52 18.36 -35.12
N LYS H 182 22.57 19.28 -35.30
CA LYS H 182 21.36 18.94 -36.04
C LYS H 182 21.75 18.52 -37.44
N ALA H 183 22.75 19.20 -37.99
CA ALA H 183 23.17 18.94 -39.37
C ALA H 183 23.82 17.55 -39.56
N GLU H 184 24.47 17.01 -38.54
CA GLU H 184 25.05 15.67 -38.68
C GLU H 184 23.99 14.60 -39.03
N GLY H 185 22.72 14.92 -38.82
CA GLY H 185 21.64 13.99 -39.12
C GLY H 185 21.40 13.73 -40.59
N GLN H 186 21.91 14.63 -41.45
CA GLN H 186 21.62 14.60 -42.89
C GLN H 186 20.20 15.05 -43.20
N GLY H 187 19.98 15.48 -44.44
CA GLY H 187 18.67 15.88 -44.90
C GLY H 187 18.08 16.93 -43.97
N THR H 188 16.89 16.65 -43.46
CA THR H 188 16.22 17.58 -42.56
C THR H 188 16.84 17.61 -41.15
N GLY H 189 17.79 16.71 -40.91
CA GLY H 189 18.56 16.72 -39.66
C GLY H 189 17.98 15.90 -38.52
N PHE H 190 18.73 15.83 -37.41
CA PHE H 190 18.26 15.18 -36.19
C PHE H 190 17.00 15.85 -35.64
N LYS H 191 16.03 15.06 -35.21
CA LYS H 191 14.83 15.64 -34.64
C LYS H 191 15.01 15.91 -33.15
N GLY H 192 16.16 15.50 -32.61
CA GLY H 192 16.45 15.72 -31.22
C GLY H 192 17.93 15.89 -30.87
N LEU H 193 18.20 16.61 -29.78
CA LEU H 193 19.56 16.86 -29.35
C LEU H 193 19.65 16.65 -27.86
N LYS H 194 20.75 16.10 -27.38
CA LYS H 194 20.97 16.02 -25.95
C LYS H 194 21.70 17.26 -25.44
N LEU H 195 21.07 17.96 -24.50
CA LEU H 195 21.64 19.15 -23.92
C LEU H 195 22.02 18.86 -22.46
N ARG H 196 23.30 19.03 -22.14
CA ARG H 196 23.75 18.80 -20.77
C ARG H 196 23.51 20.02 -19.91
N MET H 197 23.18 19.80 -18.65
CA MET H 197 22.96 20.92 -17.74
C MET H 197 23.70 20.64 -16.45
N GLY H 198 23.75 21.63 -15.57
CA GLY H 198 24.41 21.45 -14.29
C GLY H 198 25.41 22.56 -14.00
N ARG H 199 25.19 23.71 -14.61
CA ARG H 199 26.04 24.88 -14.38
C ARG H 199 25.89 25.40 -12.96
N ASP H 200 26.86 26.19 -12.51
CA ASP H 200 26.84 26.74 -11.15
C ASP H 200 25.60 27.59 -10.97
N ASP H 201 25.27 28.34 -12.02
CA ASP H 201 24.11 29.21 -12.01
C ASP H 201 23.02 28.61 -12.89
N PRO H 202 21.95 28.11 -12.27
CA PRO H 202 20.90 27.47 -13.05
C PRO H 202 20.29 28.40 -14.11
N ALA H 203 20.32 29.71 -13.86
CA ALA H 203 19.80 30.67 -14.83
C ALA H 203 20.47 30.49 -16.17
N VAL H 204 21.75 30.11 -16.14
CA VAL H 204 22.53 29.97 -17.36
C VAL H 204 22.20 28.67 -18.08
N ASP H 205 21.83 27.64 -17.33
CA ASP H 205 21.32 26.40 -17.94
C ASP H 205 20.10 26.74 -18.78
N ILE H 206 19.21 27.53 -18.20
CA ILE H 206 17.94 27.84 -18.86
C ILE H 206 18.22 28.71 -20.07
N GLU H 207 19.01 29.77 -19.87
CA GLU H 207 19.47 30.63 -20.96
C GLU H 207 20.07 29.81 -22.11
N THR H 208 20.84 28.78 -21.77
CA THR H 208 21.44 27.92 -22.79
C THR H 208 20.38 27.18 -23.62
N ALA H 209 19.45 26.53 -22.93
CA ALA H 209 18.34 25.86 -23.60
C ALA H 209 17.60 26.80 -24.56
N GLU H 210 17.31 28.01 -24.11
CA GLU H 210 16.59 29.00 -24.93
C GLU H 210 17.40 29.40 -26.16
N ALA H 211 18.70 29.59 -25.96
CA ALA H 211 19.56 30.02 -27.05
C ALA H 211 19.61 28.93 -28.11
N VAL H 212 19.64 27.68 -27.68
CA VAL H 212 19.62 26.54 -28.61
C VAL H 212 18.34 26.51 -29.47
N TRP H 213 17.18 26.69 -28.83
CA TRP H 213 15.91 26.69 -29.57
C TRP H 213 15.86 27.87 -30.53
N ASP H 214 16.48 28.98 -30.15
CA ASP H 214 16.53 30.16 -31.01
C ASP H 214 17.29 29.90 -32.30
N ALA H 215 18.32 29.04 -32.21
CA ALA H 215 19.17 28.76 -33.36
C ALA H 215 18.67 27.60 -34.25
N VAL H 216 18.23 26.51 -33.64
CA VAL H 216 17.80 25.33 -34.41
C VAL H 216 16.29 25.22 -34.57
N GLY H 217 15.56 26.08 -33.89
CA GLY H 217 14.10 26.03 -33.95
C GLY H 217 13.45 25.21 -32.85
N ARG H 218 12.23 25.61 -32.49
CA ARG H 218 11.47 25.07 -31.36
C ARG H 218 10.93 23.65 -31.55
N ASP H 219 10.86 23.17 -32.78
CA ASP H 219 10.32 21.83 -33.02
C ASP H 219 11.38 20.74 -32.82
N THR H 220 12.57 21.17 -32.40
CA THR H 220 13.65 20.24 -32.08
C THR H 220 13.54 19.83 -30.61
N ALA H 221 13.42 18.52 -30.39
CA ALA H 221 13.33 17.99 -29.03
C ALA H 221 14.69 18.11 -28.33
N LEU H 222 14.69 18.64 -27.11
CA LEU H 222 15.91 18.73 -26.31
C LEU H 222 15.79 17.77 -25.15
N MET H 223 16.71 16.82 -25.07
CA MET H 223 16.77 15.91 -23.91
C MET H 223 17.83 16.45 -22.98
N VAL H 224 17.44 16.77 -21.75
CA VAL H 224 18.41 17.34 -20.81
C VAL H 224 18.99 16.28 -19.88
N ASP H 225 20.30 16.28 -19.76
CA ASP H 225 21.00 15.33 -18.89
C ASP H 225 21.85 16.06 -17.83
N PHE H 226 21.64 15.72 -16.56
CA PHE H 226 22.38 16.33 -15.43
C PHE H 226 23.55 15.47 -14.97
N ASN H 227 23.60 14.24 -15.43
CA ASN H 227 24.68 13.31 -15.12
C ASN H 227 24.92 13.11 -13.63
N GLN H 228 23.84 12.97 -12.88
CA GLN H 228 23.96 12.69 -11.45
C GLN H 228 24.61 13.83 -10.67
N GLY H 229 24.67 15.02 -11.26
CA GLY H 229 25.37 16.13 -10.63
C GLY H 229 24.77 16.78 -9.40
N LEU H 230 23.51 16.45 -9.08
CA LEU H 230 22.84 17.18 -8.01
C LEU H 230 22.48 16.32 -6.82
N ASP H 231 22.45 16.94 -5.64
CA ASP H 231 21.81 16.29 -4.50
C ASP H 231 20.32 16.52 -4.61
N MET H 232 19.53 15.92 -3.73
CA MET H 232 18.09 15.97 -3.86
C MET H 232 17.53 17.37 -3.74
N ALA H 233 18.06 18.18 -2.81
CA ALA H 233 17.56 19.55 -2.62
C ALA H 233 17.83 20.39 -3.86
N GLU H 234 19.03 20.29 -4.41
CA GLU H 234 19.33 20.96 -5.67
C GLU H 234 18.43 20.41 -6.77
N ALA H 235 18.29 19.09 -6.80
CA ALA H 235 17.45 18.51 -7.84
C ALA H 235 16.01 19.03 -7.73
N MET H 236 15.46 19.07 -6.52
CA MET H 236 14.08 19.58 -6.35
C MET H 236 13.95 21.00 -6.89
N HIS H 237 14.89 21.86 -6.55
CA HIS H 237 14.88 23.25 -7.03
C HIS H 237 15.06 23.37 -8.55
N ARG H 238 16.10 22.73 -9.08
CA ARG H 238 16.46 22.93 -10.47
C ARG H 238 15.53 22.23 -11.45
N THR H 239 15.09 21.02 -11.12
CA THR H 239 14.18 20.32 -12.01
C THR H 239 12.87 21.11 -12.07
N ARG H 240 12.44 21.65 -10.93
CA ARG H 240 11.26 22.47 -10.91
C ARG H 240 11.42 23.68 -11.83
N GLN H 241 12.58 24.34 -11.82
CA GLN H 241 12.77 25.53 -12.65
C GLN H 241 12.62 25.27 -14.14
N ILE H 242 12.93 24.05 -14.56
CA ILE H 242 12.90 23.74 -15.98
C ILE H 242 11.68 22.90 -16.41
N ASP H 243 10.83 22.56 -15.44
CA ASP H 243 9.66 21.71 -15.70
C ASP H 243 8.70 22.29 -16.75
N ASP H 244 8.73 23.60 -16.95
CA ASP H 244 7.81 24.23 -17.90
C ASP H 244 8.43 24.74 -19.21
N LEU H 245 9.68 24.37 -19.48
CA LEU H 245 10.38 24.78 -20.71
C LEU H 245 9.97 24.03 -21.96
N GLY H 246 9.38 22.86 -21.77
CA GLY H 246 8.98 22.03 -22.89
C GLY H 246 10.06 21.05 -23.32
N LEU H 247 10.83 20.52 -22.37
CA LEU H 247 11.88 19.55 -22.66
C LEU H 247 11.31 18.19 -23.04
N GLU H 248 12.06 17.42 -23.81
CA GLU H 248 11.64 16.06 -24.17
C GLU H 248 11.70 15.17 -22.93
N TRP H 249 12.77 15.30 -22.14
CA TRP H 249 12.86 14.58 -20.89
C TRP H 249 13.95 15.17 -20.02
N ILE H 250 14.01 14.73 -18.76
CA ILE H 250 15.07 15.14 -17.86
C ILE H 250 15.73 13.87 -17.35
N GLU H 251 17.06 13.81 -17.49
CA GLU H 251 17.80 12.56 -17.29
C GLU H 251 18.70 12.58 -16.04
N GLU H 252 18.63 11.52 -15.24
CA GLU H 252 19.48 11.32 -14.05
C GLU H 252 19.94 12.57 -13.34
N PRO H 253 19.03 13.26 -12.65
CA PRO H 253 19.51 14.44 -11.92
C PRO H 253 20.32 14.08 -10.67
N VAL H 254 20.03 12.97 -9.99
CA VAL H 254 20.78 12.55 -8.80
C VAL H 254 21.52 11.21 -8.96
N VAL H 255 22.23 10.80 -7.92
CA VAL H 255 22.97 9.53 -7.96
C VAL H 255 22.07 8.34 -8.30
N TYR H 256 22.55 7.49 -9.18
CA TYR H 256 21.72 6.56 -9.93
C TYR H 256 20.94 5.52 -9.14
N ASP H 257 21.40 5.19 -7.93
CA ASP H 257 20.64 4.24 -7.11
C ASP H 257 19.77 4.90 -6.06
N ASN H 258 19.61 6.23 -6.12
CA ASN H 258 18.66 6.88 -5.20
C ASN H 258 17.22 6.81 -5.69
N PHE H 259 16.61 5.64 -5.52
CA PHE H 259 15.25 5.36 -5.99
C PHE H 259 14.19 6.11 -5.19
N ASP H 260 14.42 6.30 -3.90
CA ASP H 260 13.48 7.08 -3.10
C ASP H 260 13.41 8.49 -3.69
N GLY H 261 14.58 9.04 -4.05
CA GLY H 261 14.67 10.36 -4.59
C GLY H 261 13.99 10.46 -5.95
N TYR H 262 14.39 9.57 -6.85
CA TYR H 262 13.76 9.53 -8.17
C TYR H 262 12.22 9.44 -8.12
N ALA H 263 11.66 8.59 -7.25
CA ALA H 263 10.20 8.50 -7.14
C ALA H 263 9.57 9.85 -6.76
N GLN H 264 10.16 10.56 -5.82
CA GLN H 264 9.71 11.91 -5.47
C GLN H 264 9.80 12.88 -6.65
N LEU H 265 10.93 12.85 -7.35
CA LEU H 265 11.09 13.76 -8.48
C LEU H 265 10.06 13.45 -9.57
N ARG H 266 9.88 12.18 -9.86
CA ARG H 266 8.97 11.76 -10.91
C ARG H 266 7.56 12.29 -10.64
N HIS H 267 7.16 12.23 -9.37
CA HIS H 267 5.84 12.67 -8.96
C HIS H 267 5.71 14.19 -9.09
N ASP H 268 6.72 14.91 -8.64
CA ASP H 268 6.67 16.37 -8.65
C ASP H 268 6.76 16.91 -10.07
N LEU H 269 7.56 16.27 -10.93
CA LEU H 269 7.73 16.74 -12.30
C LEU H 269 6.65 16.21 -13.22
N LYS H 270 6.21 17.04 -14.16
CA LYS H 270 5.26 16.62 -15.18
C LYS H 270 6.02 16.20 -16.42
N THR H 271 7.14 16.86 -16.66
CA THR H 271 8.08 16.48 -17.70
C THR H 271 8.60 15.07 -17.40
N PRO H 272 8.70 14.23 -18.43
CA PRO H 272 9.14 12.86 -18.16
C PRO H 272 10.52 12.80 -17.49
N LEU H 273 10.67 11.92 -16.51
CA LEU H 273 11.95 11.67 -15.88
C LEU H 273 12.59 10.43 -16.50
N MET H 274 13.86 10.56 -16.90
CA MET H 274 14.58 9.48 -17.58
C MET H 274 15.72 8.94 -16.72
N ILE H 275 15.78 7.61 -16.60
CA ILE H 275 16.95 6.95 -16.02
C ILE H 275 17.16 5.62 -16.70
N GLY H 276 18.14 4.88 -16.21
CA GLY H 276 18.34 3.52 -16.65
C GLY H 276 19.72 3.18 -17.17
N GLU H 277 20.53 4.18 -17.50
CA GLU H 277 21.82 3.90 -18.12
C GLU H 277 22.74 3.17 -17.15
N ASN H 278 22.37 3.21 -15.87
CA ASN H 278 23.12 2.50 -14.85
C ASN H 278 22.40 1.26 -14.30
N PHE H 279 21.37 0.80 -14.99
CA PHE H 279 20.72 -0.45 -14.61
C PHE H 279 21.71 -1.60 -14.85
N TYR H 280 22.07 -2.35 -13.82
CA TYR H 280 22.87 -3.55 -14.04
C TYR H 280 21.97 -4.77 -14.13
N GLY H 281 21.44 -5.01 -15.33
CA GLY H 281 20.58 -6.14 -15.57
C GLY H 281 19.09 -5.83 -15.59
N PRO H 282 18.29 -6.71 -16.21
CA PRO H 282 16.84 -6.57 -16.32
C PRO H 282 16.14 -6.56 -14.96
N ARG H 283 16.66 -7.30 -13.99
CA ARG H 283 16.01 -7.34 -12.69
C ARG H 283 16.04 -5.97 -12.05
N GLU H 284 17.17 -5.30 -12.16
CA GLU H 284 17.31 -3.95 -11.59
C GLU H 284 16.31 -2.98 -12.23
N MET H 285 16.07 -3.08 -13.55
CA MET H 285 15.02 -2.29 -14.18
C MET H 285 13.65 -2.57 -13.54
N HIS H 286 13.31 -3.85 -13.45
CA HIS H 286 12.13 -4.33 -12.72
C HIS H 286 11.99 -3.62 -11.35
N GLN H 287 13.08 -3.55 -10.60
CA GLN H 287 13.02 -2.95 -9.28
C GLN H 287 12.78 -1.44 -9.31
N ALA H 288 13.39 -0.75 -10.28
CA ALA H 288 13.22 0.69 -10.41
C ALA H 288 11.77 0.99 -10.76
N LEU H 289 11.19 0.14 -11.62
CA LEU H 289 9.79 0.31 -12.01
C LEU H 289 8.82 0.06 -10.85
N GLN H 290 9.05 -0.99 -10.06
CA GLN H 290 8.22 -1.26 -8.88
C GLN H 290 8.30 -0.08 -7.94
N ALA H 291 9.49 0.50 -7.80
CA ALA H 291 9.64 1.64 -6.90
C ALA H 291 9.07 2.93 -7.49
N GLY H 292 8.62 2.90 -8.74
CA GLY H 292 8.05 4.10 -9.37
C GLY H 292 9.09 5.17 -9.71
N ALA H 293 10.31 4.76 -10.03
CA ALA H 293 11.44 5.68 -10.13
C ALA H 293 11.51 6.54 -11.38
N CYS H 294 10.76 6.20 -12.42
CA CYS H 294 10.96 6.86 -13.70
C CYS H 294 9.79 6.72 -14.67
N ASP H 295 9.73 7.63 -15.64
CA ASP H 295 8.72 7.51 -16.70
C ASP H 295 9.30 6.88 -17.95
N LEU H 296 10.61 6.98 -18.14
CA LEU H 296 11.27 6.42 -19.33
C LEU H 296 12.56 5.70 -18.91
N VAL H 297 12.98 4.69 -19.67
CA VAL H 297 14.24 3.98 -19.38
C VAL H 297 15.16 3.93 -20.60
N MET H 298 16.48 3.90 -20.34
CA MET H 298 17.47 3.84 -21.41
C MET H 298 18.68 2.98 -21.01
N PRO H 299 18.53 1.66 -21.15
CA PRO H 299 19.62 0.76 -20.74
C PRO H 299 20.91 0.98 -21.53
N ASP H 300 22.03 0.77 -20.87
CA ASP H 300 23.33 0.81 -21.52
C ASP H 300 23.78 -0.64 -21.74
N PHE H 301 24.27 -0.94 -22.95
CA PHE H 301 24.51 -2.34 -23.32
C PHE H 301 25.58 -3.06 -22.51
N MET H 302 26.52 -2.32 -21.95
CA MET H 302 27.59 -2.95 -21.20
C MET H 302 27.15 -3.20 -19.77
N ARG H 303 26.10 -2.51 -19.34
CA ARG H 303 25.58 -2.68 -17.98
C ARG H 303 24.32 -3.54 -17.92
N ILE H 304 23.47 -3.44 -18.94
CA ILE H 304 22.21 -4.19 -18.96
C ILE H 304 22.44 -5.70 -19.23
N GLY H 305 23.63 -6.07 -19.68
CA GLY H 305 23.90 -7.47 -20.01
C GLY H 305 23.93 -7.75 -21.52
N GLY H 306 24.33 -6.75 -22.30
CA GLY H 306 24.45 -6.89 -23.73
C GLY H 306 23.15 -7.12 -24.47
N VAL H 307 23.23 -7.85 -25.57
CA VAL H 307 22.04 -8.21 -26.32
C VAL H 307 21.11 -9.11 -25.49
N SER H 308 21.68 -10.09 -24.79
CA SER H 308 20.87 -10.96 -23.94
C SER H 308 20.09 -10.18 -22.87
N GLY H 309 20.78 -9.30 -22.16
CA GLY H 309 20.16 -8.43 -21.15
C GLY H 309 19.13 -7.48 -21.75
N TRP H 310 19.47 -6.85 -22.87
CA TRP H 310 18.55 -5.92 -23.51
C TRP H 310 17.22 -6.58 -23.85
N MET H 311 17.26 -7.74 -24.49
CA MET H 311 16.03 -8.42 -24.91
C MET H 311 15.14 -8.75 -23.69
N ARG H 312 15.74 -9.25 -22.61
CA ARG H 312 14.99 -9.45 -21.36
C ARG H 312 14.33 -8.17 -20.81
N ALA H 313 15.12 -7.10 -20.73
CA ALA H 313 14.63 -5.82 -20.29
C ALA H 313 13.57 -5.29 -21.23
N ALA H 314 13.68 -5.61 -22.51
CA ALA H 314 12.62 -5.19 -23.43
C ALA H 314 11.29 -5.91 -23.14
N GLY H 315 11.35 -7.15 -22.66
CA GLY H 315 10.14 -7.83 -22.21
C GLY H 315 9.53 -7.13 -20.99
N VAL H 316 10.38 -6.85 -20.00
CA VAL H 316 9.94 -6.13 -18.81
C VAL H 316 9.33 -4.78 -19.17
N ALA H 317 10.08 -3.93 -19.86
CA ALA H 317 9.58 -2.65 -20.30
C ALA H 317 8.30 -2.78 -21.12
N GLY H 318 8.26 -3.77 -22.01
CA GLY H 318 7.06 -3.98 -22.82
C GLY H 318 5.81 -4.30 -22.03
N ALA H 319 5.95 -5.11 -20.98
CA ALA H 319 4.84 -5.45 -20.10
C ALA H 319 4.33 -4.22 -19.36
N TRP H 320 5.25 -3.35 -18.96
CA TRP H 320 4.88 -2.16 -18.21
C TRP H 320 4.39 -1.05 -19.13
N GLY H 321 4.74 -1.15 -20.41
CA GLY H 321 4.44 -0.09 -21.36
C GLY H 321 5.36 1.12 -21.32
N ILE H 322 6.58 0.95 -20.80
CA ILE H 322 7.54 2.06 -20.67
C ILE H 322 8.31 2.24 -21.96
N PRO H 323 8.29 3.46 -22.50
CA PRO H 323 9.10 3.74 -23.69
C PRO H 323 10.61 3.49 -23.43
N MET H 324 11.26 2.74 -24.30
CA MET H 324 12.62 2.32 -24.05
C MET H 324 13.59 2.91 -25.08
N SER H 325 14.64 3.56 -24.58
CA SER H 325 15.65 4.17 -25.45
C SER H 325 17.01 3.52 -25.23
N THR H 326 18.01 3.87 -26.03
CA THR H 326 19.35 3.29 -25.87
C THR H 326 20.34 4.24 -25.21
N HIS H 327 21.46 3.68 -24.79
CA HIS H 327 22.58 4.48 -24.33
C HIS H 327 23.89 3.94 -24.89
N LEU H 328 24.58 4.76 -25.68
CA LEU H 328 25.81 4.38 -26.38
C LEU H 328 25.57 3.25 -27.39
N TYR H 329 26.65 2.72 -27.96
CA TYR H 329 26.58 1.56 -28.86
C TYR H 329 25.51 1.67 -29.94
N PRO H 330 25.56 2.76 -30.73
CA PRO H 330 24.49 2.97 -31.71
C PRO H 330 24.31 1.81 -32.70
N GLU H 331 25.35 1.00 -32.91
CA GLU H 331 25.23 -0.13 -33.86
C GLU H 331 24.40 -1.27 -33.28
N VAL H 332 24.74 -1.71 -32.08
CA VAL H 332 23.95 -2.75 -31.44
C VAL H 332 22.57 -2.19 -31.16
N GLY H 333 22.55 -0.92 -30.78
CA GLY H 333 21.34 -0.21 -30.42
C GLY H 333 20.34 -0.20 -31.55
N ALA H 334 20.82 0.04 -32.76
CA ALA H 334 19.92 0.16 -33.89
C ALA H 334 19.34 -1.20 -34.19
N HIS H 335 20.17 -2.23 -34.08
CA HIS H 335 19.70 -3.58 -34.32
C HIS H 335 18.58 -4.01 -33.38
N VAL H 336 18.78 -3.85 -32.09
CA VAL H 336 17.78 -4.33 -31.13
C VAL H 336 16.53 -3.43 -31.08
N MET H 337 16.70 -2.15 -31.39
CA MET H 337 15.54 -1.27 -31.45
C MET H 337 14.61 -1.67 -32.59
N ARG H 338 15.14 -2.37 -33.59
CA ARG H 338 14.28 -2.82 -34.68
C ARG H 338 13.31 -3.90 -34.20
N VAL H 339 13.60 -4.51 -33.06
CA VAL H 339 12.76 -5.58 -32.52
C VAL H 339 12.30 -5.29 -31.08
N THR H 340 12.45 -4.04 -30.65
CA THR H 340 12.04 -3.62 -29.31
C THR H 340 10.64 -2.98 -29.32
N GLU H 341 9.70 -3.68 -28.70
CA GLU H 341 8.29 -3.29 -28.69
C GLU H 341 8.01 -1.82 -28.34
N THR H 342 8.62 -1.32 -27.26
CA THR H 342 8.40 0.06 -26.85
C THR H 342 9.57 0.98 -27.21
N ALA H 343 10.25 0.66 -28.31
CA ALA H 343 11.30 1.51 -28.87
C ALA H 343 10.89 2.96 -28.89
N HIS H 344 11.72 3.82 -28.30
CA HIS H 344 11.46 5.26 -28.23
C HIS H 344 12.49 6.06 -29.07
N TRP H 345 13.64 6.41 -28.49
CA TRP H 345 14.74 7.07 -29.23
C TRP H 345 16.05 6.28 -29.20
N LEU H 346 16.80 6.32 -30.30
CA LEU H 346 18.18 5.82 -30.28
C LEU H 346 19.15 6.96 -29.96
N GLU H 347 19.99 6.79 -28.94
CA GLU H 347 21.01 7.80 -28.65
C GLU H 347 22.22 7.66 -29.56
N TRP H 348 22.43 8.65 -30.43
CA TRP H 348 23.51 8.58 -31.40
C TRP H 348 24.69 9.50 -31.06
N GLN H 349 25.91 8.99 -31.22
CA GLN H 349 27.11 9.81 -31.12
C GLN H 349 28.14 9.19 -32.04
N SER H 350 29.15 9.96 -32.43
CA SER H 350 30.15 9.46 -33.38
C SER H 350 31.51 9.20 -32.74
N TRP H 351 31.49 8.92 -31.44
CA TRP H 351 32.70 8.77 -30.63
C TRP H 351 33.53 7.53 -30.97
N ALA H 352 32.90 6.49 -31.51
CA ALA H 352 33.62 5.27 -31.84
C ALA H 352 33.69 5.04 -33.34
N ASP H 353 33.18 6.00 -34.12
CA ASP H 353 33.31 5.95 -35.58
C ASP H 353 34.77 5.70 -36.05
N PRO H 354 35.74 6.46 -35.52
CA PRO H 354 37.11 6.29 -35.98
C PRO H 354 37.57 4.84 -36.19
N ILE H 355 37.23 3.92 -35.30
CA ILE H 355 37.76 2.56 -35.45
C ILE H 355 36.92 1.61 -36.33
N LEU H 356 35.83 2.12 -36.87
CA LEU H 356 35.04 1.35 -37.85
C LEU H 356 35.34 1.82 -39.26
N GLN H 357 35.35 0.86 -40.19
CA GLN H 357 35.56 1.16 -41.59
C GLN H 357 34.34 1.88 -42.15
N GLU H 358 33.16 1.41 -41.73
CA GLU H 358 31.90 1.96 -42.23
C GLU H 358 30.86 2.17 -41.13
N PRO H 359 30.87 3.35 -40.49
CA PRO H 359 29.78 3.68 -39.56
C PRO H 359 28.44 3.63 -40.28
N TYR H 360 27.36 3.39 -39.55
CA TYR H 360 26.04 3.31 -40.16
C TYR H 360 25.63 4.65 -40.76
N ALA H 361 24.87 4.59 -41.85
CA ALA H 361 24.41 5.78 -42.54
C ALA H 361 23.31 6.50 -41.77
N LEU H 362 23.24 7.82 -41.99
CA LEU H 362 22.22 8.66 -41.36
C LEU H 362 21.40 9.31 -42.44
N SER H 363 20.09 9.35 -42.23
CA SER H 363 19.14 9.89 -43.19
C SER H 363 17.97 10.55 -42.44
N ASP H 364 17.89 11.88 -42.54
CA ASP H 364 16.89 12.67 -41.81
C ASP H 364 16.84 12.36 -40.31
N GLY H 365 18.00 12.22 -39.68
CA GLY H 365 18.05 11.94 -38.25
C GLY H 365 17.76 10.49 -37.88
N ASP H 366 17.52 9.63 -38.87
CA ASP H 366 17.36 8.19 -38.60
C ASP H 366 18.66 7.48 -38.87
N LEU H 367 19.03 6.53 -38.00
CA LEU H 367 20.17 5.67 -38.27
C LEU H 367 19.69 4.48 -39.09
N ILE H 368 20.45 4.10 -40.11
CA ILE H 368 20.04 3.04 -41.03
C ILE H 368 20.78 1.75 -40.73
N VAL H 369 20.06 0.74 -40.26
CA VAL H 369 20.69 -0.53 -40.04
C VAL H 369 20.99 -1.15 -41.40
N PRO H 370 22.28 -1.36 -41.70
CA PRO H 370 22.70 -1.87 -43.01
C PRO H 370 22.39 -3.35 -43.16
N ASP H 371 22.18 -3.80 -44.40
CA ASP H 371 21.86 -5.19 -44.66
C ASP H 371 23.11 -6.06 -44.75
N LYS H 372 23.81 -6.20 -43.62
CA LYS H 372 25.03 -7.01 -43.55
C LYS H 372 24.93 -7.92 -42.33
N PRO H 373 25.63 -9.07 -42.36
CA PRO H 373 25.60 -10.07 -41.29
C PRO H 373 26.09 -9.52 -39.94
N GLY H 374 25.46 -9.98 -38.85
CA GLY H 374 25.81 -9.49 -37.54
C GLY H 374 25.62 -7.98 -37.44
N LEU H 375 26.50 -7.33 -36.69
CA LEU H 375 26.49 -5.87 -36.60
C LEU H 375 27.13 -5.22 -37.82
N GLY H 376 27.82 -6.03 -38.63
CA GLY H 376 28.52 -5.51 -39.80
C GLY H 376 29.62 -4.52 -39.43
N LEU H 377 30.33 -4.79 -38.35
CA LEU H 377 31.47 -3.99 -37.95
C LEU H 377 32.74 -4.57 -38.57
N ASP H 378 33.55 -3.71 -39.19
CA ASP H 378 34.91 -4.10 -39.57
C ASP H 378 35.87 -3.03 -39.08
N TRP H 379 36.91 -3.46 -38.37
CA TRP H 379 37.85 -2.54 -37.76
C TRP H 379 38.64 -1.79 -38.83
N ASP H 380 38.90 -0.52 -38.55
CA ASP H 380 39.82 0.28 -39.35
C ASP H 380 41.18 0.19 -38.69
N GLU H 381 41.98 -0.81 -39.08
CA GLU H 381 43.22 -1.13 -38.37
C GLU H 381 44.28 -0.01 -38.33
N ASP H 382 44.26 0.89 -39.32
CA ASP H 382 45.14 2.07 -39.30
C ASP H 382 44.86 2.95 -38.08
N VAL H 383 43.58 3.22 -37.82
CA VAL H 383 43.21 4.02 -36.65
C VAL H 383 43.41 3.22 -35.37
N VAL H 384 43.26 1.91 -35.44
CA VAL H 384 43.53 1.08 -34.27
C VAL H 384 44.98 1.12 -33.86
N ALA H 385 45.89 0.83 -34.79
CA ALA H 385 47.33 0.89 -34.52
C ALA H 385 47.70 2.26 -34.00
N ALA H 386 47.22 3.30 -34.67
CA ALA H 386 47.47 4.68 -34.26
C ALA H 386 47.04 4.94 -32.82
N ASN H 387 45.98 4.29 -32.39
CA ASN H 387 45.45 4.58 -31.07
C ASN H 387 45.53 3.44 -30.06
N LEU H 388 46.09 2.30 -30.47
CA LEU H 388 46.22 1.16 -29.57
C LEU H 388 46.90 1.58 -28.27
N VAL H 389 46.64 0.86 -27.18
CA VAL H 389 47.21 1.20 -25.89
C VAL H 389 48.15 0.10 -25.40
#